data_8ZQ7
#
_entry.id   8ZQ7
#
_cell.length_a   158.423
_cell.length_b   168.696
_cell.length_c   190.683
_cell.angle_alpha   90.000
_cell.angle_beta   90.000
_cell.angle_gamma   90.000
#
_symmetry.space_group_name_H-M   'P 21 21 21'
#
_entity_poly.entity_id   1
_entity_poly.type   'polypeptide(L)'
_entity_poly.pdbx_seq_one_letter_code
;MKCLLYLAFLFIGVNCQNITEEFYQSTCSAVSKGYLSALRTGWYTSVITIELSNIKEPKCNGTDAKVKLIKQELDKYKNA
VTELQLLMQSGGGGSGGGGSGGGGSRFPPFPLGVGSAIASGVAVSKVLHLEGEVNKIKSALLSTNKAVVSLSNGVSVLTS
KVLDLKNYIDKQLLPIVNKQSCSIPPIETVIEFQQKNNRLLEITREFSVNAGVTTPVSTYMLTNSELLSLINDMPITNDQ
KKLMSNNVPIVRQQSYSIMSIIKEEVLAYVVQLPLYGVIDTPCWKLHTSPLCTTNTKEGSNICLTRTDRGWYCDNAGSVS
FFPQAETCKVQSNRVFCDTMNSLTLPPEVNLCNVDIFNPKYDCKIMTSKTDVSSSVITSLGAIVSCYGKTKCTASNKNRG
IIKTFSNGCDYVSNKGVDTVSVGNTLYYVNKQEGKSLYVKGEPIINFYDPLVFPSDEFDASISQVNEKINQSLAFIRKSD
ELLSAIGGYIPEAPRDGQAYVRKDGEWVLLSTFLHHHHHHHH
;
_entity_poly.pdbx_strand_id   A,B,C,D,E,F
#
# COMPACT_ATOMS: atom_id res chain seq x y z
N GLN A 17 11.49 -25.43 12.16
CA GLN A 17 10.21 -25.81 12.75
C GLN A 17 9.10 -26.00 11.74
N ASN A 18 7.89 -26.25 12.26
CA ASN A 18 6.67 -26.23 11.46
C ASN A 18 5.69 -25.32 12.22
N ILE A 19 5.82 -24.02 11.99
CA ILE A 19 4.83 -23.07 12.48
C ILE A 19 3.80 -22.91 11.36
N THR A 20 2.55 -23.20 11.66
CA THR A 20 1.48 -23.13 10.67
C THR A 20 0.43 -22.15 11.16
N GLU A 21 -0.41 -21.70 10.22
CA GLU A 21 -1.50 -20.79 10.58
C GLU A 21 -2.72 -21.11 9.74
N GLU A 22 -3.90 -20.94 10.33
CA GLU A 22 -5.16 -21.14 9.62
C GLU A 22 -6.03 -19.91 9.81
N PHE A 23 -6.61 -19.41 8.72
CA PHE A 23 -7.56 -18.32 8.79
C PHE A 23 -8.95 -18.84 8.48
N TYR A 24 -9.91 -18.52 9.36
CA TYR A 24 -11.29 -18.92 9.18
C TYR A 24 -12.09 -17.71 8.72
N GLN A 25 -12.44 -17.71 7.43
CA GLN A 25 -13.29 -16.65 6.88
C GLN A 25 -14.63 -16.58 7.57
N SER A 26 -15.11 -17.72 8.09
CA SER A 26 -16.43 -17.76 8.70
C SER A 26 -16.52 -16.93 9.98
N THR A 27 -15.40 -16.78 10.71
CA THR A 27 -15.44 -16.19 12.03
C THR A 27 -14.44 -15.07 12.24
N CYS A 28 -13.77 -14.61 11.18
CA CYS A 28 -12.80 -13.51 11.28
C CYS A 28 -11.77 -13.78 12.37
N SER A 29 -11.16 -14.96 12.31
CA SER A 29 -10.19 -15.37 13.31
C SER A 29 -9.10 -16.20 12.64
N ALA A 30 -7.97 -16.31 13.33
CA ALA A 30 -6.85 -17.10 12.86
C ALA A 30 -6.20 -17.82 14.03
N VAL A 31 -5.64 -18.99 13.75
CA VAL A 31 -5.00 -19.82 14.76
C VAL A 31 -3.59 -20.17 14.28
N SER A 32 -2.61 -19.94 15.14
CA SER A 32 -1.22 -20.26 14.86
C SER A 32 -0.84 -21.50 15.65
N LYS A 33 -0.38 -22.54 14.96
CA LYS A 33 -0.04 -23.84 15.52
C LYS A 33 1.44 -24.12 15.34
N GLY A 34 1.91 -25.15 16.05
CA GLY A 34 3.27 -25.62 15.95
C GLY A 34 4.19 -25.17 17.06
N TYR A 35 3.69 -24.41 18.02
CA TYR A 35 4.53 -23.93 19.11
C TYR A 35 4.65 -24.99 20.20
N LEU A 36 5.68 -24.84 21.03
CA LEU A 36 5.98 -25.77 22.11
C LEU A 36 5.94 -25.06 23.45
N SER A 37 5.33 -25.70 24.44
CA SER A 37 5.05 -25.07 25.72
C SER A 37 6.28 -24.96 26.59
N ALA A 38 6.26 -23.93 27.45
CA ALA A 38 7.11 -23.86 28.62
C ALA A 38 6.29 -23.08 29.64
N LEU A 39 5.57 -23.80 30.49
CA LEU A 39 4.65 -23.19 31.42
C LEU A 39 5.32 -23.03 32.77
N ARG A 40 5.18 -21.83 33.35
CA ARG A 40 5.63 -21.61 34.72
C ARG A 40 4.54 -22.13 35.66
N THR A 41 4.84 -23.23 36.34
CA THR A 41 3.87 -23.90 37.19
C THR A 41 4.17 -23.73 38.68
N GLY A 42 5.43 -23.53 39.04
CA GLY A 42 5.80 -23.33 40.43
C GLY A 42 7.05 -22.49 40.57
N TRP A 43 7.61 -22.44 41.78
CA TRP A 43 8.77 -21.61 42.05
C TRP A 43 9.85 -22.43 42.73
N TYR A 44 11.09 -22.10 42.44
CA TYR A 44 12.25 -22.63 43.14
C TYR A 44 12.94 -21.48 43.86
N THR A 45 13.03 -21.57 45.17
CA THR A 45 13.66 -20.53 45.97
C THR A 45 15.06 -20.94 46.38
N SER A 46 15.98 -19.98 46.35
CA SER A 46 17.35 -20.20 46.80
C SER A 46 17.79 -18.98 47.59
N VAL A 47 18.83 -19.16 48.42
CA VAL A 47 19.36 -18.07 49.23
C VAL A 47 20.75 -17.71 48.70
N ILE A 48 20.97 -16.42 48.45
CA ILE A 48 22.24 -15.88 48.00
C ILE A 48 22.81 -15.01 49.11
N THR A 49 24.10 -15.13 49.37
CA THR A 49 24.74 -14.42 50.46
C THR A 49 26.02 -13.75 50.00
N ILE A 50 26.32 -12.61 50.63
CA ILE A 50 27.59 -11.92 50.49
C ILE A 50 28.14 -11.68 51.89
N GLU A 51 29.37 -12.12 52.12
CA GLU A 51 29.99 -11.92 53.42
C GLU A 51 30.53 -10.49 53.51
N LEU A 52 30.18 -9.80 54.59
CA LEU A 52 30.49 -8.39 54.74
C LEU A 52 31.46 -8.18 55.89
N SER A 53 32.35 -7.21 55.72
CA SER A 53 33.29 -6.87 56.78
C SER A 53 32.58 -6.14 57.91
N ASN A 54 32.97 -6.46 59.15
CA ASN A 54 32.41 -5.76 60.30
C ASN A 54 32.77 -4.28 60.20
N ILE A 55 34.06 -3.98 60.34
CA ILE A 55 34.79 -2.72 60.11
C ILE A 55 34.05 -1.41 60.41
N LYS A 56 34.81 -0.41 60.84
CA LYS A 56 34.30 0.83 61.38
C LYS A 56 34.88 1.99 60.57
N GLU A 57 34.44 3.20 60.89
CA GLU A 57 34.96 4.38 60.22
C GLU A 57 36.46 4.51 60.51
N PRO A 58 37.26 4.89 59.52
CA PRO A 58 38.72 4.90 59.70
C PRO A 58 39.16 5.89 60.78
N LYS A 59 39.79 5.36 61.81
CA LYS A 59 40.64 6.14 62.71
C LYS A 59 42.00 6.20 62.05
N CYS A 60 42.21 7.23 61.24
CA CYS A 60 43.44 7.31 60.44
C CYS A 60 43.66 8.78 60.06
N ASN A 61 44.66 9.40 60.69
CA ASN A 61 45.08 10.76 60.31
C ASN A 61 45.87 10.67 59.02
N GLY A 62 45.18 10.85 57.89
CA GLY A 62 45.78 10.61 56.59
C GLY A 62 45.31 11.64 55.57
N THR A 63 46.16 11.87 54.58
CA THR A 63 45.98 13.00 53.67
C THR A 63 46.34 12.70 52.22
N ASP A 64 46.83 11.52 51.88
CA ASP A 64 47.23 11.23 50.51
C ASP A 64 46.01 10.96 49.65
N ALA A 65 46.14 11.29 48.36
CA ALA A 65 45.04 11.11 47.42
C ALA A 65 44.61 9.65 47.35
N LYS A 66 45.57 8.72 47.41
CA LYS A 66 45.20 7.31 47.42
C LYS A 66 44.50 6.94 48.72
N VAL A 67 44.95 7.50 49.84
CA VAL A 67 44.25 7.32 51.11
C VAL A 67 42.84 7.91 51.00
N LYS A 68 42.72 9.08 50.38
CA LYS A 68 41.41 9.70 50.17
C LYS A 68 40.49 8.78 49.37
N LEU A 69 41.02 8.18 48.29
CA LEU A 69 40.23 7.29 47.46
C LEU A 69 39.76 6.06 48.24
N ILE A 70 40.68 5.43 48.98
CA ILE A 70 40.30 4.25 49.75
C ILE A 70 39.25 4.61 50.79
N LYS A 71 39.40 5.77 51.43
CA LYS A 71 38.41 6.21 52.43
C LYS A 71 37.05 6.48 51.78
N GLN A 72 37.05 7.10 50.60
CA GLN A 72 35.80 7.35 49.89
C GLN A 72 35.10 6.03 49.57
N GLU A 73 35.85 5.05 49.10
CA GLU A 73 35.25 3.76 48.76
C GLU A 73 34.73 3.05 50.02
N LEU A 74 35.47 3.16 51.13
CA LEU A 74 34.98 2.57 52.38
C LEU A 74 33.71 3.27 52.85
N ASP A 75 33.59 4.59 52.61
CA ASP A 75 32.33 5.27 52.90
C ASP A 75 31.20 4.75 52.01
N LYS A 76 31.47 4.50 50.73
CA LYS A 76 30.44 3.94 49.87
C LYS A 76 29.98 2.57 50.39
N TYR A 77 30.94 1.74 50.84
CA TYR A 77 30.60 0.46 51.45
C TYR A 77 29.75 0.64 52.70
N LYS A 78 30.16 1.54 53.59
CA LYS A 78 29.44 1.76 54.84
C LYS A 78 28.01 2.24 54.58
N ASN A 79 27.86 3.17 53.64
CA ASN A 79 26.53 3.70 53.34
C ASN A 79 25.66 2.64 52.67
N ALA A 80 26.26 1.79 51.83
CA ALA A 80 25.49 0.69 51.27
C ALA A 80 24.99 -0.25 52.36
N VAL A 81 25.84 -0.55 53.34
CA VAL A 81 25.41 -1.42 54.43
C VAL A 81 24.31 -0.76 55.25
N THR A 82 24.44 0.54 55.53
CA THR A 82 23.40 1.27 56.24
C THR A 82 22.07 1.18 55.49
N GLU A 83 22.11 1.46 54.19
CA GLU A 83 20.91 1.50 53.38
C GLU A 83 20.27 0.12 53.28
N LEU A 84 21.09 -0.94 53.25
CA LEU A 84 20.55 -2.30 53.28
C LEU A 84 19.95 -2.66 54.63
N GLN A 85 20.50 -2.14 55.74
CA GLN A 85 19.86 -2.37 57.03
C GLN A 85 18.48 -1.73 57.06
N LEU A 86 18.37 -0.51 56.54
CA LEU A 86 17.06 0.12 56.42
C LEU A 86 16.12 -0.74 55.56
N LEU A 87 16.64 -1.32 54.47
CA LEU A 87 15.81 -2.20 53.64
C LEU A 87 15.39 -3.47 54.36
N MET A 88 16.26 -4.00 55.24
CA MET A 88 15.94 -5.23 55.96
C MET A 88 14.87 -5.00 57.01
N GLN A 89 14.84 -3.81 57.61
CA GLN A 89 13.78 -3.57 58.59
C GLN A 89 12.41 -3.33 57.95
N SER A 90 12.24 -3.65 56.66
CA SER A 90 10.94 -3.80 56.01
C SER A 90 11.00 -4.90 54.96
N GLY A 91 11.81 -5.93 55.23
CA GLY A 91 12.49 -6.76 54.23
C GLY A 91 11.79 -7.20 52.96
N GLY A 92 10.75 -8.03 53.07
CA GLY A 92 10.18 -8.62 51.88
C GLY A 92 9.10 -7.74 51.30
N GLY A 93 7.86 -8.20 51.34
CA GLY A 93 6.79 -7.28 51.04
C GLY A 93 5.82 -7.18 52.20
N GLY A 94 4.69 -6.56 51.93
CA GLY A 94 3.47 -6.78 52.68
C GLY A 94 2.58 -7.58 51.77
N SER A 95 3.19 -8.59 51.13
CA SER A 95 2.69 -9.24 49.92
C SER A 95 2.75 -8.28 48.72
N GLY A 96 3.93 -7.72 48.49
CA GLY A 96 4.16 -6.86 47.33
C GLY A 96 4.28 -7.62 46.02
N GLY A 102 6.46 -4.27 47.62
CA GLY A 102 5.49 -3.23 47.88
C GLY A 102 4.51 -3.06 46.74
N GLY A 103 3.25 -3.43 46.94
CA GLY A 103 2.24 -3.28 45.90
C GLY A 103 2.20 -4.38 44.88
N GLY A 104 1.29 -4.32 43.92
CA GLY A 104 1.12 -5.40 42.97
C GLY A 104 0.75 -4.98 41.57
N SER A 105 0.62 -5.93 40.67
CA SER A 105 0.23 -5.64 39.31
C SER A 105 -1.25 -5.43 39.16
N ARG A 106 -1.69 -5.05 37.97
CA ARG A 106 -3.06 -4.65 37.72
C ARG A 106 -4.00 -5.77 38.04
N PHE A 107 -5.19 -5.43 38.49
CA PHE A 107 -6.11 -6.44 38.88
C PHE A 107 -6.38 -7.26 37.69
N PRO A 108 -6.33 -8.57 37.87
CA PRO A 108 -6.47 -9.42 36.72
C PRO A 108 -7.79 -9.21 36.02
N PRO A 109 -7.92 -9.63 34.75
CA PRO A 109 -9.15 -9.29 34.10
C PRO A 109 -10.24 -9.96 34.78
N PHE A 110 -11.44 -9.60 34.40
CA PHE A 110 -12.55 -10.08 35.17
C PHE A 110 -12.70 -11.57 35.41
N PRO A 111 -12.50 -12.43 34.41
CA PRO A 111 -12.65 -13.85 34.77
C PRO A 111 -11.55 -14.41 35.64
N LEU A 112 -10.34 -13.90 35.49
CA LEU A 112 -9.18 -14.44 36.18
C LEU A 112 -9.00 -14.21 37.63
N GLY A 113 -8.12 -14.99 38.22
CA GLY A 113 -7.82 -14.84 39.62
C GLY A 113 -6.61 -14.07 40.04
N VAL A 114 -6.57 -13.73 41.30
CA VAL A 114 -5.45 -13.00 41.82
C VAL A 114 -4.50 -13.78 42.71
N GLY A 115 -3.22 -13.72 42.41
CA GLY A 115 -2.21 -14.39 43.19
C GLY A 115 -1.22 -13.42 43.82
N SER A 116 -0.31 -13.99 44.60
CA SER A 116 0.74 -13.24 45.28
C SER A 116 2.07 -13.77 44.76
N ALA A 117 2.66 -13.04 43.80
CA ALA A 117 3.74 -13.59 42.99
C ALA A 117 4.92 -14.03 43.83
N ILE A 118 5.31 -13.23 44.83
CA ILE A 118 6.50 -13.53 45.61
C ILE A 118 6.16 -14.10 46.98
N ALA A 119 4.98 -14.69 47.14
CA ALA A 119 4.62 -15.29 48.42
C ALA A 119 5.61 -16.38 48.82
N SER A 120 6.11 -17.12 47.84
CA SER A 120 7.05 -18.20 48.10
C SER A 120 8.40 -17.66 48.60
N GLY A 121 9.04 -16.83 47.78
CA GLY A 121 10.33 -16.29 48.18
C GLY A 121 10.24 -15.48 49.46
N VAL A 122 9.14 -14.76 49.64
CA VAL A 122 8.95 -13.98 50.85
C VAL A 122 8.77 -14.90 52.05
N ALA A 123 8.11 -16.04 51.86
CA ALA A 123 8.01 -17.03 52.92
C ALA A 123 9.40 -17.48 53.38
N VAL A 124 10.32 -17.67 52.43
CA VAL A 124 11.69 -18.02 52.82
C VAL A 124 12.38 -16.83 53.51
N SER A 125 12.21 -15.63 52.95
CA SER A 125 12.81 -14.44 53.52
C SER A 125 12.40 -14.25 54.98
N LYS A 126 11.15 -14.57 55.29
CA LYS A 126 10.67 -14.44 56.66
C LYS A 126 11.43 -15.35 57.61
N VAL A 127 11.66 -16.61 57.20
CA VAL A 127 12.40 -17.55 58.03
C VAL A 127 13.80 -17.02 58.29
N LEU A 128 14.43 -16.42 57.26
CA LEU A 128 15.78 -15.91 57.47
C LEU A 128 15.83 -14.84 58.58
N HIS A 129 14.72 -14.15 58.82
CA HIS A 129 14.69 -13.11 59.84
C HIS A 129 14.71 -13.66 61.27
N LEU A 130 14.42 -14.95 61.45
CA LEU A 130 14.43 -15.55 62.78
C LEU A 130 15.84 -15.55 63.35
N GLU A 131 15.92 -15.41 64.68
CA GLU A 131 17.21 -15.40 65.36
C GLU A 131 17.88 -16.77 65.25
N GLY A 132 19.20 -16.76 65.05
CA GLY A 132 19.98 -17.97 64.93
C GLY A 132 19.94 -18.63 63.56
N GLU A 133 19.11 -18.14 62.64
CA GLU A 133 19.07 -18.68 61.28
C GLU A 133 20.32 -18.28 60.51
N VAL A 134 20.68 -17.00 60.59
CA VAL A 134 21.87 -16.51 59.92
C VAL A 134 23.09 -17.30 60.36
N ASN A 135 23.10 -17.71 61.64
CA ASN A 135 24.22 -18.50 62.16
C ASN A 135 24.22 -19.90 61.56
N LYS A 136 23.05 -20.50 61.38
CA LYS A 136 22.98 -21.78 60.69
C LYS A 136 23.59 -21.68 59.30
N ILE A 137 23.26 -20.60 58.57
CA ILE A 137 23.73 -20.48 57.20
C ILE A 137 25.22 -20.17 57.15
N LYS A 138 25.70 -19.32 58.06
CA LYS A 138 27.14 -19.03 58.14
C LYS A 138 27.95 -20.31 58.35
N SER A 139 27.44 -21.20 59.22
CA SER A 139 28.16 -22.40 59.60
C SER A 139 28.02 -23.53 58.59
N ALA A 140 27.15 -23.39 57.60
CA ALA A 140 27.13 -24.32 56.47
C ALA A 140 27.99 -23.84 55.32
N LEU A 141 28.27 -22.54 55.25
CA LEU A 141 29.18 -21.97 54.26
C LEU A 141 30.52 -21.59 54.86
N LEU A 142 30.85 -22.12 56.05
CA LEU A 142 32.18 -21.89 56.61
C LEU A 142 33.25 -22.50 55.72
N SER A 143 33.02 -23.70 55.20
CA SER A 143 33.99 -24.44 54.40
C SER A 143 33.79 -24.31 52.90
N THR A 144 32.54 -24.18 52.45
CA THR A 144 32.22 -24.21 51.03
C THR A 144 31.32 -23.04 50.68
N ASN A 145 31.08 -22.87 49.38
CA ASN A 145 30.26 -21.77 48.87
C ASN A 145 28.87 -22.20 48.44
N LYS A 146 28.59 -23.51 48.42
CA LYS A 146 27.34 -24.04 47.87
C LYS A 146 26.88 -25.16 48.78
N ALA A 147 25.87 -24.89 49.62
CA ALA A 147 25.45 -25.87 50.61
C ALA A 147 23.96 -25.78 50.83
N VAL A 148 23.35 -26.91 51.18
CA VAL A 148 21.93 -26.94 51.51
C VAL A 148 21.76 -26.75 53.01
N VAL A 149 20.74 -26.00 53.40
CA VAL A 149 20.44 -25.72 54.80
C VAL A 149 18.99 -26.10 55.07
N SER A 150 18.77 -26.81 56.18
CA SER A 150 17.43 -27.06 56.69
C SER A 150 17.10 -25.98 57.70
N LEU A 151 16.23 -25.05 57.34
CA LEU A 151 15.86 -23.96 58.22
C LEU A 151 14.99 -24.50 59.36
N SER A 152 14.60 -23.60 60.27
CA SER A 152 13.79 -24.01 61.42
C SER A 152 12.45 -24.59 60.98
N ASN A 153 11.79 -23.93 60.02
CA ASN A 153 10.46 -24.37 59.59
C ASN A 153 10.49 -25.69 58.83
N GLY A 154 11.65 -26.30 58.64
CA GLY A 154 11.75 -27.62 58.05
C GLY A 154 12.16 -27.66 56.60
N VAL A 155 12.10 -26.55 55.89
CA VAL A 155 12.39 -26.53 54.45
C VAL A 155 13.89 -26.48 54.25
N SER A 156 14.36 -27.24 53.25
CA SER A 156 15.77 -27.26 52.87
C SER A 156 15.95 -26.41 51.62
N VAL A 157 16.86 -25.44 51.70
CA VAL A 157 17.11 -24.50 50.62
C VAL A 157 18.57 -24.58 50.22
N LEU A 158 18.83 -24.36 48.93
CA LEU A 158 20.20 -24.12 48.50
C LEU A 158 20.67 -22.76 48.97
N THR A 159 21.95 -22.68 49.30
CA THR A 159 22.55 -21.48 49.84
C THR A 159 23.90 -21.27 49.16
N SER A 160 24.08 -20.09 48.59
CA SER A 160 25.29 -19.75 47.85
C SER A 160 25.97 -18.56 48.53
N LYS A 161 27.29 -18.51 48.41
CA LYS A 161 28.06 -17.31 48.74
C LYS A 161 28.66 -16.80 47.44
N VAL A 162 28.19 -15.65 46.97
CA VAL A 162 28.65 -15.15 45.68
C VAL A 162 29.83 -14.18 45.80
N LEU A 163 30.08 -13.64 46.98
CA LEU A 163 31.09 -12.60 47.13
C LEU A 163 31.57 -12.61 48.57
N ASP A 164 32.88 -12.59 48.74
CA ASP A 164 33.49 -12.48 50.07
C ASP A 164 34.17 -11.13 50.13
N LEU A 165 33.42 -10.10 50.50
CA LEU A 165 34.14 -8.88 50.83
C LEU A 165 34.94 -9.06 52.12
N LYS A 166 34.28 -9.54 53.18
CA LYS A 166 34.81 -9.53 54.55
C LYS A 166 36.28 -9.91 54.57
N ASN A 167 36.64 -10.95 53.82
CA ASN A 167 38.04 -11.35 53.73
C ASN A 167 38.89 -10.26 53.12
N TYR A 168 38.49 -9.75 51.95
CA TYR A 168 39.30 -8.72 51.29
C TYR A 168 39.47 -7.49 52.18
N ILE A 169 38.37 -6.91 52.74
CA ILE A 169 38.58 -5.72 53.56
C ILE A 169 39.42 -6.06 54.81
N ASP A 170 39.13 -7.17 55.49
CA ASP A 170 39.85 -7.42 56.76
C ASP A 170 41.32 -7.78 56.56
N LYS A 171 41.70 -8.27 55.37
CA LYS A 171 43.08 -8.69 55.17
C LYS A 171 43.93 -7.70 54.39
N GLN A 172 43.33 -6.89 53.50
CA GLN A 172 44.11 -5.99 52.67
C GLN A 172 43.89 -4.52 52.96
N LEU A 173 42.73 -4.15 53.51
CA LEU A 173 42.34 -2.76 53.66
C LEU A 173 42.42 -2.30 55.10
N LEU A 174 41.80 -3.05 56.02
CA LEU A 174 41.89 -2.73 57.44
C LEU A 174 43.33 -2.64 57.96
N PRO A 175 44.29 -3.47 57.54
CA PRO A 175 45.67 -3.28 57.98
C PRO A 175 46.27 -1.91 57.66
N ILE A 176 45.69 -1.16 56.72
CA ILE A 176 46.28 0.11 56.29
C ILE A 176 45.45 1.32 56.71
N VAL A 177 44.30 1.11 57.35
CA VAL A 177 43.45 2.23 57.75
C VAL A 177 43.17 2.27 59.23
N ASN A 178 43.46 1.22 60.00
CA ASN A 178 43.18 1.26 61.43
C ASN A 178 44.46 1.12 62.27
N LYS A 179 45.61 1.42 61.67
CA LYS A 179 46.61 2.18 62.42
C LYS A 179 46.06 3.60 62.58
N GLN A 180 46.80 4.45 63.29
CA GLN A 180 46.39 5.84 63.36
C GLN A 180 47.07 6.71 62.31
N SER A 181 47.93 6.13 61.46
CA SER A 181 48.78 6.96 60.59
C SER A 181 48.89 6.43 59.15
N CYS A 182 47.92 5.64 58.70
CA CYS A 182 47.52 5.62 57.28
C CYS A 182 48.65 5.21 56.33
N SER A 183 48.99 3.93 56.37
CA SER A 183 49.76 3.34 55.28
C SER A 183 49.17 3.75 53.94
N ILE A 184 49.97 4.44 53.12
CA ILE A 184 49.53 4.84 51.79
C ILE A 184 49.36 3.61 50.93
N PRO A 185 48.25 3.46 50.21
CA PRO A 185 48.05 2.27 49.38
C PRO A 185 48.73 2.44 48.02
N PRO A 186 48.99 1.33 47.32
CA PRO A 186 49.30 1.44 45.90
C PRO A 186 48.03 1.60 45.09
N ILE A 187 48.16 2.22 43.92
CA ILE A 187 47.00 2.52 43.09
C ILE A 187 46.26 1.24 42.70
N GLU A 188 46.98 0.13 42.60
CA GLU A 188 46.35 -1.15 42.28
C GLU A 188 45.36 -1.55 43.36
N THR A 189 45.69 -1.30 44.63
CA THR A 189 44.75 -1.60 45.71
C THR A 189 43.49 -0.75 45.61
N VAL A 190 43.62 0.53 45.27
CA VAL A 190 42.46 1.39 45.10
C VAL A 190 41.55 0.82 44.00
N ILE A 191 42.15 0.51 42.85
CA ILE A 191 41.37 0.01 41.72
C ILE A 191 40.70 -1.32 42.06
N GLU A 192 41.45 -2.22 42.68
CA GLU A 192 40.93 -3.54 43.04
C GLU A 192 39.78 -3.43 44.05
N PHE A 193 39.92 -2.56 45.04
CA PHE A 193 38.86 -2.38 46.01
C PHE A 193 37.59 -1.84 45.35
N GLN A 194 37.75 -0.88 44.43
CA GLN A 194 36.57 -0.41 43.69
C GLN A 194 35.92 -1.56 42.93
N GLN A 195 36.73 -2.39 42.27
CA GLN A 195 36.22 -3.51 41.49
C GLN A 195 35.39 -4.45 42.37
N LYS A 196 35.91 -4.79 43.55
CA LYS A 196 35.18 -5.72 44.42
C LYS A 196 33.92 -5.07 45.01
N ASN A 197 34.01 -3.81 45.43
CA ASN A 197 32.88 -3.14 46.09
C ASN A 197 31.73 -2.83 45.14
N ASN A 198 32.00 -2.78 43.83
CA ASN A 198 30.96 -2.33 42.89
C ASN A 198 29.71 -3.19 42.94
N ARG A 199 29.86 -4.52 43.04
CA ARG A 199 28.67 -5.38 42.99
C ARG A 199 27.77 -5.15 44.20
N LEU A 200 28.36 -5.01 45.39
CA LEU A 200 27.54 -4.67 46.56
C LEU A 200 26.82 -3.35 46.33
N LEU A 201 27.55 -2.35 45.79
CA LEU A 201 26.91 -1.06 45.57
C LEU A 201 25.73 -1.17 44.60
N GLU A 202 25.90 -1.92 43.51
CA GLU A 202 24.84 -1.99 42.50
C GLU A 202 23.65 -2.80 43.00
N ILE A 203 23.91 -3.89 43.73
CA ILE A 203 22.82 -4.64 44.36
C ILE A 203 22.01 -3.72 45.27
N THR A 204 22.71 -2.91 46.07
CA THR A 204 22.03 -2.00 46.97
C THR A 204 21.22 -0.94 46.22
N ARG A 205 21.75 -0.42 45.11
CA ARG A 205 21.00 0.56 44.33
C ARG A 205 19.70 -0.05 43.78
N GLU A 206 19.81 -1.25 43.20
CA GLU A 206 18.64 -1.92 42.65
C GLU A 206 17.61 -2.18 43.74
N PHE A 207 18.05 -2.56 44.94
CA PHE A 207 17.11 -2.83 46.02
C PHE A 207 16.46 -1.56 46.54
N SER A 208 17.25 -0.49 46.69
CA SER A 208 16.73 0.74 47.26
C SER A 208 15.69 1.39 46.34
N VAL A 209 15.92 1.34 45.02
CA VAL A 209 14.95 1.98 44.13
C VAL A 209 13.75 1.10 43.85
N ASN A 210 13.71 -0.13 44.37
CA ASN A 210 12.62 -1.06 44.08
C ASN A 210 11.92 -1.57 45.33
N ALA A 211 12.13 -0.95 46.50
CA ALA A 211 11.53 -1.38 47.75
C ALA A 211 11.85 -2.85 48.05
N GLY A 212 13.07 -3.26 47.73
CA GLY A 212 13.58 -4.54 48.15
C GLY A 212 13.11 -5.74 47.34
N VAL A 213 12.39 -5.54 46.25
CA VAL A 213 11.95 -6.62 45.37
C VAL A 213 12.24 -6.21 43.94
N THR A 214 13.03 -7.02 43.23
CA THR A 214 13.45 -6.71 41.88
C THR A 214 13.06 -7.81 40.91
N THR A 215 12.54 -7.41 39.75
CA THR A 215 12.28 -8.29 38.62
C THR A 215 12.44 -7.41 37.39
N PRO A 216 13.19 -7.84 36.36
CA PRO A 216 13.91 -9.12 36.23
C PRO A 216 15.13 -9.20 37.15
N VAL A 217 15.75 -10.36 37.26
CA VAL A 217 16.92 -10.53 38.12
C VAL A 217 18.16 -10.15 37.31
N SER A 218 18.83 -9.08 37.74
CA SER A 218 19.94 -8.51 37.00
C SER A 218 21.16 -9.44 37.06
N THR A 219 22.15 -9.13 36.22
CA THR A 219 23.42 -9.83 36.29
C THR A 219 24.22 -9.46 37.53
N TYR A 220 23.84 -8.38 38.22
CA TYR A 220 24.44 -8.09 39.52
C TYR A 220 23.85 -8.96 40.61
N MET A 221 22.52 -9.12 40.62
CA MET A 221 21.88 -10.00 41.60
C MET A 221 22.37 -11.43 41.44
N LEU A 222 22.52 -11.88 40.20
CA LEU A 222 22.92 -13.25 39.92
C LEU A 222 23.60 -13.28 38.55
N THR A 223 24.88 -13.63 38.52
CA THR A 223 25.61 -13.64 37.26
C THR A 223 25.17 -14.84 36.42
N ASN A 224 25.63 -14.86 35.17
CA ASN A 224 25.27 -15.94 34.27
C ASN A 224 25.83 -17.27 34.75
N SER A 225 27.09 -17.29 35.18
CA SER A 225 27.67 -18.52 35.71
C SER A 225 26.92 -18.99 36.95
N GLU A 226 26.61 -18.05 37.85
CA GLU A 226 25.90 -18.41 39.07
C GLU A 226 24.51 -18.95 38.76
N LEU A 227 23.80 -18.29 37.85
CA LEU A 227 22.45 -18.75 37.50
C LEU A 227 22.49 -20.12 36.85
N LEU A 228 23.45 -20.36 35.96
CA LEU A 228 23.52 -21.67 35.31
C LEU A 228 23.88 -22.77 36.31
N SER A 229 24.80 -22.48 37.24
CA SER A 229 25.09 -23.46 38.29
C SER A 229 23.87 -23.73 39.15
N LEU A 230 23.12 -22.69 39.49
CA LEU A 230 21.90 -22.86 40.28
C LEU A 230 20.88 -23.69 39.51
N ILE A 231 20.74 -23.43 38.21
CA ILE A 231 19.83 -24.20 37.36
C ILE A 231 20.21 -25.67 37.35
N ASN A 232 21.51 -25.95 37.23
CA ASN A 232 21.99 -27.32 37.19
C ASN A 232 21.77 -28.04 38.52
N ASP A 233 21.61 -27.31 39.62
CA ASP A 233 21.36 -27.90 40.92
C ASP A 233 19.88 -27.94 41.29
N MET A 234 18.99 -27.48 40.40
CA MET A 234 17.57 -27.54 40.71
C MET A 234 17.04 -28.97 40.54
N PRO A 235 16.03 -29.35 41.32
CA PRO A 235 15.41 -30.69 41.19
C PRO A 235 14.45 -30.76 40.00
N ILE A 236 15.01 -30.73 38.79
CA ILE A 236 14.23 -30.82 37.56
C ILE A 236 14.91 -31.81 36.61
N THR A 237 14.21 -32.15 35.54
CA THR A 237 14.71 -33.11 34.57
C THR A 237 15.88 -32.50 33.77
N ASN A 238 16.48 -33.33 32.91
CA ASN A 238 17.56 -32.85 32.06
C ASN A 238 17.03 -31.98 30.93
N ASP A 239 15.85 -32.32 30.39
CA ASP A 239 15.23 -31.48 29.38
C ASP A 239 14.87 -30.12 29.95
N GLN A 240 14.36 -30.08 31.18
CA GLN A 240 14.06 -28.81 31.82
C GLN A 240 15.32 -27.98 32.04
N LYS A 241 16.40 -28.63 32.47
CA LYS A 241 17.67 -27.93 32.65
C LYS A 241 18.18 -27.37 31.32
N LYS A 242 18.08 -28.15 30.25
CA LYS A 242 18.46 -27.67 28.93
C LYS A 242 17.64 -26.44 28.53
N LEU A 243 16.31 -26.54 28.66
CA LEU A 243 15.45 -25.45 28.24
C LEU A 243 15.74 -24.18 29.02
N MET A 244 15.96 -24.31 30.33
CA MET A 244 16.28 -23.12 31.13
C MET A 244 17.64 -22.56 30.77
N SER A 245 18.64 -23.43 30.55
CA SER A 245 19.99 -22.96 30.28
C SER A 245 20.07 -22.22 28.95
N ASN A 246 19.41 -22.74 27.91
CA ASN A 246 19.43 -22.05 26.63
C ASN A 246 18.63 -20.77 26.64
N ASN A 247 17.77 -20.57 27.65
CA ASN A 247 16.89 -19.40 27.69
C ASN A 247 17.05 -18.63 28.99
N VAL A 248 18.29 -18.36 29.38
CA VAL A 248 18.60 -17.57 30.57
C VAL A 248 17.88 -16.20 30.54
N PRO A 249 17.83 -15.49 29.41
CA PRO A 249 17.10 -14.21 29.41
C PRO A 249 15.64 -14.33 29.87
N ILE A 250 14.89 -15.31 29.34
CA ILE A 250 13.50 -15.46 29.73
C ILE A 250 13.40 -15.83 31.21
N VAL A 251 14.30 -16.70 31.69
CA VAL A 251 14.31 -17.09 33.10
C VAL A 251 14.52 -15.86 33.98
N ARG A 252 15.46 -15.00 33.61
CA ARG A 252 15.65 -13.75 34.34
C ARG A 252 14.39 -12.91 34.30
N GLN A 253 13.73 -12.85 33.14
CA GLN A 253 12.49 -12.09 33.03
C GLN A 253 11.42 -12.61 34.00
N GLN A 254 11.40 -13.92 34.25
CA GLN A 254 10.39 -14.53 35.10
C GLN A 254 10.91 -14.88 36.49
N SER A 255 11.85 -14.09 37.02
CA SER A 255 12.43 -14.35 38.32
C SER A 255 12.36 -13.11 39.20
N TYR A 256 12.46 -13.32 40.51
CA TYR A 256 12.49 -12.23 41.47
C TYR A 256 13.70 -12.37 42.37
N SER A 257 14.26 -11.22 42.75
CA SER A 257 15.28 -11.15 43.81
C SER A 257 14.69 -10.37 44.97
N ILE A 258 14.65 -10.98 46.14
CA ILE A 258 13.98 -10.42 47.31
C ILE A 258 15.01 -10.19 48.41
N MET A 259 15.17 -8.93 48.81
CA MET A 259 16.05 -8.63 49.93
C MET A 259 15.48 -9.24 51.21
N SER A 260 16.33 -9.96 51.95
CA SER A 260 15.85 -10.62 53.16
C SER A 260 16.48 -10.06 54.43
N ILE A 261 17.80 -10.15 54.60
CA ILE A 261 18.43 -9.79 55.88
C ILE A 261 19.85 -9.30 55.64
N ILE A 262 20.34 -8.50 56.59
CA ILE A 262 21.75 -8.18 56.67
C ILE A 262 22.16 -8.12 58.15
N LYS A 263 22.84 -9.16 58.62
CA LYS A 263 23.32 -9.22 59.99
C LYS A 263 24.41 -10.28 60.09
N GLU A 264 25.11 -10.28 61.22
CA GLU A 264 26.20 -11.21 61.50
C GLU A 264 27.25 -11.19 60.38
N GLU A 265 27.55 -9.98 59.89
CA GLU A 265 28.52 -9.79 58.82
C GLU A 265 28.10 -10.56 57.56
N VAL A 266 26.80 -10.58 57.28
CA VAL A 266 26.26 -11.40 56.20
C VAL A 266 25.08 -10.66 55.58
N LEU A 267 25.02 -10.65 54.25
CA LEU A 267 23.88 -10.19 53.49
C LEU A 267 23.23 -11.39 52.83
N ALA A 268 21.91 -11.54 52.99
CA ALA A 268 21.18 -12.65 52.43
C ALA A 268 19.94 -12.14 51.71
N TYR A 269 19.76 -12.58 50.46
CA TYR A 269 18.54 -12.32 49.70
C TYR A 269 18.06 -13.60 49.04
N VAL A 270 16.75 -13.71 48.89
CA VAL A 270 16.13 -14.87 48.27
C VAL A 270 15.99 -14.62 46.78
N VAL A 271 16.41 -15.59 45.98
CA VAL A 271 16.23 -15.56 44.53
C VAL A 271 15.19 -16.61 44.17
N GLN A 272 14.13 -16.18 43.50
CA GLN A 272 12.96 -17.01 43.20
C GLN A 272 12.90 -17.24 41.69
N LEU A 273 13.32 -18.45 41.26
CA LEU A 273 13.40 -18.86 39.87
C LEU A 273 12.13 -19.57 39.43
N PRO A 274 11.74 -19.41 38.17
CA PRO A 274 10.54 -20.10 37.67
C PRO A 274 10.78 -21.61 37.57
N LEU A 275 9.70 -22.37 37.70
CA LEU A 275 9.75 -23.83 37.65
C LEU A 275 8.83 -24.30 36.52
N TYR A 276 9.44 -24.72 35.40
CA TYR A 276 8.69 -25.05 34.19
C TYR A 276 8.21 -26.49 34.27
N GLY A 277 7.10 -26.68 34.99
CA GLY A 277 6.54 -28.00 35.21
C GLY A 277 5.93 -28.64 33.98
N VAL A 278 5.53 -27.83 33.00
CA VAL A 278 4.96 -28.33 31.75
C VAL A 278 5.88 -27.89 30.62
N ILE A 279 6.26 -28.84 29.77
CA ILE A 279 7.24 -28.60 28.71
C ILE A 279 6.85 -29.44 27.50
N ASP A 280 7.08 -28.88 26.31
CA ASP A 280 6.94 -29.55 25.01
C ASP A 280 5.51 -29.92 24.67
N THR A 281 4.52 -29.45 25.43
CA THR A 281 3.16 -29.73 25.00
C THR A 281 2.75 -28.74 23.90
N PRO A 282 1.86 -29.14 22.99
CA PRO A 282 1.50 -28.27 21.87
C PRO A 282 0.73 -27.04 22.34
N CYS A 283 1.14 -25.88 21.81
CA CYS A 283 0.46 -24.61 22.02
C CYS A 283 -0.04 -24.07 20.69
N TRP A 284 -0.99 -23.15 20.78
CA TRP A 284 -1.50 -22.43 19.63
C TRP A 284 -2.02 -21.08 20.10
N LYS A 285 -2.19 -20.16 19.15
CA LYS A 285 -2.55 -18.79 19.47
C LYS A 285 -3.74 -18.35 18.62
N LEU A 286 -4.76 -17.80 19.28
CA LEU A 286 -5.98 -17.35 18.61
C LEU A 286 -5.98 -15.84 18.46
N HIS A 287 -6.11 -15.36 17.21
CA HIS A 287 -6.27 -13.96 16.86
C HIS A 287 -7.69 -13.74 16.38
N THR A 288 -8.28 -12.61 16.75
CA THR A 288 -9.67 -12.31 16.38
C THR A 288 -9.80 -10.86 15.96
N SER A 289 -10.68 -10.62 15.00
CA SER A 289 -11.01 -9.30 14.50
C SER A 289 -12.52 -9.20 14.32
N PRO A 290 -13.09 -8.00 14.36
CA PRO A 290 -14.53 -7.87 14.21
C PRO A 290 -15.03 -8.33 12.85
N LEU A 291 -16.19 -8.98 12.85
CA LEU A 291 -16.84 -9.48 11.64
C LEU A 291 -18.19 -8.75 11.50
N CYS A 292 -18.21 -7.71 10.68
CA CYS A 292 -19.41 -6.90 10.47
C CYS A 292 -20.05 -7.22 9.13
N THR A 293 -21.35 -6.96 9.04
CA THR A 293 -22.01 -6.96 7.75
C THR A 293 -21.51 -5.80 6.91
N THR A 294 -21.37 -6.06 5.61
CA THR A 294 -21.01 -5.01 4.65
C THR A 294 -22.20 -4.57 3.83
N ASN A 295 -23.19 -5.45 3.68
CA ASN A 295 -24.24 -5.29 2.68
C ASN A 295 -25.08 -4.03 2.88
N THR A 296 -25.03 -3.44 4.07
CA THR A 296 -25.87 -2.29 4.38
C THR A 296 -25.01 -1.04 4.45
N LYS A 297 -25.67 0.10 4.66
CA LYS A 297 -25.04 1.41 4.48
C LYS A 297 -25.47 2.35 5.59
N GLU A 298 -24.47 3.00 6.20
CA GLU A 298 -24.55 3.76 7.45
C GLU A 298 -24.74 2.85 8.66
N GLY A 299 -25.73 3.15 9.51
CA GLY A 299 -25.80 2.53 10.82
C GLY A 299 -26.64 1.27 10.92
N SER A 300 -26.77 0.55 9.82
CA SER A 300 -27.64 -0.62 9.73
C SER A 300 -26.88 -1.94 9.83
N ASN A 301 -25.63 -1.92 10.28
CA ASN A 301 -24.78 -3.10 10.27
C ASN A 301 -24.65 -3.71 11.65
N ILE A 302 -24.61 -5.03 11.70
CA ILE A 302 -24.45 -5.79 12.95
C ILE A 302 -23.10 -6.47 12.93
N CYS A 303 -22.41 -6.46 14.07
CA CYS A 303 -21.06 -7.02 14.19
C CYS A 303 -20.99 -8.00 15.35
N LEU A 304 -20.29 -9.12 15.13
CA LEU A 304 -19.85 -10.00 16.19
C LEU A 304 -18.34 -10.22 16.08
N THR A 305 -17.74 -10.61 17.19
CA THR A 305 -16.30 -10.79 17.32
C THR A 305 -16.03 -11.89 18.33
N ARG A 306 -15.22 -12.88 17.96
CA ARG A 306 -14.83 -13.90 18.92
C ARG A 306 -14.00 -13.27 20.03
N THR A 307 -14.24 -13.71 21.27
CA THR A 307 -13.61 -13.10 22.44
C THR A 307 -12.53 -13.96 23.08
N ASP A 308 -12.31 -15.18 22.59
CA ASP A 308 -11.41 -16.12 23.27
C ASP A 308 -9.97 -16.01 22.77
N ARG A 309 -9.55 -14.83 22.30
CA ARG A 309 -8.22 -14.69 21.75
C ARG A 309 -7.16 -14.77 22.84
N GLY A 310 -5.97 -15.21 22.44
CA GLY A 310 -4.87 -15.42 23.38
C GLY A 310 -4.20 -16.74 23.14
N TRP A 311 -3.39 -17.18 24.11
CA TRP A 311 -2.63 -18.41 23.96
C TRP A 311 -3.36 -19.59 24.60
N TYR A 312 -3.13 -20.77 24.02
CA TYR A 312 -3.66 -22.03 24.53
C TYR A 312 -2.53 -23.03 24.51
N CYS A 313 -2.39 -23.80 25.59
CA CYS A 313 -1.43 -24.90 25.60
C CYS A 313 -2.08 -26.14 26.20
N ASP A 314 -1.88 -27.28 25.54
CA ASP A 314 -2.35 -28.53 26.13
C ASP A 314 -1.64 -28.77 27.45
N ASN A 315 -2.40 -29.09 28.49
CA ASN A 315 -1.86 -29.11 29.85
C ASN A 315 -2.71 -30.07 30.68
N ALA A 316 -2.13 -31.25 30.96
CA ALA A 316 -2.70 -32.21 31.91
C ALA A 316 -4.14 -32.57 31.57
N GLY A 317 -4.38 -32.91 30.31
CA GLY A 317 -5.70 -33.30 29.87
C GLY A 317 -6.69 -32.16 29.70
N SER A 318 -6.27 -30.93 29.95
CA SER A 318 -7.09 -29.76 29.72
C SER A 318 -6.33 -28.80 28.81
N VAL A 319 -6.88 -27.60 28.62
CA VAL A 319 -6.21 -26.54 27.88
C VAL A 319 -6.01 -25.38 28.84
N SER A 320 -4.76 -24.95 29.00
CA SER A 320 -4.45 -23.74 29.74
C SER A 320 -4.59 -22.55 28.80
N PHE A 321 -5.42 -21.60 29.21
CA PHE A 321 -5.77 -20.43 28.40
C PHE A 321 -5.17 -19.19 29.04
N PHE A 322 -4.44 -18.43 28.24
CA PHE A 322 -3.77 -17.21 28.70
C PHE A 322 -4.34 -16.05 27.88
N PRO A 323 -5.27 -15.28 28.46
CA PRO A 323 -5.94 -14.23 27.67
C PRO A 323 -5.16 -12.95 27.54
N GLN A 324 -4.19 -12.70 28.43
CA GLN A 324 -3.37 -11.51 28.36
C GLN A 324 -2.11 -11.82 27.55
N ALA A 325 -1.92 -11.09 26.45
CA ALA A 325 -0.73 -11.27 25.62
C ALA A 325 0.55 -10.89 26.34
N GLU A 326 0.46 -10.44 27.58
CA GLU A 326 1.61 -10.00 28.36
C GLU A 326 2.23 -11.11 29.19
N THR A 327 1.43 -12.11 29.59
CA THR A 327 1.88 -13.20 30.45
C THR A 327 2.58 -14.32 29.70
N CYS A 328 2.68 -14.22 28.37
CA CYS A 328 3.38 -15.20 27.56
C CYS A 328 4.49 -14.51 26.78
N LYS A 329 5.64 -15.18 26.67
CA LYS A 329 6.81 -14.65 25.99
C LYS A 329 7.32 -15.70 25.02
N VAL A 330 7.44 -15.34 23.75
CA VAL A 330 7.79 -16.29 22.70
C VAL A 330 9.23 -16.06 22.29
N GLN A 331 10.02 -17.14 22.30
CA GLN A 331 11.30 -17.19 21.61
C GLN A 331 11.11 -18.28 20.56
N SER A 332 11.33 -17.94 19.29
CA SER A 332 11.27 -18.90 18.19
C SER A 332 9.91 -19.58 18.26
N ASN A 333 9.82 -20.91 18.37
CA ASN A 333 8.57 -21.65 18.52
C ASN A 333 8.23 -22.00 19.96
N ARG A 334 9.06 -21.62 20.91
CA ARG A 334 8.89 -21.93 22.32
C ARG A 334 8.14 -20.78 23.01
N VAL A 335 7.06 -21.13 23.69
CA VAL A 335 6.15 -20.17 24.29
C VAL A 335 6.25 -20.33 25.80
N PHE A 336 6.91 -19.38 26.46
CA PHE A 336 7.05 -19.36 27.91
C PHE A 336 5.85 -18.62 28.49
N CYS A 337 4.85 -19.37 28.91
CA CYS A 337 3.68 -18.77 29.54
C CYS A 337 3.75 -18.93 31.05
N ASP A 338 2.81 -18.28 31.74
CA ASP A 338 2.81 -18.21 33.20
C ASP A 338 1.42 -18.59 33.70
N THR A 339 1.32 -19.78 34.29
CA THR A 339 0.01 -20.36 34.61
C THR A 339 -0.80 -19.54 35.60
N MET A 340 -0.16 -18.67 36.39
CA MET A 340 -0.91 -17.89 37.36
C MET A 340 -1.96 -17.03 36.68
N ASN A 341 -1.63 -16.47 35.53
CA ASN A 341 -2.57 -15.65 34.77
C ASN A 341 -3.27 -16.47 33.69
N SER A 342 -3.95 -17.53 34.11
CA SER A 342 -4.54 -18.45 33.14
C SER A 342 -5.83 -19.04 33.68
N LEU A 343 -6.68 -19.46 32.75
CA LEU A 343 -7.85 -20.28 33.04
C LEU A 343 -7.58 -21.71 32.58
N THR A 344 -8.34 -22.64 33.12
CA THR A 344 -8.28 -24.04 32.72
C THR A 344 -9.60 -24.40 32.05
N LEU A 345 -9.54 -24.87 30.81
CA LEU A 345 -10.71 -25.15 30.01
C LEU A 345 -10.69 -26.58 29.51
N PRO A 346 -11.84 -27.15 29.17
CA PRO A 346 -11.87 -28.48 28.56
C PRO A 346 -11.26 -28.44 27.17
N PRO A 347 -10.81 -29.59 26.65
CA PRO A 347 -10.27 -29.61 25.28
C PRO A 347 -11.27 -29.11 24.25
N GLU A 348 -12.58 -29.33 24.48
CA GLU A 348 -13.62 -28.98 23.53
C GLU A 348 -13.60 -27.51 23.14
N VAL A 349 -12.84 -26.67 23.85
CA VAL A 349 -12.73 -25.26 23.47
C VAL A 349 -12.20 -25.14 22.05
N ASN A 350 -11.33 -26.06 21.62
CA ASN A 350 -10.79 -25.98 20.27
C ASN A 350 -11.87 -26.13 19.21
N LEU A 351 -13.05 -26.65 19.57
CA LEU A 351 -14.13 -26.76 18.61
C LEU A 351 -14.59 -25.40 18.11
N CYS A 352 -14.30 -24.32 18.85
CA CYS A 352 -14.60 -22.99 18.35
C CYS A 352 -13.81 -22.66 17.09
N ASN A 353 -12.70 -23.34 16.87
CA ASN A 353 -11.87 -23.16 15.67
C ASN A 353 -12.23 -24.13 14.56
N VAL A 354 -13.17 -25.05 14.80
CA VAL A 354 -13.57 -26.04 13.81
C VAL A 354 -15.05 -25.92 13.47
N ASP A 355 -15.90 -25.73 14.49
CA ASP A 355 -17.35 -25.68 14.36
C ASP A 355 -17.82 -24.73 15.47
N ILE A 356 -17.95 -23.44 15.14
CA ILE A 356 -18.27 -22.48 16.19
C ILE A 356 -19.69 -22.67 16.70
N PHE A 357 -20.57 -23.30 15.93
CA PHE A 357 -21.91 -23.63 16.38
C PHE A 357 -22.01 -25.04 16.95
N ASN A 358 -20.87 -25.66 17.27
CA ASN A 358 -20.88 -27.03 17.74
C ASN A 358 -21.63 -27.13 19.08
N PRO A 359 -22.24 -28.27 19.36
CA PRO A 359 -23.07 -28.39 20.56
C PRO A 359 -22.26 -28.58 21.84
N LYS A 360 -21.08 -29.21 21.71
CA LYS A 360 -20.31 -29.60 22.89
C LYS A 360 -19.75 -28.42 23.65
N TYR A 361 -19.58 -27.27 23.01
CA TYR A 361 -18.96 -26.12 23.67
C TYR A 361 -19.69 -24.84 23.30
N ASP A 362 -19.93 -24.01 24.31
CA ASP A 362 -20.59 -22.72 24.13
C ASP A 362 -19.53 -21.68 23.78
N CYS A 363 -19.24 -21.58 22.48
CA CYS A 363 -18.21 -20.66 22.01
C CYS A 363 -18.60 -19.22 22.29
N LYS A 364 -17.65 -18.45 22.81
CA LYS A 364 -17.93 -17.13 23.35
C LYS A 364 -17.63 -16.05 22.32
N ILE A 365 -18.60 -15.17 22.10
CA ILE A 365 -18.51 -14.06 21.17
C ILE A 365 -18.93 -12.79 21.89
N MET A 366 -18.90 -11.68 21.16
CA MET A 366 -19.46 -10.43 21.65
C MET A 366 -19.92 -9.60 20.46
N THR A 367 -20.96 -8.80 20.68
CA THR A 367 -21.61 -8.10 19.58
C THR A 367 -21.51 -6.60 19.75
N SER A 368 -21.79 -5.90 18.67
CA SER A 368 -21.89 -4.43 18.67
C SER A 368 -22.46 -3.99 17.33
N LYS A 369 -22.62 -2.69 17.19
CA LYS A 369 -22.89 -2.05 15.90
C LYS A 369 -21.73 -1.20 15.43
N THR A 370 -20.56 -1.36 16.05
CA THR A 370 -19.39 -0.49 15.80
C THR A 370 -18.74 -0.94 14.50
N ASP A 371 -19.01 -0.20 13.43
CA ASP A 371 -18.64 -0.57 12.07
C ASP A 371 -17.38 0.19 11.64
N VAL A 372 -16.24 -0.12 12.26
CA VAL A 372 -14.99 0.55 11.92
C VAL A 372 -13.89 -0.46 11.65
N SER A 373 -12.92 -0.04 10.83
CA SER A 373 -11.93 -0.94 10.24
C SER A 373 -10.67 -1.04 11.11
N SER A 374 -10.01 -2.19 11.03
CA SER A 374 -8.79 -2.42 11.80
C SER A 374 -8.08 -3.64 11.21
N SER A 375 -6.90 -3.93 11.75
CA SER A 375 -6.13 -5.08 11.30
C SER A 375 -5.37 -5.68 12.47
N VAL A 376 -5.27 -7.01 12.48
CA VAL A 376 -4.53 -7.74 13.49
C VAL A 376 -3.38 -8.48 12.81
N ILE A 377 -2.16 -8.19 13.23
CA ILE A 377 -0.99 -8.90 12.71
C ILE A 377 -0.90 -10.24 13.42
N THR A 378 -1.03 -11.33 12.66
CA THR A 378 -0.96 -12.66 13.23
C THR A 378 0.49 -13.16 13.21
N SER A 379 0.70 -14.44 13.55
CA SER A 379 2.05 -14.96 13.66
C SER A 379 2.79 -14.89 12.33
N LEU A 380 2.14 -15.32 11.25
CA LEU A 380 2.76 -15.26 9.94
C LEU A 380 1.75 -14.80 8.89
N GLY A 381 0.95 -13.78 9.25
CA GLY A 381 -0.04 -13.24 8.34
C GLY A 381 -0.65 -11.95 8.86
N ALA A 382 -1.84 -11.62 8.38
CA ALA A 382 -2.54 -10.42 8.83
C ALA A 382 -4.01 -10.54 8.50
N ILE A 383 -4.86 -10.30 9.50
CA ILE A 383 -6.31 -10.23 9.32
C ILE A 383 -6.69 -8.77 9.15
N VAL A 384 -7.48 -8.46 8.13
CA VAL A 384 -7.94 -7.11 7.88
C VAL A 384 -9.46 -7.10 7.91
N SER A 385 -10.03 -6.27 8.78
CA SER A 385 -11.46 -6.02 8.83
C SER A 385 -11.66 -4.63 8.22
N CYS A 386 -12.06 -4.59 6.95
CA CYS A 386 -12.18 -3.35 6.19
C CYS A 386 -13.66 -3.04 5.99
N TYR A 387 -14.11 -1.94 6.59
CA TYR A 387 -15.52 -1.59 6.57
C TYR A 387 -15.71 -0.16 6.11
N GLY A 388 -16.80 0.07 5.39
CA GLY A 388 -17.08 1.40 4.88
C GLY A 388 -16.20 1.72 3.70
N LYS A 389 -15.55 2.88 3.76
CA LYS A 389 -14.73 3.39 2.66
C LYS A 389 -13.29 3.65 3.11
N THR A 390 -12.75 2.73 3.92
CA THR A 390 -11.39 2.86 4.42
C THR A 390 -10.41 2.21 3.47
N LYS A 391 -9.22 2.80 3.37
CA LYS A 391 -8.16 2.24 2.55
C LYS A 391 -7.50 1.08 3.30
N CYS A 392 -7.65 -0.13 2.79
CA CYS A 392 -7.09 -1.33 3.39
C CYS A 392 -6.28 -2.07 2.34
N THR A 393 -4.97 -2.23 2.60
CA THR A 393 -4.01 -2.53 1.55
C THR A 393 -2.90 -3.40 2.13
N ALA A 394 -2.33 -4.26 1.28
CA ALA A 394 -1.18 -5.07 1.64
C ALA A 394 -0.12 -4.90 0.56
N SER A 395 1.09 -4.51 0.97
CA SER A 395 2.10 -4.01 0.04
C SER A 395 3.48 -4.60 0.34
N ASN A 396 4.32 -4.51 -0.68
CA ASN A 396 5.69 -5.01 -0.69
C ASN A 396 6.63 -3.83 -0.95
N LYS A 397 7.79 -3.83 -0.27
CA LYS A 397 8.71 -2.70 -0.40
C LYS A 397 9.19 -2.51 -1.83
N ASN A 398 9.24 -3.58 -2.63
CA ASN A 398 9.76 -3.51 -3.99
C ASN A 398 8.67 -3.46 -5.05
N ARG A 399 7.78 -4.46 -5.07
CA ARG A 399 6.85 -4.61 -6.19
C ARG A 399 5.62 -3.71 -6.09
N GLY A 400 5.35 -3.12 -4.92
CA GLY A 400 4.23 -2.20 -4.78
C GLY A 400 3.07 -2.78 -3.99
N ILE A 401 1.85 -2.28 -4.24
CA ILE A 401 0.67 -2.91 -3.69
C ILE A 401 0.52 -4.30 -4.29
N ILE A 402 0.17 -5.28 -3.47
CA ILE A 402 -0.11 -6.61 -3.99
C ILE A 402 -1.50 -7.12 -3.61
N LYS A 403 -2.13 -6.62 -2.54
CA LYS A 403 -3.52 -6.99 -2.27
C LYS A 403 -4.31 -5.75 -1.87
N THR A 404 -5.45 -5.54 -2.52
CA THR A 404 -6.34 -4.43 -2.18
C THR A 404 -7.62 -5.03 -1.60
N PHE A 405 -7.87 -4.79 -0.32
CA PHE A 405 -9.01 -5.36 0.36
C PHE A 405 -10.28 -4.59 0.01
N SER A 406 -11.41 -5.31 0.04
CA SER A 406 -12.72 -4.72 -0.05
C SER A 406 -13.48 -5.03 1.23
N ASN A 407 -14.70 -4.49 1.33
CA ASN A 407 -15.45 -4.56 2.58
C ASN A 407 -15.66 -6.00 3.02
N GLY A 408 -15.46 -6.24 4.32
CA GLY A 408 -15.54 -7.53 4.96
C GLY A 408 -14.28 -7.84 5.73
N CYS A 409 -14.16 -9.09 6.15
CA CYS A 409 -13.00 -9.57 6.89
C CYS A 409 -12.24 -10.54 6.00
N ASP A 410 -10.98 -10.21 5.72
CA ASP A 410 -10.13 -11.03 4.86
C ASP A 410 -8.78 -11.21 5.53
N TYR A 411 -7.87 -11.88 4.83
CA TYR A 411 -6.59 -12.29 5.39
C TYR A 411 -5.56 -12.35 4.29
N VAL A 412 -4.32 -12.03 4.65
CA VAL A 412 -3.18 -12.08 3.73
C VAL A 412 -1.99 -12.68 4.46
N SER A 413 -1.24 -13.55 3.79
CA SER A 413 -0.10 -14.19 4.42
C SER A 413 1.14 -13.30 4.34
N ASN A 414 2.10 -13.60 5.21
CA ASN A 414 3.34 -12.83 5.24
C ASN A 414 4.24 -13.11 4.05
N LYS A 415 3.91 -14.12 3.25
CA LYS A 415 4.72 -14.51 2.10
C LYS A 415 4.53 -13.48 0.99
N GLY A 416 5.59 -12.74 0.68
CA GLY A 416 5.53 -11.73 -0.35
C GLY A 416 4.94 -10.41 0.08
N VAL A 417 4.59 -10.26 1.36
CA VAL A 417 4.00 -9.04 1.88
C VAL A 417 4.92 -8.47 2.95
N ASP A 418 5.13 -7.17 2.92
CA ASP A 418 5.93 -6.48 3.92
C ASP A 418 5.10 -5.64 4.88
N THR A 419 4.12 -4.89 4.38
CA THR A 419 3.29 -4.06 5.25
C THR A 419 1.81 -4.26 4.94
N VAL A 420 0.99 -3.96 5.94
CA VAL A 420 -0.46 -3.85 5.79
C VAL A 420 -0.84 -2.45 6.24
N SER A 421 -1.61 -1.74 5.42
CA SER A 421 -1.97 -0.36 5.69
C SER A 421 -3.49 -0.25 5.77
N VAL A 422 -3.99 0.15 6.94
CA VAL A 422 -5.43 0.33 7.13
C VAL A 422 -5.67 1.73 7.67
N GLY A 423 -6.58 2.45 7.03
CA GLY A 423 -6.74 3.86 7.33
C GLY A 423 -5.43 4.58 7.13
N ASN A 424 -5.02 5.37 8.12
CA ASN A 424 -3.73 6.03 8.13
C ASN A 424 -2.73 5.32 9.04
N THR A 425 -2.87 4.01 9.21
CA THR A 425 -2.01 3.23 10.08
C THR A 425 -1.25 2.21 9.26
N LEU A 426 0.08 2.23 9.36
CA LEU A 426 0.93 1.26 8.68
C LEU A 426 1.45 0.23 9.69
N TYR A 427 1.10 -1.03 9.47
CA TYR A 427 1.61 -2.14 10.26
C TYR A 427 2.68 -2.86 9.45
N TYR A 428 3.78 -3.20 10.08
CA TYR A 428 4.71 -4.16 9.50
C TYR A 428 4.29 -5.56 9.92
N VAL A 429 4.32 -6.48 8.97
CA VAL A 429 3.98 -7.87 9.26
C VAL A 429 5.24 -8.58 9.73
N ASN A 430 5.05 -9.74 10.35
CA ASN A 430 6.16 -10.54 10.82
C ASN A 430 6.69 -11.39 9.68
N LYS A 431 7.98 -11.24 9.38
CA LYS A 431 8.63 -12.07 8.37
C LYS A 431 9.16 -13.37 8.96
N GLN A 432 8.87 -13.63 10.23
CA GLN A 432 8.84 -14.97 10.77
C GLN A 432 8.00 -15.84 9.84
N GLU A 433 8.60 -16.85 9.23
CA GLU A 433 7.98 -17.48 8.07
C GLU A 433 7.59 -18.92 8.34
N GLY A 434 6.44 -19.27 7.76
CA GLY A 434 5.86 -20.59 7.82
C GLY A 434 4.73 -20.66 6.81
N LYS A 435 3.85 -21.64 6.98
CA LYS A 435 2.80 -21.91 6.01
C LYS A 435 1.42 -21.62 6.63
N SER A 436 0.61 -20.84 5.91
CA SER A 436 -0.74 -20.51 6.34
C SER A 436 -1.75 -20.98 5.31
N LEU A 437 -2.92 -21.38 5.80
CA LEU A 437 -3.99 -21.95 5.00
C LEU A 437 -5.26 -21.13 5.20
N TYR A 438 -5.88 -20.76 4.10
CA TYR A 438 -7.10 -19.98 4.10
C TYR A 438 -8.28 -20.93 3.98
N VAL A 439 -9.21 -20.86 4.92
CA VAL A 439 -10.34 -21.77 4.99
C VAL A 439 -11.58 -20.97 4.62
N LYS A 440 -11.97 -21.04 3.36
CA LYS A 440 -13.11 -20.25 2.89
C LYS A 440 -14.40 -20.74 3.54
N GLY A 441 -15.30 -19.79 3.80
CA GLY A 441 -16.56 -20.11 4.45
C GLY A 441 -17.40 -18.86 4.58
N GLU A 442 -18.69 -19.09 4.80
CA GLU A 442 -19.64 -17.98 4.89
C GLU A 442 -19.48 -17.28 6.24
N PRO A 443 -19.35 -15.95 6.26
CA PRO A 443 -19.34 -15.22 7.53
C PRO A 443 -20.62 -15.51 8.31
N ILE A 444 -20.45 -15.77 9.62
CA ILE A 444 -21.60 -16.18 10.43
C ILE A 444 -22.52 -15.01 10.71
N ILE A 445 -22.01 -13.77 10.69
CA ILE A 445 -22.85 -12.58 10.85
C ILE A 445 -23.97 -12.51 9.82
N ASN A 446 -23.83 -13.19 8.69
CA ASN A 446 -24.84 -13.19 7.65
C ASN A 446 -25.99 -14.15 7.94
N PHE A 447 -25.89 -14.95 8.99
CA PHE A 447 -26.97 -15.86 9.39
C PHE A 447 -27.93 -15.23 10.39
N TYR A 448 -27.66 -14.02 10.86
CA TYR A 448 -28.44 -13.41 11.92
C TYR A 448 -29.37 -12.35 11.34
N ASP A 449 -30.63 -12.41 11.73
CA ASP A 449 -31.58 -11.38 11.31
C ASP A 449 -31.27 -10.09 12.08
N PRO A 450 -30.91 -9.00 11.40
CA PRO A 450 -30.46 -7.81 12.12
C PRO A 450 -31.53 -7.10 12.93
N LEU A 451 -32.82 -7.38 12.67
CA LEU A 451 -33.88 -6.75 13.47
C LEU A 451 -33.94 -7.35 14.86
N VAL A 452 -33.66 -8.65 14.99
CA VAL A 452 -33.72 -9.35 16.26
C VAL A 452 -32.30 -9.69 16.70
N PHE A 453 -31.32 -8.83 16.32
CA PHE A 453 -29.94 -9.05 16.71
C PHE A 453 -29.60 -8.28 17.98
N PRO A 454 -29.06 -8.95 19.00
CA PRO A 454 -28.67 -8.30 20.25
C PRO A 454 -27.32 -7.59 20.19
N SER A 455 -27.29 -6.31 19.80
CA SER A 455 -26.06 -5.63 19.39
C SER A 455 -25.40 -4.83 20.52
N ASP A 456 -25.48 -5.28 21.78
CA ASP A 456 -24.68 -4.61 22.81
C ASP A 456 -24.14 -5.60 23.85
N GLU A 457 -23.81 -6.83 23.43
CA GLU A 457 -23.29 -7.83 24.35
C GLU A 457 -21.79 -7.64 24.53
N PHE A 458 -21.37 -7.19 25.72
CA PHE A 458 -19.95 -7.05 25.98
C PHE A 458 -19.26 -8.40 26.13
N ASP A 459 -19.95 -9.39 26.68
CA ASP A 459 -19.49 -10.77 26.65
C ASP A 459 -20.72 -11.66 26.56
N ALA A 460 -20.73 -12.57 25.60
CA ALA A 460 -21.85 -13.45 25.35
C ALA A 460 -21.32 -14.78 24.88
N SER A 461 -22.22 -15.59 24.32
CA SER A 461 -21.87 -16.84 23.69
C SER A 461 -22.85 -17.07 22.54
N ILE A 462 -22.61 -18.15 21.79
CA ILE A 462 -23.55 -18.51 20.72
C ILE A 462 -24.90 -18.88 21.33
N SER A 463 -24.88 -19.64 22.42
CA SER A 463 -26.13 -20.06 23.06
C SER A 463 -26.88 -18.88 23.67
N GLN A 464 -26.17 -17.97 24.33
CA GLN A 464 -26.84 -16.83 24.95
C GLN A 464 -27.49 -15.93 23.90
N VAL A 465 -26.80 -15.72 22.77
CA VAL A 465 -27.33 -14.86 21.71
C VAL A 465 -28.52 -15.54 21.03
N ASN A 466 -28.39 -16.83 20.71
CA ASN A 466 -29.51 -17.56 20.16
C ASN A 466 -30.69 -17.56 21.12
N GLU A 467 -30.42 -17.58 22.42
CA GLU A 467 -31.48 -17.52 23.43
C GLU A 467 -32.22 -16.20 23.39
N LYS A 468 -31.48 -15.09 23.34
CA LYS A 468 -32.12 -13.78 23.27
C LYS A 468 -32.92 -13.63 21.98
N ILE A 469 -32.40 -14.17 20.87
CA ILE A 469 -33.13 -14.12 19.62
C ILE A 469 -34.42 -14.91 19.70
N ASN A 470 -34.36 -16.12 20.26
CA ASN A 470 -35.56 -16.93 20.46
C ASN A 470 -36.58 -16.19 21.29
N GLN A 471 -36.13 -15.53 22.36
CA GLN A 471 -37.06 -14.81 23.24
C GLN A 471 -37.76 -13.67 22.52
N SER A 472 -36.99 -12.84 21.79
CA SER A 472 -37.60 -11.72 21.09
C SER A 472 -38.59 -12.21 20.03
N LEU A 473 -38.20 -13.25 19.27
CA LEU A 473 -39.08 -13.81 18.26
C LEU A 473 -40.38 -14.31 18.89
N ALA A 474 -40.28 -15.05 20.00
CA ALA A 474 -41.45 -15.63 20.64
C ALA A 474 -42.35 -14.56 21.23
N PHE A 475 -41.77 -13.44 21.71
CA PHE A 475 -42.63 -12.37 22.19
C PHE A 475 -43.40 -11.72 21.05
N ILE A 476 -42.73 -11.45 19.92
CA ILE A 476 -43.44 -10.89 18.77
C ILE A 476 -44.59 -11.81 18.38
N ARG A 477 -44.28 -13.10 18.25
CA ARG A 477 -45.23 -14.19 18.07
C ARG A 477 -46.46 -14.08 18.98
N LYS A 478 -46.22 -14.08 20.29
CA LYS A 478 -47.31 -14.13 21.26
C LYS A 478 -48.16 -12.87 21.22
N SER A 479 -47.52 -11.70 21.19
CA SER A 479 -48.28 -10.46 21.21
C SER A 479 -49.10 -10.31 19.93
N ASP A 480 -48.60 -10.82 18.79
CA ASP A 480 -49.41 -10.76 17.58
C ASP A 480 -50.57 -11.75 17.63
N GLU A 481 -50.35 -12.95 18.19
CA GLU A 481 -51.47 -13.88 18.38
C GLU A 481 -52.57 -13.24 19.21
N LEU A 482 -52.18 -12.62 20.33
CA LEU A 482 -53.14 -11.91 21.17
C LEU A 482 -53.86 -10.82 20.40
N LEU A 483 -53.10 -9.95 19.71
CA LEU A 483 -53.69 -8.82 19.02
C LEU A 483 -54.58 -9.24 17.85
N SER A 484 -54.46 -10.49 17.40
CA SER A 484 -55.45 -11.02 16.45
C SER A 484 -56.67 -11.62 17.15
N ALA A 485 -56.51 -12.17 18.35
CA ALA A 485 -57.63 -12.80 19.03
C ALA A 485 -58.60 -11.80 19.69
N ILE A 486 -58.53 -10.49 19.40
CA ILE A 486 -59.27 -9.49 20.16
C ILE A 486 -60.37 -8.83 19.36
N GLY A 487 -60.98 -9.57 18.43
CA GLY A 487 -62.10 -9.06 17.67
C GLY A 487 -63.46 -9.41 18.27
N GLN B 17 -21.69 -15.19 -12.22
CA GLN B 17 -22.08 -13.96 -11.53
C GLN B 17 -23.28 -13.28 -12.16
N ASN B 18 -23.75 -12.23 -11.51
CA ASN B 18 -24.99 -11.55 -11.85
C ASN B 18 -24.68 -10.18 -12.43
N ILE B 19 -24.63 -10.10 -13.76
CA ILE B 19 -24.60 -8.80 -14.42
C ILE B 19 -26.01 -8.22 -14.38
N THR B 20 -26.13 -7.01 -13.85
CA THR B 20 -27.39 -6.28 -13.87
C THR B 20 -27.14 -4.93 -14.52
N GLU B 21 -28.23 -4.23 -14.83
CA GLU B 21 -28.06 -2.93 -15.48
C GLU B 21 -29.24 -2.03 -15.10
N GLU B 22 -28.97 -0.74 -15.01
CA GLU B 22 -30.00 0.25 -14.72
C GLU B 22 -29.94 1.35 -15.76
N PHE B 23 -31.10 1.70 -16.32
CA PHE B 23 -31.20 2.83 -17.24
C PHE B 23 -31.90 3.98 -16.54
N TYR B 24 -31.27 5.15 -16.52
CA TYR B 24 -31.79 6.33 -15.85
C TYR B 24 -32.38 7.24 -16.92
N GLN B 25 -33.71 7.20 -17.03
CA GLN B 25 -34.42 8.00 -18.02
C GLN B 25 -34.10 9.49 -17.86
N SER B 26 -33.85 9.93 -16.63
CA SER B 26 -33.59 11.35 -16.38
C SER B 26 -32.30 11.82 -17.04
N THR B 27 -31.25 11.01 -17.01
CA THR B 27 -29.92 11.42 -17.45
C THR B 27 -29.46 10.72 -18.72
N CYS B 28 -30.32 9.94 -19.38
CA CYS B 28 -29.98 9.26 -20.63
C CYS B 28 -28.68 8.47 -20.48
N SER B 29 -28.64 7.62 -19.47
CA SER B 29 -27.40 6.94 -19.11
C SER B 29 -27.72 5.63 -18.42
N ALA B 30 -26.85 4.65 -18.61
CA ALA B 30 -27.03 3.33 -18.03
C ALA B 30 -25.79 2.93 -17.26
N VAL B 31 -25.98 2.08 -16.25
CA VAL B 31 -24.88 1.53 -15.46
C VAL B 31 -25.00 0.01 -15.45
N SER B 32 -23.93 -0.67 -15.81
CA SER B 32 -23.83 -2.12 -15.78
C SER B 32 -23.06 -2.54 -14.52
N LYS B 33 -23.69 -3.35 -13.69
CA LYS B 33 -23.24 -3.69 -12.35
C LYS B 33 -22.93 -5.18 -12.27
N GLY B 34 -22.05 -5.52 -11.33
CA GLY B 34 -21.77 -6.90 -11.02
C GLY B 34 -20.44 -7.42 -11.51
N TYR B 35 -19.56 -6.56 -12.00
CA TYR B 35 -18.26 -6.99 -12.50
C TYR B 35 -17.23 -7.06 -11.38
N LEU B 36 -16.12 -7.75 -11.65
CA LEU B 36 -15.08 -7.96 -10.67
C LEU B 36 -13.73 -7.52 -11.24
N SER B 37 -12.97 -6.83 -10.40
CA SER B 37 -11.80 -6.11 -10.86
C SER B 37 -10.61 -7.03 -11.08
N ALA B 38 -9.76 -6.63 -12.02
CA ALA B 38 -8.40 -7.15 -12.15
C ALA B 38 -7.59 -6.00 -12.75
N LEU B 39 -6.93 -5.24 -11.89
CA LEU B 39 -6.25 -4.02 -12.30
C LEU B 39 -4.75 -4.24 -12.20
N ARG B 40 -4.03 -4.05 -13.30
CA ARG B 40 -2.59 -4.00 -13.20
C ARG B 40 -2.20 -2.79 -12.38
N THR B 41 -1.61 -3.04 -11.22
CA THR B 41 -1.08 -1.98 -10.39
C THR B 41 0.44 -1.95 -10.39
N GLY B 42 1.08 -3.08 -10.66
CA GLY B 42 2.53 -3.11 -10.72
C GLY B 42 3.07 -4.03 -11.78
N TRP B 43 4.37 -4.31 -11.73
CA TRP B 43 5.02 -5.20 -12.68
C TRP B 43 5.88 -6.21 -11.94
N TYR B 44 6.03 -7.39 -12.53
CA TYR B 44 7.09 -8.31 -12.14
C TYR B 44 7.94 -8.60 -13.37
N THR B 45 9.24 -8.39 -13.25
CA THR B 45 10.17 -8.61 -14.34
C THR B 45 11.04 -9.82 -14.05
N SER B 46 11.15 -10.71 -15.03
CA SER B 46 12.03 -11.85 -14.93
C SER B 46 12.92 -11.90 -16.16
N VAL B 47 13.97 -12.71 -16.09
CA VAL B 47 15.00 -12.78 -17.12
C VAL B 47 14.92 -14.14 -17.79
N ILE B 48 14.75 -14.15 -19.11
CA ILE B 48 14.71 -15.38 -19.90
C ILE B 48 16.01 -15.49 -20.68
N THR B 49 16.59 -16.70 -20.68
CA THR B 49 17.88 -16.93 -21.30
C THR B 49 17.80 -18.09 -22.28
N ILE B 50 18.60 -18.00 -23.34
CA ILE B 50 18.84 -19.07 -24.29
C ILE B 50 20.34 -19.24 -24.42
N GLU B 51 20.81 -20.48 -24.30
CA GLU B 51 22.23 -20.74 -24.44
C GLU B 51 22.60 -20.91 -25.90
N LEU B 52 23.64 -20.20 -26.31
CA LEU B 52 24.16 -20.27 -27.67
C LEU B 52 25.59 -20.77 -27.62
N SER B 53 26.00 -21.45 -28.68
CA SER B 53 27.41 -21.50 -29.02
C SER B 53 27.66 -20.36 -30.00
N ASN B 54 28.76 -19.63 -29.78
CA ASN B 54 29.12 -18.55 -30.70
C ASN B 54 30.09 -19.07 -31.74
N ILE B 55 29.78 -20.30 -32.15
CA ILE B 55 30.52 -21.06 -33.14
C ILE B 55 30.81 -20.22 -34.38
N LYS B 56 31.99 -20.46 -34.96
CA LYS B 56 32.47 -19.80 -36.16
C LYS B 56 32.04 -20.57 -37.42
N GLU B 57 32.33 -19.98 -38.58
CA GLU B 57 31.74 -20.42 -39.83
C GLU B 57 32.12 -21.88 -40.13
N PRO B 58 31.19 -22.68 -40.66
CA PRO B 58 31.52 -24.07 -41.02
C PRO B 58 32.62 -24.15 -42.07
N LYS B 59 33.68 -24.88 -41.74
CA LYS B 59 34.78 -25.13 -42.65
C LYS B 59 34.70 -26.50 -43.30
N CYS B 60 33.59 -27.21 -43.12
CA CYS B 60 33.43 -28.53 -43.73
C CYS B 60 33.45 -28.44 -45.25
N ASN B 61 34.04 -29.45 -45.89
CA ASN B 61 34.33 -29.43 -47.32
C ASN B 61 33.18 -29.97 -48.16
N GLY B 62 32.71 -31.19 -47.85
CA GLY B 62 31.84 -31.92 -48.76
C GLY B 62 30.51 -31.22 -49.01
N THR B 63 29.80 -31.73 -50.02
CA THR B 63 28.56 -31.12 -50.50
C THR B 63 27.47 -32.16 -50.69
N ASP B 64 27.24 -32.99 -49.66
CA ASP B 64 26.04 -33.80 -49.66
C ASP B 64 24.79 -32.92 -49.51
N ALA B 65 23.64 -33.50 -49.84
CA ALA B 65 22.39 -32.75 -49.73
C ALA B 65 22.09 -32.39 -48.28
N LYS B 66 22.16 -33.38 -47.38
CA LYS B 66 21.90 -33.11 -45.96
C LYS B 66 22.92 -32.14 -45.39
N VAL B 67 24.18 -32.26 -45.82
CA VAL B 67 25.21 -31.33 -45.39
C VAL B 67 24.86 -29.92 -45.83
N LYS B 68 24.35 -29.77 -47.05
CA LYS B 68 23.89 -28.46 -47.52
C LYS B 68 22.78 -27.93 -46.62
N LEU B 69 21.80 -28.77 -46.29
CA LEU B 69 20.68 -28.34 -45.46
C LEU B 69 21.17 -27.85 -44.10
N ILE B 70 22.07 -28.61 -43.48
CA ILE B 70 22.55 -28.23 -42.15
C ILE B 70 23.42 -26.98 -42.21
N LYS B 71 24.23 -26.84 -43.25
CA LYS B 71 25.01 -25.61 -43.42
C LYS B 71 24.09 -24.41 -43.57
N GLN B 72 22.99 -24.55 -44.31
CA GLN B 72 22.04 -23.45 -44.45
C GLN B 72 21.39 -23.11 -43.12
N GLU B 73 21.02 -24.12 -42.33
CA GLU B 73 20.43 -23.85 -41.02
C GLU B 73 21.42 -23.17 -40.09
N LEU B 74 22.69 -23.60 -40.12
CA LEU B 74 23.71 -22.93 -39.33
C LEU B 74 23.90 -21.48 -39.80
N ASP B 75 23.77 -21.24 -41.10
CA ASP B 75 23.83 -19.87 -41.62
C ASP B 75 22.71 -19.02 -41.05
N LYS B 76 21.48 -19.57 -41.05
CA LYS B 76 20.36 -18.86 -40.43
C LYS B 76 20.64 -18.55 -38.97
N TYR B 77 21.24 -19.52 -38.26
CA TYR B 77 21.56 -19.34 -36.84
C TYR B 77 22.56 -18.19 -36.64
N LYS B 78 23.63 -18.18 -37.44
CA LYS B 78 24.63 -17.12 -37.32
C LYS B 78 24.03 -15.76 -37.67
N ASN B 79 23.17 -15.72 -38.68
CA ASN B 79 22.53 -14.46 -39.06
C ASN B 79 21.62 -13.95 -37.95
N ALA B 80 20.89 -14.86 -37.29
CA ALA B 80 20.06 -14.45 -36.15
C ALA B 80 20.92 -13.90 -35.02
N VAL B 81 22.06 -14.54 -34.77
CA VAL B 81 22.96 -14.02 -33.73
C VAL B 81 23.45 -12.62 -34.09
N THR B 82 23.79 -12.41 -35.37
CA THR B 82 24.27 -11.09 -35.80
C THR B 82 23.20 -10.02 -35.64
N GLU B 83 21.96 -10.33 -36.07
CA GLU B 83 20.87 -9.38 -35.91
C GLU B 83 20.64 -9.05 -34.44
N LEU B 84 20.63 -10.07 -33.58
CA LEU B 84 20.40 -9.83 -32.16
C LEU B 84 21.54 -9.02 -31.55
N GLN B 85 22.77 -9.19 -32.04
CA GLN B 85 23.86 -8.35 -31.57
C GLN B 85 23.65 -6.89 -31.98
N LEU B 86 23.19 -6.66 -33.21
CA LEU B 86 22.89 -5.30 -33.62
C LEU B 86 21.80 -4.69 -32.74
N LEU B 87 20.78 -5.49 -32.40
CA LEU B 87 19.74 -5.01 -31.50
C LEU B 87 20.26 -4.78 -30.08
N MET B 88 21.29 -5.53 -29.65
CA MET B 88 21.74 -5.51 -28.26
C MET B 88 22.03 -4.09 -27.80
N GLN B 89 22.83 -3.35 -28.56
CA GLN B 89 22.82 -1.90 -28.39
C GLN B 89 22.96 -1.24 -29.77
N SER B 90 21.80 -1.04 -30.40
CA SER B 90 21.55 0.13 -31.23
C SER B 90 20.71 1.14 -30.48
N GLY B 91 19.70 0.66 -29.73
CA GLY B 91 19.10 1.41 -28.65
C GLY B 91 18.83 0.54 -27.43
N GLY B 92 19.06 -0.77 -27.55
CA GLY B 92 18.69 -1.68 -26.49
C GLY B 92 17.22 -2.05 -26.55
N GLY B 93 16.60 -2.14 -25.38
CA GLY B 93 15.18 -2.35 -25.31
C GLY B 93 14.40 -1.07 -25.56
N SER B 105 -0.88 5.38 -25.70
CA SER B 105 -2.07 5.89 -26.36
C SER B 105 -1.69 6.85 -27.51
N PHE B 107 -2.65 11.24 -26.59
CA PHE B 107 -1.26 11.11 -26.19
C PHE B 107 -1.24 9.95 -25.24
N PRO B 108 -1.79 10.12 -24.02
CA PRO B 108 -3.06 10.05 -23.29
C PRO B 108 -3.94 11.23 -23.46
N PRO B 109 -5.18 11.09 -23.04
CA PRO B 109 -5.99 12.29 -23.03
C PRO B 109 -5.79 13.14 -21.79
N PHE B 110 -6.91 13.53 -21.20
CA PHE B 110 -6.96 14.55 -20.18
C PHE B 110 -7.93 14.21 -19.09
N PRO B 111 -7.60 14.56 -17.88
CA PRO B 111 -6.26 14.91 -17.45
C PRO B 111 -5.47 13.73 -17.06
N LEU B 112 -5.63 12.66 -17.80
CA LEU B 112 -4.88 11.47 -17.59
C LEU B 112 -3.41 11.78 -17.71
N GLY B 113 -2.63 10.99 -17.02
CA GLY B 113 -1.22 11.16 -17.01
C GLY B 113 -0.47 10.27 -17.92
N VAL B 114 0.82 10.52 -17.97
CA VAL B 114 1.64 9.95 -18.96
C VAL B 114 2.73 9.17 -18.26
N GLY B 115 2.67 7.86 -18.37
CA GLY B 115 3.63 6.97 -17.76
C GLY B 115 4.71 6.52 -18.71
N SER B 116 5.46 5.49 -18.29
CA SER B 116 6.54 4.89 -19.08
C SER B 116 6.44 3.38 -18.86
N ALA B 117 5.73 2.70 -19.76
CA ALA B 117 5.22 1.37 -19.46
C ALA B 117 6.35 0.37 -19.20
N ILE B 118 7.43 0.44 -19.97
CA ILE B 118 8.51 -0.54 -19.84
C ILE B 118 9.70 0.03 -19.07
N ALA B 119 9.48 1.02 -18.21
CA ALA B 119 10.60 1.61 -17.46
C ALA B 119 11.26 0.58 -16.57
N SER B 120 10.48 -0.23 -15.86
CA SER B 120 11.03 -1.20 -14.93
C SER B 120 11.84 -2.29 -15.66
N GLY B 121 11.25 -2.89 -16.69
CA GLY B 121 11.95 -3.93 -17.43
C GLY B 121 13.23 -3.40 -18.08
N VAL B 122 13.17 -2.18 -18.62
CA VAL B 122 14.36 -1.59 -19.22
C VAL B 122 15.42 -1.32 -18.16
N ALA B 123 15.00 -0.95 -16.94
CA ALA B 123 15.97 -0.83 -15.85
C ALA B 123 16.67 -2.15 -15.59
N VAL B 124 15.91 -3.25 -15.58
CA VAL B 124 16.53 -4.57 -15.40
C VAL B 124 17.51 -4.86 -16.54
N SER B 125 17.13 -4.53 -17.77
CA SER B 125 18.02 -4.73 -18.90
C SER B 125 19.32 -3.94 -18.75
N LYS B 126 19.20 -2.68 -18.31
CA LYS B 126 20.38 -1.86 -18.06
C LYS B 126 21.28 -2.49 -17.01
N VAL B 127 20.68 -3.11 -15.99
CA VAL B 127 21.49 -3.86 -15.02
C VAL B 127 22.23 -4.99 -15.71
N LEU B 128 21.53 -5.73 -16.58
CA LEU B 128 22.16 -6.86 -17.26
C LEU B 128 23.34 -6.42 -18.13
N HIS B 129 23.30 -5.21 -18.67
CA HIS B 129 24.42 -4.75 -19.49
C HIS B 129 25.72 -4.60 -18.69
N LEU B 130 25.64 -4.44 -17.37
CA LEU B 130 26.85 -4.26 -16.57
C LEU B 130 27.72 -5.51 -16.60
N GLU B 131 29.03 -5.30 -16.72
CA GLU B 131 29.97 -6.41 -16.86
C GLU B 131 29.92 -7.32 -15.65
N GLY B 132 29.94 -8.63 -15.91
CA GLY B 132 29.91 -9.64 -14.87
C GLY B 132 28.54 -10.17 -14.52
N GLU B 133 27.48 -9.37 -14.73
CA GLU B 133 26.12 -9.80 -14.40
C GLU B 133 25.73 -11.02 -15.22
N VAL B 134 26.05 -10.99 -16.52
CA VAL B 134 25.79 -12.13 -17.38
C VAL B 134 26.45 -13.39 -16.83
N ASN B 135 27.64 -13.24 -16.26
CA ASN B 135 28.33 -14.38 -15.66
C ASN B 135 27.57 -14.90 -14.44
N LYS B 136 27.03 -14.02 -13.61
CA LYS B 136 26.24 -14.47 -12.46
C LYS B 136 25.04 -15.29 -12.92
N ILE B 137 24.31 -14.78 -13.92
CA ILE B 137 23.14 -15.51 -14.41
C ILE B 137 23.55 -16.82 -15.07
N LYS B 138 24.67 -16.81 -15.80
CA LYS B 138 25.16 -18.01 -16.47
C LYS B 138 25.57 -19.08 -15.48
N SER B 139 26.11 -18.68 -14.33
CA SER B 139 26.48 -19.64 -13.29
C SER B 139 25.26 -20.15 -12.54
N ALA B 140 24.29 -19.28 -12.25
CA ALA B 140 23.08 -19.74 -11.57
C ALA B 140 22.34 -20.80 -12.39
N LEU B 141 22.55 -20.84 -13.69
CA LEU B 141 21.94 -21.84 -14.56
C LEU B 141 22.94 -22.87 -15.06
N LEU B 142 24.11 -22.96 -14.41
CA LEU B 142 25.03 -24.06 -14.69
C LEU B 142 24.37 -25.41 -14.43
N SER B 143 23.73 -25.54 -13.28
CA SER B 143 23.15 -26.81 -12.82
C SER B 143 21.65 -26.91 -13.04
N THR B 144 20.94 -25.79 -13.10
CA THR B 144 19.48 -25.79 -13.14
C THR B 144 19.01 -24.84 -14.22
N ASN B 145 17.76 -25.03 -14.66
CA ASN B 145 17.16 -24.22 -15.70
C ASN B 145 16.19 -23.18 -15.15
N LYS B 146 16.20 -22.95 -13.83
CA LYS B 146 15.32 -21.96 -13.22
C LYS B 146 15.88 -21.63 -11.84
N ALA B 147 16.29 -20.38 -11.63
CA ALA B 147 16.90 -19.98 -10.37
C ALA B 147 16.71 -18.49 -10.15
N VAL B 148 16.59 -18.11 -8.87
CA VAL B 148 16.54 -16.69 -8.52
C VAL B 148 17.95 -16.14 -8.46
N VAL B 149 18.16 -14.99 -9.08
CA VAL B 149 19.49 -14.37 -9.17
C VAL B 149 19.43 -12.98 -8.56
N SER B 150 20.43 -12.68 -7.73
CA SER B 150 20.62 -11.35 -7.18
C SER B 150 21.50 -10.53 -8.12
N LEU B 151 21.05 -9.35 -8.47
CA LEU B 151 21.77 -8.47 -9.37
C LEU B 151 22.51 -7.40 -8.58
N SER B 152 23.36 -6.63 -9.27
CA SER B 152 24.23 -5.68 -8.59
C SER B 152 23.44 -4.65 -7.78
N ASN B 153 22.21 -4.34 -8.21
CA ASN B 153 21.36 -3.45 -7.41
C ASN B 153 20.60 -4.19 -6.32
N GLY B 154 20.94 -5.45 -6.05
CA GLY B 154 20.35 -6.21 -4.97
C GLY B 154 18.97 -6.76 -5.22
N VAL B 155 18.38 -6.50 -6.39
CA VAL B 155 17.05 -7.01 -6.69
C VAL B 155 17.15 -8.45 -7.18
N SER B 156 16.38 -9.33 -6.55
CA SER B 156 16.30 -10.73 -6.96
C SER B 156 15.27 -10.87 -8.07
N VAL B 157 15.66 -11.52 -9.16
CA VAL B 157 14.75 -11.80 -10.27
C VAL B 157 14.79 -13.29 -10.56
N LEU B 158 13.63 -13.86 -10.90
CA LEU B 158 13.60 -15.21 -11.43
C LEU B 158 14.38 -15.26 -12.75
N THR B 159 15.00 -16.39 -13.02
CA THR B 159 15.79 -16.56 -14.23
C THR B 159 15.51 -17.95 -14.78
N SER B 160 15.26 -18.02 -16.09
CA SER B 160 14.95 -19.28 -16.73
C SER B 160 15.89 -19.51 -17.91
N LYS B 161 16.22 -20.76 -18.14
CA LYS B 161 16.86 -21.21 -19.37
C LYS B 161 15.80 -22.00 -20.14
N VAL B 162 15.29 -21.41 -21.22
CA VAL B 162 14.20 -22.00 -21.98
C VAL B 162 14.69 -22.72 -23.23
N LEU B 163 15.98 -22.62 -23.57
CA LEU B 163 16.50 -23.25 -24.77
C LEU B 163 18.01 -23.35 -24.71
N ASP B 164 18.57 -24.55 -24.92
CA ASP B 164 20.01 -24.75 -24.90
C ASP B 164 20.45 -25.23 -26.27
N LEU B 165 20.67 -24.28 -27.19
CA LEU B 165 21.21 -24.60 -28.49
C LEU B 165 22.71 -24.90 -28.40
N LYS B 166 23.37 -24.33 -27.39
CA LYS B 166 24.79 -24.58 -27.19
C LYS B 166 25.08 -26.07 -27.14
N ASN B 167 24.35 -26.80 -26.30
CA ASN B 167 24.60 -28.23 -26.17
C ASN B 167 24.28 -28.98 -27.47
N TYR B 168 23.14 -28.68 -28.10
CA TYR B 168 22.78 -29.42 -29.31
C TYR B 168 23.81 -29.22 -30.40
N ILE B 169 24.14 -27.96 -30.72
CA ILE B 169 25.10 -27.69 -31.78
C ILE B 169 26.46 -28.28 -31.42
N ASP B 170 26.91 -28.11 -30.18
CA ASP B 170 28.26 -28.51 -29.82
C ASP B 170 28.40 -30.03 -29.78
N LYS B 171 27.34 -30.75 -29.43
CA LYS B 171 27.44 -32.19 -29.22
C LYS B 171 26.90 -33.01 -30.39
N GLN B 172 26.21 -32.39 -31.35
CA GLN B 172 25.77 -33.15 -32.52
C GLN B 172 26.01 -32.45 -33.85
N LEU B 173 26.49 -31.21 -33.86
CA LEU B 173 26.66 -30.46 -35.10
C LEU B 173 28.10 -30.05 -35.35
N LEU B 174 28.82 -29.60 -34.32
CA LEU B 174 30.26 -29.42 -34.46
C LEU B 174 30.99 -30.72 -34.82
N PRO B 175 30.68 -31.88 -34.19
CA PRO B 175 31.38 -33.11 -34.56
C PRO B 175 31.48 -33.31 -36.07
N ILE B 176 30.42 -32.95 -36.81
CA ILE B 176 30.34 -33.26 -38.22
C ILE B 176 30.54 -32.03 -39.11
N VAL B 177 31.00 -30.91 -38.55
CA VAL B 177 31.28 -29.76 -39.40
C VAL B 177 32.66 -29.16 -39.14
N ASN B 178 33.15 -29.28 -37.90
CA ASN B 178 34.53 -28.88 -37.63
C ASN B 178 35.50 -29.79 -38.38
N LYS B 179 35.07 -31.04 -38.63
CA LYS B 179 35.87 -32.01 -39.36
C LYS B 179 36.28 -31.50 -40.72
N GLN B 180 37.47 -31.91 -41.15
CA GLN B 180 37.89 -31.67 -42.52
C GLN B 180 36.91 -32.32 -43.51
N SER B 181 36.47 -33.55 -43.20
CA SER B 181 35.65 -34.36 -44.09
C SER B 181 34.16 -34.32 -43.77
N CYS B 182 33.81 -34.01 -42.52
CA CYS B 182 32.46 -33.62 -42.11
C CYS B 182 31.43 -34.70 -42.47
N SER B 183 31.49 -35.79 -41.68
CA SER B 183 30.56 -36.90 -41.81
C SER B 183 29.12 -36.44 -42.00
N ILE B 184 28.39 -37.21 -42.80
CA ILE B 184 27.00 -36.94 -43.19
C ILE B 184 26.14 -36.88 -41.94
N PRO B 185 25.10 -36.04 -41.91
CA PRO B 185 24.15 -36.06 -40.80
C PRO B 185 22.99 -37.00 -41.08
N PRO B 186 22.33 -37.49 -40.05
CA PRO B 186 21.02 -38.14 -40.25
C PRO B 186 19.99 -37.12 -40.66
N ILE B 187 18.95 -37.58 -41.36
CA ILE B 187 17.82 -36.70 -41.64
C ILE B 187 17.13 -36.30 -40.34
N GLU B 188 17.23 -37.16 -39.32
CA GLU B 188 16.60 -36.87 -38.04
C GLU B 188 17.20 -35.64 -37.37
N THR B 189 18.52 -35.53 -37.38
CA THR B 189 19.13 -34.33 -36.80
C THR B 189 18.94 -33.10 -37.66
N VAL B 190 18.78 -33.26 -38.98
CA VAL B 190 18.40 -32.14 -39.83
C VAL B 190 17.06 -31.57 -39.38
N ILE B 191 16.06 -32.43 -39.24
CA ILE B 191 14.73 -31.98 -38.84
C ILE B 191 14.76 -31.42 -37.42
N GLU B 192 15.49 -32.08 -36.52
CA GLU B 192 15.53 -31.62 -35.14
C GLU B 192 16.25 -30.28 -35.00
N PHE B 193 17.31 -30.06 -35.77
CA PHE B 193 17.97 -28.75 -35.75
C PHE B 193 17.05 -27.67 -36.29
N GLN B 194 16.29 -27.97 -37.35
CA GLN B 194 15.26 -27.03 -37.79
C GLN B 194 14.33 -26.68 -36.63
N GLN B 195 13.82 -27.71 -35.94
CA GLN B 195 12.89 -27.49 -34.84
C GLN B 195 13.50 -26.59 -33.77
N LYS B 196 14.72 -26.89 -33.35
CA LYS B 196 15.31 -26.16 -32.21
C LYS B 196 15.69 -24.74 -32.60
N ASN B 197 16.28 -24.55 -33.78
CA ASN B 197 16.70 -23.22 -34.23
C ASN B 197 15.51 -22.33 -34.60
N ASN B 198 14.35 -22.94 -34.85
CA ASN B 198 13.18 -22.17 -35.24
C ASN B 198 12.76 -21.17 -34.15
N ARG B 199 12.82 -21.56 -32.89
CA ARG B 199 12.43 -20.66 -31.82
C ARG B 199 13.31 -19.42 -31.78
N LEU B 200 14.62 -19.61 -31.91
CA LEU B 200 15.54 -18.47 -31.97
C LEU B 200 15.22 -17.59 -33.17
N LEU B 201 14.96 -18.19 -34.33
CA LEU B 201 14.66 -17.40 -35.51
C LEU B 201 13.40 -16.56 -35.32
N GLU B 202 12.37 -17.14 -34.70
CA GLU B 202 11.12 -16.41 -34.51
C GLU B 202 11.26 -15.29 -33.48
N ILE B 203 12.01 -15.55 -32.41
CA ILE B 203 12.28 -14.49 -31.44
C ILE B 203 13.01 -13.34 -32.12
N THR B 204 14.01 -13.65 -32.95
CA THR B 204 14.74 -12.63 -33.68
C THR B 204 13.83 -11.84 -34.60
N ARG B 205 12.93 -12.54 -35.31
CA ARG B 205 11.97 -11.85 -36.18
C ARG B 205 11.14 -10.85 -35.38
N GLU B 206 10.51 -11.32 -34.29
CA GLU B 206 9.66 -10.44 -33.50
C GLU B 206 10.44 -9.24 -32.97
N PHE B 207 11.71 -9.42 -32.66
CA PHE B 207 12.50 -8.30 -32.16
C PHE B 207 12.92 -7.34 -33.28
N SER B 208 13.17 -7.84 -34.49
CA SER B 208 13.69 -6.99 -35.55
C SER B 208 12.66 -5.97 -36.03
N VAL B 209 11.38 -6.35 -36.09
CA VAL B 209 10.34 -5.47 -36.58
C VAL B 209 9.63 -4.73 -35.44
N ASN B 210 10.16 -4.81 -34.22
CA ASN B 210 9.59 -4.10 -33.09
C ASN B 210 10.63 -3.34 -32.27
N ALA B 211 11.85 -3.17 -32.82
CA ALA B 211 12.93 -2.45 -32.15
C ALA B 211 13.25 -3.05 -30.78
N GLY B 212 13.04 -4.36 -30.63
CA GLY B 212 13.42 -5.06 -29.43
C GLY B 212 12.46 -4.95 -28.27
N VAL B 213 11.23 -4.49 -28.50
CA VAL B 213 10.19 -4.43 -27.47
C VAL B 213 8.90 -4.94 -28.10
N THR B 214 8.48 -6.15 -27.71
CA THR B 214 7.31 -6.80 -28.29
C THR B 214 6.22 -6.96 -27.24
N THR B 215 5.00 -6.54 -27.59
CA THR B 215 3.79 -6.81 -26.86
C THR B 215 2.71 -7.06 -27.91
N PRO B 216 1.89 -8.10 -27.77
CA PRO B 216 1.86 -9.13 -26.70
C PRO B 216 3.11 -10.00 -26.64
N VAL B 217 3.28 -10.76 -25.55
CA VAL B 217 4.38 -11.70 -25.43
C VAL B 217 3.96 -12.98 -26.13
N SER B 218 4.58 -13.26 -27.28
CA SER B 218 4.18 -14.39 -28.10
C SER B 218 4.51 -15.71 -27.42
N THR B 219 3.93 -16.78 -27.95
CA THR B 219 4.27 -18.12 -27.46
C THR B 219 5.71 -18.49 -27.75
N TYR B 220 6.37 -17.80 -28.69
CA TYR B 220 7.79 -18.03 -28.94
C TYR B 220 8.66 -17.37 -27.87
N MET B 221 8.27 -16.19 -27.41
CA MET B 221 8.99 -15.56 -26.30
C MET B 221 8.92 -16.42 -25.04
N LEU B 222 7.73 -16.94 -24.75
CA LEU B 222 7.47 -17.62 -23.48
C LEU B 222 6.29 -18.55 -23.72
N THR B 223 6.55 -19.85 -23.69
CA THR B 223 5.50 -20.82 -23.97
C THR B 223 4.45 -20.79 -22.86
N ASN B 224 3.33 -21.47 -23.12
CA ASN B 224 2.26 -21.53 -22.14
C ASN B 224 2.72 -22.21 -20.86
N SER B 225 3.46 -23.31 -20.99
CA SER B 225 3.97 -24.00 -19.81
C SER B 225 5.03 -23.17 -19.10
N GLU B 226 5.93 -22.52 -19.86
CA GLU B 226 6.92 -21.65 -19.24
C GLU B 226 6.25 -20.50 -18.51
N LEU B 227 5.23 -19.89 -19.13
CA LEU B 227 4.52 -18.80 -18.48
C LEU B 227 3.80 -19.28 -17.22
N LEU B 228 3.21 -20.47 -17.26
CA LEU B 228 2.50 -20.96 -16.08
C LEU B 228 3.47 -21.28 -14.95
N SER B 229 4.63 -21.86 -15.25
CA SER B 229 5.65 -22.06 -14.22
C SER B 229 6.11 -20.73 -13.65
N LEU B 230 6.34 -19.76 -14.52
CA LEU B 230 6.79 -18.44 -14.07
C LEU B 230 5.75 -17.79 -13.17
N ILE B 231 4.47 -17.90 -13.53
CA ILE B 231 3.40 -17.38 -12.68
C ILE B 231 3.41 -18.08 -11.33
N ASN B 232 3.54 -19.42 -11.34
CA ASN B 232 3.52 -20.18 -10.11
C ASN B 232 4.69 -19.85 -9.19
N ASP B 233 5.81 -19.37 -9.75
CA ASP B 233 6.96 -19.00 -8.94
C ASP B 233 6.96 -17.55 -8.50
N MET B 234 5.99 -16.74 -8.94
CA MET B 234 6.02 -15.31 -8.64
C MET B 234 5.68 -15.04 -7.18
N PRO B 235 6.26 -13.98 -6.59
CA PRO B 235 5.93 -13.62 -5.20
C PRO B 235 4.57 -12.96 -5.09
N ILE B 236 3.50 -13.72 -5.29
CA ILE B 236 2.14 -13.18 -5.31
C ILE B 236 1.22 -14.10 -4.51
N THR B 237 0.09 -13.53 -4.08
CA THR B 237 -0.91 -14.31 -3.38
C THR B 237 -1.45 -15.43 -4.27
N ASN B 238 -2.04 -16.44 -3.64
CA ASN B 238 -2.54 -17.59 -4.39
C ASN B 238 -3.63 -17.18 -5.37
N ASP B 239 -4.49 -16.25 -4.96
CA ASP B 239 -5.59 -15.82 -5.82
C ASP B 239 -5.07 -15.19 -7.10
N GLN B 240 -4.02 -14.38 -7.01
CA GLN B 240 -3.41 -13.80 -8.20
C GLN B 240 -2.86 -14.89 -9.12
N LYS B 241 -2.21 -15.90 -8.53
CA LYS B 241 -1.70 -17.03 -9.31
C LYS B 241 -2.83 -17.70 -10.08
N LYS B 242 -3.94 -17.97 -9.39
CA LYS B 242 -5.08 -18.62 -10.04
C LYS B 242 -5.63 -17.76 -11.18
N LEU B 243 -5.80 -16.46 -10.93
CA LEU B 243 -6.34 -15.57 -11.95
C LEU B 243 -5.45 -15.53 -13.19
N MET B 244 -4.15 -15.34 -12.98
CA MET B 244 -3.22 -15.28 -14.11
C MET B 244 -3.20 -16.59 -14.88
N SER B 245 -3.20 -17.72 -14.15
CA SER B 245 -3.17 -19.02 -14.81
C SER B 245 -4.42 -19.23 -15.64
N ASN B 246 -5.56 -18.73 -15.17
CA ASN B 246 -6.80 -18.89 -15.93
C ASN B 246 -7.00 -17.84 -17.01
N ASN B 247 -6.20 -16.77 -17.03
CA ASN B 247 -6.34 -15.76 -18.07
C ASN B 247 -5.01 -15.41 -18.73
N VAL B 248 -4.13 -16.40 -18.88
CA VAL B 248 -2.92 -16.30 -19.71
C VAL B 248 -3.12 -15.46 -20.98
N PRO B 249 -4.20 -15.64 -21.76
CA PRO B 249 -4.37 -14.77 -22.95
C PRO B 249 -4.41 -13.28 -22.62
N ILE B 250 -5.02 -12.89 -21.50
CA ILE B 250 -5.00 -11.48 -21.10
C ILE B 250 -3.62 -11.09 -20.59
N VAL B 251 -2.97 -11.98 -19.85
CA VAL B 251 -1.65 -11.69 -19.30
C VAL B 251 -0.66 -11.41 -20.44
N ARG B 252 -0.75 -12.17 -21.53
CA ARG B 252 0.12 -11.96 -22.66
C ARG B 252 -0.08 -10.59 -23.29
N GLN B 253 -1.34 -10.16 -23.39
CA GLN B 253 -1.64 -8.85 -23.95
C GLN B 253 -1.12 -7.73 -23.07
N GLN B 254 -1.07 -7.94 -21.74
CA GLN B 254 -0.63 -6.93 -20.80
C GLN B 254 0.81 -7.11 -20.38
N SER B 255 1.62 -7.80 -21.19
CA SER B 255 3.00 -8.08 -20.88
C SER B 255 3.91 -7.57 -22.00
N TYR B 256 5.18 -7.41 -21.67
CA TYR B 256 6.19 -7.01 -22.63
C TYR B 256 7.36 -7.98 -22.60
N SER B 257 7.94 -8.22 -23.77
CA SER B 257 9.23 -8.89 -23.90
C SER B 257 10.25 -7.87 -24.37
N ILE B 258 11.29 -7.65 -23.58
CA ILE B 258 12.28 -6.62 -23.85
C ILE B 258 13.61 -7.29 -24.12
N MET B 259 14.15 -7.09 -25.32
CA MET B 259 15.47 -7.59 -25.65
C MET B 259 16.52 -6.90 -24.80
N SER B 260 17.41 -7.68 -24.18
CA SER B 260 18.40 -7.10 -23.28
C SER B 260 19.82 -7.24 -23.78
N ILE B 261 20.36 -8.46 -23.95
CA ILE B 261 21.76 -8.63 -24.28
C ILE B 261 21.97 -9.96 -25.00
N ILE B 262 23.06 -10.03 -25.76
CA ILE B 262 23.56 -11.28 -26.28
C ILE B 262 25.08 -11.26 -26.17
N LYS B 263 25.61 -11.94 -25.14
CA LYS B 263 27.04 -12.01 -24.94
C LYS B 263 27.35 -13.22 -24.07
N GLU B 264 28.62 -13.60 -24.05
CA GLU B 264 29.10 -14.73 -23.24
C GLU B 264 28.33 -16.00 -23.57
N GLU B 265 28.01 -16.18 -24.84
CA GLU B 265 27.26 -17.34 -25.31
C GLU B 265 25.90 -17.46 -24.63
N VAL B 266 25.28 -16.34 -24.27
CA VAL B 266 23.91 -16.34 -23.76
C VAL B 266 23.16 -15.19 -24.42
N LEU B 267 21.93 -15.47 -24.84
CA LEU B 267 20.97 -14.45 -25.24
C LEU B 267 19.97 -14.28 -24.11
N ALA B 268 19.79 -13.06 -23.63
CA ALA B 268 18.90 -12.83 -22.51
C ALA B 268 17.97 -11.67 -22.83
N TYR B 269 16.69 -11.86 -22.55
CA TYR B 269 15.69 -10.83 -22.68
C TYR B 269 14.81 -10.78 -21.44
N VAL B 270 14.35 -9.59 -21.10
CA VAL B 270 13.53 -9.37 -19.93
C VAL B 270 12.06 -9.50 -20.31
N VAL B 271 11.33 -10.33 -19.58
CA VAL B 271 9.88 -10.40 -19.69
C VAL B 271 9.26 -9.64 -18.53
N GLN B 272 8.27 -8.82 -18.84
CA GLN B 272 7.63 -7.94 -17.88
C GLN B 272 6.16 -8.28 -17.82
N LEU B 273 5.73 -8.95 -16.74
CA LEU B 273 4.38 -9.44 -16.54
C LEU B 273 3.58 -8.50 -15.65
N PRO B 274 2.28 -8.37 -15.90
CA PRO B 274 1.46 -7.51 -15.04
C PRO B 274 1.36 -8.07 -13.64
N LEU B 275 1.19 -7.18 -12.67
CA LEU B 275 1.03 -7.55 -11.27
C LEU B 275 -0.28 -6.92 -10.80
N TYR B 276 -1.27 -7.76 -10.52
CA TYR B 276 -2.65 -7.35 -10.29
C TYR B 276 -2.85 -7.09 -8.80
N GLY B 277 -2.59 -5.85 -8.38
CA GLY B 277 -2.73 -5.49 -6.99
C GLY B 277 -4.16 -5.38 -6.51
N VAL B 278 -5.12 -5.21 -7.42
CA VAL B 278 -6.53 -5.09 -7.10
C VAL B 278 -7.27 -6.27 -7.71
N ILE B 279 -7.95 -7.04 -6.89
CA ILE B 279 -8.67 -8.22 -7.35
C ILE B 279 -9.97 -8.34 -6.57
N ASP B 280 -11.06 -8.64 -7.28
CA ASP B 280 -12.37 -8.94 -6.73
C ASP B 280 -13.02 -7.76 -6.02
N THR B 281 -12.63 -6.54 -6.36
CA THR B 281 -13.46 -5.41 -5.96
C THR B 281 -14.57 -5.20 -6.99
N PRO B 282 -15.69 -4.61 -6.59
CA PRO B 282 -16.77 -4.36 -7.55
C PRO B 282 -16.37 -3.36 -8.62
N CYS B 283 -16.94 -3.57 -9.81
CA CYS B 283 -16.79 -2.67 -10.94
C CYS B 283 -18.14 -2.45 -11.60
N TRP B 284 -18.25 -1.33 -12.30
CA TRP B 284 -19.45 -1.02 -13.07
C TRP B 284 -19.08 -0.17 -14.28
N LYS B 285 -19.89 -0.26 -15.33
CA LYS B 285 -19.63 0.45 -16.58
C LYS B 285 -20.74 1.46 -16.84
N LEU B 286 -20.36 2.71 -17.05
CA LEU B 286 -21.30 3.80 -17.32
C LEU B 286 -21.35 4.10 -18.80
N HIS B 287 -22.57 4.08 -19.36
CA HIS B 287 -22.85 4.41 -20.74
C HIS B 287 -23.64 5.70 -20.77
N THR B 288 -23.28 6.61 -21.66
CA THR B 288 -23.97 7.89 -21.80
C THR B 288 -24.32 8.15 -23.26
N SER B 289 -25.46 8.80 -23.46
CA SER B 289 -25.98 9.18 -24.77
C SER B 289 -26.60 10.56 -24.64
N PRO B 290 -26.66 11.33 -25.73
CA PRO B 290 -27.15 12.71 -25.63
C PRO B 290 -28.61 12.80 -25.20
N LEU B 291 -28.90 13.81 -24.39
CA LEU B 291 -30.25 14.14 -23.95
C LEU B 291 -30.63 15.50 -24.51
N CYS B 292 -31.65 15.54 -25.36
CA CYS B 292 -32.07 16.77 -26.00
C CYS B 292 -33.58 16.95 -25.86
N THR B 293 -34.01 18.20 -25.93
CA THR B 293 -35.42 18.50 -26.06
C THR B 293 -35.91 18.15 -27.46
N THR B 294 -37.19 17.81 -27.56
CA THR B 294 -37.84 17.60 -28.85
C THR B 294 -38.97 18.56 -29.11
N ASN B 295 -39.37 19.37 -28.12
CA ASN B 295 -40.48 20.32 -28.24
C ASN B 295 -40.45 21.08 -29.56
N THR B 296 -39.26 21.57 -29.92
CA THR B 296 -39.10 22.62 -30.91
C THR B 296 -38.63 22.04 -32.24
N LYS B 297 -38.49 22.92 -33.22
CA LYS B 297 -38.18 22.53 -34.60
C LYS B 297 -36.90 23.21 -35.06
N GLU B 298 -36.06 22.46 -35.77
CA GLU B 298 -34.74 22.90 -36.28
C GLU B 298 -33.85 23.27 -35.09
N GLY B 299 -33.19 24.42 -35.10
CA GLY B 299 -32.13 24.69 -34.15
C GLY B 299 -32.55 25.36 -32.85
N SER B 300 -33.79 25.12 -32.43
CA SER B 300 -34.32 25.69 -31.20
C SER B 300 -34.28 24.71 -30.02
N ASN B 301 -33.67 23.53 -30.20
CA ASN B 301 -33.49 22.58 -29.12
C ASN B 301 -32.17 22.84 -28.41
N ILE B 302 -32.05 22.29 -27.19
CA ILE B 302 -30.81 22.34 -26.42
C ILE B 302 -30.50 20.92 -25.95
N CYS B 303 -29.20 20.64 -25.78
CA CYS B 303 -28.73 19.28 -25.57
C CYS B 303 -27.70 19.21 -24.46
N LEU B 304 -27.71 18.08 -23.76
CA LEU B 304 -26.92 17.84 -22.56
C LEU B 304 -26.54 16.36 -22.51
N THR B 305 -25.26 16.08 -22.26
CA THR B 305 -24.77 14.70 -22.19
C THR B 305 -23.80 14.55 -21.04
N ARG B 306 -23.99 13.51 -20.23
CA ARG B 306 -22.99 13.19 -19.22
C ARG B 306 -21.68 12.77 -19.89
N THR B 307 -20.57 13.21 -19.32
CA THR B 307 -19.26 13.00 -19.94
C THR B 307 -18.39 11.98 -19.22
N ASP B 308 -18.85 11.41 -18.12
CA ASP B 308 -18.02 10.55 -17.27
C ASP B 308 -18.16 9.07 -17.62
N ARG B 309 -18.47 8.74 -18.87
CA ARG B 309 -18.72 7.36 -19.25
C ARG B 309 -17.41 6.56 -19.26
N GLY B 310 -17.53 5.27 -19.00
CA GLY B 310 -16.36 4.41 -18.93
C GLY B 310 -16.46 3.46 -17.76
N TRP B 311 -15.32 2.87 -17.39
CA TRP B 311 -15.28 1.82 -16.37
C TRP B 311 -14.95 2.43 -15.00
N TYR B 312 -15.59 1.92 -13.96
CA TYR B 312 -15.32 2.32 -12.59
C TYR B 312 -15.08 1.08 -11.76
N CYS B 313 -14.09 1.13 -10.89
CA CYS B 313 -13.85 0.01 -9.98
C CYS B 313 -13.51 0.56 -8.60
N ASP B 314 -14.16 0.02 -7.57
CA ASP B 314 -13.78 0.37 -6.21
C ASP B 314 -12.33 -0.03 -5.97
N ASN B 315 -11.56 0.87 -5.36
CA ASN B 315 -10.11 0.67 -5.25
C ASN B 315 -9.61 1.42 -4.03
N ALA B 316 -9.37 0.68 -2.95
CA ALA B 316 -8.65 1.17 -1.77
C ALA B 316 -9.24 2.48 -1.24
N GLY B 317 -10.55 2.44 -0.98
CA GLY B 317 -11.24 3.59 -0.43
C GLY B 317 -11.63 4.65 -1.41
N SER B 318 -11.20 4.54 -2.67
CA SER B 318 -11.54 5.47 -3.73
C SER B 318 -12.19 4.70 -4.88
N VAL B 319 -12.37 5.39 -6.00
CA VAL B 319 -12.92 4.79 -7.20
C VAL B 319 -11.94 5.06 -8.33
N SER B 320 -11.37 4.00 -8.90
CA SER B 320 -10.55 4.14 -10.09
C SER B 320 -11.45 4.22 -11.32
N PHE B 321 -11.25 5.25 -12.13
CA PHE B 321 -12.09 5.53 -13.29
C PHE B 321 -11.23 5.43 -14.55
N PHE B 322 -11.70 4.64 -15.51
CA PHE B 322 -11.03 4.40 -16.77
C PHE B 322 -11.87 5.01 -17.88
N PRO B 323 -11.47 6.16 -18.45
CA PRO B 323 -12.30 6.82 -19.46
C PRO B 323 -12.14 6.25 -20.86
N GLN B 324 -11.07 5.51 -21.14
CA GLN B 324 -10.81 4.98 -22.47
C GLN B 324 -11.31 3.54 -22.53
N ALA B 325 -12.21 3.27 -23.48
CA ALA B 325 -12.74 1.92 -23.65
C ALA B 325 -11.68 0.92 -24.08
N GLU B 326 -10.57 1.38 -24.65
CA GLU B 326 -9.52 0.48 -25.10
C GLU B 326 -8.70 -0.10 -23.95
N THR B 327 -8.52 0.65 -22.87
CA THR B 327 -7.60 0.26 -21.81
C THR B 327 -8.19 -0.76 -20.85
N CYS B 328 -9.31 -1.38 -21.22
CA CYS B 328 -9.91 -2.43 -20.41
C CYS B 328 -10.36 -3.57 -21.30
N LYS B 329 -10.10 -4.78 -20.83
CA LYS B 329 -10.60 -6.02 -21.42
C LYS B 329 -11.64 -6.60 -20.48
N VAL B 330 -12.57 -7.38 -21.02
CA VAL B 330 -13.53 -8.10 -20.20
C VAL B 330 -13.56 -9.56 -20.63
N GLN B 331 -13.34 -10.45 -19.68
CA GLN B 331 -13.44 -11.90 -19.87
C GLN B 331 -14.48 -12.42 -18.90
N SER B 332 -15.59 -12.94 -19.42
CA SER B 332 -16.77 -13.29 -18.61
C SER B 332 -17.20 -12.01 -17.90
N ASN B 333 -17.23 -11.97 -16.56
CA ASN B 333 -17.53 -10.72 -15.86
C ASN B 333 -16.29 -10.13 -15.19
N ARG B 334 -15.10 -10.50 -15.64
CA ARG B 334 -13.86 -9.99 -15.07
C ARG B 334 -13.36 -8.85 -15.94
N VAL B 335 -13.02 -7.73 -15.30
CA VAL B 335 -12.60 -6.52 -16.00
C VAL B 335 -11.12 -6.32 -15.74
N PHE B 336 -10.29 -6.54 -16.76
CA PHE B 336 -8.86 -6.33 -16.69
C PHE B 336 -8.54 -4.92 -17.17
N CYS B 337 -8.17 -4.04 -16.26
CA CYS B 337 -7.78 -2.69 -16.63
C CYS B 337 -6.34 -2.41 -16.19
N ASP B 338 -5.85 -1.23 -16.55
CA ASP B 338 -4.50 -0.80 -16.19
C ASP B 338 -4.62 0.53 -15.46
N THR B 339 -4.14 0.57 -14.22
CA THR B 339 -4.30 1.77 -13.40
C THR B 339 -3.52 2.96 -13.95
N MET B 340 -2.54 2.73 -14.83
CA MET B 340 -1.85 3.83 -15.49
C MET B 340 -2.76 4.62 -16.41
N ASN B 341 -3.94 4.08 -16.75
CA ASN B 341 -4.92 4.76 -17.58
C ASN B 341 -6.12 5.21 -16.77
N SER B 342 -5.96 5.39 -15.46
CA SER B 342 -7.08 5.68 -14.57
C SER B 342 -6.90 7.05 -13.92
N LEU B 343 -8.04 7.61 -13.52
CA LEU B 343 -8.10 8.71 -12.55
C LEU B 343 -8.60 8.13 -11.23
N THR B 344 -8.20 8.77 -10.13
CA THR B 344 -8.65 8.35 -8.80
C THR B 344 -9.67 9.37 -8.32
N LEU B 345 -10.86 8.93 -7.99
CA LEU B 345 -11.98 9.79 -7.66
C LEU B 345 -12.56 9.38 -6.31
N PRO B 346 -13.24 10.29 -5.63
CA PRO B 346 -13.95 9.91 -4.41
C PRO B 346 -15.12 9.01 -4.73
N PRO B 347 -15.53 8.14 -3.80
CA PRO B 347 -16.68 7.27 -4.06
C PRO B 347 -17.98 8.03 -4.33
N GLU B 348 -18.08 9.27 -3.86
CA GLU B 348 -19.25 10.10 -4.13
C GLU B 348 -19.48 10.32 -5.62
N VAL B 349 -18.52 9.94 -6.48
CA VAL B 349 -18.75 9.98 -7.91
C VAL B 349 -19.99 9.17 -8.27
N ASN B 350 -20.22 8.05 -7.56
CA ASN B 350 -21.37 7.22 -7.87
C ASN B 350 -22.69 7.97 -7.68
N LEU B 351 -22.69 9.04 -6.87
CA LEU B 351 -23.92 9.79 -6.67
C LEU B 351 -24.46 10.38 -7.96
N CYS B 352 -23.60 10.52 -8.99
CA CYS B 352 -24.09 11.01 -10.27
C CYS B 352 -25.10 10.07 -10.91
N ASN B 353 -25.05 8.78 -10.57
CA ASN B 353 -26.00 7.80 -11.08
C ASN B 353 -27.22 7.64 -10.19
N VAL B 354 -27.25 8.32 -9.05
CA VAL B 354 -28.39 8.31 -8.14
C VAL B 354 -29.14 9.63 -8.17
N ASP B 355 -28.41 10.73 -8.05
CA ASP B 355 -28.95 12.08 -7.94
C ASP B 355 -27.95 12.98 -8.68
N ILE B 356 -28.22 13.27 -9.95
CA ILE B 356 -27.25 14.03 -10.73
C ILE B 356 -27.04 15.43 -10.16
N PHE B 357 -28.03 15.95 -9.44
CA PHE B 357 -27.93 17.28 -8.84
C PHE B 357 -27.45 17.24 -7.40
N ASN B 358 -27.07 16.07 -6.88
CA ASN B 358 -26.56 15.88 -5.52
C ASN B 358 -25.49 16.91 -5.18
N PRO B 359 -25.41 17.35 -3.93
CA PRO B 359 -24.47 18.43 -3.59
C PRO B 359 -23.06 17.94 -3.29
N LYS B 360 -22.92 16.68 -2.85
CA LYS B 360 -21.62 16.21 -2.39
C LYS B 360 -20.59 16.16 -3.51
N TYR B 361 -20.98 15.68 -4.69
CA TYR B 361 -20.09 15.57 -5.83
C TYR B 361 -20.67 16.35 -7.01
N ASP B 362 -19.81 17.10 -7.71
CA ASP B 362 -20.23 17.93 -8.82
C ASP B 362 -20.13 17.12 -10.11
N CYS B 363 -21.27 16.63 -10.59
CA CYS B 363 -21.31 15.80 -11.77
C CYS B 363 -20.96 16.59 -13.02
N LYS B 364 -20.24 15.96 -13.94
CA LYS B 364 -19.73 16.62 -15.13
C LYS B 364 -20.57 16.28 -16.34
N ILE B 365 -20.88 17.30 -17.14
CA ILE B 365 -21.70 17.18 -18.33
C ILE B 365 -21.04 17.97 -19.47
N MET B 366 -21.69 17.93 -20.63
CA MET B 366 -21.36 18.77 -21.77
C MET B 366 -22.67 19.20 -22.42
N THR B 367 -22.65 20.36 -23.09
CA THR B 367 -23.85 20.91 -23.70
C THR B 367 -23.60 21.18 -25.17
N SER B 368 -24.68 21.20 -25.94
CA SER B 368 -24.61 21.51 -27.36
C SER B 368 -26.01 21.79 -27.87
N LYS B 369 -26.14 21.91 -29.19
CA LYS B 369 -27.41 22.03 -29.89
C LYS B 369 -27.41 21.11 -31.11
N THR B 370 -26.90 19.89 -30.94
CA THR B 370 -26.49 19.05 -32.08
C THR B 370 -27.28 17.74 -32.15
N ASP B 371 -28.43 17.67 -31.50
CA ASP B 371 -29.66 17.20 -32.13
C ASP B 371 -29.51 16.16 -33.25
N VAL B 372 -28.86 15.02 -33.02
CA VAL B 372 -28.73 13.99 -34.05
C VAL B 372 -28.97 12.62 -33.44
N SER B 373 -29.74 11.78 -34.13
CA SER B 373 -30.06 10.45 -33.64
C SER B 373 -28.83 9.56 -33.61
N SER B 374 -28.72 8.76 -32.56
CA SER B 374 -27.63 7.80 -32.42
C SER B 374 -28.05 6.78 -31.37
N SER B 375 -27.23 5.72 -31.25
CA SER B 375 -27.53 4.65 -30.32
C SER B 375 -26.25 4.14 -29.65
N VAL B 376 -26.36 3.77 -28.38
CA VAL B 376 -25.26 3.22 -27.60
C VAL B 376 -25.65 1.80 -27.20
N ILE B 377 -24.80 0.83 -27.53
CA ILE B 377 -25.05 -0.56 -27.17
C ILE B 377 -24.39 -0.84 -25.83
N THR B 378 -25.22 -1.15 -24.82
CA THR B 378 -24.74 -1.32 -23.46
C THR B 378 -24.49 -2.80 -23.18
N SER B 379 -24.15 -3.11 -21.93
CA SER B 379 -23.73 -4.46 -21.57
C SER B 379 -24.83 -5.48 -21.86
N LEU B 380 -26.06 -5.20 -21.45
CA LEU B 380 -27.19 -6.07 -21.80
C LEU B 380 -28.41 -5.21 -22.15
N GLY B 381 -28.20 -4.20 -22.98
CA GLY B 381 -29.29 -3.39 -23.47
C GLY B 381 -28.83 -2.45 -24.55
N ALA B 382 -29.71 -1.52 -24.90
CA ALA B 382 -29.39 -0.47 -25.85
C ALA B 382 -30.11 0.82 -25.48
N ILE B 383 -29.35 1.92 -25.44
CA ILE B 383 -29.89 3.26 -25.31
C ILE B 383 -30.01 3.85 -26.71
N VAL B 384 -31.16 4.44 -27.02
CA VAL B 384 -31.37 5.07 -28.31
C VAL B 384 -31.81 6.51 -28.07
N SER B 385 -31.05 7.46 -28.65
CA SER B 385 -31.40 8.87 -28.63
C SER B 385 -31.89 9.20 -30.05
N CYS B 386 -33.21 9.24 -30.22
CA CYS B 386 -33.82 9.42 -31.53
C CYS B 386 -34.38 10.84 -31.62
N TYR B 387 -33.86 11.61 -32.58
CA TYR B 387 -34.18 13.03 -32.68
C TYR B 387 -34.54 13.37 -34.11
N GLY B 388 -35.61 14.15 -34.26
CA GLY B 388 -36.02 14.59 -35.58
C GLY B 388 -36.60 13.46 -36.42
N LYS B 389 -36.42 13.60 -37.73
CA LYS B 389 -37.10 12.79 -38.74
C LYS B 389 -36.64 11.33 -38.75
N THR B 390 -35.57 11.01 -38.04
CA THR B 390 -34.98 9.67 -38.14
C THR B 390 -35.91 8.60 -37.60
N LYS B 391 -35.92 7.45 -38.29
CA LYS B 391 -36.68 6.28 -37.87
C LYS B 391 -35.78 5.37 -37.03
N CYS B 392 -36.17 5.13 -35.78
CA CYS B 392 -35.39 4.32 -34.85
C CYS B 392 -36.25 3.20 -34.30
N THR B 393 -35.80 1.96 -34.45
CA THR B 393 -36.57 0.80 -34.03
C THR B 393 -35.66 -0.21 -33.31
N ALA B 394 -36.31 -1.12 -32.59
CA ALA B 394 -35.65 -2.26 -31.96
C ALA B 394 -36.42 -3.52 -32.36
N SER B 395 -35.69 -4.54 -32.82
CA SER B 395 -36.32 -5.68 -33.48
C SER B 395 -35.75 -7.00 -32.98
N ASN B 396 -36.60 -8.02 -33.06
CA ASN B 396 -36.31 -9.41 -32.73
C ASN B 396 -36.17 -10.20 -34.03
N LYS B 397 -35.28 -11.21 -34.01
CA LYS B 397 -34.92 -11.89 -35.25
C LYS B 397 -36.07 -12.64 -35.89
N ASN B 398 -37.11 -12.96 -35.11
CA ASN B 398 -38.30 -13.64 -35.64
C ASN B 398 -39.53 -12.76 -35.69
N ARG B 399 -39.79 -11.97 -34.64
CA ARG B 399 -41.02 -11.21 -34.53
C ARG B 399 -41.02 -9.92 -35.34
N GLY B 400 -39.89 -9.54 -35.92
CA GLY B 400 -39.81 -8.27 -36.63
C GLY B 400 -39.62 -7.11 -35.66
N ILE B 401 -40.04 -5.92 -36.10
CA ILE B 401 -39.99 -4.77 -35.21
C ILE B 401 -40.86 -5.00 -34.00
N ILE B 402 -40.31 -4.75 -32.81
CA ILE B 402 -41.03 -4.93 -31.55
C ILE B 402 -40.97 -3.70 -30.67
N LYS B 403 -40.19 -2.69 -31.03
CA LYS B 403 -40.27 -1.38 -30.37
C LYS B 403 -39.98 -0.30 -31.40
N THR B 404 -40.72 0.80 -31.34
CA THR B 404 -40.47 1.97 -32.17
C THR B 404 -40.21 3.15 -31.25
N PHE B 405 -38.98 3.64 -31.25
CA PHE B 405 -38.60 4.73 -30.36
C PHE B 405 -39.22 6.03 -30.84
N SER B 406 -39.76 6.79 -29.89
CA SER B 406 -40.15 8.17 -30.16
C SER B 406 -38.98 9.09 -29.86
N ASN B 407 -39.15 10.36 -30.23
CA ASN B 407 -38.06 11.31 -30.07
C ASN B 407 -37.76 11.54 -28.60
N GLY B 408 -36.47 11.52 -28.27
CA GLY B 408 -35.94 11.60 -26.94
C GLY B 408 -34.97 10.46 -26.71
N CYS B 409 -34.68 10.21 -25.43
CA CYS B 409 -33.77 9.15 -25.01
C CYS B 409 -34.58 8.01 -24.43
N ASP B 410 -34.44 6.81 -25.00
CA ASP B 410 -35.14 5.63 -24.51
C ASP B 410 -34.14 4.48 -24.42
N TYR B 411 -34.62 3.36 -23.87
CA TYR B 411 -33.80 2.19 -23.63
C TYR B 411 -34.63 0.94 -23.87
N VAL B 412 -33.95 -0.11 -24.34
CA VAL B 412 -34.59 -1.41 -24.47
C VAL B 412 -33.60 -2.49 -24.03
N SER B 413 -34.07 -3.45 -23.25
CA SER B 413 -33.23 -4.52 -22.79
C SER B 413 -33.04 -5.54 -23.90
N ASN B 414 -31.97 -6.34 -23.78
CA ASN B 414 -31.69 -7.37 -24.77
C ASN B 414 -32.57 -8.60 -24.63
N LYS B 415 -33.33 -8.73 -23.54
CA LYS B 415 -34.21 -9.88 -23.39
C LYS B 415 -35.30 -9.81 -24.44
N GLY B 416 -35.22 -10.67 -25.45
CA GLY B 416 -36.16 -10.69 -26.54
C GLY B 416 -35.84 -9.76 -27.69
N VAL B 417 -34.69 -9.07 -27.66
CA VAL B 417 -34.31 -8.12 -28.70
C VAL B 417 -32.96 -8.55 -29.25
N ASP B 418 -32.84 -8.58 -30.57
CA ASP B 418 -31.61 -8.99 -31.22
C ASP B 418 -30.89 -7.89 -31.98
N THR B 419 -31.62 -6.93 -32.55
CA THR B 419 -30.95 -5.78 -33.16
C THR B 419 -31.68 -4.49 -32.79
N VAL B 420 -30.93 -3.41 -32.90
CA VAL B 420 -31.46 -2.05 -32.85
C VAL B 420 -31.07 -1.39 -34.17
N SER B 421 -31.89 -0.46 -34.63
CA SER B 421 -31.68 0.11 -35.95
C SER B 421 -32.03 1.59 -35.90
N VAL B 422 -31.03 2.44 -36.11
CA VAL B 422 -31.20 3.89 -36.05
C VAL B 422 -30.81 4.46 -37.40
N GLY B 423 -31.77 5.10 -38.07
CA GLY B 423 -31.51 5.59 -39.41
C GLY B 423 -31.09 4.46 -40.32
N ASN B 424 -29.96 4.64 -40.98
CA ASN B 424 -29.41 3.62 -41.87
C ASN B 424 -28.43 2.69 -41.17
N THR B 425 -28.29 2.79 -39.85
CA THR B 425 -27.34 1.98 -39.10
C THR B 425 -28.06 0.84 -38.41
N LEU B 426 -27.51 -0.37 -38.53
CA LEU B 426 -27.99 -1.55 -37.82
C LEU B 426 -26.94 -1.96 -36.80
N TYR B 427 -27.29 -1.90 -35.52
CA TYR B 427 -26.47 -2.41 -34.44
C TYR B 427 -27.04 -3.75 -33.97
N TYR B 428 -26.15 -4.71 -33.72
CA TYR B 428 -26.53 -5.90 -32.98
C TYR B 428 -26.32 -5.65 -31.50
N VAL B 429 -27.18 -6.23 -30.67
CA VAL B 429 -27.11 -6.02 -29.22
C VAL B 429 -26.44 -7.23 -28.58
N ASN B 430 -25.77 -6.97 -27.46
CA ASN B 430 -25.11 -8.04 -26.72
C ASN B 430 -26.14 -8.99 -26.13
N LYS B 431 -25.85 -10.29 -26.20
CA LYS B 431 -26.75 -11.31 -25.69
C LYS B 431 -26.30 -11.87 -24.36
N GLN B 432 -25.34 -11.23 -23.69
CA GLN B 432 -24.98 -11.63 -22.34
C GLN B 432 -26.20 -11.53 -21.43
N GLU B 433 -26.44 -12.57 -20.64
CA GLU B 433 -27.65 -12.66 -19.85
C GLU B 433 -27.54 -11.84 -18.56
N GLY B 434 -28.66 -11.27 -18.15
CA GLY B 434 -28.76 -10.51 -16.92
C GLY B 434 -30.00 -9.66 -16.90
N LYS B 435 -30.33 -9.17 -15.70
CA LYS B 435 -31.53 -8.36 -15.51
C LYS B 435 -31.20 -6.88 -15.65
N SER B 436 -32.10 -6.14 -16.30
CA SER B 436 -31.95 -4.71 -16.49
C SER B 436 -33.24 -4.01 -16.09
N LEU B 437 -33.10 -2.85 -15.46
CA LEU B 437 -34.18 -2.15 -14.81
C LEU B 437 -34.32 -0.75 -15.39
N TYR B 438 -35.55 -0.38 -15.73
CA TYR B 438 -35.87 0.95 -16.26
C TYR B 438 -36.25 1.86 -15.09
N VAL B 439 -35.41 2.85 -14.81
CA VAL B 439 -35.64 3.79 -13.73
C VAL B 439 -36.28 5.03 -14.36
N LYS B 440 -37.61 5.12 -14.27
CA LYS B 440 -38.33 6.22 -14.87
C LYS B 440 -37.92 7.54 -14.22
N GLY B 441 -37.99 8.61 -14.99
CA GLY B 441 -37.64 9.91 -14.47
C GLY B 441 -37.82 11.00 -15.52
N GLU B 442 -37.87 12.24 -15.01
CA GLU B 442 -38.00 13.43 -15.85
C GLU B 442 -36.64 13.81 -16.43
N PRO B 443 -36.50 13.92 -17.74
CA PRO B 443 -35.22 14.34 -18.33
C PRO B 443 -34.82 15.72 -17.85
N ILE B 444 -33.58 15.84 -17.36
CA ILE B 444 -33.12 17.08 -16.74
C ILE B 444 -32.96 18.21 -17.74
N ILE B 445 -32.86 17.90 -19.04
CA ILE B 445 -32.80 18.95 -20.05
C ILE B 445 -34.07 19.79 -20.03
N ASN B 446 -35.16 19.26 -19.48
CA ASN B 446 -36.40 20.00 -19.35
C ASN B 446 -36.40 20.97 -18.17
N PHE B 447 -35.41 20.88 -17.30
CA PHE B 447 -35.28 21.82 -16.18
C PHE B 447 -34.48 23.05 -16.54
N TYR B 448 -34.08 23.20 -17.80
CA TYR B 448 -33.27 24.31 -18.26
C TYR B 448 -34.04 25.17 -19.24
N ASP B 449 -33.94 26.48 -19.09
CA ASP B 449 -34.57 27.41 -20.01
C ASP B 449 -33.68 27.55 -21.25
N PRO B 450 -34.19 27.29 -22.46
CA PRO B 450 -33.32 27.25 -23.65
C PRO B 450 -32.73 28.60 -24.05
N LEU B 451 -33.18 29.71 -23.46
CA LEU B 451 -32.70 31.02 -23.86
C LEU B 451 -31.62 31.58 -22.94
N VAL B 452 -31.49 31.05 -21.73
CA VAL B 452 -30.38 31.35 -20.85
C VAL B 452 -29.45 30.16 -20.69
N PHE B 453 -29.58 29.16 -21.56
CA PHE B 453 -28.87 27.88 -21.41
C PHE B 453 -27.57 27.93 -22.20
N PRO B 454 -26.42 27.70 -21.57
CA PRO B 454 -25.16 27.64 -22.32
C PRO B 454 -25.08 26.35 -23.11
N SER B 455 -24.82 26.47 -24.41
CA SER B 455 -24.94 25.34 -25.32
C SER B 455 -23.68 25.11 -26.14
N ASP B 456 -22.51 25.48 -25.61
CA ASP B 456 -21.26 25.14 -26.28
C ASP B 456 -20.18 24.72 -25.29
N GLU B 457 -20.57 24.10 -24.18
CA GLU B 457 -19.62 23.63 -23.18
C GLU B 457 -19.14 22.23 -23.56
N PHE B 458 -17.90 22.14 -24.04
CA PHE B 458 -17.31 20.84 -24.30
C PHE B 458 -17.08 20.10 -22.98
N ASP B 459 -16.53 20.79 -21.98
CA ASP B 459 -16.45 20.20 -20.64
C ASP B 459 -17.00 21.20 -19.63
N ALA B 460 -17.94 20.72 -18.81
CA ALA B 460 -18.56 21.56 -17.81
C ALA B 460 -19.00 20.66 -16.66
N SER B 461 -19.88 21.17 -15.81
CA SER B 461 -20.48 20.39 -14.74
C SER B 461 -21.86 20.96 -14.47
N ILE B 462 -22.60 20.32 -13.57
CA ILE B 462 -23.88 20.87 -13.13
C ILE B 462 -23.68 22.24 -12.52
N SER B 463 -22.65 22.38 -11.69
CA SER B 463 -22.42 23.64 -10.99
C SER B 463 -21.96 24.75 -11.93
N GLN B 464 -21.10 24.43 -12.90
CA GLN B 464 -20.65 25.45 -13.86
C GLN B 464 -21.81 25.93 -14.72
N VAL B 465 -22.68 25.01 -15.14
CA VAL B 465 -23.84 25.40 -15.93
C VAL B 465 -24.77 26.29 -15.09
N ASN B 466 -25.01 25.89 -13.83
CA ASN B 466 -25.82 26.73 -12.94
C ASN B 466 -25.17 28.09 -12.75
N GLU B 467 -23.85 28.16 -12.72
CA GLU B 467 -23.15 29.45 -12.64
C GLU B 467 -23.48 30.33 -13.84
N LYS B 468 -23.38 29.78 -15.05
CA LYS B 468 -23.62 30.59 -16.23
C LYS B 468 -25.08 31.02 -16.33
N ILE B 469 -26.03 30.16 -15.92
CA ILE B 469 -27.42 30.57 -15.93
C ILE B 469 -27.68 31.64 -14.87
N ASN B 470 -27.11 31.50 -13.68
CA ASN B 470 -27.26 32.53 -12.67
C ASN B 470 -26.70 33.87 -13.16
N GLN B 471 -25.55 33.84 -13.83
CA GLN B 471 -24.96 35.06 -14.36
C GLN B 471 -25.85 35.71 -15.41
N SER B 472 -26.38 34.90 -16.36
CA SER B 472 -27.24 35.46 -17.39
C SER B 472 -28.52 36.03 -16.80
N LEU B 473 -29.11 35.33 -15.83
CA LEU B 473 -30.31 35.83 -15.17
C LEU B 473 -30.02 37.13 -14.42
N ALA B 474 -28.87 37.21 -13.75
CA ALA B 474 -28.51 38.42 -13.03
C ALA B 474 -28.30 39.59 -13.98
N PHE B 475 -27.66 39.35 -15.13
CA PHE B 475 -27.47 40.41 -16.11
C PHE B 475 -28.81 40.90 -16.64
N ILE B 476 -29.71 39.98 -16.96
CA ILE B 476 -31.05 40.36 -17.44
C ILE B 476 -31.77 41.19 -16.39
N ARG B 477 -31.75 40.72 -15.14
CA ARG B 477 -32.42 41.43 -14.06
C ARG B 477 -31.84 42.82 -13.85
N LYS B 478 -30.51 42.93 -13.87
CA LYS B 478 -29.84 44.21 -13.65
C LYS B 478 -30.22 45.22 -14.72
N SER B 479 -30.07 44.83 -15.99
CA SER B 479 -30.39 45.75 -17.08
C SER B 479 -31.87 46.09 -17.09
N ASP B 480 -32.74 45.10 -16.81
CA ASP B 480 -34.17 45.34 -16.82
C ASP B 480 -34.59 46.31 -15.72
N GLU B 481 -33.99 46.20 -14.53
CA GLU B 481 -34.33 47.14 -13.46
C GLU B 481 -33.77 48.53 -13.74
N LEU B 482 -32.56 48.60 -14.31
CA LEU B 482 -32.02 49.90 -14.72
C LEU B 482 -32.95 50.61 -15.70
N LEU B 483 -33.39 49.87 -16.73
CA LEU B 483 -34.27 50.46 -17.74
C LEU B 483 -35.70 50.67 -17.24
N SER B 484 -36.11 49.94 -16.19
CA SER B 484 -37.33 50.31 -15.49
C SER B 484 -37.15 51.62 -14.75
N ALA B 485 -35.93 51.92 -14.32
CA ALA B 485 -35.65 53.16 -13.61
C ALA B 485 -35.43 54.36 -14.53
N ILE B 486 -35.15 54.14 -15.82
CA ILE B 486 -34.93 55.27 -16.73
C ILE B 486 -36.22 56.07 -16.95
N GLY B 487 -37.33 55.59 -16.40
CA GLY B 487 -38.60 56.30 -16.52
C GLY B 487 -38.76 57.44 -15.54
N GLN C 17 2.52 29.79 20.17
CA GLN C 17 1.65 28.71 20.58
C GLN C 17 0.36 29.23 21.21
N ASN C 18 -0.71 29.29 20.42
CA ASN C 18 -1.99 29.81 20.88
C ASN C 18 -2.87 28.62 21.26
N ILE C 19 -2.79 28.19 22.51
CA ILE C 19 -3.64 27.12 23.02
C ILE C 19 -4.97 27.72 23.42
N THR C 20 -6.05 27.24 22.81
CA THR C 20 -7.40 27.70 23.12
C THR C 20 -8.20 26.52 23.66
N GLU C 21 -9.28 26.85 24.37
CA GLU C 21 -10.12 25.80 24.95
C GLU C 21 -11.57 26.23 24.92
N GLU C 22 -12.46 25.27 24.71
CA GLU C 22 -13.90 25.52 24.80
C GLU C 22 -14.54 24.45 25.66
N PHE C 23 -15.42 24.88 26.56
CA PHE C 23 -16.22 23.99 27.38
C PHE C 23 -17.66 24.02 26.89
N TYR C 24 -18.27 22.84 26.77
CA TYR C 24 -19.64 22.69 26.29
C TYR C 24 -20.48 22.18 27.46
N GLN C 25 -21.27 23.08 28.05
CA GLN C 25 -22.10 22.71 29.19
C GLN C 25 -23.15 21.67 28.82
N SER C 26 -23.62 21.70 27.57
CA SER C 26 -24.69 20.78 27.16
C SER C 26 -24.25 19.33 27.19
N THR C 27 -22.96 19.06 26.99
CA THR C 27 -22.47 17.69 26.85
C THR C 27 -21.40 17.32 27.87
N CYS C 28 -21.12 18.20 28.83
CA CYS C 28 -20.09 17.97 29.86
C CYS C 28 -18.78 17.48 29.25
N SER C 29 -18.27 18.29 28.33
CA SER C 29 -17.03 17.97 27.64
C SER C 29 -16.33 19.27 27.27
N ALA C 30 -15.07 19.14 26.87
CA ALA C 30 -14.27 20.30 26.51
C ALA C 30 -13.24 19.91 25.47
N VAL C 31 -12.96 20.85 24.57
CA VAL C 31 -11.99 20.65 23.50
C VAL C 31 -10.88 21.68 23.65
N SER C 32 -9.63 21.19 23.70
CA SER C 32 -8.45 22.04 23.67
C SER C 32 -7.87 22.01 22.27
N LYS C 33 -7.83 23.16 21.62
CA LYS C 33 -7.29 23.32 20.27
C LYS C 33 -5.99 24.10 20.31
N GLY C 34 -5.22 23.99 19.23
CA GLY C 34 -4.03 24.80 19.07
C GLY C 34 -2.73 24.04 19.03
N TYR C 35 -2.79 22.72 18.86
CA TYR C 35 -1.61 21.86 18.92
C TYR C 35 -1.15 21.49 17.51
N LEU C 36 0.08 20.98 17.45
CA LEU C 36 0.72 20.58 16.20
C LEU C 36 1.09 19.10 16.27
N SER C 37 0.80 18.36 15.20
CA SER C 37 1.02 16.93 15.21
C SER C 37 2.50 16.58 15.07
N ALA C 38 2.85 15.41 15.60
CA ALA C 38 4.09 14.72 15.25
C ALA C 38 3.78 13.23 15.37
N LEU C 39 3.36 12.62 14.27
CA LEU C 39 2.80 11.29 14.28
C LEU C 39 3.83 10.26 13.84
N ARG C 40 4.01 9.22 14.63
CA ARG C 40 4.86 8.12 14.20
C ARG C 40 4.15 7.35 13.11
N THR C 41 4.40 7.71 11.86
CA THR C 41 3.79 7.01 10.73
C THR C 41 4.55 5.77 10.34
N GLY C 42 5.87 5.75 10.52
CA GLY C 42 6.64 4.59 10.11
C GLY C 42 7.86 4.31 10.95
N TRP C 43 8.71 3.41 10.45
CA TRP C 43 9.92 3.01 11.15
C TRP C 43 11.14 3.19 10.26
N TYR C 44 12.27 3.44 10.91
CA TYR C 44 13.56 3.51 10.24
C TYR C 44 14.52 2.59 10.99
N THR C 45 15.20 1.70 10.27
CA THR C 45 16.11 0.77 10.93
C THR C 45 17.51 0.93 10.38
N SER C 46 18.49 0.85 11.28
CA SER C 46 19.90 0.79 10.89
C SER C 46 20.58 -0.24 11.76
N VAL C 47 21.81 -0.59 11.40
CA VAL C 47 22.57 -1.64 12.07
C VAL C 47 23.79 -1.03 12.72
N ILE C 48 23.96 -1.28 14.01
CA ILE C 48 25.10 -0.79 14.80
C ILE C 48 26.02 -1.98 15.08
N THR C 49 27.32 -1.77 14.92
CA THR C 49 28.29 -2.82 15.06
C THR C 49 29.42 -2.40 15.99
N ILE C 50 29.97 -3.40 16.67
CA ILE C 50 31.17 -3.26 17.49
C ILE C 50 32.13 -4.36 17.07
N GLU C 51 33.37 -3.98 16.77
CA GLU C 51 34.38 -4.95 16.38
C GLU C 51 34.99 -5.58 17.62
N LEU C 52 35.05 -6.91 17.65
CA LEU C 52 35.49 -7.65 18.81
C LEU C 52 36.70 -8.50 18.49
N SER C 53 37.56 -8.69 19.49
CA SER C 53 38.66 -9.63 19.37
C SER C 53 38.19 -11.04 19.69
N ASN C 54 38.76 -12.02 18.99
CA ASN C 54 38.47 -13.41 19.28
C ASN C 54 38.94 -13.75 20.69
N ILE C 55 40.27 -13.71 20.89
CA ILE C 55 40.98 -13.86 22.16
C ILE C 55 40.54 -15.09 22.97
N LYS C 56 41.50 -15.98 23.24
CA LYS C 56 41.30 -17.07 24.17
C LYS C 56 41.81 -16.65 25.55
N GLU C 57 41.45 -17.44 26.57
CA GLU C 57 41.87 -17.10 27.92
C GLU C 57 43.40 -17.02 27.97
N PRO C 58 43.97 -16.01 28.64
CA PRO C 58 45.34 -15.59 28.34
C PRO C 58 46.43 -16.59 28.72
N LYS C 59 46.37 -17.14 29.93
CA LYS C 59 47.26 -18.21 30.37
C LYS C 59 48.73 -17.78 30.28
N CYS C 60 49.08 -16.81 31.13
CA CYS C 60 50.37 -16.15 31.04
C CYS C 60 51.32 -16.40 32.21
N ASN C 61 50.84 -17.00 33.31
CA ASN C 61 51.64 -17.42 34.45
C ASN C 61 52.19 -16.28 35.30
N GLY C 62 51.81 -15.02 35.04
CA GLY C 62 52.27 -13.92 35.86
C GLY C 62 51.26 -13.52 36.93
N THR C 63 51.76 -12.90 38.01
CA THR C 63 50.91 -12.52 39.14
C THR C 63 51.23 -11.12 39.64
N ASP C 64 51.44 -10.17 38.74
CA ASP C 64 51.52 -8.78 39.18
C ASP C 64 50.12 -8.21 39.30
N ALA C 65 49.96 -7.23 40.20
CA ALA C 65 48.64 -6.68 40.49
C ALA C 65 47.99 -6.10 39.25
N LYS C 66 48.76 -5.38 38.43
CA LYS C 66 48.21 -4.85 37.18
C LYS C 66 47.83 -5.97 36.22
N VAL C 67 48.63 -7.04 36.18
CA VAL C 67 48.28 -8.21 35.37
C VAL C 67 47.00 -8.83 35.88
N LYS C 68 46.86 -8.94 37.21
CA LYS C 68 45.60 -9.37 37.82
C LYS C 68 44.42 -8.55 37.31
N LEU C 69 44.55 -7.23 37.34
CA LEU C 69 43.44 -6.36 36.93
C LEU C 69 43.11 -6.54 35.46
N ILE C 70 44.14 -6.66 34.61
CA ILE C 70 43.92 -6.86 33.19
C ILE C 70 43.16 -8.16 32.95
N LYS C 71 43.57 -9.24 33.63
CA LYS C 71 42.92 -10.53 33.42
C LYS C 71 41.49 -10.54 33.97
N GLN C 72 41.24 -9.83 35.06
CA GLN C 72 39.87 -9.67 35.54
C GLN C 72 39.00 -8.97 34.50
N GLU C 73 39.52 -7.89 33.91
CA GLU C 73 38.75 -7.16 32.90
C GLU C 73 38.52 -8.04 31.68
N LEU C 74 39.53 -8.82 31.28
CA LEU C 74 39.36 -9.73 30.16
C LEU C 74 38.31 -10.80 30.46
N ASP C 75 38.23 -11.25 31.72
CA ASP C 75 37.16 -12.18 32.10
C ASP C 75 35.79 -11.53 31.97
N LYS C 76 35.68 -10.26 32.37
CA LYS C 76 34.41 -9.56 32.20
C LYS C 76 34.04 -9.46 30.73
N TYR C 77 35.01 -9.15 29.87
CA TYR C 77 34.80 -9.11 28.44
C TYR C 77 34.35 -10.47 27.90
N LYS C 78 35.00 -11.53 28.36
CA LYS C 78 34.70 -12.88 27.89
C LYS C 78 33.28 -13.30 28.27
N ASN C 79 32.90 -13.05 29.53
CA ASN C 79 31.54 -13.37 29.95
C ASN C 79 30.52 -12.53 29.19
N ALA C 80 30.85 -11.28 28.89
CA ALA C 80 29.95 -10.45 28.08
C ALA C 80 29.75 -11.07 26.70
N VAL C 81 30.84 -11.54 26.08
CA VAL C 81 30.74 -12.17 24.76
C VAL C 81 29.86 -13.41 24.84
N THR C 82 30.01 -14.20 25.91
CA THR C 82 29.20 -15.40 26.05
C THR C 82 27.72 -15.07 26.24
N GLU C 83 27.41 -14.05 27.03
CA GLU C 83 26.01 -13.66 27.21
C GLU C 83 25.40 -13.18 25.90
N LEU C 84 26.17 -12.41 25.12
CA LEU C 84 25.69 -12.01 23.80
C LEU C 84 25.50 -13.21 22.89
N GLN C 85 26.38 -14.22 23.01
CA GLN C 85 26.24 -15.44 22.21
C GLN C 85 24.94 -16.17 22.54
N LEU C 86 24.64 -16.29 23.83
CA LEU C 86 23.37 -16.89 24.24
C LEU C 86 22.19 -16.09 23.67
N LEU C 87 22.24 -14.76 23.77
CA LEU C 87 21.16 -13.93 23.26
C LEU C 87 20.97 -14.09 21.76
N MET C 88 22.01 -14.43 21.02
CA MET C 88 21.88 -14.65 19.59
C MET C 88 21.08 -15.86 19.31
N GLN C 89 21.36 -16.93 20.03
CA GLN C 89 20.68 -18.19 19.80
C GLN C 89 19.19 -18.08 20.04
N SER C 90 18.78 -17.38 21.08
CA SER C 90 17.37 -17.12 21.30
C SER C 90 16.77 -16.19 20.24
N GLY C 91 17.53 -15.18 19.79
CA GLY C 91 17.06 -14.24 18.79
C GLY C 91 16.52 -12.99 19.44
N GLY C 92 16.51 -11.85 18.74
CA GLY C 92 15.92 -10.67 19.30
C GLY C 92 14.44 -10.75 19.46
N GLY C 93 13.74 -11.17 18.42
CA GLY C 93 12.31 -11.37 18.52
C GLY C 93 11.86 -12.57 17.73
N GLY C 94 11.09 -13.46 18.34
CA GLY C 94 10.70 -14.66 17.65
C GLY C 94 9.22 -14.74 17.55
N SER C 95 8.57 -13.65 17.93
CA SER C 95 7.14 -13.55 17.87
C SER C 95 6.68 -14.10 16.53
N PHE C 107 -4.55 -3.37 22.00
CA PHE C 107 -5.47 -4.19 22.80
C PHE C 107 -6.85 -3.64 23.09
N PRO C 108 -7.02 -2.33 23.15
CA PRO C 108 -8.36 -1.89 23.56
C PRO C 108 -9.51 -2.32 22.70
N PRO C 109 -10.67 -2.52 23.32
CA PRO C 109 -11.86 -3.00 22.62
C PRO C 109 -12.42 -2.09 21.55
N PHE C 110 -12.29 -0.78 21.66
CA PHE C 110 -12.76 0.11 20.60
C PHE C 110 -11.87 -0.53 19.67
N PRO C 111 -12.41 -0.94 18.54
CA PRO C 111 -11.55 -1.79 17.77
C PRO C 111 -10.34 -1.07 17.46
N LEU C 112 -9.23 -1.55 17.94
CA LEU C 112 -8.01 -0.89 17.74
C LEU C 112 -7.28 -2.08 17.29
N GLY C 113 -6.35 -1.86 16.39
CA GLY C 113 -5.66 -2.96 15.84
C GLY C 113 -4.64 -3.60 16.70
N VAL C 114 -4.17 -4.73 16.25
CA VAL C 114 -3.13 -5.44 17.00
C VAL C 114 -1.89 -5.46 16.12
N GLY C 115 -0.91 -4.63 16.46
CA GLY C 115 0.30 -4.52 15.68
C GLY C 115 1.37 -5.47 16.14
N SER C 116 2.57 -5.28 15.57
CA SER C 116 3.77 -6.03 15.94
C SER C 116 4.90 -5.01 15.88
N ALA C 117 5.21 -4.40 17.02
CA ALA C 117 5.97 -3.16 17.05
C ALA C 117 7.34 -3.32 16.39
N ILE C 118 8.07 -4.38 16.75
CA ILE C 118 9.45 -4.54 16.31
C ILE C 118 9.55 -5.49 15.12
N ALA C 119 8.47 -5.66 14.36
CA ALA C 119 8.52 -6.56 13.20
C ALA C 119 9.56 -6.10 12.18
N SER C 120 9.69 -4.79 11.99
CA SER C 120 10.66 -4.27 11.01
C SER C 120 12.10 -4.58 11.43
N GLY C 121 12.48 -4.15 12.63
CA GLY C 121 13.82 -4.41 13.12
C GLY C 121 14.11 -5.90 13.23
N VAL C 122 13.10 -6.67 13.62
CA VAL C 122 13.26 -8.13 13.70
C VAL C 122 13.49 -8.71 12.31
N ALA C 123 12.83 -8.15 11.29
CA ALA C 123 13.12 -8.60 9.93
C ALA C 123 14.57 -8.37 9.55
N VAL C 124 15.09 -7.19 9.89
CA VAL C 124 16.50 -6.89 9.58
C VAL C 124 17.42 -7.86 10.34
N SER C 125 17.13 -8.10 11.63
CA SER C 125 17.93 -9.03 12.42
C SER C 125 17.89 -10.43 11.82
N LYS C 126 16.70 -10.87 11.42
CA LYS C 126 16.51 -12.16 10.75
C LYS C 126 17.41 -12.27 9.54
N VAL C 127 17.47 -11.21 8.72
CA VAL C 127 18.37 -11.24 7.57
C VAL C 127 19.82 -11.36 8.03
N LEU C 128 20.19 -10.61 9.07
CA LEU C 128 21.58 -10.64 9.54
C LEU C 128 22.01 -12.03 10.01
N HIS C 129 21.06 -12.84 10.49
CA HIS C 129 21.42 -14.18 10.93
C HIS C 129 21.93 -15.08 9.80
N LEU C 130 21.56 -14.79 8.56
CA LEU C 130 21.88 -15.68 7.44
C LEU C 130 23.38 -15.74 7.18
N GLU C 131 23.79 -16.83 6.54
CA GLU C 131 25.20 -17.02 6.17
C GLU C 131 25.66 -15.94 5.20
N GLY C 132 26.83 -15.35 5.48
CA GLY C 132 27.48 -14.43 4.57
C GLY C 132 27.06 -12.98 4.67
N GLU C 133 26.05 -12.66 5.48
CA GLU C 133 25.65 -11.26 5.64
C GLU C 133 26.64 -10.50 6.51
N VAL C 134 27.17 -11.17 7.53
CA VAL C 134 28.18 -10.58 8.39
C VAL C 134 29.36 -10.09 7.56
N ASN C 135 29.83 -10.94 6.65
CA ASN C 135 30.96 -10.56 5.80
C ASN C 135 30.58 -9.43 4.85
N LYS C 136 29.32 -9.36 4.43
CA LYS C 136 28.88 -8.21 3.64
C LYS C 136 29.09 -6.91 4.41
N ILE C 137 28.61 -6.87 5.66
CA ILE C 137 28.80 -5.65 6.46
C ILE C 137 30.28 -5.42 6.73
N LYS C 138 31.04 -6.49 6.98
CA LYS C 138 32.47 -6.36 7.29
C LYS C 138 33.23 -5.74 6.12
N SER C 139 32.96 -6.22 4.90
CA SER C 139 33.60 -5.64 3.72
C SER C 139 33.12 -4.23 3.47
N ALA C 140 31.86 -3.93 3.78
CA ALA C 140 31.41 -2.54 3.70
C ALA C 140 32.17 -1.63 4.66
N LEU C 141 32.63 -2.17 5.79
CA LEU C 141 33.15 -1.34 6.87
C LEU C 141 34.64 -1.52 7.14
N LEU C 142 35.43 -1.90 6.13
CA LEU C 142 36.88 -1.83 6.32
C LEU C 142 37.40 -0.43 6.06
N SER C 143 36.95 0.19 4.95
CA SER C 143 37.44 1.51 4.57
C SER C 143 36.80 2.64 5.37
N THR C 144 35.57 2.43 5.88
CA THR C 144 34.81 3.50 6.48
C THR C 144 34.15 3.02 7.76
N ASN C 145 33.61 3.98 8.52
CA ASN C 145 32.89 3.70 9.76
C ASN C 145 31.38 3.73 9.59
N LYS C 146 30.89 4.18 8.45
CA LYS C 146 29.45 4.24 8.18
C LYS C 146 29.24 3.99 6.70
N ALA C 147 28.42 2.99 6.37
CA ALA C 147 28.24 2.60 4.98
C ALA C 147 26.90 1.90 4.81
N VAL C 148 26.31 2.07 3.63
CA VAL C 148 25.04 1.42 3.31
C VAL C 148 25.33 0.04 2.72
N VAL C 149 24.78 -1.00 3.34
CA VAL C 149 24.99 -2.38 2.91
C VAL C 149 23.70 -2.87 2.26
N SER C 150 23.86 -3.70 1.24
CA SER C 150 22.75 -4.40 0.59
C SER C 150 22.78 -5.85 1.07
N LEU C 151 21.95 -6.17 2.05
CA LEU C 151 21.85 -7.55 2.49
C LEU C 151 20.89 -8.31 1.58
N SER C 152 20.77 -9.61 1.83
CA SER C 152 20.20 -10.53 0.85
C SER C 152 18.75 -10.17 0.51
N ASN C 153 17.86 -10.23 1.50
CA ASN C 153 16.43 -10.21 1.18
C ASN C 153 15.90 -8.82 0.84
N GLY C 154 16.50 -8.16 -0.15
CA GLY C 154 16.01 -6.86 -0.57
C GLY C 154 16.06 -5.78 0.50
N VAL C 155 16.85 -5.98 1.54
CA VAL C 155 17.01 -4.96 2.57
C VAL C 155 18.36 -4.27 2.33
N SER C 156 18.34 -2.94 2.40
CA SER C 156 19.54 -2.13 2.32
C SER C 156 19.56 -1.21 3.52
N VAL C 157 20.53 -1.43 4.40
CA VAL C 157 20.53 -0.81 5.72
C VAL C 157 21.79 0.03 5.87
N LEU C 158 21.64 1.19 6.50
CA LEU C 158 22.80 1.97 6.92
C LEU C 158 23.44 1.27 8.12
N THR C 159 24.76 1.07 8.03
CA THR C 159 25.51 0.36 9.05
C THR C 159 26.57 1.29 9.62
N SER C 160 26.69 1.29 10.94
CA SER C 160 27.66 2.10 11.65
C SER C 160 28.57 1.19 12.46
N LYS C 161 29.84 1.56 12.53
CA LYS C 161 30.78 0.93 13.45
C LYS C 161 31.06 1.92 14.57
N VAL C 162 30.67 1.59 15.80
CA VAL C 162 30.68 2.55 16.88
C VAL C 162 31.76 2.29 17.92
N LEU C 163 32.41 1.13 17.89
CA LEU C 163 33.50 0.83 18.82
C LEU C 163 34.33 -0.28 18.21
N ASP C 164 35.65 -0.13 18.25
CA ASP C 164 36.57 -1.11 17.68
C ASP C 164 37.38 -1.69 18.85
N LEU C 165 36.80 -2.68 19.52
CA LEU C 165 37.49 -3.34 20.62
C LEU C 165 38.56 -4.31 20.13
N LYS C 166 38.37 -4.86 18.93
CA LYS C 166 39.34 -5.80 18.38
C LYS C 166 40.71 -5.17 18.25
N ASN C 167 40.75 -3.93 17.73
CA ASN C 167 42.03 -3.26 17.52
C ASN C 167 42.73 -3.00 18.84
N TYR C 168 42.01 -2.48 19.83
CA TYR C 168 42.65 -2.18 21.11
C TYR C 168 43.12 -3.45 21.80
N ILE C 169 42.30 -4.50 21.79
CA ILE C 169 42.69 -5.74 22.47
C ILE C 169 43.88 -6.37 21.78
N ASP C 170 43.86 -6.44 20.45
CA ASP C 170 44.90 -7.16 19.72
C ASP C 170 46.20 -6.38 19.64
N LYS C 171 46.16 -5.05 19.64
CA LYS C 171 47.38 -4.26 19.57
C LYS C 171 47.91 -3.89 20.94
N GLN C 172 47.06 -3.32 21.79
CA GLN C 172 47.50 -2.76 23.07
C GLN C 172 47.60 -3.80 24.18
N LEU C 173 46.83 -4.89 24.10
CA LEU C 173 46.66 -5.81 25.21
C LEU C 173 47.28 -7.18 24.97
N LEU C 174 46.96 -7.79 23.82
CA LEU C 174 47.37 -9.17 23.57
C LEU C 174 48.87 -9.42 23.69
N PRO C 175 49.76 -8.55 23.17
CA PRO C 175 51.19 -8.79 23.39
C PRO C 175 51.57 -8.86 24.86
N ILE C 176 50.94 -8.04 25.69
CA ILE C 176 51.23 -8.06 27.13
C ILE C 176 50.92 -9.43 27.73
N VAL C 177 49.79 -10.02 27.34
CA VAL C 177 49.13 -11.02 28.18
C VAL C 177 49.21 -12.43 27.61
N ASN C 178 49.44 -12.60 26.30
CA ASN C 178 49.65 -13.92 25.71
C ASN C 178 51.13 -14.09 25.38
N LYS C 179 51.94 -14.44 26.39
CA LYS C 179 53.37 -14.61 26.16
C LYS C 179 54.02 -15.72 26.97
N GLN C 180 53.25 -16.54 27.72
CA GLN C 180 53.77 -17.60 28.59
C GLN C 180 54.46 -16.99 29.81
N SER C 181 54.72 -15.69 29.74
CA SER C 181 55.21 -14.94 30.90
C SER C 181 54.86 -13.49 30.62
N CYS C 182 53.76 -13.02 31.20
CA CYS C 182 53.11 -11.81 30.72
C CYS C 182 53.91 -10.57 31.11
N SER C 183 54.14 -9.70 30.13
CA SER C 183 54.73 -8.41 30.40
C SER C 183 53.80 -7.60 31.29
N ILE C 184 54.38 -6.72 32.11
CA ILE C 184 53.64 -5.95 33.10
C ILE C 184 53.06 -4.73 32.41
N PRO C 185 51.75 -4.52 32.45
CA PRO C 185 51.18 -3.35 31.82
C PRO C 185 51.34 -2.13 32.71
N PRO C 186 51.39 -0.95 32.11
CA PRO C 186 51.22 0.30 32.84
C PRO C 186 49.81 0.41 33.38
N ILE C 187 49.66 1.23 34.43
CA ILE C 187 48.35 1.43 35.03
C ILE C 187 47.39 2.10 34.05
N GLU C 188 47.92 2.95 33.16
CA GLU C 188 47.08 3.61 32.16
C GLU C 188 46.40 2.59 31.26
N THR C 189 47.08 1.50 30.93
CA THR C 189 46.45 0.47 30.11
C THR C 189 45.30 -0.20 30.85
N VAL C 190 45.46 -0.47 32.14
CA VAL C 190 44.37 -1.03 32.93
C VAL C 190 43.15 -0.11 32.88
N ILE C 191 43.37 1.17 33.14
CA ILE C 191 42.24 2.11 33.18
C ILE C 191 41.61 2.26 31.80
N GLU C 192 42.43 2.39 30.76
CA GLU C 192 41.90 2.60 29.42
C GLU C 192 41.15 1.37 28.92
N PHE C 193 41.62 0.17 29.25
CA PHE C 193 40.88 -1.03 28.88
C PHE C 193 39.53 -1.06 29.59
N GLN C 194 39.50 -0.68 30.87
CA GLN C 194 38.21 -0.59 31.54
C GLN C 194 37.30 0.40 30.82
N GLN C 195 37.85 1.55 30.42
CA GLN C 195 37.06 2.57 29.71
C GLN C 195 36.45 2.01 28.44
N LYS C 196 37.28 1.38 27.59
CA LYS C 196 36.76 0.86 26.32
C LYS C 196 35.77 -0.28 26.53
N ASN C 197 36.06 -1.20 27.46
CA ASN C 197 35.21 -2.35 27.69
C ASN C 197 33.86 -1.98 28.31
N ASN C 198 33.78 -0.80 28.94
CA ASN C 198 32.57 -0.42 29.65
C ASN C 198 31.33 -0.45 28.76
N ARG C 199 31.42 0.11 27.55
CA ARG C 199 30.22 0.21 26.71
C ARG C 199 29.72 -1.17 26.30
N LEU C 200 30.63 -2.08 25.94
CA LEU C 200 30.22 -3.45 25.62
C LEU C 200 29.55 -4.11 26.82
N LEU C 201 30.13 -3.94 28.00
CA LEU C 201 29.54 -4.53 29.20
C LEU C 201 28.13 -3.99 29.44
N GLU C 202 27.96 -2.67 29.29
CA GLU C 202 26.66 -2.06 29.57
C GLU C 202 25.60 -2.48 28.55
N ILE C 203 25.99 -2.55 27.27
CA ILE C 203 25.07 -3.03 26.24
C ILE C 203 24.65 -4.46 26.55
N THR C 204 25.60 -5.31 26.94
CA THR C 204 25.27 -6.69 27.28
C THR C 204 24.33 -6.75 28.47
N ARG C 205 24.57 -5.93 29.49
CA ARG C 205 23.69 -5.93 30.66
C ARG C 205 22.27 -5.50 30.27
N GLU C 206 22.15 -4.46 29.44
CA GLU C 206 20.83 -4.04 28.99
C GLU C 206 20.11 -5.15 28.25
N PHE C 207 20.83 -5.84 27.35
CA PHE C 207 20.20 -6.90 26.58
C PHE C 207 19.84 -8.11 27.45
N SER C 208 20.62 -8.39 28.49
CA SER C 208 20.44 -9.63 29.24
C SER C 208 19.19 -9.61 30.10
N VAL C 209 18.74 -8.43 30.54
CA VAL C 209 17.57 -8.32 31.39
C VAL C 209 16.35 -7.84 30.61
N ASN C 210 16.43 -7.83 29.28
CA ASN C 210 15.30 -7.45 28.44
C ASN C 210 15.08 -8.44 27.30
N ALA C 211 15.68 -9.62 27.39
CA ALA C 211 15.55 -10.67 26.38
C ALA C 211 15.89 -10.15 24.98
N GLY C 212 16.90 -9.28 24.91
CA GLY C 212 17.42 -8.81 23.65
C GLY C 212 16.71 -7.64 23.00
N VAL C 213 15.71 -7.05 23.66
CA VAL C 213 14.97 -5.93 23.10
C VAL C 213 14.82 -4.86 24.19
N THR C 214 15.49 -3.73 24.03
CA THR C 214 15.40 -2.63 24.97
C THR C 214 14.66 -1.45 24.35
N THR C 215 13.92 -0.73 25.21
CA THR C 215 13.24 0.52 24.87
C THR C 215 12.89 1.23 26.17
N PRO C 216 13.20 2.53 26.31
CA PRO C 216 13.83 3.45 25.35
C PRO C 216 15.26 3.07 24.98
N VAL C 217 15.77 3.53 23.85
CA VAL C 217 17.15 3.27 23.46
C VAL C 217 18.05 4.19 24.29
N SER C 218 18.96 3.58 25.05
CA SER C 218 19.80 4.32 25.98
C SER C 218 21.00 4.93 25.26
N THR C 219 21.74 5.75 25.99
CA THR C 219 22.97 6.35 25.47
C THR C 219 24.09 5.33 25.31
N TYR C 220 23.97 4.14 25.92
CA TYR C 220 24.94 3.09 25.65
C TYR C 220 24.66 2.39 24.32
N MET C 221 23.38 2.07 24.06
CA MET C 221 23.02 1.49 22.77
C MET C 221 23.34 2.44 21.64
N LEU C 222 23.07 3.73 21.84
CA LEU C 222 23.23 4.73 20.77
C LEU C 222 23.45 6.07 21.46
N THR C 223 24.68 6.58 21.39
CA THR C 223 24.96 7.83 22.08
C THR C 223 24.26 8.99 21.35
N ASN C 224 24.27 10.15 22.00
CA ASN C 224 23.48 11.28 21.51
C ASN C 224 23.98 11.77 20.15
N SER C 225 25.30 11.90 20.00
CA SER C 225 25.84 12.32 18.71
C SER C 225 25.57 11.29 17.63
N GLU C 226 25.70 9.99 17.97
CA GLU C 226 25.38 8.94 17.00
C GLU C 226 23.93 9.03 16.55
N LEU C 227 23.00 9.21 17.50
CA LEU C 227 21.60 9.32 17.14
C LEU C 227 21.33 10.54 16.27
N LEU C 228 21.99 11.67 16.59
CA LEU C 228 21.79 12.87 15.78
C LEU C 228 22.29 12.66 14.34
N SER C 229 23.44 12.01 14.18
CA SER C 229 23.94 11.72 12.84
C SER C 229 22.99 10.80 12.09
N LEU C 230 22.51 9.75 12.77
CA LEU C 230 21.58 8.83 12.15
C LEU C 230 20.31 9.56 11.73
N ILE C 231 19.87 10.52 12.54
CA ILE C 231 18.73 11.35 12.18
C ILE C 231 19.03 12.15 10.91
N ASN C 232 20.23 12.72 10.83
CA ASN C 232 20.62 13.46 9.63
C ASN C 232 20.53 12.60 8.38
N ASP C 233 20.87 11.32 8.50
CA ASP C 233 20.89 10.46 7.32
C ASP C 233 19.57 9.70 7.10
N MET C 234 18.45 10.19 7.67
CA MET C 234 17.13 9.64 7.41
C MET C 234 16.50 10.31 6.19
N PRO C 235 15.53 9.65 5.53
CA PRO C 235 14.87 10.24 4.33
C PRO C 235 13.63 11.08 4.68
N ILE C 236 13.87 12.22 5.34
CA ILE C 236 12.80 13.08 5.80
C ILE C 236 13.11 14.52 5.42
N THR C 237 12.08 15.36 5.47
CA THR C 237 12.28 16.78 5.21
C THR C 237 13.10 17.41 6.33
N ASN C 238 13.75 18.53 6.00
CA ASN C 238 14.58 19.20 6.99
C ASN C 238 13.75 19.65 8.20
N ASP C 239 12.47 19.96 7.98
CA ASP C 239 11.60 20.28 9.11
C ASP C 239 11.47 19.09 10.05
N GLN C 240 11.28 17.88 9.50
CA GLN C 240 11.20 16.69 10.34
C GLN C 240 12.52 16.41 11.05
N LYS C 241 13.65 16.64 10.37
CA LYS C 241 14.94 16.46 11.01
C LYS C 241 15.11 17.41 12.19
N LYS C 242 14.72 18.68 12.01
CA LYS C 242 14.74 19.63 13.12
C LYS C 242 13.86 19.14 14.26
N LEU C 243 12.65 18.67 13.93
CA LEU C 243 11.72 18.22 14.95
C LEU C 243 12.31 17.08 15.77
N MET C 244 12.88 16.08 15.09
CA MET C 244 13.46 14.94 15.81
C MET C 244 14.69 15.36 16.62
N SER C 245 15.55 16.20 16.06
CA SER C 245 16.76 16.59 16.76
C SER C 245 16.50 17.52 17.94
N ASN C 246 15.33 18.18 17.97
CA ASN C 246 14.99 19.00 19.12
C ASN C 246 14.28 18.21 20.22
N ASN C 247 13.82 17.00 19.94
CA ASN C 247 13.10 16.17 20.89
C ASN C 247 13.68 14.77 20.95
N VAL C 248 15.00 14.71 21.10
CA VAL C 248 15.75 13.45 21.23
C VAL C 248 15.23 12.59 22.38
N PRO C 249 14.86 13.15 23.55
CA PRO C 249 14.24 12.29 24.57
C PRO C 249 13.01 11.55 24.09
N ILE C 250 12.12 12.23 23.35
CA ILE C 250 10.92 11.58 22.83
C ILE C 250 11.30 10.50 21.83
N VAL C 251 12.26 10.80 20.95
CA VAL C 251 12.71 9.82 19.96
C VAL C 251 13.25 8.57 20.64
N ARG C 252 14.07 8.77 21.68
CA ARG C 252 14.61 7.63 22.42
C ARG C 252 13.49 6.83 23.06
N GLN C 253 12.51 7.50 23.66
CA GLN C 253 11.38 6.80 24.26
C GLN C 253 10.63 5.96 23.24
N GLN C 254 10.59 6.41 21.98
CA GLN C 254 9.82 5.75 20.94
C GLN C 254 10.67 4.85 20.05
N SER C 255 11.82 4.39 20.55
CA SER C 255 12.74 3.61 19.73
C SER C 255 13.05 2.28 20.40
N TYR C 256 13.51 1.33 19.58
CA TYR C 256 13.88 0.00 20.05
C TYR C 256 15.31 -0.30 19.64
N SER C 257 16.00 -1.04 20.49
CA SER C 257 17.30 -1.64 20.16
C SER C 257 17.13 -3.15 20.22
N ILE C 258 17.43 -3.81 19.11
CA ILE C 258 17.20 -5.24 18.96
C ILE C 258 18.54 -5.92 18.78
N MET C 259 18.93 -6.75 19.75
CA MET C 259 20.14 -7.54 19.60
C MET C 259 19.94 -8.55 18.48
N SER C 260 20.90 -8.61 17.56
CA SER C 260 20.77 -9.53 16.44
C SER C 260 21.81 -10.65 16.48
N ILE C 261 23.10 -10.34 16.41
CA ILE C 261 24.10 -11.40 16.21
C ILE C 261 25.42 -11.01 16.84
N ILE C 262 26.15 -12.02 17.30
CA ILE C 262 27.58 -11.92 17.57
C ILE C 262 28.27 -13.08 16.87
N LYS C 263 29.15 -12.76 15.92
CA LYS C 263 29.90 -13.77 15.17
C LYS C 263 30.91 -13.06 14.30
N GLU C 264 31.96 -13.81 13.91
CA GLU C 264 32.99 -13.34 13.00
C GLU C 264 33.60 -12.02 13.49
N GLU C 265 33.90 -11.98 14.79
CA GLU C 265 34.52 -10.81 15.42
C GLU C 265 33.65 -9.56 15.28
N VAL C 266 32.33 -9.73 15.19
CA VAL C 266 31.42 -8.61 15.01
C VAL C 266 30.22 -8.79 15.93
N LEU C 267 29.84 -7.74 16.62
CA LEU C 267 28.57 -7.67 17.34
C LEU C 267 27.67 -6.69 16.60
N ALA C 268 26.50 -7.15 16.19
CA ALA C 268 25.58 -6.31 15.44
C ALA C 268 24.20 -6.34 16.09
N TYR C 269 23.65 -5.14 16.32
CA TYR C 269 22.28 -5.01 16.80
C TYR C 269 21.55 -3.94 15.98
N VAL C 270 20.25 -4.15 15.82
CA VAL C 270 19.41 -3.29 14.99
C VAL C 270 18.83 -2.19 15.87
N VAL C 271 18.81 -0.98 15.34
CA VAL C 271 18.18 0.17 15.98
C VAL C 271 16.99 0.58 15.13
N GLN C 272 15.84 0.78 15.79
CA GLN C 272 14.55 1.07 15.14
C GLN C 272 14.05 2.41 15.70
N LEU C 273 14.18 3.47 14.91
CA LEU C 273 13.82 4.86 15.16
C LEU C 273 12.44 5.18 14.61
N PRO C 274 11.68 6.00 15.34
CA PRO C 274 10.37 6.43 14.83
C PRO C 274 10.54 7.33 13.62
N LEU C 275 9.52 7.33 12.76
CA LEU C 275 9.56 8.06 11.50
C LEU C 275 8.27 8.88 11.40
N TYR C 276 8.41 10.20 11.56
CA TYR C 276 7.26 11.10 11.71
C TYR C 276 6.89 11.66 10.34
N GLY C 277 6.05 10.90 9.62
CA GLY C 277 5.65 11.30 8.29
C GLY C 277 4.60 12.39 8.25
N VAL C 278 3.90 12.63 9.36
CA VAL C 278 2.90 13.68 9.46
C VAL C 278 3.31 14.59 10.62
N ILE C 279 3.56 15.86 10.31
CA ILE C 279 3.87 16.85 11.33
C ILE C 279 3.14 18.14 11.00
N ASP C 280 2.93 18.95 12.04
CA ASP C 280 2.42 20.31 11.97
C ASP C 280 0.95 20.41 11.57
N THR C 281 0.21 19.31 11.62
CA THR C 281 -1.22 19.40 11.35
C THR C 281 -1.99 19.71 12.62
N PRO C 282 -3.20 20.27 12.51
CA PRO C 282 -3.97 20.62 13.70
C PRO C 282 -4.32 19.40 14.56
N CYS C 283 -4.07 19.52 15.87
CA CYS C 283 -4.46 18.52 16.85
C CYS C 283 -5.26 19.17 17.95
N TRP C 284 -6.33 18.48 18.38
CA TRP C 284 -7.15 18.92 19.49
C TRP C 284 -7.45 17.75 20.40
N LYS C 285 -7.58 18.04 21.69
CA LYS C 285 -7.84 17.02 22.70
C LYS C 285 -9.24 17.19 23.25
N LEU C 286 -10.00 16.09 23.30
CA LEU C 286 -11.35 16.09 23.84
C LEU C 286 -11.35 15.43 25.22
N HIS C 287 -11.84 16.15 26.22
CA HIS C 287 -12.05 15.66 27.57
C HIS C 287 -13.55 15.53 27.81
N THR C 288 -13.95 14.45 28.49
CA THR C 288 -15.35 14.22 28.81
C THR C 288 -15.47 13.82 30.28
N SER C 289 -16.66 14.05 30.83
CA SER C 289 -16.96 13.78 32.23
C SER C 289 -18.43 13.42 32.34
N PRO C 290 -18.82 12.63 33.35
CA PRO C 290 -20.23 12.19 33.43
C PRO C 290 -21.19 13.35 33.56
N LEU C 291 -22.33 13.23 32.86
CA LEU C 291 -23.40 14.24 32.89
C LEU C 291 -24.65 13.56 33.43
N CYS C 292 -24.89 13.71 34.74
CA CYS C 292 -26.01 13.09 35.42
C CYS C 292 -27.08 14.12 35.73
N THR C 293 -28.24 13.63 36.18
CA THR C 293 -29.33 14.50 36.59
C THR C 293 -29.21 14.83 38.08
N THR C 294 -29.54 16.07 38.42
CA THR C 294 -29.32 16.60 39.75
C THR C 294 -30.46 16.30 40.71
N ASN C 295 -31.57 15.72 40.24
CA ASN C 295 -32.81 15.78 41.00
C ASN C 295 -32.68 15.03 42.33
N THR C 296 -33.72 15.17 43.15
CA THR C 296 -33.58 15.16 44.60
C THR C 296 -33.36 13.78 45.22
N LYS C 297 -33.87 12.71 44.62
CA LYS C 297 -34.21 11.52 45.41
C LYS C 297 -33.04 10.58 45.75
N GLU C 298 -32.55 9.85 44.77
CA GLU C 298 -31.73 8.66 45.04
C GLU C 298 -30.81 8.41 43.85
N GLY C 299 -30.34 7.17 43.71
CA GLY C 299 -29.74 6.70 42.48
C GLY C 299 -30.79 6.53 41.39
N SER C 300 -31.89 7.28 41.53
CA SER C 300 -32.95 7.42 40.54
C SER C 300 -32.60 8.41 39.45
N ASN C 301 -31.30 8.63 39.25
CA ASN C 301 -30.76 9.53 38.26
C ASN C 301 -30.36 8.76 37.01
N ILE C 302 -30.36 9.45 35.87
CA ILE C 302 -29.82 8.93 34.63
C ILE C 302 -28.52 9.67 34.35
N CYS C 303 -27.54 8.94 33.81
CA CYS C 303 -26.20 9.46 33.58
C CYS C 303 -25.76 9.12 32.16
N LEU C 304 -25.14 10.10 31.50
CA LEU C 304 -24.69 10.01 30.12
C LEU C 304 -23.30 10.62 30.03
N THR C 305 -22.45 10.05 29.17
CA THR C 305 -21.06 10.49 29.08
C THR C 305 -20.53 10.26 27.67
N ARG C 306 -19.91 11.27 27.09
CA ARG C 306 -19.25 11.09 25.81
C ARG C 306 -18.04 10.17 25.97
N THR C 307 -17.97 9.14 25.12
CA THR C 307 -16.94 8.11 25.26
C THR C 307 -15.73 8.33 24.37
N ASP C 308 -15.68 9.42 23.62
CA ASP C 308 -14.65 9.63 22.60
C ASP C 308 -13.52 10.53 23.08
N ARG C 309 -13.14 10.43 24.36
CA ARG C 309 -12.02 11.22 24.87
C ARG C 309 -10.76 10.89 24.09
N GLY C 310 -9.83 11.85 24.05
CA GLY C 310 -8.53 11.55 23.54
C GLY C 310 -8.07 12.59 22.55
N TRP C 311 -7.00 12.26 21.83
CA TRP C 311 -6.38 13.18 20.89
C TRP C 311 -6.92 12.98 19.49
N TYR C 312 -7.00 14.07 18.74
CA TYR C 312 -7.50 14.07 17.38
C TYR C 312 -6.52 14.90 16.54
N CYS C 313 -6.09 14.37 15.40
CA CYS C 313 -5.16 15.10 14.56
C CYS C 313 -5.57 14.98 13.12
N ASP C 314 -5.59 16.10 12.41
CA ASP C 314 -5.87 16.06 10.98
C ASP C 314 -4.75 15.31 10.27
N ASN C 315 -5.13 14.42 9.35
CA ASN C 315 -4.18 13.48 8.77
C ASN C 315 -4.68 13.05 7.39
N ALA C 316 -4.11 13.64 6.34
CA ALA C 316 -4.34 13.23 4.95
C ALA C 316 -5.84 13.19 4.63
N GLY C 317 -6.54 14.25 5.01
CA GLY C 317 -7.96 14.35 4.72
C GLY C 317 -8.87 13.61 5.67
N SER C 318 -8.32 12.96 6.69
CA SER C 318 -9.10 12.27 7.71
C SER C 318 -8.72 12.82 9.08
N VAL C 319 -9.27 12.21 10.12
CA VAL C 319 -8.88 12.52 11.49
C VAL C 319 -8.34 11.26 12.12
N SER C 320 -7.06 11.29 12.49
CA SER C 320 -6.48 10.23 13.30
C SER C 320 -6.90 10.43 14.75
N PHE C 321 -7.46 9.40 15.35
CA PHE C 321 -8.02 9.46 16.69
C PHE C 321 -7.21 8.54 17.59
N PHE C 322 -6.75 9.09 18.71
CA PHE C 322 -5.98 8.34 19.69
C PHE C 322 -6.79 8.30 20.96
N PRO C 323 -7.50 7.19 21.22
CA PRO C 323 -8.34 7.13 22.42
C PRO C 323 -7.54 6.96 23.69
N GLN C 324 -6.43 6.23 23.63
CA GLN C 324 -5.53 6.09 24.77
C GLN C 324 -4.60 7.30 24.74
N ALA C 325 -5.03 8.38 25.40
CA ALA C 325 -4.18 9.57 25.51
C ALA C 325 -2.91 9.24 26.28
N GLU C 326 -2.82 8.00 26.76
CA GLU C 326 -1.58 7.48 27.32
C GLU C 326 -0.48 7.40 26.26
N THR C 327 -0.83 6.96 25.05
CA THR C 327 0.18 6.72 24.02
C THR C 327 0.82 7.99 23.48
N CYS C 328 0.28 9.16 23.80
CA CYS C 328 0.74 10.42 23.22
C CYS C 328 1.55 11.21 24.23
N LYS C 329 2.75 11.63 23.83
CA LYS C 329 3.56 12.56 24.59
C LYS C 329 3.24 13.98 24.12
N VAL C 330 3.43 14.96 25.00
CA VAL C 330 3.19 16.36 24.67
C VAL C 330 4.37 17.19 25.14
N GLN C 331 4.99 17.93 24.22
CA GLN C 331 6.03 18.90 24.54
C GLN C 331 5.58 20.24 23.99
N SER C 332 5.36 21.22 24.88
CA SER C 332 4.83 22.54 24.54
C SER C 332 3.48 22.34 23.86
N ASN C 333 3.28 22.79 22.62
CA ASN C 333 2.03 22.54 21.90
C ASN C 333 2.23 21.51 20.78
N ARG C 334 3.21 20.64 20.93
CA ARG C 334 3.49 19.56 19.99
C ARG C 334 3.07 18.24 20.61
N VAL C 335 2.32 17.45 19.85
CA VAL C 335 1.79 16.18 20.32
C VAL C 335 2.46 15.06 19.52
N PHE C 336 3.30 14.28 20.17
CA PHE C 336 3.94 13.12 19.58
C PHE C 336 3.05 11.90 19.84
N CYS C 337 2.33 11.46 18.81
CA CYS C 337 1.46 10.31 18.90
C CYS C 337 1.96 9.18 18.00
N ASP C 338 1.43 7.99 18.24
CA ASP C 338 1.75 6.80 17.46
C ASP C 338 0.49 6.33 16.75
N THR C 339 0.56 6.23 15.41
CA THR C 339 -0.63 5.94 14.63
C THR C 339 -1.18 4.54 14.91
N MET C 340 -0.33 3.62 15.37
CA MET C 340 -0.79 2.25 15.58
C MET C 340 -1.71 2.13 16.79
N ASN C 341 -1.87 3.19 17.57
CA ASN C 341 -2.87 3.27 18.62
C ASN C 341 -4.05 4.13 18.23
N SER C 342 -4.38 4.20 16.93
CA SER C 342 -5.31 5.19 16.43
C SER C 342 -6.38 4.54 15.56
N LEU C 343 -7.47 5.28 15.40
CA LEU C 343 -8.53 4.97 14.46
C LEU C 343 -8.59 6.06 13.40
N THR C 344 -8.96 5.68 12.18
CA THR C 344 -9.14 6.65 11.10
C THR C 344 -10.62 7.00 11.03
N LEU C 345 -10.93 8.30 11.17
CA LEU C 345 -12.31 8.74 11.24
C LEU C 345 -12.57 9.84 10.23
N PRO C 346 -13.83 9.96 9.78
CA PRO C 346 -14.17 11.09 8.91
C PRO C 346 -14.07 12.40 9.64
N PRO C 347 -13.81 13.51 8.95
CA PRO C 347 -13.70 14.81 9.62
C PRO C 347 -14.95 15.19 10.39
N GLU C 348 -16.13 14.78 9.91
CA GLU C 348 -17.39 15.14 10.56
C GLU C 348 -17.49 14.67 12.00
N VAL C 349 -16.53 13.87 12.48
CA VAL C 349 -16.50 13.51 13.89
C VAL C 349 -16.40 14.76 14.75
N ASN C 350 -15.65 15.77 14.28
CA ASN C 350 -15.54 17.02 15.04
C ASN C 350 -16.89 17.67 15.24
N LEU C 351 -17.88 17.34 14.41
CA LEU C 351 -19.20 17.94 14.54
C LEU C 351 -19.88 17.53 15.85
N CYS C 352 -19.43 16.44 16.50
CA CYS C 352 -19.97 16.10 17.81
C CYS C 352 -19.62 17.13 18.87
N ASN C 353 -18.64 17.99 18.59
CA ASN C 353 -18.26 19.07 19.47
C ASN C 353 -19.08 20.34 19.24
N VAL C 354 -19.90 20.37 18.19
CA VAL C 354 -20.73 21.52 17.86
C VAL C 354 -22.20 21.24 18.14
N ASP C 355 -22.77 20.25 17.46
CA ASP C 355 -24.11 19.76 17.71
C ASP C 355 -23.99 18.28 18.05
N ILE C 356 -24.23 17.93 19.32
CA ILE C 356 -24.14 16.54 19.74
C ILE C 356 -25.18 15.68 19.03
N PHE C 357 -26.26 16.30 18.55
CA PHE C 357 -27.36 15.60 17.91
C PHE C 357 -27.35 15.69 16.39
N ASN C 358 -26.24 16.13 15.79
CA ASN C 358 -26.19 16.29 14.35
C ASN C 358 -26.40 14.94 13.67
N PRO C 359 -27.00 14.93 12.48
CA PRO C 359 -27.34 13.65 11.84
C PRO C 359 -26.21 13.07 11.00
N LYS C 360 -25.24 13.90 10.62
CA LYS C 360 -24.16 13.45 9.76
C LYS C 360 -23.29 12.42 10.47
N TYR C 361 -22.83 12.73 11.68
CA TYR C 361 -22.02 11.81 12.47
C TYR C 361 -22.80 11.37 13.71
N ASP C 362 -22.65 10.09 14.04
CA ASP C 362 -23.36 9.48 15.15
C ASP C 362 -22.44 9.45 16.37
N CYS C 363 -22.63 10.43 17.26
CA CYS C 363 -21.75 10.58 18.42
C CYS C 363 -21.86 9.37 19.33
N LYS C 364 -20.72 8.97 19.91
CA LYS C 364 -20.63 7.78 20.72
C LYS C 364 -20.66 8.15 22.20
N ILE C 365 -21.64 7.59 22.93
CA ILE C 365 -21.86 7.90 24.33
C ILE C 365 -21.99 6.61 25.12
N MET C 366 -22.08 6.76 26.44
CA MET C 366 -22.36 5.66 27.34
C MET C 366 -23.30 6.16 28.43
N THR C 367 -24.03 5.24 29.04
CA THR C 367 -25.08 5.57 30.00
C THR C 367 -24.98 4.66 31.22
N SER C 368 -25.53 5.16 32.33
CA SER C 368 -25.57 4.40 33.57
C SER C 368 -26.46 5.14 34.55
N LYS C 369 -26.55 4.61 35.78
CA LYS C 369 -27.12 5.31 36.91
C LYS C 369 -26.05 5.63 37.96
N THR C 370 -24.78 5.58 37.56
CA THR C 370 -23.65 5.54 38.48
C THR C 370 -23.30 6.96 38.94
N ASP C 371 -23.54 7.25 40.21
CA ASP C 371 -23.62 8.61 40.75
C ASP C 371 -22.44 8.87 41.70
N VAL C 372 -21.31 9.31 41.15
CA VAL C 372 -20.13 9.66 41.92
C VAL C 372 -19.43 10.84 41.25
N SER C 373 -18.79 11.68 42.07
CA SER C 373 -18.21 12.93 41.62
C SER C 373 -16.76 12.72 41.15
N SER C 374 -16.38 13.45 40.10
CA SER C 374 -15.02 13.38 39.58
C SER C 374 -14.63 14.73 39.00
N SER C 375 -13.35 14.84 38.62
CA SER C 375 -12.83 16.07 38.05
C SER C 375 -11.76 15.73 37.02
N VAL C 376 -11.81 16.43 35.88
CA VAL C 376 -10.85 16.25 34.80
C VAL C 376 -10.11 17.58 34.59
N ILE C 377 -8.79 17.53 34.65
CA ILE C 377 -7.97 18.70 34.39
C ILE C 377 -7.74 18.81 32.89
N THR C 378 -8.18 19.92 32.30
CA THR C 378 -8.04 20.13 30.87
C THR C 378 -6.72 20.86 30.60
N SER C 379 -6.54 21.34 29.37
CA SER C 379 -5.31 22.05 29.03
C SER C 379 -5.19 23.35 29.81
N LEU C 380 -6.27 24.11 29.94
CA LEU C 380 -6.23 25.37 30.67
C LEU C 380 -7.50 25.55 31.49
N GLY C 381 -7.93 24.49 32.17
CA GLY C 381 -9.09 24.58 33.01
C GLY C 381 -9.32 23.29 33.77
N ALA C 382 -10.54 23.13 34.28
CA ALA C 382 -10.95 21.93 34.98
C ALA C 382 -12.45 21.75 34.86
N ILE C 383 -12.85 20.57 34.41
CA ILE C 383 -14.24 20.13 34.42
C ILE C 383 -14.50 19.44 35.74
N VAL C 384 -15.59 19.79 36.40
CA VAL C 384 -15.98 19.18 37.67
C VAL C 384 -17.39 18.62 37.52
N SER C 385 -17.53 17.32 37.77
CA SER C 385 -18.83 16.66 37.79
C SER C 385 -19.13 16.31 39.24
N CYS C 386 -19.90 17.17 39.91
CA CYS C 386 -20.16 17.06 41.35
C CYS C 386 -21.57 16.52 41.56
N TYR C 387 -21.66 15.29 42.07
CA TYR C 387 -22.93 14.63 42.27
C TYR C 387 -23.03 14.10 43.69
N GLY C 388 -24.23 14.16 44.24
CA GLY C 388 -24.49 13.64 45.57
C GLY C 388 -24.23 14.68 46.64
N LYS C 389 -23.49 14.29 47.67
CA LYS C 389 -23.23 15.17 48.80
C LYS C 389 -21.74 15.38 48.99
N THR C 390 -21.04 15.69 47.89
CA THR C 390 -19.60 15.84 47.89
C THR C 390 -19.21 17.31 47.94
N LYS C 391 -18.13 17.61 48.65
CA LYS C 391 -17.54 18.94 48.64
C LYS C 391 -16.65 19.06 47.41
N CYS C 392 -17.11 19.83 46.43
CA CYS C 392 -16.37 20.10 45.20
C CYS C 392 -16.12 21.60 45.13
N THR C 393 -14.87 22.02 45.25
CA THR C 393 -14.51 23.42 45.31
C THR C 393 -13.34 23.70 44.38
N ALA C 394 -13.24 24.97 43.98
CA ALA C 394 -12.10 25.49 43.24
C ALA C 394 -11.50 26.64 44.05
N SER C 395 -10.18 26.55 44.27
CA SER C 395 -9.46 27.43 45.17
C SER C 395 -8.31 28.13 44.46
N ASN C 396 -8.01 29.33 44.93
CA ASN C 396 -6.83 30.10 44.52
C ASN C 396 -5.89 30.18 45.71
N LYS C 397 -4.59 30.05 45.44
CA LYS C 397 -3.62 29.83 46.51
C LYS C 397 -3.53 30.99 47.50
N ASN C 398 -3.93 32.21 47.10
CA ASN C 398 -3.85 33.36 47.97
C ASN C 398 -5.21 33.85 48.46
N ARG C 399 -6.32 33.32 47.92
CA ARG C 399 -7.63 33.84 48.22
C ARG C 399 -8.57 32.83 48.85
N GLY C 400 -8.21 31.55 48.87
CA GLY C 400 -9.08 30.53 49.43
C GLY C 400 -10.05 29.99 48.39
N ILE C 401 -11.16 29.44 48.89
CA ILE C 401 -12.18 28.90 48.01
C ILE C 401 -12.82 30.04 47.23
N ILE C 402 -12.73 29.97 45.91
CA ILE C 402 -13.39 30.95 45.05
C ILE C 402 -14.59 30.37 44.31
N LYS C 403 -14.82 29.06 44.38
CA LYS C 403 -16.08 28.52 43.90
C LYS C 403 -16.40 27.23 44.65
N THR C 404 -17.66 27.08 45.07
CA THR C 404 -18.17 25.82 45.60
C THR C 404 -19.16 25.28 44.58
N PHE C 405 -18.80 24.17 43.94
CA PHE C 405 -19.59 23.65 42.84
C PHE C 405 -20.91 23.07 43.34
N SER C 406 -21.98 23.36 42.61
CA SER C 406 -23.30 22.79 42.87
C SER C 406 -23.53 21.60 41.95
N ASN C 407 -24.42 20.70 42.38
CA ASN C 407 -24.56 19.39 41.75
C ASN C 407 -24.84 19.51 40.26
N GLY C 408 -24.01 18.86 39.46
CA GLY C 408 -24.08 18.88 38.02
C GLY C 408 -22.68 18.90 37.44
N CYS C 409 -22.60 19.21 36.15
CA CYS C 409 -21.33 19.36 35.47
C CYS C 409 -21.07 20.84 35.26
N ASP C 410 -19.93 21.32 35.76
CA ASP C 410 -19.52 22.70 35.59
C ASP C 410 -18.06 22.74 35.16
N TYR C 411 -17.61 23.93 34.79
CA TYR C 411 -16.25 24.15 34.33
C TYR C 411 -15.70 25.39 35.00
N VAL C 412 -14.40 25.36 35.27
CA VAL C 412 -13.68 26.53 35.77
C VAL C 412 -12.41 26.66 34.93
N SER C 413 -12.02 27.89 34.65
CA SER C 413 -10.80 28.12 33.90
C SER C 413 -9.66 28.44 34.85
N ASN C 414 -8.43 28.30 34.35
CA ASN C 414 -7.25 28.55 35.17
C ASN C 414 -6.97 30.04 35.36
N LYS C 415 -7.84 30.92 34.87
CA LYS C 415 -7.67 32.35 35.10
C LYS C 415 -7.98 32.65 36.56
N GLY C 416 -6.93 32.68 37.39
CA GLY C 416 -7.09 32.93 38.81
C GLY C 416 -7.50 31.73 39.63
N VAL C 417 -7.41 30.52 39.08
CA VAL C 417 -7.77 29.29 39.79
C VAL C 417 -6.55 28.38 39.81
N ASP C 418 -6.13 27.98 41.00
CA ASP C 418 -4.95 27.14 41.16
C ASP C 418 -5.28 25.67 41.37
N THR C 419 -6.20 25.36 42.27
CA THR C 419 -6.49 23.97 42.60
C THR C 419 -7.98 23.70 42.54
N VAL C 420 -8.31 22.42 42.33
CA VAL C 420 -9.68 21.94 42.34
C VAL C 420 -9.73 20.71 43.24
N SER C 421 -10.59 20.75 44.25
CA SER C 421 -10.68 19.66 45.22
C SER C 421 -12.05 19.02 45.12
N VAL C 422 -12.07 17.70 44.91
CA VAL C 422 -13.29 16.90 44.94
C VAL C 422 -13.11 15.82 46.00
N GLY C 423 -14.04 15.76 46.94
CA GLY C 423 -13.89 14.81 48.05
C GLY C 423 -12.60 15.08 48.79
N ASN C 424 -11.85 14.01 49.04
CA ASN C 424 -10.55 14.10 49.68
C ASN C 424 -9.40 14.17 48.68
N THR C 425 -9.71 14.39 47.41
CA THR C 425 -8.72 14.43 46.33
C THR C 425 -8.51 15.86 45.88
N LEU C 426 -7.24 16.26 45.76
CA LEU C 426 -6.87 17.60 45.33
C LEU C 426 -6.12 17.52 44.01
N TYR C 427 -6.69 18.11 42.97
CA TYR C 427 -6.07 18.23 41.66
C TYR C 427 -5.49 19.64 41.50
N TYR C 428 -4.39 19.71 40.75
CA TYR C 428 -3.77 20.99 40.40
C TYR C 428 -4.14 21.37 38.98
N VAL C 429 -4.53 22.61 38.77
CA VAL C 429 -4.93 23.09 37.46
C VAL C 429 -3.68 23.46 36.67
N ASN C 430 -3.72 23.24 35.36
CA ASN C 430 -2.66 23.67 34.47
C ASN C 430 -2.64 25.19 34.40
N LYS C 431 -1.48 25.79 34.67
CA LYS C 431 -1.33 27.24 34.66
C LYS C 431 -0.83 27.77 33.32
N GLN C 432 -0.70 26.91 32.32
CA GLN C 432 -0.38 27.31 30.95
C GLN C 432 -1.25 28.46 30.49
N GLU C 433 -0.63 29.44 29.83
CA GLU C 433 -1.38 30.60 29.36
C GLU C 433 -2.17 30.28 28.09
N GLY C 434 -3.40 30.76 28.05
CA GLY C 434 -4.25 30.58 26.90
C GLY C 434 -5.60 31.20 27.20
N LYS C 435 -6.54 31.03 26.28
CA LYS C 435 -7.89 31.53 26.47
C LYS C 435 -8.91 30.40 26.33
N SER C 436 -9.88 30.40 27.24
CA SER C 436 -10.92 29.39 27.26
C SER C 436 -12.29 30.07 27.21
N LEU C 437 -13.24 29.38 26.59
CA LEU C 437 -14.58 29.90 26.33
C LEU C 437 -15.60 28.94 26.95
N TYR C 438 -16.34 29.44 27.94
CA TYR C 438 -17.47 28.70 28.46
C TYR C 438 -18.64 28.86 27.48
N VAL C 439 -19.24 27.75 27.08
CA VAL C 439 -20.28 27.73 26.06
C VAL C 439 -21.54 27.23 26.74
N LYS C 440 -22.40 28.17 27.14
CA LYS C 440 -23.60 27.82 27.89
C LYS C 440 -24.53 26.96 27.05
N GLY C 441 -25.25 26.07 27.72
CA GLY C 441 -26.20 25.22 27.05
C GLY C 441 -26.92 24.34 28.05
N GLU C 442 -28.07 23.85 27.64
CA GLU C 442 -28.89 23.01 28.51
C GLU C 442 -28.33 21.59 28.51
N PRO C 443 -28.01 21.00 29.67
CA PRO C 443 -27.55 19.61 29.71
C PRO C 443 -28.52 18.66 29.03
N ILE C 444 -28.02 17.90 28.05
CA ILE C 444 -28.90 17.06 27.23
C ILE C 444 -29.46 15.88 28.01
N ILE C 445 -28.85 15.53 29.15
CA ILE C 445 -29.43 14.50 30.00
C ILE C 445 -30.83 14.88 30.45
N ASN C 446 -31.15 16.17 30.44
CA ASN C 446 -32.48 16.64 30.80
C ASN C 446 -33.51 16.42 29.70
N PHE C 447 -33.08 16.21 28.46
CA PHE C 447 -34.01 15.91 27.39
C PHE C 447 -34.59 14.51 27.47
N TYR C 448 -34.00 13.65 28.29
CA TYR C 448 -34.27 12.21 28.25
C TYR C 448 -35.22 11.83 29.38
N ASP C 449 -36.26 11.08 29.04
CA ASP C 449 -37.22 10.60 30.03
C ASP C 449 -36.57 9.51 30.87
N PRO C 450 -36.50 9.65 32.20
CA PRO C 450 -35.70 8.72 33.02
C PRO C 450 -36.31 7.34 33.18
N LEU C 451 -37.39 7.03 32.46
CA LEU C 451 -37.97 5.69 32.47
C LEU C 451 -37.84 4.96 31.14
N VAL C 452 -37.78 5.70 30.03
CA VAL C 452 -37.46 5.10 28.73
C VAL C 452 -35.96 4.99 28.50
N PHE C 453 -35.16 5.39 29.49
CA PHE C 453 -33.74 5.62 29.27
C PHE C 453 -32.94 4.32 29.33
N PRO C 454 -32.17 3.98 28.29
CA PRO C 454 -31.36 2.75 28.32
C PRO C 454 -30.11 2.88 29.18
N SER C 455 -30.22 2.60 30.48
CA SER C 455 -29.30 3.12 31.48
C SER C 455 -28.20 2.12 31.89
N ASP C 456 -27.76 1.24 31.00
CA ASP C 456 -26.51 0.52 31.26
C ASP C 456 -25.72 0.26 30.00
N GLU C 457 -25.69 1.22 29.07
CA GLU C 457 -25.04 0.98 27.78
C GLU C 457 -23.54 1.22 27.88
N PHE C 458 -22.76 0.14 27.69
CA PHE C 458 -21.31 0.23 27.84
C PHE C 458 -20.68 1.03 26.71
N ASP C 459 -21.21 0.92 25.50
CA ASP C 459 -20.71 1.68 24.35
C ASP C 459 -21.87 1.85 23.39
N ALA C 460 -22.48 3.03 23.40
CA ALA C 460 -23.65 3.29 22.55
C ALA C 460 -23.44 4.55 21.73
N SER C 461 -24.48 5.01 21.07
CA SER C 461 -24.45 6.25 20.31
C SER C 461 -25.72 7.04 20.64
N ILE C 462 -25.81 8.24 20.06
CA ILE C 462 -27.06 8.99 20.13
C ILE C 462 -28.16 8.20 19.42
N SER C 463 -27.85 7.66 18.24
CA SER C 463 -28.85 6.94 17.45
C SER C 463 -29.26 5.63 18.12
N GLN C 464 -28.32 4.91 18.71
CA GLN C 464 -28.68 3.65 19.35
C GLN C 464 -29.53 3.87 20.58
N VAL C 465 -29.24 4.92 21.36
CA VAL C 465 -30.07 5.27 22.50
C VAL C 465 -31.47 5.67 22.04
N ASN C 466 -31.55 6.48 20.98
CA ASN C 466 -32.85 6.85 20.43
C ASN C 466 -33.61 5.62 19.95
N GLU C 467 -32.90 4.65 19.38
CA GLU C 467 -33.52 3.42 18.92
C GLU C 467 -34.14 2.65 20.08
N LYS C 468 -33.37 2.45 21.16
CA LYS C 468 -33.90 1.73 22.31
C LYS C 468 -35.05 2.49 22.96
N ILE C 469 -34.96 3.81 23.01
CA ILE C 469 -36.05 4.61 23.59
C ILE C 469 -37.31 4.47 22.76
N ASN C 470 -37.20 4.55 21.43
CA ASN C 470 -38.36 4.38 20.58
C ASN C 470 -38.98 3.00 20.74
N GLN C 471 -38.14 1.96 20.85
CA GLN C 471 -38.66 0.60 20.99
C GLN C 471 -39.42 0.42 22.31
N SER C 472 -38.84 0.90 23.41
CA SER C 472 -39.52 0.80 24.70
C SER C 472 -40.80 1.61 24.71
N LEU C 473 -40.77 2.80 24.11
CA LEU C 473 -41.98 3.63 24.00
C LEU C 473 -43.06 2.90 23.22
N ALA C 474 -42.68 2.25 22.11
CA ALA C 474 -43.65 1.51 21.31
C ALA C 474 -44.25 0.37 22.09
N PHE C 475 -43.43 -0.35 22.88
CA PHE C 475 -43.98 -1.43 23.69
C PHE C 475 -44.99 -0.89 24.71
N ILE C 476 -44.66 0.21 25.37
CA ILE C 476 -45.62 0.77 26.34
C ILE C 476 -46.90 1.19 25.63
N ARG C 477 -46.78 1.83 24.47
CA ARG C 477 -47.95 2.22 23.70
C ARG C 477 -48.84 1.01 23.44
N LYS C 478 -48.27 -0.04 22.86
CA LYS C 478 -49.09 -1.19 22.48
C LYS C 478 -49.69 -1.87 23.70
N SER C 479 -48.86 -2.16 24.71
CA SER C 479 -49.34 -2.86 25.90
C SER C 479 -50.47 -2.08 26.57
N ASP C 480 -50.28 -0.77 26.76
CA ASP C 480 -51.25 0.03 27.51
C ASP C 480 -52.54 0.25 26.72
N GLU C 481 -52.45 0.61 25.44
CA GLU C 481 -53.67 0.76 24.65
C GLU C 481 -54.42 -0.56 24.54
N LEU C 482 -53.69 -1.65 24.32
CA LEU C 482 -54.25 -3.00 24.27
C LEU C 482 -55.05 -3.32 25.53
N LEU C 483 -54.41 -3.20 26.70
CA LEU C 483 -55.14 -3.46 27.93
C LEU C 483 -56.17 -2.39 28.25
N SER C 484 -56.16 -1.25 27.55
CA SER C 484 -57.19 -0.25 27.73
C SER C 484 -58.48 -0.61 26.99
N ALA C 485 -58.36 -1.24 25.82
CA ALA C 485 -59.52 -1.53 24.97
C ALA C 485 -60.23 -2.83 25.34
N ILE C 486 -60.13 -3.29 26.58
CA ILE C 486 -60.69 -4.57 26.99
C ILE C 486 -62.01 -4.39 27.74
N GLY C 487 -62.70 -3.28 27.48
CA GLY C 487 -64.02 -3.07 28.03
C GLY C 487 -65.02 -4.14 27.63
N GLN D 17 -16.19 5.51 -62.92
CA GLN D 17 -14.77 5.84 -62.82
C GLN D 17 -14.48 7.16 -63.52
N ASN D 18 -15.48 8.04 -63.53
CA ASN D 18 -15.29 9.44 -63.86
C ASN D 18 -15.22 10.20 -62.53
N ILE D 19 -14.03 10.17 -61.93
CA ILE D 19 -13.82 10.86 -60.66
C ILE D 19 -13.60 12.34 -60.97
N THR D 20 -14.46 13.20 -60.42
CA THR D 20 -14.42 14.62 -60.67
C THR D 20 -14.17 15.34 -59.35
N GLU D 21 -13.70 16.58 -59.44
CA GLU D 21 -13.50 17.35 -58.22
C GLU D 21 -13.90 18.79 -58.43
N GLU D 22 -14.51 19.38 -57.41
CA GLU D 22 -14.77 20.81 -57.37
C GLU D 22 -14.11 21.39 -56.13
N PHE D 23 -13.45 22.54 -56.30
CA PHE D 23 -12.91 23.30 -55.19
C PHE D 23 -13.73 24.56 -55.03
N TYR D 24 -14.19 24.80 -53.80
CA TYR D 24 -14.94 26.00 -53.44
C TYR D 24 -14.00 26.88 -52.63
N GLN D 25 -13.56 27.98 -53.25
CA GLN D 25 -12.71 28.96 -52.59
C GLN D 25 -13.47 29.71 -51.51
N SER D 26 -14.77 29.93 -51.71
CA SER D 26 -15.56 30.70 -50.76
C SER D 26 -15.50 30.10 -49.37
N THR D 27 -15.47 28.77 -49.28
CA THR D 27 -15.50 28.08 -48.00
C THR D 27 -14.27 27.22 -47.75
N CYS D 28 -13.25 27.32 -48.60
CA CYS D 28 -12.02 26.55 -48.46
C CYS D 28 -12.30 25.05 -48.32
N SER D 29 -12.99 24.51 -49.31
CA SER D 29 -13.31 23.09 -49.26
C SER D 29 -13.32 22.52 -50.66
N ALA D 30 -13.41 21.19 -50.73
CA ALA D 30 -13.41 20.51 -52.03
C ALA D 30 -14.25 19.24 -51.94
N VAL D 31 -14.97 18.95 -53.00
CA VAL D 31 -15.82 17.76 -53.08
C VAL D 31 -15.33 16.91 -54.25
N SER D 32 -15.10 15.63 -53.96
CA SER D 32 -14.71 14.64 -54.95
C SER D 32 -15.90 13.74 -55.24
N LYS D 33 -16.31 13.69 -56.50
CA LYS D 33 -17.49 12.97 -56.95
C LYS D 33 -17.11 11.82 -57.85
N GLY D 34 -18.05 10.91 -58.07
CA GLY D 34 -17.88 9.83 -59.01
C GLY D 34 -17.55 8.48 -58.41
N TYR D 35 -17.60 8.34 -57.09
CA TYR D 35 -17.29 7.06 -56.46
C TYR D 35 -18.56 6.20 -56.36
N LEU D 36 -18.40 4.97 -55.87
CA LEU D 36 -19.50 4.03 -55.76
C LEU D 36 -19.46 3.35 -54.39
N SER D 37 -20.64 3.20 -53.79
CA SER D 37 -20.72 2.72 -52.42
C SER D 37 -20.41 1.24 -52.30
N ALA D 38 -19.80 0.87 -51.18
CA ALA D 38 -19.66 -0.51 -50.75
C ALA D 38 -19.92 -0.60 -49.25
N LEU D 39 -21.00 0.04 -48.81
CA LEU D 39 -21.31 0.14 -47.39
C LEU D 39 -21.52 -1.24 -46.78
N ARG D 40 -20.91 -1.47 -45.61
CA ARG D 40 -21.21 -2.65 -44.82
C ARG D 40 -22.43 -2.34 -43.95
N THR D 41 -23.48 -3.15 -44.09
CA THR D 41 -24.73 -2.91 -43.40
C THR D 41 -25.05 -3.96 -42.34
N GLY D 42 -24.49 -5.15 -42.44
CA GLY D 42 -24.79 -6.20 -41.50
C GLY D 42 -23.70 -7.25 -41.48
N TRP D 43 -24.01 -8.37 -40.84
CA TRP D 43 -23.02 -9.42 -40.62
C TRP D 43 -23.56 -10.78 -41.05
N TYR D 44 -22.66 -11.62 -41.52
CA TYR D 44 -22.92 -13.02 -41.77
C TYR D 44 -22.01 -13.86 -40.88
N THR D 45 -22.57 -14.83 -40.17
CA THR D 45 -21.77 -15.66 -39.28
C THR D 45 -21.80 -17.11 -39.76
N SER D 46 -20.63 -17.73 -39.81
CA SER D 46 -20.50 -19.13 -40.20
C SER D 46 -19.61 -19.85 -39.20
N VAL D 47 -19.91 -21.12 -38.97
CA VAL D 47 -19.18 -21.94 -38.00
C VAL D 47 -18.15 -22.79 -38.75
N ILE D 48 -16.89 -22.70 -38.34
CA ILE D 48 -15.79 -23.45 -38.92
C ILE D 48 -15.33 -24.47 -37.90
N THR D 49 -15.22 -25.72 -38.34
CA THR D 49 -14.94 -26.84 -37.45
C THR D 49 -13.67 -27.58 -37.88
N ILE D 50 -12.94 -28.07 -36.89
CA ILE D 50 -11.78 -28.91 -37.08
C ILE D 50 -12.01 -30.18 -36.25
N GLU D 51 -12.05 -31.32 -36.93
CA GLU D 51 -12.22 -32.58 -36.23
C GLU D 51 -10.94 -32.92 -35.47
N LEU D 52 -11.08 -33.20 -34.18
CA LEU D 52 -9.93 -33.44 -33.32
C LEU D 52 -9.94 -34.88 -32.81
N SER D 53 -8.77 -35.34 -32.40
CA SER D 53 -8.62 -36.67 -31.84
C SER D 53 -8.48 -36.57 -30.33
N ASN D 54 -9.33 -37.30 -29.60
CA ASN D 54 -9.15 -37.39 -28.16
C ASN D 54 -8.11 -38.46 -27.85
N ILE D 55 -6.96 -38.38 -28.54
CA ILE D 55 -5.85 -39.27 -28.20
C ILE D 55 -5.29 -38.85 -26.85
N LYS D 56 -4.70 -39.81 -26.14
CA LYS D 56 -4.13 -39.56 -24.83
C LYS D 56 -2.62 -39.47 -24.96
N GLU D 57 -1.95 -39.19 -23.85
CA GLU D 57 -0.49 -39.17 -23.85
C GLU D 57 0.03 -40.57 -24.10
N PRO D 58 0.88 -40.78 -25.10
CA PRO D 58 1.43 -42.12 -25.35
C PRO D 58 2.40 -42.50 -24.25
N LYS D 59 2.10 -43.59 -23.56
CA LYS D 59 3.00 -44.11 -22.55
C LYS D 59 3.92 -45.20 -23.08
N CYS D 60 3.89 -45.46 -24.39
CA CYS D 60 4.82 -46.39 -25.00
C CYS D 60 6.25 -45.91 -24.76
N ASN D 61 7.17 -46.87 -24.63
CA ASN D 61 8.50 -46.60 -24.12
C ASN D 61 9.59 -46.90 -25.16
N GLY D 62 9.33 -46.55 -26.42
CA GLY D 62 10.37 -46.58 -27.43
C GLY D 62 11.35 -45.44 -27.25
N THR D 63 12.44 -45.50 -28.01
CA THR D 63 13.58 -44.62 -27.76
C THR D 63 14.16 -43.93 -28.99
N ASP D 64 13.76 -44.28 -30.21
CA ASP D 64 14.42 -43.78 -31.41
C ASP D 64 14.20 -42.28 -31.59
N ALA D 65 15.03 -41.70 -32.45
CA ALA D 65 14.94 -40.29 -32.81
C ALA D 65 13.60 -39.97 -33.47
N LYS D 66 13.18 -40.78 -34.46
CA LYS D 66 11.90 -40.51 -35.11
C LYS D 66 10.74 -40.65 -34.14
N VAL D 67 10.85 -41.60 -33.19
CA VAL D 67 9.84 -41.72 -32.15
C VAL D 67 9.80 -40.46 -31.29
N LYS D 68 10.98 -39.94 -30.94
CA LYS D 68 11.05 -38.69 -30.19
C LYS D 68 10.38 -37.55 -30.95
N LEU D 69 10.61 -37.48 -32.27
CA LEU D 69 10.00 -36.43 -33.08
C LEU D 69 8.48 -36.55 -33.09
N ILE D 70 7.96 -37.76 -33.29
CA ILE D 70 6.52 -37.96 -33.33
C ILE D 70 5.90 -37.58 -32.00
N LYS D 71 6.56 -37.98 -30.89
CA LYS D 71 6.05 -37.61 -29.57
C LYS D 71 6.08 -36.09 -29.37
N GLN D 72 7.12 -35.42 -29.87
CA GLN D 72 7.18 -33.97 -29.73
C GLN D 72 6.06 -33.28 -30.49
N GLU D 73 5.77 -33.74 -31.70
CA GLU D 73 4.65 -33.15 -32.44
C GLU D 73 3.32 -33.43 -31.75
N LEU D 74 3.15 -34.63 -31.20
CA LEU D 74 1.97 -34.92 -30.40
C LEU D 74 1.87 -33.99 -29.21
N ASP D 75 3.02 -33.65 -28.61
CA ASP D 75 3.03 -32.73 -27.48
C ASP D 75 2.58 -31.33 -27.89
N LYS D 76 3.05 -30.86 -29.05
CA LYS D 76 2.56 -29.58 -29.57
C LYS D 76 1.05 -29.62 -29.74
N TYR D 77 0.54 -30.71 -30.31
CA TYR D 77 -0.90 -30.86 -30.49
C TYR D 77 -1.64 -30.79 -29.15
N LYS D 78 -1.14 -31.51 -28.14
CA LYS D 78 -1.79 -31.53 -26.84
C LYS D 78 -1.77 -30.14 -26.19
N ASN D 79 -0.64 -29.43 -26.30
CA ASN D 79 -0.56 -28.09 -25.75
C ASN D 79 -1.55 -27.16 -26.44
N ALA D 80 -1.68 -27.26 -27.76
CA ALA D 80 -2.66 -26.43 -28.47
C ALA D 80 -4.07 -26.71 -27.98
N VAL D 81 -4.38 -27.99 -27.77
CA VAL D 81 -5.70 -28.35 -27.25
C VAL D 81 -5.91 -27.74 -25.87
N THR D 82 -4.90 -27.82 -25.01
CA THR D 82 -5.01 -27.24 -23.66
C THR D 82 -5.27 -25.73 -23.73
N GLU D 83 -4.52 -25.03 -24.58
CA GLU D 83 -4.68 -23.58 -24.69
C GLU D 83 -6.08 -23.23 -25.20
N LEU D 84 -6.57 -23.97 -26.19
CA LEU D 84 -7.91 -23.71 -26.69
C LEU D 84 -8.97 -24.00 -25.63
N GLN D 85 -8.77 -25.04 -24.82
CA GLN D 85 -9.69 -25.32 -23.72
C GLN D 85 -9.73 -24.15 -22.75
N LEU D 86 -8.55 -23.61 -22.40
CA LEU D 86 -8.53 -22.46 -21.50
C LEU D 86 -9.21 -21.24 -22.12
N LEU D 87 -9.03 -21.04 -23.44
CA LEU D 87 -9.69 -19.93 -24.12
C LEU D 87 -11.20 -20.04 -24.03
N MET D 88 -11.75 -21.24 -24.32
CA MET D 88 -13.20 -21.37 -24.42
C MET D 88 -13.90 -21.16 -23.08
N GLN D 89 -13.21 -21.36 -21.96
CA GLN D 89 -13.83 -21.24 -20.65
C GLN D 89 -13.56 -19.90 -19.99
N SER D 90 -12.91 -18.98 -20.69
CA SER D 90 -12.96 -17.55 -20.32
C SER D 90 -14.11 -16.85 -21.03
N GLY D 91 -15.31 -17.44 -20.95
CA GLY D 91 -16.44 -17.01 -21.75
C GLY D 91 -16.56 -17.75 -23.06
N PHE D 107 -14.15 4.80 -27.46
CA PHE D 107 -13.48 5.46 -28.54
C PHE D 107 -14.30 6.38 -29.41
N PRO D 108 -15.54 5.99 -29.74
CA PRO D 108 -16.21 6.83 -30.72
C PRO D 108 -16.41 8.23 -30.30
N PRO D 109 -16.37 9.14 -31.26
CA PRO D 109 -16.47 10.56 -30.96
C PRO D 109 -17.88 11.01 -30.79
N PHE D 110 -18.14 12.26 -31.14
CA PHE D 110 -19.48 12.78 -31.10
C PHE D 110 -19.80 13.36 -32.44
N PRO D 111 -21.07 13.36 -32.80
CA PRO D 111 -22.11 12.67 -32.05
C PRO D 111 -22.35 11.24 -32.45
N LEU D 112 -21.30 10.47 -32.64
CA LEU D 112 -21.41 9.10 -33.03
C LEU D 112 -21.79 8.13 -31.96
N GLY D 113 -22.27 6.98 -32.40
CA GLY D 113 -22.69 5.97 -31.48
C GLY D 113 -21.75 4.84 -31.23
N VAL D 114 -22.03 4.07 -30.22
CA VAL D 114 -21.13 3.01 -29.80
C VAL D 114 -21.79 1.67 -30.11
N GLY D 115 -21.16 0.89 -30.98
CA GLY D 115 -21.64 -0.44 -31.30
C GLY D 115 -20.91 -1.53 -30.52
N SER D 116 -21.28 -2.77 -30.82
CA SER D 116 -20.62 -3.96 -30.27
C SER D 116 -20.30 -4.83 -31.48
N ALA D 117 -19.06 -4.72 -31.98
CA ALA D 117 -18.75 -5.19 -33.33
C ALA D 117 -19.00 -6.68 -33.50
N ILE D 118 -18.66 -7.49 -32.50
CA ILE D 118 -18.77 -8.94 -32.62
C ILE D 118 -19.97 -9.48 -31.84
N ALA D 119 -20.96 -8.63 -31.55
CA ALA D 119 -22.15 -9.11 -30.84
C ALA D 119 -22.85 -10.22 -31.62
N SER D 120 -22.86 -10.11 -32.94
CA SER D 120 -23.47 -11.13 -33.79
C SER D 120 -22.77 -12.47 -33.65
N GLY D 121 -21.47 -12.51 -33.98
CA GLY D 121 -20.72 -13.74 -33.90
C GLY D 121 -20.66 -14.29 -32.49
N VAL D 122 -20.60 -13.41 -31.48
CA VAL D 122 -20.57 -13.86 -30.10
C VAL D 122 -21.92 -14.47 -29.72
N ALA D 123 -23.02 -13.94 -30.24
CA ALA D 123 -24.31 -14.59 -30.00
C ALA D 123 -24.29 -16.02 -30.53
N VAL D 124 -23.77 -16.21 -31.74
CA VAL D 124 -23.65 -17.57 -32.27
C VAL D 124 -22.75 -18.43 -31.38
N SER D 125 -21.60 -17.89 -30.99
CA SER D 125 -20.65 -18.65 -30.17
C SER D 125 -21.27 -19.04 -28.83
N LYS D 126 -22.08 -18.16 -28.26
CA LYS D 126 -22.81 -18.47 -27.03
C LYS D 126 -23.78 -19.61 -27.26
N VAL D 127 -24.46 -19.62 -28.41
CA VAL D 127 -25.35 -20.74 -28.73
C VAL D 127 -24.56 -22.05 -28.75
N LEU D 128 -23.31 -21.99 -29.24
CA LEU D 128 -22.54 -23.24 -29.34
C LEU D 128 -22.16 -23.81 -27.98
N HIS D 129 -22.01 -22.98 -26.95
CA HIS D 129 -21.62 -23.49 -25.64
C HIS D 129 -22.68 -24.34 -24.96
N LEU D 130 -23.81 -24.60 -25.62
CA LEU D 130 -24.93 -25.31 -25.02
C LEU D 130 -24.85 -26.81 -25.29
N GLU D 131 -25.58 -27.57 -24.47
CA GLU D 131 -25.66 -29.01 -24.66
C GLU D 131 -26.31 -29.33 -26.00
N GLY D 132 -25.81 -30.37 -26.65
CA GLY D 132 -26.42 -30.85 -27.87
C GLY D 132 -25.91 -30.18 -29.13
N GLU D 133 -25.73 -28.85 -29.09
CA GLU D 133 -25.39 -28.10 -30.31
C GLU D 133 -24.13 -28.64 -30.95
N VAL D 134 -23.12 -28.98 -30.13
CA VAL D 134 -21.90 -29.59 -30.64
C VAL D 134 -22.24 -30.85 -31.43
N ASN D 135 -23.11 -31.70 -30.87
CA ASN D 135 -23.48 -32.94 -31.55
C ASN D 135 -24.28 -32.66 -32.82
N LYS D 136 -25.12 -31.62 -32.81
CA LYS D 136 -25.89 -31.29 -34.00
C LYS D 136 -24.97 -30.92 -35.16
N ILE D 137 -24.00 -30.05 -34.90
CA ILE D 137 -23.01 -29.74 -35.94
C ILE D 137 -22.21 -30.98 -36.32
N LYS D 138 -21.83 -31.77 -35.31
CA LYS D 138 -20.99 -32.94 -35.51
C LYS D 138 -21.65 -33.92 -36.47
N SER D 139 -22.94 -34.20 -36.28
CA SER D 139 -23.64 -35.14 -37.13
C SER D 139 -23.98 -34.53 -38.48
N ALA D 140 -24.27 -33.23 -38.53
CA ALA D 140 -24.59 -32.61 -39.80
C ALA D 140 -23.41 -32.67 -40.77
N LEU D 141 -22.19 -32.78 -40.25
CA LEU D 141 -20.98 -32.75 -41.08
C LEU D 141 -20.31 -34.12 -41.21
N LEU D 142 -21.00 -35.21 -40.86
CA LEU D 142 -20.37 -36.52 -41.00
C LEU D 142 -20.23 -36.91 -42.47
N SER D 143 -21.35 -36.97 -43.19
CA SER D 143 -21.31 -37.44 -44.57
C SER D 143 -20.76 -36.39 -45.52
N THR D 144 -20.89 -35.11 -45.18
CA THR D 144 -20.43 -34.01 -46.03
C THR D 144 -19.64 -33.02 -45.18
N ASN D 145 -18.64 -32.40 -45.79
CA ASN D 145 -17.80 -31.42 -45.10
C ASN D 145 -18.27 -29.99 -45.32
N LYS D 146 -19.54 -29.81 -45.65
CA LYS D 146 -20.15 -28.48 -45.73
C LYS D 146 -21.66 -28.67 -45.62
N ALA D 147 -22.28 -27.97 -44.67
CA ALA D 147 -23.70 -28.17 -44.40
C ALA D 147 -24.31 -26.86 -43.94
N VAL D 148 -25.62 -26.88 -43.73
CA VAL D 148 -26.34 -25.77 -43.10
C VAL D 148 -27.01 -26.33 -41.85
N VAL D 149 -26.58 -25.86 -40.69
CA VAL D 149 -27.09 -26.36 -39.41
C VAL D 149 -28.04 -25.32 -38.83
N SER D 150 -29.19 -25.79 -38.34
CA SER D 150 -30.10 -24.97 -37.57
C SER D 150 -29.90 -25.29 -36.10
N LEU D 151 -29.62 -24.26 -35.30
CA LEU D 151 -29.35 -24.43 -33.88
C LEU D 151 -30.64 -24.38 -33.08
N SER D 152 -30.52 -24.58 -31.76
CA SER D 152 -31.70 -24.61 -30.91
C SER D 152 -32.42 -23.26 -30.83
N ASN D 153 -31.75 -22.16 -31.17
CA ASN D 153 -32.42 -20.87 -31.21
C ASN D 153 -33.14 -20.63 -32.54
N GLY D 154 -32.87 -21.44 -33.56
CA GLY D 154 -33.55 -21.31 -34.83
C GLY D 154 -32.78 -20.61 -35.93
N VAL D 155 -31.49 -20.32 -35.75
CA VAL D 155 -30.70 -19.67 -36.79
C VAL D 155 -30.02 -20.74 -37.64
N SER D 156 -30.03 -20.54 -38.96
CA SER D 156 -29.33 -21.39 -39.89
C SER D 156 -27.97 -20.80 -40.20
N VAL D 157 -26.92 -21.58 -40.04
CA VAL D 157 -25.56 -21.15 -40.33
C VAL D 157 -24.91 -22.17 -41.23
N LEU D 158 -24.19 -21.70 -42.26
CA LEU D 158 -23.24 -22.56 -42.93
C LEU D 158 -22.20 -23.08 -41.94
N THR D 159 -21.90 -24.36 -42.06
CA THR D 159 -20.92 -25.03 -41.22
C THR D 159 -19.96 -25.78 -42.11
N SER D 160 -18.67 -25.66 -41.81
CA SER D 160 -17.62 -26.22 -42.66
C SER D 160 -16.62 -26.99 -41.82
N LYS D 161 -16.19 -28.14 -42.33
CA LYS D 161 -15.09 -28.90 -41.76
C LYS D 161 -13.86 -28.63 -42.63
N VAL D 162 -12.92 -27.87 -42.10
CA VAL D 162 -11.74 -27.48 -42.87
C VAL D 162 -10.54 -28.37 -42.60
N LEU D 163 -10.53 -29.12 -41.51
CA LEU D 163 -9.41 -29.98 -41.18
C LEU D 163 -9.93 -31.18 -40.42
N ASP D 164 -9.36 -32.35 -40.71
CA ASP D 164 -9.72 -33.59 -40.04
C ASP D 164 -8.43 -34.16 -39.48
N LEU D 165 -8.04 -33.69 -38.30
CA LEU D 165 -6.94 -34.35 -37.62
C LEU D 165 -7.33 -35.72 -37.10
N LYS D 166 -8.59 -35.88 -36.66
CA LYS D 166 -9.05 -37.10 -35.99
C LYS D 166 -8.62 -38.34 -36.76
N ASN D 167 -8.86 -38.34 -38.09
CA ASN D 167 -8.46 -39.48 -38.90
C ASN D 167 -6.96 -39.71 -38.88
N TYR D 168 -6.16 -38.67 -39.17
CA TYR D 168 -4.72 -38.88 -39.24
C TYR D 168 -4.15 -39.37 -37.92
N ILE D 169 -4.49 -38.72 -36.80
CA ILE D 169 -3.92 -39.19 -35.53
C ILE D 169 -4.44 -40.58 -35.16
N ASP D 170 -5.73 -40.87 -35.36
CA ASP D 170 -6.25 -42.15 -34.88
C ASP D 170 -5.97 -43.33 -35.82
N LYS D 171 -5.53 -43.08 -37.05
CA LYS D 171 -5.24 -44.16 -37.99
C LYS D 171 -3.78 -44.27 -38.39
N GLN D 172 -3.03 -43.17 -38.42
CA GLN D 172 -1.62 -43.18 -38.82
C GLN D 172 -0.66 -43.14 -37.63
N LEU D 173 -1.13 -42.68 -36.49
CA LEU D 173 -0.30 -42.31 -35.36
C LEU D 173 -0.64 -43.09 -34.10
N LEU D 174 -1.92 -43.36 -33.89
CA LEU D 174 -2.34 -44.18 -32.74
C LEU D 174 -1.75 -45.58 -32.77
N PRO D 175 -1.73 -46.30 -33.89
CA PRO D 175 -1.09 -47.63 -33.87
C PRO D 175 0.38 -47.60 -33.50
N ILE D 176 1.16 -46.71 -34.13
CA ILE D 176 2.60 -46.67 -33.87
C ILE D 176 2.95 -46.18 -32.48
N VAL D 177 1.99 -45.64 -31.74
CA VAL D 177 2.30 -44.95 -30.49
C VAL D 177 1.54 -45.49 -29.28
N ASN D 178 0.42 -46.18 -29.45
CA ASN D 178 -0.35 -46.68 -28.31
C ASN D 178 -0.10 -48.19 -28.15
N LYS D 179 1.03 -48.51 -27.53
CA LYS D 179 1.45 -49.91 -27.35
C LYS D 179 2.44 -49.98 -26.19
N GLN D 180 3.08 -51.14 -26.05
CA GLN D 180 4.11 -51.34 -25.04
C GLN D 180 5.43 -50.71 -25.49
N SER D 181 5.93 -51.13 -26.64
CA SER D 181 7.08 -50.51 -27.28
C SER D 181 6.61 -49.77 -28.51
N CYS D 182 7.05 -48.52 -28.67
CA CYS D 182 6.61 -47.73 -29.80
C CYS D 182 7.15 -48.29 -31.10
N SER D 183 6.28 -48.37 -32.11
CA SER D 183 6.75 -48.63 -33.45
C SER D 183 7.52 -47.43 -33.96
N ILE D 184 8.58 -47.72 -34.70
CA ILE D 184 9.50 -46.69 -35.19
C ILE D 184 8.90 -46.19 -36.51
N PRO D 185 8.56 -44.91 -36.62
CA PRO D 185 7.82 -44.44 -37.81
C PRO D 185 8.75 -44.16 -38.96
N PRO D 186 8.25 -44.14 -40.19
CA PRO D 186 9.02 -43.59 -41.30
C PRO D 186 9.15 -42.09 -41.13
N ILE D 187 10.21 -41.53 -41.72
CA ILE D 187 10.40 -40.09 -41.64
C ILE D 187 9.27 -39.36 -42.35
N GLU D 188 8.71 -39.98 -43.39
CA GLU D 188 7.60 -39.38 -44.10
C GLU D 188 6.39 -39.18 -43.19
N THR D 189 6.21 -40.06 -42.20
CA THR D 189 5.13 -39.86 -41.23
C THR D 189 5.41 -38.68 -40.32
N VAL D 190 6.65 -38.52 -39.87
CA VAL D 190 7.02 -37.37 -39.07
C VAL D 190 6.68 -36.09 -39.84
N ILE D 191 7.09 -36.04 -41.10
CA ILE D 191 6.89 -34.84 -41.91
C ILE D 191 5.40 -34.60 -42.16
N GLU D 192 4.66 -35.65 -42.55
CA GLU D 192 3.24 -35.48 -42.85
C GLU D 192 2.44 -35.07 -41.62
N PHE D 193 2.78 -35.63 -40.45
CA PHE D 193 2.08 -35.23 -39.24
C PHE D 193 2.37 -33.78 -38.89
N GLN D 194 3.63 -33.34 -39.04
CA GLN D 194 3.90 -31.92 -38.84
C GLN D 194 3.07 -31.06 -39.79
N GLN D 195 2.96 -31.50 -41.05
CA GLN D 195 2.19 -30.75 -42.04
C GLN D 195 0.73 -30.61 -41.63
N LYS D 196 0.11 -31.73 -41.23
CA LYS D 196 -1.30 -31.67 -40.83
C LYS D 196 -1.50 -30.86 -39.55
N ASN D 197 -0.58 -30.99 -38.59
CA ASN D 197 -0.71 -30.33 -37.30
C ASN D 197 -0.49 -28.83 -37.36
N ASN D 198 0.22 -28.34 -38.39
CA ASN D 198 0.64 -26.95 -38.40
C ASN D 198 -0.54 -25.97 -38.36
N ARG D 199 -1.61 -26.26 -39.11
CA ARG D 199 -2.72 -25.30 -39.15
C ARG D 199 -3.38 -25.16 -37.80
N LEU D 200 -3.61 -26.28 -37.10
CA LEU D 200 -4.14 -26.21 -35.74
C LEU D 200 -3.23 -25.40 -34.84
N LEU D 201 -1.91 -25.65 -34.95
CA LEU D 201 -0.98 -24.91 -34.10
C LEU D 201 -1.05 -23.40 -34.37
N GLU D 202 -1.11 -23.00 -35.64
CA GLU D 202 -1.09 -21.58 -35.97
C GLU D 202 -2.41 -20.90 -35.59
N ILE D 203 -3.54 -21.58 -35.79
CA ILE D 203 -4.82 -21.06 -35.33
C ILE D 203 -4.78 -20.83 -33.83
N THR D 204 -4.22 -21.80 -33.08
CA THR D 204 -4.10 -21.63 -31.64
C THR D 204 -3.20 -20.46 -31.28
N ARG D 205 -2.11 -20.28 -32.01
CA ARG D 205 -1.23 -19.14 -31.75
C ARG D 205 -1.97 -17.83 -31.91
N GLU D 206 -2.67 -17.67 -33.04
CA GLU D 206 -3.43 -16.44 -33.29
C GLU D 206 -4.46 -16.21 -32.20
N PHE D 207 -5.22 -17.24 -31.83
CA PHE D 207 -6.26 -17.08 -30.82
C PHE D 207 -5.66 -16.76 -29.46
N SER D 208 -4.51 -17.35 -29.13
CA SER D 208 -3.92 -17.21 -27.81
C SER D 208 -3.30 -15.84 -27.60
N VAL D 209 -2.73 -15.23 -28.64
CA VAL D 209 -2.23 -13.86 -28.44
C VAL D 209 -3.28 -12.79 -28.68
N ASN D 210 -4.45 -13.16 -29.21
CA ASN D 210 -5.53 -12.21 -29.48
C ASN D 210 -6.74 -12.41 -28.59
N ALA D 211 -6.56 -13.05 -27.43
CA ALA D 211 -7.62 -13.22 -26.42
C ALA D 211 -8.86 -13.90 -26.99
N GLY D 212 -8.73 -14.58 -28.12
CA GLY D 212 -9.82 -15.35 -28.68
C GLY D 212 -10.62 -14.69 -29.77
N VAL D 213 -10.25 -13.47 -30.18
CA VAL D 213 -10.91 -12.77 -31.27
C VAL D 213 -9.84 -12.12 -32.14
N THR D 214 -9.80 -12.49 -33.42
CA THR D 214 -8.78 -12.01 -34.33
C THR D 214 -9.42 -11.25 -35.50
N THR D 215 -8.68 -10.25 -35.99
CA THR D 215 -9.01 -9.47 -37.18
C THR D 215 -7.75 -8.74 -37.65
N PRO D 216 -7.46 -8.75 -38.95
CA PRO D 216 -8.17 -9.38 -40.07
C PRO D 216 -8.17 -10.91 -39.98
N VAL D 217 -9.08 -11.58 -40.68
CA VAL D 217 -9.14 -13.04 -40.66
C VAL D 217 -8.02 -13.57 -41.55
N SER D 218 -7.09 -14.31 -40.96
CA SER D 218 -5.91 -14.78 -41.67
C SER D 218 -6.25 -15.98 -42.56
N THR D 219 -5.33 -16.30 -43.46
CA THR D 219 -5.49 -17.48 -44.30
C THR D 219 -5.41 -18.78 -43.49
N TYR D 220 -4.83 -18.73 -42.29
CA TYR D 220 -4.90 -19.88 -41.39
C TYR D 220 -6.32 -20.10 -40.90
N MET D 221 -6.97 -19.03 -40.44
CA MET D 221 -8.36 -19.11 -40.02
C MET D 221 -9.25 -19.56 -41.17
N LEU D 222 -9.00 -19.02 -42.36
CA LEU D 222 -9.89 -19.26 -43.50
C LEU D 222 -9.09 -18.98 -44.76
N THR D 223 -8.86 -20.01 -45.57
CA THR D 223 -8.08 -19.84 -46.79
C THR D 223 -8.91 -19.16 -47.86
N ASN D 224 -8.21 -18.68 -48.90
CA ASN D 224 -8.90 -18.01 -50.00
C ASN D 224 -9.92 -18.93 -50.65
N SER D 225 -9.59 -20.21 -50.80
CA SER D 225 -10.55 -21.17 -51.35
C SER D 225 -11.79 -21.26 -50.47
N GLU D 226 -11.57 -21.44 -49.16
CA GLU D 226 -12.69 -21.56 -48.23
C GLU D 226 -13.52 -20.28 -48.19
N LEU D 227 -12.86 -19.11 -48.21
CA LEU D 227 -13.60 -17.85 -48.17
C LEU D 227 -14.41 -17.65 -49.43
N LEU D 228 -13.85 -17.97 -50.60
CA LEU D 228 -14.59 -17.81 -51.84
C LEU D 228 -15.78 -18.76 -51.92
N SER D 229 -15.58 -20.02 -51.51
CA SER D 229 -16.70 -20.95 -51.45
C SER D 229 -17.77 -20.47 -50.48
N LEU D 230 -17.35 -19.93 -49.33
CA LEU D 230 -18.30 -19.40 -48.37
C LEU D 230 -19.09 -18.26 -48.97
N ILE D 231 -18.41 -17.35 -49.69
CA ILE D 231 -19.09 -16.23 -50.33
C ILE D 231 -20.12 -16.74 -51.32
N ASN D 232 -19.78 -17.79 -52.08
CA ASN D 232 -20.77 -18.37 -52.99
C ASN D 232 -21.98 -18.88 -52.23
N ASP D 233 -21.77 -19.61 -51.14
CA ASP D 233 -22.89 -20.21 -50.43
C ASP D 233 -23.67 -19.22 -49.57
N MET D 234 -23.24 -17.97 -49.45
CA MET D 234 -23.99 -16.99 -48.67
C MET D 234 -25.29 -16.63 -49.39
N PRO D 235 -26.32 -16.22 -48.63
CA PRO D 235 -27.57 -15.75 -49.25
C PRO D 235 -27.51 -14.27 -49.62
N ILE D 236 -26.71 -13.97 -50.64
CA ILE D 236 -26.56 -12.62 -51.15
C ILE D 236 -26.75 -12.64 -52.67
N THR D 237 -26.87 -11.44 -53.25
CA THR D 237 -27.02 -11.32 -54.69
C THR D 237 -25.72 -11.71 -55.40
N ASN D 238 -25.85 -11.97 -56.70
CA ASN D 238 -24.66 -12.23 -57.51
C ASN D 238 -23.75 -11.01 -57.57
N ASP D 239 -24.35 -9.81 -57.60
CA ASP D 239 -23.55 -8.59 -57.55
C ASP D 239 -22.76 -8.50 -56.24
N GLN D 240 -23.42 -8.82 -55.12
CA GLN D 240 -22.72 -8.85 -53.84
C GLN D 240 -21.63 -9.91 -53.82
N LYS D 241 -21.91 -11.07 -54.41
CA LYS D 241 -20.91 -12.14 -54.46
C LYS D 241 -19.68 -11.70 -55.24
N LYS D 242 -19.88 -11.01 -56.36
CA LYS D 242 -18.74 -10.54 -57.14
C LYS D 242 -17.97 -9.44 -56.41
N LEU D 243 -18.68 -8.49 -55.80
CA LEU D 243 -18.00 -7.47 -55.01
C LEU D 243 -17.13 -8.10 -53.93
N MET D 244 -17.67 -9.06 -53.19
CA MET D 244 -16.91 -9.70 -52.13
C MET D 244 -15.73 -10.49 -52.70
N SER D 245 -15.99 -11.30 -53.73
CA SER D 245 -14.99 -12.23 -54.25
C SER D 245 -13.84 -11.53 -54.95
N ASN D 246 -14.04 -10.31 -55.45
CA ASN D 246 -12.92 -9.59 -56.03
C ASN D 246 -12.15 -8.79 -54.99
N ASN D 247 -12.82 -8.22 -54.00
CA ASN D 247 -12.14 -7.52 -52.91
C ASN D 247 -12.01 -8.40 -51.68
N VAL D 248 -11.27 -9.49 -51.84
CA VAL D 248 -11.04 -10.45 -50.75
C VAL D 248 -10.18 -9.84 -49.64
N PRO D 249 -9.10 -9.11 -49.92
CA PRO D 249 -8.35 -8.47 -48.82
C PRO D 249 -9.21 -7.55 -47.96
N ILE D 250 -10.07 -6.75 -48.58
CA ILE D 250 -10.94 -5.86 -47.82
C ILE D 250 -11.94 -6.67 -46.99
N VAL D 251 -12.45 -7.75 -47.55
CA VAL D 251 -13.32 -8.64 -46.79
C VAL D 251 -12.61 -9.18 -45.56
N ARG D 252 -11.35 -9.59 -45.74
CA ARG D 252 -10.57 -10.11 -44.62
C ARG D 252 -10.39 -9.05 -43.54
N GLN D 253 -10.05 -7.82 -43.93
CA GLN D 253 -9.82 -6.77 -42.94
C GLN D 253 -11.09 -6.43 -42.17
N GLN D 254 -12.24 -6.50 -42.82
CA GLN D 254 -13.51 -6.17 -42.18
C GLN D 254 -14.16 -7.38 -41.51
N SER D 255 -13.47 -8.51 -41.43
CA SER D 255 -14.04 -9.73 -40.86
C SER D 255 -13.44 -10.00 -39.48
N TYR D 256 -14.12 -10.89 -38.74
CA TYR D 256 -13.65 -11.32 -37.44
C TYR D 256 -13.64 -12.84 -37.37
N SER D 257 -12.77 -13.38 -36.53
CA SER D 257 -12.70 -14.81 -36.28
C SER D 257 -12.78 -15.02 -34.77
N ILE D 258 -13.88 -15.60 -34.30
CA ILE D 258 -14.20 -15.67 -32.88
C ILE D 258 -14.11 -17.12 -32.45
N MET D 259 -13.15 -17.43 -31.58
CA MET D 259 -13.05 -18.77 -31.03
C MET D 259 -14.28 -19.09 -30.19
N SER D 260 -14.86 -20.27 -30.39
CA SER D 260 -16.10 -20.61 -29.69
C SER D 260 -15.94 -21.74 -28.69
N ILE D 261 -15.60 -22.96 -29.13
CA ILE D 261 -15.67 -24.11 -28.25
C ILE D 261 -14.66 -25.17 -28.71
N ILE D 262 -14.26 -26.00 -27.75
CA ILE D 262 -13.58 -27.25 -28.01
C ILE D 262 -14.27 -28.30 -27.13
N LYS D 263 -14.97 -29.24 -27.78
CA LYS D 263 -15.78 -30.23 -27.10
C LYS D 263 -16.00 -31.40 -28.04
N GLU D 264 -16.12 -32.60 -27.45
CA GLU D 264 -16.59 -33.77 -28.19
C GLU D 264 -15.74 -34.03 -29.43
N GLU D 265 -14.43 -33.86 -29.31
CA GLU D 265 -13.50 -34.03 -30.43
C GLU D 265 -13.85 -33.11 -31.61
N VAL D 266 -14.23 -31.89 -31.29
CA VAL D 266 -14.46 -30.83 -32.28
C VAL D 266 -13.89 -29.53 -31.74
N LEU D 267 -13.20 -28.79 -32.60
CA LEU D 267 -12.88 -27.39 -32.36
C LEU D 267 -13.75 -26.56 -33.28
N ALA D 268 -14.50 -25.61 -32.73
CA ALA D 268 -15.40 -24.79 -33.52
C ALA D 268 -15.16 -23.33 -33.21
N TYR D 269 -15.06 -22.52 -34.27
CA TYR D 269 -14.97 -21.08 -34.10
C TYR D 269 -15.86 -20.39 -35.13
N VAL D 270 -16.31 -19.19 -34.78
CA VAL D 270 -17.24 -18.43 -35.61
C VAL D 270 -16.45 -17.42 -36.43
N VAL D 271 -16.76 -17.34 -37.72
CA VAL D 271 -16.25 -16.31 -38.60
C VAL D 271 -17.38 -15.35 -38.90
N GLN D 272 -17.09 -14.05 -38.78
CA GLN D 272 -18.07 -12.98 -38.96
C GLN D 272 -17.63 -12.14 -40.15
N LEU D 273 -18.39 -12.22 -41.25
CA LEU D 273 -18.13 -11.62 -42.55
C LEU D 273 -19.02 -10.41 -42.79
N PRO D 274 -18.53 -9.41 -43.52
CA PRO D 274 -19.36 -8.23 -43.82
C PRO D 274 -20.48 -8.55 -44.79
N LEU D 275 -21.60 -7.87 -44.61
CA LEU D 275 -22.72 -7.89 -45.54
C LEU D 275 -22.83 -6.51 -46.17
N TYR D 276 -22.60 -6.43 -47.48
CA TYR D 276 -22.62 -5.15 -48.17
C TYR D 276 -24.03 -4.93 -48.73
N GLY D 277 -24.94 -4.53 -47.84
CA GLY D 277 -26.33 -4.35 -48.20
C GLY D 277 -26.64 -3.09 -48.97
N VAL D 278 -25.68 -2.19 -49.15
CA VAL D 278 -25.81 -1.01 -50.00
C VAL D 278 -24.63 -0.99 -50.94
N ILE D 279 -24.89 -1.11 -52.24
CA ILE D 279 -23.87 -1.24 -53.25
C ILE D 279 -24.19 -0.30 -54.41
N ASP D 280 -23.14 0.33 -54.96
CA ASP D 280 -23.23 1.09 -56.21
C ASP D 280 -24.11 2.34 -56.09
N THR D 281 -24.21 2.90 -54.90
CA THR D 281 -24.81 4.22 -54.82
C THR D 281 -23.72 5.28 -54.89
N PRO D 282 -24.06 6.50 -55.32
CA PRO D 282 -23.04 7.55 -55.45
C PRO D 282 -22.49 7.98 -54.10
N CYS D 283 -21.16 8.08 -54.02
CA CYS D 283 -20.44 8.57 -52.86
C CYS D 283 -19.54 9.72 -53.27
N TRP D 284 -19.41 10.70 -52.37
CA TRP D 284 -18.51 11.82 -52.58
C TRP D 284 -17.77 12.14 -51.29
N LYS D 285 -16.60 12.72 -51.43
CA LYS D 285 -15.74 13.02 -50.29
C LYS D 285 -15.58 14.53 -50.13
N LEU D 286 -15.69 15.00 -48.90
CA LEU D 286 -15.53 16.41 -48.56
C LEU D 286 -14.22 16.62 -47.82
N HIS D 287 -13.35 17.45 -48.38
CA HIS D 287 -12.12 17.91 -47.75
C HIS D 287 -12.28 19.36 -47.34
N THR D 288 -11.83 19.71 -46.13
CA THR D 288 -11.90 21.08 -45.64
C THR D 288 -10.58 21.45 -45.00
N SER D 289 -10.23 22.73 -45.11
CA SER D 289 -9.03 23.31 -44.53
C SER D 289 -9.38 24.67 -43.96
N PRO D 290 -8.63 25.16 -42.97
CA PRO D 290 -8.98 26.43 -42.34
C PRO D 290 -8.92 27.61 -43.30
N LEU D 291 -9.86 28.53 -43.11
CA LEU D 291 -10.01 29.73 -43.94
C LEU D 291 -10.01 30.94 -43.00
N CYS D 292 -8.95 31.74 -43.06
CA CYS D 292 -8.76 32.87 -42.16
C CYS D 292 -8.62 34.16 -42.96
N THR D 293 -8.73 35.28 -42.24
CA THR D 293 -8.34 36.55 -42.81
C THR D 293 -6.82 36.60 -42.97
N THR D 294 -6.37 37.40 -43.94
CA THR D 294 -4.95 37.63 -44.15
C THR D 294 -4.53 39.07 -43.91
N ASN D 295 -5.49 39.97 -43.74
CA ASN D 295 -5.35 41.42 -43.69
C ASN D 295 -4.69 41.92 -42.42
N THR D 296 -4.13 41.06 -41.57
CA THR D 296 -3.89 41.45 -40.18
C THR D 296 -2.44 41.29 -39.73
N LYS D 297 -2.23 41.44 -38.42
CA LYS D 297 -0.91 41.51 -37.83
C LYS D 297 -0.91 40.75 -36.50
N GLU D 298 0.16 39.98 -36.26
CA GLU D 298 0.33 39.16 -35.07
C GLU D 298 -0.77 38.11 -34.94
N GLY D 299 -1.88 38.48 -34.31
CA GLY D 299 -2.97 37.55 -34.05
C GLY D 299 -4.35 38.13 -34.26
N SER D 300 -4.47 39.14 -35.11
CA SER D 300 -5.73 39.80 -35.37
C SER D 300 -6.57 39.10 -36.43
N ASN D 301 -6.28 37.84 -36.72
CA ASN D 301 -7.02 37.06 -37.70
C ASN D 301 -8.22 36.37 -37.05
N ILE D 302 -9.28 36.21 -37.84
CA ILE D 302 -10.40 35.37 -37.49
C ILE D 302 -10.41 34.16 -38.42
N CYS D 303 -10.51 32.97 -37.84
CA CYS D 303 -10.41 31.72 -38.59
C CYS D 303 -11.71 30.93 -38.51
N LEU D 304 -12.10 30.36 -39.65
CA LEU D 304 -13.36 29.65 -39.82
C LEU D 304 -13.09 28.40 -40.66
N THR D 305 -13.71 27.28 -40.28
CA THR D 305 -13.40 26.01 -40.92
C THR D 305 -14.63 25.11 -40.99
N ARG D 306 -14.94 24.59 -42.16
CA ARG D 306 -16.00 23.60 -42.29
C ARG D 306 -15.61 22.31 -41.56
N THR D 307 -16.53 21.78 -40.76
CA THR D 307 -16.23 20.61 -39.93
C THR D 307 -16.96 19.35 -40.36
N ASP D 308 -17.75 19.40 -41.43
CA ASP D 308 -18.48 18.22 -41.90
C ASP D 308 -17.71 17.44 -42.96
N ARG D 309 -16.38 17.47 -42.90
CA ARG D 309 -15.54 16.72 -43.82
C ARG D 309 -15.72 15.22 -43.62
N GLY D 310 -15.46 14.47 -44.69
CA GLY D 310 -15.52 13.03 -44.60
C GLY D 310 -16.21 12.44 -45.82
N TRP D 311 -16.70 11.21 -45.69
CA TRP D 311 -17.35 10.54 -46.79
C TRP D 311 -18.86 10.72 -46.71
N TYR D 312 -19.52 10.75 -47.86
CA TYR D 312 -20.97 10.86 -47.94
C TYR D 312 -21.45 9.89 -48.99
N CYS D 313 -22.51 9.14 -48.71
CA CYS D 313 -23.04 8.20 -49.67
C CYS D 313 -24.56 8.23 -49.67
N ASP D 314 -25.16 8.23 -50.87
CA ASP D 314 -26.60 8.11 -50.94
C ASP D 314 -27.03 6.75 -50.43
N ASN D 315 -27.92 6.72 -49.44
CA ASN D 315 -28.33 5.45 -48.83
C ASN D 315 -29.79 5.56 -48.40
N ALA D 316 -30.65 4.80 -49.07
CA ALA D 316 -32.04 4.60 -48.66
C ALA D 316 -32.79 5.92 -48.48
N GLY D 317 -32.61 6.84 -49.43
CA GLY D 317 -33.28 8.12 -49.38
C GLY D 317 -32.65 9.14 -48.46
N SER D 318 -31.59 8.79 -47.76
CA SER D 318 -30.85 9.72 -46.92
C SER D 318 -29.39 9.75 -47.40
N VAL D 319 -28.55 10.43 -46.62
CA VAL D 319 -27.12 10.45 -46.88
C VAL D 319 -26.42 9.87 -45.66
N SER D 320 -25.73 8.75 -45.86
CA SER D 320 -24.87 8.19 -44.83
C SER D 320 -23.56 8.97 -44.82
N PHE D 321 -23.28 9.60 -43.69
CA PHE D 321 -22.10 10.44 -43.52
C PHE D 321 -21.10 9.72 -42.63
N PHE D 322 -19.87 9.64 -43.07
CA PHE D 322 -18.78 8.99 -42.32
C PHE D 322 -17.76 10.05 -41.99
N PRO D 323 -17.78 10.61 -40.77
CA PRO D 323 -16.81 11.66 -40.42
C PRO D 323 -15.42 11.11 -40.18
N GLN D 324 -15.30 9.89 -39.69
CA GLN D 324 -14.01 9.24 -39.54
C GLN D 324 -13.69 8.58 -40.87
N ALA D 325 -13.01 9.33 -41.75
CA ALA D 325 -12.65 8.72 -43.03
C ALA D 325 -11.57 7.65 -42.91
N GLU D 326 -11.17 7.28 -41.68
CA GLU D 326 -10.34 6.09 -41.50
C GLU D 326 -11.13 4.82 -41.75
N THR D 327 -12.37 4.77 -41.27
CA THR D 327 -13.19 3.56 -41.34
C THR D 327 -13.51 3.15 -42.78
N CYS D 328 -13.06 3.94 -43.74
CA CYS D 328 -13.41 3.75 -45.14
C CYS D 328 -12.17 3.36 -45.93
N LYS D 329 -12.32 2.35 -46.78
CA LYS D 329 -11.26 1.88 -47.66
C LYS D 329 -11.67 2.14 -49.10
N VAL D 330 -10.80 2.78 -49.86
CA VAL D 330 -11.06 3.07 -51.26
C VAL D 330 -10.28 2.09 -52.12
N GLN D 331 -10.98 1.40 -53.02
CA GLN D 331 -10.38 0.51 -54.00
C GLN D 331 -11.01 0.82 -55.35
N SER D 332 -10.19 1.31 -56.28
CA SER D 332 -10.67 1.87 -57.56
C SER D 332 -11.56 3.06 -57.18
N ASN D 333 -12.75 3.21 -57.76
CA ASN D 333 -13.70 4.22 -57.31
C ASN D 333 -14.67 3.67 -56.29
N ARG D 334 -14.30 2.61 -55.59
CA ARG D 334 -15.20 1.87 -54.71
C ARG D 334 -14.89 2.23 -53.27
N VAL D 335 -15.92 2.56 -52.50
CA VAL D 335 -15.76 3.09 -51.15
C VAL D 335 -16.41 2.11 -50.18
N PHE D 336 -15.59 1.33 -49.48
CA PHE D 336 -16.05 0.43 -48.43
C PHE D 336 -16.05 1.19 -47.12
N CYS D 337 -17.20 1.72 -46.72
CA CYS D 337 -17.35 2.30 -45.39
C CYS D 337 -18.16 1.35 -44.51
N ASP D 338 -18.24 1.71 -43.23
CA ASP D 338 -18.93 0.89 -42.23
C ASP D 338 -19.95 1.77 -41.52
N THR D 339 -21.22 1.34 -41.55
CA THR D 339 -22.31 2.18 -41.07
C THR D 339 -22.29 2.36 -39.56
N MET D 340 -21.57 1.51 -38.81
CA MET D 340 -21.44 1.71 -37.38
C MET D 340 -20.71 3.01 -37.04
N ASN D 341 -19.99 3.58 -38.00
CA ASN D 341 -19.22 4.80 -37.82
C ASN D 341 -19.81 5.96 -38.61
N SER D 342 -21.14 6.02 -38.67
CA SER D 342 -21.83 6.93 -39.56
C SER D 342 -22.95 7.67 -38.85
N LEU D 343 -23.48 8.67 -39.56
CA LEU D 343 -24.69 9.38 -39.21
C LEU D 343 -25.61 9.38 -40.41
N THR D 344 -26.90 9.53 -40.16
CA THR D 344 -27.90 9.61 -41.24
C THR D 344 -28.38 11.05 -41.33
N LEU D 345 -28.19 11.66 -42.49
CA LEU D 345 -28.50 13.06 -42.70
C LEU D 345 -29.47 13.22 -43.86
N PRO D 346 -30.23 14.31 -43.89
CA PRO D 346 -31.07 14.58 -45.06
C PRO D 346 -30.21 14.85 -46.27
N PRO D 347 -30.70 14.58 -47.48
CA PRO D 347 -29.91 14.90 -48.67
C PRO D 347 -29.55 16.37 -48.75
N GLU D 348 -30.36 17.23 -48.13
CA GLU D 348 -30.11 18.67 -48.08
C GLU D 348 -28.71 19.01 -47.57
N VAL D 349 -28.02 18.07 -46.91
CA VAL D 349 -26.67 18.35 -46.43
C VAL D 349 -25.77 18.73 -47.60
N ASN D 350 -25.99 18.15 -48.79
CA ASN D 350 -25.17 18.50 -49.93
C ASN D 350 -25.25 19.98 -50.29
N LEU D 351 -26.32 20.66 -49.86
CA LEU D 351 -26.45 22.08 -50.11
C LEU D 351 -25.33 22.90 -49.49
N CYS D 352 -24.64 22.35 -48.48
CA CYS D 352 -23.50 23.05 -47.92
C CYS D 352 -22.36 23.20 -48.91
N ASN D 353 -22.36 22.42 -49.98
CA ASN D 353 -21.41 22.55 -51.07
C ASN D 353 -21.90 23.50 -52.16
N VAL D 354 -23.09 24.09 -51.98
CA VAL D 354 -23.71 24.93 -52.98
C VAL D 354 -23.90 26.35 -52.48
N ASP D 355 -24.37 26.50 -51.24
CA ASP D 355 -24.48 27.81 -50.60
C ASP D 355 -24.41 27.56 -49.09
N ILE D 356 -23.25 27.82 -48.49
CA ILE D 356 -23.07 27.53 -47.08
C ILE D 356 -24.03 28.35 -46.22
N PHE D 357 -24.59 29.42 -46.78
CA PHE D 357 -25.59 30.23 -46.11
C PHE D 357 -27.00 29.91 -46.56
N ASN D 358 -27.25 28.70 -47.05
CA ASN D 358 -28.57 28.34 -47.53
C ASN D 358 -29.56 28.26 -46.36
N PRO D 359 -30.86 28.34 -46.65
CA PRO D 359 -31.85 28.28 -45.56
C PRO D 359 -32.18 26.85 -45.10
N LYS D 360 -32.20 25.89 -46.02
CA LYS D 360 -32.79 24.59 -45.72
C LYS D 360 -32.01 23.85 -44.64
N TYR D 361 -30.68 23.83 -44.74
CA TYR D 361 -29.84 23.03 -43.86
C TYR D 361 -28.77 23.92 -43.24
N ASP D 362 -28.55 23.75 -41.94
CA ASP D 362 -27.64 24.63 -41.20
C ASP D 362 -26.24 24.03 -41.24
N CYS D 363 -25.40 24.56 -42.14
CA CYS D 363 -24.06 24.03 -42.34
C CYS D 363 -23.21 24.20 -41.08
N LYS D 364 -22.50 23.14 -40.71
CA LYS D 364 -21.77 23.12 -39.44
C LYS D 364 -20.31 23.50 -39.67
N ILE D 365 -19.82 24.43 -38.86
CA ILE D 365 -18.46 24.96 -38.95
C ILE D 365 -17.88 25.06 -37.54
N MET D 366 -16.60 25.42 -37.49
CA MET D 366 -15.90 25.77 -36.27
C MET D 366 -15.17 27.08 -36.50
N THR D 367 -14.89 27.79 -35.41
CA THR D 367 -14.15 29.05 -35.49
C THR D 367 -13.05 29.06 -34.43
N SER D 368 -11.94 29.69 -34.77
CA SER D 368 -10.82 29.83 -33.85
C SER D 368 -9.92 30.96 -34.35
N LYS D 369 -8.74 31.05 -33.79
CA LYS D 369 -7.73 32.05 -34.14
C LYS D 369 -6.36 31.38 -34.29
N THR D 370 -6.32 30.24 -34.97
CA THR D 370 -5.18 29.34 -34.96
C THR D 370 -4.42 29.47 -36.28
N ASP D 371 -3.32 30.23 -36.25
CA ASP D 371 -2.59 30.62 -37.46
C ASP D 371 -1.38 29.72 -37.65
N VAL D 372 -1.63 28.53 -38.21
CA VAL D 372 -0.56 27.68 -38.71
C VAL D 372 -1.00 27.15 -40.08
N SER D 373 -0.03 26.98 -40.97
CA SER D 373 -0.31 26.62 -42.35
C SER D 373 -0.43 25.12 -42.52
N SER D 374 -1.35 24.71 -43.39
CA SER D 374 -1.72 23.29 -43.51
C SER D 374 -2.01 22.98 -44.97
N SER D 375 -2.04 21.68 -45.28
CA SER D 375 -2.33 21.26 -46.64
C SER D 375 -3.10 19.94 -46.62
N VAL D 376 -4.13 19.86 -47.46
CA VAL D 376 -4.97 18.68 -47.58
C VAL D 376 -4.82 18.12 -48.99
N ILE D 377 -4.34 16.88 -49.10
CA ILE D 377 -4.29 16.22 -50.40
C ILE D 377 -5.67 15.64 -50.69
N THR D 378 -6.28 16.06 -51.80
CA THR D 378 -7.61 15.62 -52.16
C THR D 378 -7.52 14.51 -53.20
N SER D 379 -8.67 14.13 -53.76
CA SER D 379 -8.73 12.98 -54.65
C SER D 379 -7.87 13.19 -55.90
N LEU D 380 -7.92 14.38 -56.49
CA LEU D 380 -7.04 14.67 -57.61
C LEU D 380 -6.49 16.11 -57.56
N GLY D 381 -6.32 16.65 -56.35
CA GLY D 381 -5.74 17.96 -56.20
C GLY D 381 -5.08 18.17 -54.85
N ALA D 382 -5.01 19.43 -54.42
CA ALA D 382 -4.44 19.75 -53.11
C ALA D 382 -4.91 21.14 -52.70
N ILE D 383 -5.45 21.23 -51.48
CA ILE D 383 -5.80 22.49 -50.84
C ILE D 383 -4.62 22.93 -49.98
N VAL D 384 -4.27 24.20 -50.06
CA VAL D 384 -3.20 24.77 -49.24
C VAL D 384 -3.77 25.97 -48.48
N SER D 385 -3.62 25.95 -47.17
CA SER D 385 -3.94 27.09 -46.32
C SER D 385 -2.62 27.65 -45.83
N CYS D 386 -2.17 28.76 -46.44
CA CYS D 386 -0.88 29.35 -46.13
C CYS D 386 -1.10 30.61 -45.31
N TYR D 387 -0.62 30.60 -44.07
CA TYR D 387 -0.80 31.73 -43.17
C TYR D 387 0.53 32.07 -42.49
N GLY D 388 0.68 33.34 -42.16
CA GLY D 388 1.91 33.78 -41.53
C GLY D 388 3.01 33.97 -42.54
N LYS D 389 4.14 33.31 -42.31
CA LYS D 389 5.36 33.51 -43.09
C LYS D 389 5.95 32.19 -43.52
N THR D 390 5.11 31.32 -44.08
CA THR D 390 5.52 29.97 -44.43
C THR D 390 5.76 29.83 -45.93
N LYS D 391 6.69 28.97 -46.29
CA LYS D 391 6.88 28.57 -47.68
C LYS D 391 5.85 27.51 -48.03
N CYS D 392 4.88 27.88 -48.86
CA CYS D 392 3.85 26.96 -49.37
C CYS D 392 3.95 26.95 -50.88
N THR D 393 4.43 25.85 -51.43
CA THR D 393 4.72 25.76 -52.86
C THR D 393 4.12 24.47 -53.45
N ALA D 394 3.90 24.51 -54.76
CA ALA D 394 3.47 23.37 -55.54
C ALA D 394 4.44 23.20 -56.69
N SER D 395 4.97 21.98 -56.82
CA SER D 395 6.14 21.73 -57.65
C SER D 395 5.93 20.50 -58.53
N ASN D 396 6.68 20.49 -59.63
CA ASN D 396 6.66 19.45 -60.64
C ASN D 396 8.08 18.90 -60.76
N LYS D 397 8.22 17.56 -60.82
CA LYS D 397 9.53 16.96 -60.65
C LYS D 397 10.52 17.30 -61.76
N ASN D 398 10.06 17.87 -62.87
CA ASN D 398 10.94 18.30 -63.95
C ASN D 398 10.96 19.80 -64.19
N ARG D 399 9.87 20.50 -63.90
CA ARG D 399 9.75 21.92 -64.22
C ARG D 399 10.09 22.85 -63.06
N GLY D 400 10.14 22.35 -61.84
CA GLY D 400 10.48 23.16 -60.68
C GLY D 400 9.26 23.56 -59.88
N ILE D 401 9.41 24.66 -59.14
CA ILE D 401 8.28 25.23 -58.41
C ILE D 401 7.37 25.90 -59.43
N ILE D 402 6.10 25.51 -59.44
CA ILE D 402 5.15 26.04 -60.39
C ILE D 402 4.10 26.94 -59.76
N LYS D 403 3.93 26.89 -58.44
CA LYS D 403 3.11 27.92 -57.78
C LYS D 403 3.58 28.14 -56.35
N THR D 404 3.92 29.38 -56.02
CA THR D 404 4.09 29.78 -54.63
C THR D 404 2.77 30.35 -54.13
N PHE D 405 2.33 29.90 -52.96
CA PHE D 405 0.99 30.20 -52.47
C PHE D 405 1.00 31.46 -51.62
N SER D 406 0.15 32.41 -51.98
CA SER D 406 -0.06 33.60 -51.15
C SER D 406 -0.94 33.25 -49.96
N ASN D 407 -0.86 34.08 -48.93
CA ASN D 407 -1.57 33.81 -47.70
C ASN D 407 -3.08 33.81 -47.95
N GLY D 408 -3.76 32.89 -47.28
CA GLY D 408 -5.13 32.53 -47.56
C GLY D 408 -5.23 31.06 -47.92
N CYS D 409 -6.41 30.67 -48.37
CA CYS D 409 -6.68 29.30 -48.76
C CYS D 409 -6.81 29.24 -50.29
N ASP D 410 -5.97 28.41 -50.90
CA ASP D 410 -5.91 28.25 -52.35
C ASP D 410 -5.90 26.76 -52.68
N TYR D 411 -5.97 26.45 -53.97
CA TYR D 411 -6.08 25.08 -54.44
C TYR D 411 -5.26 24.92 -55.70
N VAL D 412 -4.79 23.70 -55.93
CA VAL D 412 -4.12 23.35 -57.19
C VAL D 412 -4.55 21.95 -57.58
N SER D 413 -4.67 21.69 -58.88
CA SER D 413 -5.04 20.36 -59.34
C SER D 413 -3.79 19.56 -59.65
N ASN D 414 -3.98 18.27 -59.93
CA ASN D 414 -2.86 17.36 -60.16
C ASN D 414 -2.34 17.40 -61.59
N LYS D 415 -2.95 18.19 -62.47
CA LYS D 415 -2.45 18.37 -63.81
C LYS D 415 -1.26 19.30 -63.78
N GLY D 416 -0.05 18.75 -63.93
CA GLY D 416 1.17 19.52 -63.86
C GLY D 416 1.80 19.62 -62.49
N VAL D 417 1.17 19.06 -61.45
CA VAL D 417 1.68 19.14 -60.08
C VAL D 417 2.03 17.74 -59.61
N ASP D 418 3.26 17.58 -59.12
CA ASP D 418 3.68 16.33 -58.52
C ASP D 418 3.69 16.37 -57.00
N THR D 419 4.08 17.50 -56.39
CA THR D 419 4.14 17.60 -54.94
C THR D 419 3.66 18.97 -54.48
N VAL D 420 3.26 19.03 -53.21
CA VAL D 420 2.97 20.27 -52.52
C VAL D 420 3.78 20.29 -51.22
N SER D 421 4.48 21.38 -50.96
CA SER D 421 5.36 21.50 -49.81
C SER D 421 4.93 22.67 -48.94
N VAL D 422 4.70 22.40 -47.66
CA VAL D 422 4.37 23.43 -46.67
C VAL D 422 5.38 23.31 -45.54
N GLY D 423 6.07 24.41 -45.23
CA GLY D 423 7.11 24.37 -44.22
C GLY D 423 8.20 23.39 -44.61
N ASN D 424 8.61 22.57 -43.65
CA ASN D 424 9.56 21.48 -43.90
C ASN D 424 8.86 20.17 -44.24
N THR D 425 7.60 20.23 -44.65
CA THR D 425 6.78 19.05 -44.88
C THR D 425 6.44 18.95 -46.36
N LEU D 426 6.58 17.75 -46.91
CA LEU D 426 6.44 17.51 -48.34
C LEU D 426 5.37 16.43 -48.56
N TYR D 427 4.28 16.82 -49.22
CA TYR D 427 3.16 15.93 -49.51
C TYR D 427 3.16 15.60 -51.00
N TYR D 428 2.76 14.37 -51.32
CA TYR D 428 2.68 13.89 -52.69
C TYR D 428 1.24 13.98 -53.18
N VAL D 429 1.07 14.61 -54.33
CA VAL D 429 -0.26 14.82 -54.89
C VAL D 429 -0.73 13.55 -55.58
N ASN D 430 -2.03 13.25 -55.46
CA ASN D 430 -2.64 12.13 -56.15
C ASN D 430 -2.57 12.32 -57.66
N LYS D 431 -1.72 11.56 -58.34
CA LYS D 431 -1.68 11.60 -59.80
C LYS D 431 -2.79 10.75 -60.43
N GLN D 432 -3.80 10.42 -59.63
CA GLN D 432 -5.08 9.92 -60.11
C GLN D 432 -5.55 10.72 -61.32
N GLU D 433 -6.03 10.02 -62.34
CA GLU D 433 -6.52 10.69 -63.54
C GLU D 433 -7.98 11.09 -63.36
N GLY D 434 -8.28 12.33 -63.72
CA GLY D 434 -9.62 12.87 -63.53
C GLY D 434 -9.64 14.35 -63.88
N LYS D 435 -10.78 14.98 -63.63
CA LYS D 435 -10.98 16.38 -64.01
C LYS D 435 -11.33 17.21 -62.77
N SER D 436 -10.69 18.37 -62.67
CA SER D 436 -10.77 19.25 -61.50
C SER D 436 -11.29 20.62 -61.92
N LEU D 437 -12.14 21.22 -61.08
CA LEU D 437 -12.77 22.49 -61.40
C LEU D 437 -12.64 23.44 -60.21
N TYR D 438 -12.05 24.60 -60.44
CA TYR D 438 -11.90 25.64 -59.45
C TYR D 438 -13.09 26.59 -59.52
N VAL D 439 -13.74 26.83 -58.39
CA VAL D 439 -14.94 27.66 -58.32
C VAL D 439 -14.57 28.91 -57.54
N LYS D 440 -14.27 29.99 -58.26
CA LYS D 440 -13.86 31.23 -57.62
C LYS D 440 -15.00 31.81 -56.80
N GLY D 441 -14.65 32.51 -55.73
CA GLY D 441 -15.64 33.10 -54.85
C GLY D 441 -15.02 33.82 -53.66
N GLU D 442 -15.71 34.83 -53.16
CA GLU D 442 -15.20 35.58 -52.02
C GLU D 442 -15.21 34.72 -50.77
N PRO D 443 -14.10 34.60 -50.06
CA PRO D 443 -14.09 33.83 -48.81
C PRO D 443 -15.10 34.38 -47.82
N ILE D 444 -15.90 33.47 -47.24
CA ILE D 444 -16.96 33.90 -46.34
C ILE D 444 -16.41 34.53 -45.06
N ILE D 445 -15.17 34.17 -44.68
CA ILE D 445 -14.55 34.75 -43.50
C ILE D 445 -14.43 36.26 -43.61
N ASN D 446 -14.50 36.80 -44.84
CA ASN D 446 -14.38 38.22 -45.06
C ASN D 446 -15.67 38.99 -44.76
N PHE D 447 -16.78 38.29 -44.49
CA PHE D 447 -18.05 38.96 -44.21
C PHE D 447 -18.30 39.18 -42.72
N TYR D 448 -17.31 38.91 -41.88
CA TYR D 448 -17.48 38.91 -40.43
C TYR D 448 -16.67 40.04 -39.81
N ASP D 449 -17.31 40.80 -38.92
CA ASP D 449 -16.60 41.82 -38.15
C ASP D 449 -15.73 41.13 -37.11
N PRO D 450 -14.42 41.33 -37.13
CA PRO D 450 -13.55 40.61 -36.17
C PRO D 450 -13.86 40.93 -34.71
N LEU D 451 -14.51 42.04 -34.43
CA LEU D 451 -14.75 42.45 -33.06
C LEU D 451 -16.00 41.83 -32.44
N VAL D 452 -16.87 41.24 -33.27
CA VAL D 452 -18.06 40.55 -32.77
C VAL D 452 -18.05 39.10 -33.29
N PHE D 453 -16.87 38.52 -33.41
CA PHE D 453 -16.67 37.17 -33.93
C PHE D 453 -16.33 36.21 -32.81
N PRO D 454 -17.04 35.08 -32.67
CA PRO D 454 -16.67 34.09 -31.65
C PRO D 454 -15.52 33.21 -32.12
N SER D 455 -14.66 32.82 -31.15
CA SER D 455 -13.41 32.19 -31.55
C SER D 455 -12.99 31.00 -30.69
N ASP D 456 -13.91 30.36 -29.96
CA ASP D 456 -13.60 29.13 -29.22
C ASP D 456 -14.70 28.11 -29.43
N GLU D 457 -15.09 27.90 -30.68
CA GLU D 457 -16.25 27.08 -31.04
C GLU D 457 -15.76 25.71 -31.54
N PHE D 458 -15.70 24.76 -30.60
CA PHE D 458 -15.45 23.36 -30.94
C PHE D 458 -16.41 22.88 -32.03
N ASP D 459 -17.69 23.19 -31.86
CA ASP D 459 -18.73 22.76 -32.79
C ASP D 459 -19.82 23.81 -32.81
N ALA D 460 -20.05 24.39 -33.98
CA ALA D 460 -21.08 25.41 -34.16
C ALA D 460 -21.65 25.23 -35.56
N SER D 461 -22.39 26.22 -36.03
CA SER D 461 -22.89 26.24 -37.39
C SER D 461 -22.99 27.69 -37.83
N ILE D 462 -23.53 27.89 -39.04
CA ILE D 462 -23.78 29.24 -39.52
C ILE D 462 -24.76 29.95 -38.59
N SER D 463 -25.84 29.25 -38.22
CA SER D 463 -26.92 29.87 -37.47
C SER D 463 -26.49 30.21 -36.05
N GLN D 464 -25.73 29.33 -35.38
CA GLN D 464 -25.30 29.61 -34.02
C GLN D 464 -24.39 30.84 -33.98
N VAL D 465 -23.46 30.95 -34.93
CA VAL D 465 -22.54 32.08 -34.94
C VAL D 465 -23.30 33.36 -35.32
N ASN D 466 -24.24 33.28 -36.25
CA ASN D 466 -25.06 34.45 -36.57
C ASN D 466 -25.86 34.89 -35.35
N GLU D 467 -26.36 33.93 -34.57
CA GLU D 467 -27.05 34.25 -33.32
C GLU D 467 -26.13 34.95 -32.33
N LYS D 468 -24.87 34.49 -32.22
CA LYS D 468 -23.96 35.09 -31.27
C LYS D 468 -23.56 36.51 -31.68
N ILE D 469 -23.32 36.72 -32.97
CA ILE D 469 -23.05 38.08 -33.44
C ILE D 469 -24.28 38.95 -33.24
N ASN D 470 -25.48 38.38 -33.41
CA ASN D 470 -26.71 39.11 -33.09
C ASN D 470 -26.71 39.56 -31.64
N GLN D 471 -26.43 38.64 -30.72
CA GLN D 471 -26.38 38.98 -29.30
C GLN D 471 -25.43 40.14 -29.04
N SER D 472 -24.19 40.02 -29.52
CA SER D 472 -23.17 40.99 -29.15
C SER D 472 -23.41 42.36 -29.81
N LEU D 473 -23.78 42.37 -31.10
CA LEU D 473 -24.06 43.65 -31.76
C LEU D 473 -25.32 44.30 -31.19
N ALA D 474 -26.32 43.50 -30.81
CA ALA D 474 -27.50 44.04 -30.18
C ALA D 474 -27.17 44.67 -28.83
N PHE D 475 -26.30 44.03 -28.05
CA PHE D 475 -25.85 44.67 -26.81
C PHE D 475 -25.11 45.95 -27.12
N ILE D 476 -24.29 45.95 -28.18
CA ILE D 476 -23.58 47.16 -28.58
C ILE D 476 -24.55 48.31 -28.74
N ARG D 477 -25.59 48.10 -29.56
CA ARG D 477 -26.57 49.15 -29.79
C ARG D 477 -27.30 49.51 -28.50
N LYS D 478 -27.70 48.50 -27.71
CA LYS D 478 -28.41 48.74 -26.46
C LYS D 478 -27.62 49.68 -25.55
N SER D 479 -26.40 49.29 -25.21
CA SER D 479 -25.60 50.07 -24.27
C SER D 479 -25.24 51.44 -24.84
N ASP D 480 -24.87 51.49 -26.14
CA ASP D 480 -24.56 52.76 -26.77
C ASP D 480 -25.72 53.75 -26.61
N GLU D 481 -26.92 53.34 -26.99
CA GLU D 481 -28.02 54.29 -27.01
C GLU D 481 -28.61 54.54 -25.62
N LEU D 482 -28.54 53.55 -24.72
CA LEU D 482 -28.93 53.79 -23.33
C LEU D 482 -28.02 54.84 -22.69
N LEU D 483 -26.70 54.65 -22.78
CA LEU D 483 -25.77 55.56 -22.17
C LEU D 483 -25.61 56.86 -22.95
N SER D 484 -26.12 56.93 -24.18
CA SER D 484 -26.21 58.22 -24.86
C SER D 484 -27.47 58.97 -24.46
N ALA D 485 -28.56 58.26 -24.19
CA ALA D 485 -29.81 58.88 -23.74
C ALA D 485 -29.84 59.16 -22.24
N ILE D 486 -28.79 58.78 -21.50
CA ILE D 486 -28.72 59.19 -20.09
C ILE D 486 -28.78 60.71 -19.96
N GLY D 487 -28.13 61.42 -20.87
CA GLY D 487 -27.98 62.86 -20.80
C GLY D 487 -29.24 63.67 -20.54
N GLN E 17 24.04 10.86 -25.76
CA GLN E 17 25.33 11.52 -25.64
C GLN E 17 25.48 12.15 -24.24
N ASN E 18 24.72 13.22 -24.01
CA ASN E 18 24.67 13.92 -22.73
C ASN E 18 23.26 14.51 -22.61
N ILE E 19 22.36 13.73 -22.02
CA ILE E 19 20.97 14.13 -21.90
C ILE E 19 20.78 14.92 -20.61
N THR E 20 20.23 16.12 -20.73
CA THR E 20 19.88 16.93 -19.59
C THR E 20 18.39 17.18 -19.60
N GLU E 21 17.90 17.77 -18.50
CA GLU E 21 16.48 18.04 -18.36
C GLU E 21 16.31 19.20 -17.38
N GLU E 22 15.42 20.11 -17.72
CA GLU E 22 15.07 21.23 -16.85
C GLU E 22 13.60 21.14 -16.51
N PHE E 23 13.28 21.38 -15.24
CA PHE E 23 11.90 21.44 -14.78
C PHE E 23 11.56 22.89 -14.44
N TYR E 24 10.69 23.48 -15.25
CA TYR E 24 10.14 24.81 -14.99
C TYR E 24 8.97 24.65 -14.02
N GLN E 25 9.23 25.00 -12.77
CA GLN E 25 8.19 25.02 -11.73
C GLN E 25 7.10 26.03 -12.08
N SER E 26 7.50 27.17 -12.65
CA SER E 26 6.55 28.25 -12.89
C SER E 26 5.43 27.82 -13.82
N THR E 27 5.74 27.00 -14.83
CA THR E 27 4.76 26.57 -15.81
C THR E 27 4.39 25.10 -15.68
N CYS E 28 4.90 24.41 -14.68
CA CYS E 28 4.66 22.97 -14.49
C CYS E 28 5.01 22.20 -15.76
N SER E 29 6.26 22.32 -16.18
CA SER E 29 6.67 21.68 -17.42
C SER E 29 8.13 21.28 -17.33
N ALA E 30 8.57 20.47 -18.28
CA ALA E 30 9.95 19.99 -18.32
C ALA E 30 10.41 19.88 -19.77
N VAL E 31 11.72 20.08 -19.96
CA VAL E 31 12.34 19.98 -21.27
C VAL E 31 13.52 19.02 -21.15
N SER E 32 13.51 17.97 -21.97
CA SER E 32 14.63 17.04 -22.08
C SER E 32 15.45 17.43 -23.30
N LYS E 33 16.71 17.76 -23.08
CA LYS E 33 17.63 18.23 -24.12
C LYS E 33 18.78 17.25 -24.29
N GLY E 34 19.43 17.35 -25.44
CA GLY E 34 20.61 16.56 -25.73
C GLY E 34 20.43 15.47 -26.76
N TYR E 35 19.27 15.38 -27.41
CA TYR E 35 19.00 14.33 -28.37
C TYR E 35 19.44 14.77 -29.77
N LEU E 36 19.73 13.77 -30.61
CA LEU E 36 20.18 14.01 -31.97
C LEU E 36 19.13 13.49 -32.96
N SER E 37 18.97 14.23 -34.06
CA SER E 37 17.86 14.04 -34.96
C SER E 37 18.17 13.05 -36.07
N ALA E 38 17.12 12.38 -36.55
CA ALA E 38 17.12 11.68 -37.83
C ALA E 38 15.71 11.89 -38.39
N LEU E 39 15.54 12.98 -39.11
CA LEU E 39 14.27 13.31 -39.74
C LEU E 39 14.27 12.77 -41.16
N ARG E 40 13.36 11.83 -41.41
CA ARG E 40 13.09 11.35 -42.76
C ARG E 40 12.53 12.48 -43.60
N THR E 41 13.16 12.72 -44.75
CA THR E 41 12.70 13.70 -45.71
C THR E 41 12.49 13.13 -47.10
N GLY E 42 13.09 11.99 -47.42
CA GLY E 42 12.97 11.42 -48.75
C GLY E 42 12.59 9.95 -48.70
N TRP E 43 12.40 9.40 -49.89
CA TRP E 43 12.06 7.98 -50.06
C TRP E 43 12.99 7.35 -51.08
N TYR E 44 13.55 6.20 -50.76
CA TYR E 44 14.27 5.39 -51.72
C TYR E 44 13.46 4.14 -52.02
N THR E 45 13.10 3.93 -53.27
CA THR E 45 12.32 2.78 -53.67
C THR E 45 13.22 1.76 -54.36
N SER E 46 12.97 0.48 -54.12
CA SER E 46 13.74 -0.60 -54.72
C SER E 46 12.78 -1.73 -55.10
N VAL E 47 13.09 -2.41 -56.19
CA VAL E 47 12.23 -3.47 -56.72
C VAL E 47 12.85 -4.81 -56.33
N ILE E 48 12.19 -5.54 -55.43
CA ILE E 48 12.60 -6.88 -55.03
C ILE E 48 11.82 -7.89 -55.86
N THR E 49 12.50 -8.97 -56.26
CA THR E 49 11.94 -9.94 -57.18
C THR E 49 12.14 -11.35 -56.66
N ILE E 50 11.19 -12.21 -57.03
CA ILE E 50 11.28 -13.65 -56.85
C ILE E 50 10.89 -14.30 -58.17
N GLU E 51 11.77 -15.13 -58.72
CA GLU E 51 11.44 -15.76 -59.99
C GLU E 51 10.59 -16.99 -59.75
N LEU E 52 9.46 -17.05 -60.44
CA LEU E 52 8.49 -18.13 -60.31
C LEU E 52 8.60 -19.08 -61.50
N SER E 53 8.18 -20.32 -61.28
CA SER E 53 8.06 -21.31 -62.34
C SER E 53 6.59 -21.48 -62.68
N ASN E 54 6.26 -21.33 -63.96
CA ASN E 54 4.89 -21.54 -64.41
C ASN E 54 4.70 -23.00 -64.80
N ILE E 55 4.77 -23.85 -63.79
CA ILE E 55 4.49 -25.26 -63.99
C ILE E 55 2.99 -25.47 -63.89
N LYS E 56 2.53 -26.59 -64.44
CA LYS E 56 1.12 -26.91 -64.46
C LYS E 56 0.80 -27.84 -63.29
N GLU E 57 -0.46 -28.29 -63.21
CA GLU E 57 -0.91 -29.25 -62.21
C GLU E 57 0.09 -30.40 -62.13
N PRO E 58 0.46 -30.87 -60.92
CA PRO E 58 1.39 -32.01 -60.82
C PRO E 58 1.01 -33.10 -61.80
N LYS E 59 1.90 -33.38 -62.75
CA LYS E 59 1.52 -33.83 -64.09
C LYS E 59 1.46 -35.35 -64.23
N CYS E 60 1.56 -36.10 -63.14
CA CYS E 60 1.73 -37.55 -63.19
C CYS E 60 0.63 -38.23 -62.39
N ASN E 61 0.55 -39.56 -62.52
CA ASN E 61 -0.13 -40.39 -61.53
C ASN E 61 0.94 -41.21 -60.82
N GLY E 62 0.96 -41.10 -59.48
CA GLY E 62 2.07 -41.61 -58.71
C GLY E 62 1.64 -41.94 -57.30
N THR E 63 2.40 -42.84 -56.67
CA THR E 63 1.93 -43.54 -55.47
C THR E 63 2.68 -43.21 -54.20
N ASP E 64 3.97 -42.90 -54.27
CA ASP E 64 4.82 -42.93 -53.08
C ASP E 64 4.45 -41.83 -52.10
N ALA E 65 4.91 -42.00 -50.86
CA ALA E 65 4.65 -41.02 -49.80
C ALA E 65 5.36 -39.70 -50.08
N LYS E 66 6.64 -39.77 -50.46
CA LYS E 66 7.38 -38.55 -50.76
C LYS E 66 6.84 -37.86 -52.02
N VAL E 67 6.30 -38.64 -52.95
CA VAL E 67 5.61 -38.03 -54.09
C VAL E 67 4.40 -37.23 -53.62
N LYS E 68 3.65 -37.78 -52.66
CA LYS E 68 2.53 -37.04 -52.07
C LYS E 68 3.01 -35.75 -51.42
N LEU E 69 4.11 -35.82 -50.66
CA LEU E 69 4.62 -34.62 -50.01
C LEU E 69 5.03 -33.55 -51.02
N ILE E 70 5.73 -33.96 -52.08
CA ILE E 70 6.15 -33.02 -53.11
C ILE E 70 4.95 -32.41 -53.82
N LYS E 71 3.94 -33.24 -54.13
CA LYS E 71 2.74 -32.73 -54.80
C LYS E 71 1.99 -31.75 -53.90
N GLN E 72 1.88 -32.04 -52.61
CA GLN E 72 1.23 -31.11 -51.69
C GLN E 72 1.98 -29.79 -51.62
N GLU E 73 3.31 -29.85 -51.58
CA GLU E 73 4.09 -28.61 -51.56
C GLU E 73 3.91 -27.82 -52.85
N LEU E 74 3.86 -28.52 -53.99
CA LEU E 74 3.61 -27.82 -55.26
C LEU E 74 2.22 -27.20 -55.28
N ASP E 75 1.24 -27.86 -54.67
CA ASP E 75 -0.09 -27.27 -54.55
C ASP E 75 -0.05 -26.00 -53.70
N LYS E 76 0.71 -26.03 -52.60
CA LYS E 76 0.87 -24.82 -51.79
C LYS E 76 1.49 -23.69 -52.62
N TYR E 77 2.52 -24.00 -53.40
CA TYR E 77 3.17 -23.00 -54.25
C TYR E 77 2.20 -22.42 -55.29
N LYS E 78 1.50 -23.30 -56.00
CA LYS E 78 0.56 -22.84 -57.03
C LYS E 78 -0.55 -22.00 -56.43
N ASN E 79 -1.10 -22.43 -55.28
CA ASN E 79 -2.17 -21.69 -54.66
C ASN E 79 -1.67 -20.33 -54.17
N ALA E 80 -0.43 -20.26 -53.68
CA ALA E 80 0.13 -18.97 -53.30
C ALA E 80 0.24 -18.05 -54.51
N VAL E 81 0.68 -18.60 -55.65
CA VAL E 81 0.79 -17.77 -56.85
C VAL E 81 -0.57 -17.24 -57.28
N THR E 82 -1.60 -18.10 -57.24
CA THR E 82 -2.93 -17.66 -57.62
C THR E 82 -3.49 -16.63 -56.63
N GLU E 83 -3.25 -16.83 -55.33
CA GLU E 83 -3.64 -15.82 -54.34
C GLU E 83 -3.01 -14.48 -54.65
N LEU E 84 -1.71 -14.48 -54.96
CA LEU E 84 -1.03 -13.22 -55.25
C LEU E 84 -1.54 -12.59 -56.54
N GLN E 85 -1.89 -13.41 -57.53
CA GLN E 85 -2.49 -12.88 -58.75
C GLN E 85 -3.82 -12.18 -58.46
N LEU E 86 -4.65 -12.78 -57.62
CA LEU E 86 -5.88 -12.11 -57.24
C LEU E 86 -5.62 -10.89 -56.36
N LEU E 87 -4.51 -10.87 -55.63
CA LEU E 87 -4.19 -9.71 -54.80
C LEU E 87 -3.78 -8.51 -55.65
N MET E 88 -2.87 -8.72 -56.61
CA MET E 88 -2.46 -7.65 -57.50
C MET E 88 -3.64 -7.12 -58.31
N GLN E 89 -4.67 -7.95 -58.47
CA GLN E 89 -5.95 -7.59 -59.07
C GLN E 89 -6.95 -7.34 -57.95
N SER E 90 -6.81 -6.20 -57.25
CA SER E 90 -7.59 -6.01 -56.02
C SER E 90 -9.02 -5.57 -56.29
N GLY E 91 -9.21 -4.41 -56.92
CA GLY E 91 -10.55 -3.93 -57.26
C GLY E 91 -11.17 -2.87 -56.37
N LEU E 112 -2.23 18.62 -38.42
CA LEU E 112 -1.54 17.86 -39.46
C LEU E 112 -2.37 17.77 -40.75
N GLY E 113 -1.72 18.01 -41.87
CA GLY E 113 -2.32 17.68 -43.15
C GLY E 113 -2.17 16.20 -43.47
N VAL E 114 -3.02 15.72 -44.38
CA VAL E 114 -3.04 14.31 -44.74
C VAL E 114 -2.42 14.15 -46.12
N GLY E 115 -1.60 13.11 -46.26
CA GLY E 115 -1.00 12.76 -47.52
C GLY E 115 -1.13 11.27 -47.78
N SER E 116 -0.16 10.73 -48.51
CA SER E 116 -0.05 9.29 -48.71
C SER E 116 1.43 8.95 -48.69
N ALA E 117 1.83 8.14 -47.71
CA ALA E 117 3.25 7.86 -47.50
C ALA E 117 3.87 7.06 -48.64
N ILE E 118 3.08 6.34 -49.43
CA ILE E 118 3.60 5.35 -50.35
C ILE E 118 3.50 5.81 -51.81
N ALA E 119 3.43 7.12 -52.05
CA ALA E 119 3.27 7.60 -53.43
C ALA E 119 4.46 7.21 -54.30
N SER E 120 5.68 7.32 -53.76
CA SER E 120 6.87 6.97 -54.55
C SER E 120 6.83 5.52 -54.99
N GLY E 121 6.63 4.62 -54.03
CA GLY E 121 6.59 3.20 -54.35
C GLY E 121 5.46 2.85 -55.29
N VAL E 122 4.31 3.51 -55.12
CA VAL E 122 3.17 3.24 -55.99
C VAL E 122 3.47 3.67 -57.42
N ALA E 123 4.13 4.82 -57.60
CA ALA E 123 4.53 5.24 -58.93
C ALA E 123 5.47 4.21 -59.58
N VAL E 124 6.46 3.73 -58.81
CA VAL E 124 7.39 2.74 -59.37
C VAL E 124 6.65 1.47 -59.74
N SER E 125 5.72 1.02 -58.90
CA SER E 125 4.93 -0.18 -59.19
C SER E 125 4.08 0.00 -60.46
N LYS E 126 3.42 1.15 -60.56
CA LYS E 126 2.64 1.47 -61.76
C LYS E 126 3.49 1.32 -63.01
N VAL E 127 4.71 1.85 -62.96
CA VAL E 127 5.59 1.72 -64.13
C VAL E 127 5.97 0.27 -64.36
N LEU E 128 6.16 -0.51 -63.28
CA LEU E 128 6.42 -1.94 -63.45
C LEU E 128 5.30 -2.62 -64.23
N HIS E 129 4.07 -2.13 -64.11
CA HIS E 129 2.99 -2.71 -64.90
C HIS E 129 3.14 -2.46 -66.40
N LEU E 130 3.95 -1.48 -66.81
CA LEU E 130 4.13 -1.20 -68.22
C LEU E 130 4.81 -2.38 -68.94
N GLU E 131 4.43 -2.58 -70.19
CA GLU E 131 5.02 -3.67 -70.96
C GLU E 131 6.49 -3.38 -71.27
N GLY E 132 7.32 -4.40 -71.11
CA GLY E 132 8.75 -4.31 -71.29
C GLY E 132 9.53 -4.09 -70.01
N GLU E 133 8.91 -3.46 -69.00
CA GLU E 133 9.61 -3.14 -67.76
C GLU E 133 10.08 -4.40 -67.05
N VAL E 134 9.20 -5.39 -66.95
CA VAL E 134 9.54 -6.65 -66.32
C VAL E 134 10.75 -7.26 -67.00
N ASN E 135 10.79 -7.19 -68.32
CA ASN E 135 11.92 -7.75 -69.06
C ASN E 135 13.18 -6.93 -68.86
N LYS E 136 13.06 -5.60 -68.72
CA LYS E 136 14.21 -4.80 -68.34
C LYS E 136 14.85 -5.36 -67.08
N ILE E 137 14.04 -5.54 -66.04
CA ILE E 137 14.56 -6.05 -64.76
C ILE E 137 15.12 -7.46 -64.93
N LYS E 138 14.35 -8.32 -65.60
CA LYS E 138 14.72 -9.73 -65.69
C LYS E 138 16.02 -9.93 -66.45
N SER E 139 16.15 -9.30 -67.61
CA SER E 139 17.39 -9.38 -68.37
C SER E 139 18.54 -8.72 -67.63
N ALA E 140 18.27 -7.66 -66.86
CA ALA E 140 19.33 -7.07 -66.06
C ALA E 140 19.78 -7.98 -64.92
N LEU E 141 18.93 -8.91 -64.47
CA LEU E 141 19.27 -9.82 -63.40
C LEU E 141 19.49 -11.26 -63.89
N LEU E 142 19.74 -11.43 -65.19
CA LEU E 142 20.01 -12.77 -65.70
C LEU E 142 21.38 -13.27 -65.25
N SER E 143 22.37 -12.39 -65.17
CA SER E 143 23.74 -12.76 -64.84
C SER E 143 24.12 -12.43 -63.41
N THR E 144 23.28 -11.69 -62.68
CA THR E 144 23.59 -11.28 -61.32
C THR E 144 22.29 -11.17 -60.54
N ASN E 145 22.40 -11.20 -59.21
CA ASN E 145 21.25 -11.14 -58.32
C ASN E 145 20.98 -9.75 -57.78
N LYS E 146 21.81 -8.77 -58.13
CA LYS E 146 21.65 -7.40 -57.66
C LYS E 146 22.08 -6.47 -58.77
N ALA E 147 21.24 -5.50 -59.11
CA ALA E 147 21.55 -4.65 -60.26
C ALA E 147 20.87 -3.29 -60.09
N VAL E 148 21.20 -2.39 -61.00
CA VAL E 148 20.58 -1.06 -61.08
C VAL E 148 19.90 -0.96 -62.44
N VAL E 149 18.61 -0.60 -62.45
CA VAL E 149 17.83 -0.56 -63.67
C VAL E 149 17.18 0.80 -63.81
N SER E 150 17.24 1.35 -65.02
CA SER E 150 16.50 2.56 -65.37
C SER E 150 15.12 2.17 -65.87
N LEU E 151 14.08 2.75 -65.26
CA LEU E 151 12.71 2.47 -65.63
C LEU E 151 12.18 3.60 -66.53
N SER E 152 11.11 3.27 -67.26
CA SER E 152 10.60 4.14 -68.33
C SER E 152 10.05 5.46 -67.80
N ASN E 153 9.99 5.63 -66.48
CA ASN E 153 9.60 6.90 -65.87
C ASN E 153 10.79 7.78 -65.51
N GLY E 154 12.01 7.28 -65.68
CA GLY E 154 13.20 8.07 -65.41
C GLY E 154 13.85 7.88 -64.05
N VAL E 155 13.32 7.00 -63.21
CA VAL E 155 13.97 6.70 -61.93
C VAL E 155 14.83 5.46 -62.09
N SER E 156 16.07 5.55 -61.62
CA SER E 156 16.93 4.38 -61.48
C SER E 156 16.64 3.75 -60.12
N VAL E 157 16.48 2.43 -60.11
CA VAL E 157 16.21 1.69 -58.89
C VAL E 157 17.17 0.51 -58.79
N LEU E 158 17.71 0.28 -57.59
CA LEU E 158 18.31 -1.01 -57.30
C LEU E 158 17.23 -2.08 -57.31
N THR E 159 17.52 -3.20 -57.97
CA THR E 159 16.66 -4.37 -57.95
C THR E 159 17.45 -5.58 -57.46
N SER E 160 16.74 -6.51 -56.85
CA SER E 160 17.33 -7.69 -56.26
C SER E 160 16.54 -8.92 -56.67
N LYS E 161 17.20 -10.07 -56.56
CA LYS E 161 16.61 -11.37 -56.83
C LYS E 161 16.82 -12.21 -55.58
N VAL E 162 15.88 -12.10 -54.63
CA VAL E 162 16.08 -12.69 -53.32
C VAL E 162 15.76 -14.18 -53.30
N LEU E 163 15.04 -14.70 -54.30
CA LEU E 163 14.66 -16.10 -54.29
C LEU E 163 14.40 -16.56 -55.71
N ASP E 164 14.98 -17.70 -56.07
CA ASP E 164 14.83 -18.28 -57.41
C ASP E 164 14.11 -19.62 -57.27
N LEU E 165 12.79 -19.57 -57.20
CA LEU E 165 11.99 -20.79 -57.20
C LEU E 165 11.84 -21.35 -58.61
N LYS E 166 11.92 -20.49 -59.63
CA LYS E 166 11.76 -20.93 -61.00
C LYS E 166 12.74 -22.05 -61.33
N ASN E 167 14.02 -21.81 -61.08
CA ASN E 167 15.03 -22.78 -61.47
C ASN E 167 15.07 -23.98 -60.54
N TYR E 168 14.82 -23.80 -59.24
CA TYR E 168 14.72 -24.98 -58.37
C TYR E 168 13.62 -25.90 -58.82
N ILE E 169 12.41 -25.36 -59.01
CA ILE E 169 11.27 -26.19 -59.42
C ILE E 169 11.55 -26.82 -60.78
N ASP E 170 12.05 -26.03 -61.74
CA ASP E 170 12.22 -26.54 -63.09
C ASP E 170 13.33 -27.58 -63.17
N LYS E 171 14.38 -27.46 -62.36
CA LYS E 171 15.53 -28.35 -62.49
C LYS E 171 15.47 -29.53 -61.52
N GLN E 172 15.42 -29.26 -60.22
CA GLN E 172 15.49 -30.35 -59.26
C GLN E 172 14.14 -31.02 -59.02
N LEU E 173 13.05 -30.44 -59.50
CA LEU E 173 11.71 -30.91 -59.17
C LEU E 173 10.86 -31.29 -60.38
N LEU E 174 10.90 -30.51 -61.45
CA LEU E 174 10.03 -30.79 -62.59
C LEU E 174 10.30 -32.15 -63.24
N PRO E 175 11.55 -32.60 -63.42
CA PRO E 175 11.76 -33.96 -63.96
C PRO E 175 10.94 -35.05 -63.29
N ILE E 176 10.97 -35.11 -61.96
CA ILE E 176 10.37 -36.24 -61.24
C ILE E 176 8.84 -36.16 -61.14
N VAL E 177 8.23 -35.04 -61.51
CA VAL E 177 6.80 -34.88 -61.38
C VAL E 177 6.08 -34.73 -62.73
N ASN E 178 6.73 -34.12 -63.72
CA ASN E 178 6.04 -33.79 -64.98
C ASN E 178 5.99 -34.98 -65.94
N LYS E 179 7.14 -35.37 -66.48
CA LYS E 179 7.14 -36.45 -67.46
C LYS E 179 7.14 -37.81 -66.79
N GLN E 180 8.20 -38.10 -66.03
CA GLN E 180 8.35 -39.37 -65.34
C GLN E 180 7.20 -39.53 -64.36
N SER E 181 6.31 -40.48 -64.63
CA SER E 181 5.18 -40.77 -63.76
C SER E 181 5.49 -42.09 -63.05
N CYS E 182 5.99 -42.01 -61.82
CA CYS E 182 6.31 -40.75 -61.14
C CYS E 182 7.54 -40.92 -60.26
N SER E 183 8.69 -40.45 -60.74
CA SER E 183 9.97 -40.67 -60.07
C SER E 183 9.91 -40.23 -58.61
N ILE E 184 10.14 -41.17 -57.71
CA ILE E 184 10.08 -40.87 -56.28
C ILE E 184 11.35 -40.13 -55.88
N PRO E 185 11.25 -39.10 -55.06
CA PRO E 185 12.41 -38.24 -54.79
C PRO E 185 13.15 -38.69 -53.54
N PRO E 186 14.34 -38.15 -53.30
CA PRO E 186 14.93 -38.24 -51.97
C PRO E 186 14.11 -37.42 -50.97
N ILE E 187 14.23 -37.79 -49.70
CA ILE E 187 13.53 -37.03 -48.66
C ILE E 187 14.14 -35.63 -48.52
N GLU E 188 15.45 -35.51 -48.80
CA GLU E 188 16.11 -34.22 -48.76
C GLU E 188 15.46 -33.24 -49.73
N THR E 189 14.94 -33.72 -50.86
CA THR E 189 14.27 -32.83 -51.79
C THR E 189 12.95 -32.32 -51.22
N VAL E 190 12.20 -33.19 -50.53
CA VAL E 190 10.97 -32.74 -49.85
C VAL E 190 11.31 -31.61 -48.88
N ILE E 191 12.34 -31.82 -48.05
CA ILE E 191 12.71 -30.82 -47.06
C ILE E 191 13.14 -29.52 -47.74
N GLU E 192 14.02 -29.63 -48.74
CA GLU E 192 14.57 -28.44 -49.38
C GLU E 192 13.49 -27.64 -50.10
N PHE E 193 12.55 -28.33 -50.75
CA PHE E 193 11.46 -27.63 -51.43
C PHE E 193 10.56 -26.93 -50.42
N GLN E 194 10.24 -27.58 -49.30
CA GLN E 194 9.46 -26.89 -48.27
C GLN E 194 10.19 -25.62 -47.81
N GLN E 195 11.50 -25.72 -47.60
CA GLN E 195 12.30 -24.57 -47.19
C GLN E 195 12.20 -23.44 -48.20
N LYS E 196 12.49 -23.74 -49.46
CA LYS E 196 12.51 -22.69 -50.48
C LYS E 196 11.14 -22.07 -50.70
N ASN E 197 10.06 -22.86 -50.54
CA ASN E 197 8.71 -22.34 -50.73
C ASN E 197 8.21 -21.52 -49.54
N ASN E 198 8.82 -21.69 -48.37
CA ASN E 198 8.31 -21.03 -47.17
C ASN E 198 8.30 -19.50 -47.31
N ARG E 199 9.36 -18.91 -47.88
CA ARG E 199 9.41 -17.46 -47.96
C ARG E 199 8.28 -16.91 -48.83
N LEU E 200 8.02 -17.56 -49.97
CA LEU E 200 6.88 -17.18 -50.78
C LEU E 200 5.58 -17.29 -50.00
N LEU E 201 5.43 -18.38 -49.25
CA LEU E 201 4.19 -18.57 -48.49
C LEU E 201 3.98 -17.46 -47.47
N GLU E 202 5.04 -17.08 -46.75
CA GLU E 202 4.89 -16.07 -45.71
C GLU E 202 4.69 -14.68 -46.30
N ILE E 203 5.35 -14.39 -47.43
CA ILE E 203 5.12 -13.11 -48.10
C ILE E 203 3.67 -13.02 -48.55
N THR E 204 3.15 -14.11 -49.14
CA THR E 204 1.75 -14.11 -49.56
C THR E 204 0.81 -13.94 -48.37
N ARG E 205 1.13 -14.57 -47.23
CA ARG E 205 0.30 -14.40 -46.05
C ARG E 205 0.29 -12.95 -45.57
N GLU E 206 1.47 -12.33 -45.48
CA GLU E 206 1.53 -10.94 -45.05
C GLU E 206 0.74 -10.03 -45.99
N PHE E 207 0.82 -10.29 -47.30
CA PHE E 207 0.08 -9.47 -48.24
C PHE E 207 -1.41 -9.80 -48.28
N SER E 208 -1.82 -10.97 -47.76
CA SER E 208 -3.21 -11.36 -47.80
C SER E 208 -4.06 -10.53 -46.85
N VAL E 209 -3.55 -10.25 -45.65
CA VAL E 209 -4.30 -9.52 -44.64
C VAL E 209 -3.91 -8.06 -44.56
N ASN E 210 -2.98 -7.60 -45.40
CA ASN E 210 -2.60 -6.20 -45.46
C ASN E 210 -2.89 -5.58 -46.82
N ALA E 211 -3.59 -6.30 -47.71
CA ALA E 211 -4.04 -5.77 -49.00
C ALA E 211 -2.88 -5.26 -49.85
N GLY E 212 -1.68 -5.82 -49.66
CA GLY E 212 -0.55 -5.51 -50.51
C GLY E 212 0.41 -4.46 -50.00
N VAL E 213 0.19 -3.91 -48.80
CA VAL E 213 1.05 -2.88 -48.24
C VAL E 213 1.30 -3.21 -46.77
N THR E 214 2.56 -3.50 -46.42
CA THR E 214 2.92 -3.84 -45.04
C THR E 214 3.95 -2.86 -44.52
N THR E 215 3.70 -2.31 -43.33
CA THR E 215 4.69 -1.56 -42.56
C THR E 215 4.53 -2.07 -41.13
N PRO E 216 5.62 -2.50 -40.48
CA PRO E 216 7.03 -2.49 -40.90
C PRO E 216 7.31 -3.46 -42.04
N VAL E 217 8.47 -3.36 -42.67
CA VAL E 217 8.87 -4.31 -43.69
C VAL E 217 9.44 -5.54 -42.97
N SER E 218 8.75 -6.66 -43.09
CA SER E 218 9.13 -7.86 -42.36
C SER E 218 10.45 -8.42 -42.89
N THR E 219 11.08 -9.26 -42.07
CA THR E 219 12.28 -9.95 -42.52
C THR E 219 11.97 -10.98 -43.60
N TYR E 220 10.74 -11.45 -43.69
CA TYR E 220 10.34 -12.27 -44.83
C TYR E 220 10.31 -11.44 -46.11
N MET E 221 9.85 -10.19 -46.00
CA MET E 221 9.87 -9.28 -47.14
C MET E 221 11.30 -8.99 -47.59
N LEU E 222 12.19 -8.72 -46.63
CA LEU E 222 13.55 -8.31 -46.93
C LEU E 222 14.41 -8.67 -45.73
N THR E 223 15.27 -9.67 -45.88
CA THR E 223 16.08 -10.11 -44.76
C THR E 223 17.03 -9.00 -44.33
N ASN E 224 17.67 -9.22 -43.18
CA ASN E 224 18.53 -8.19 -42.60
C ASN E 224 19.73 -7.90 -43.50
N SER E 225 20.42 -8.95 -43.95
CA SER E 225 21.60 -8.74 -44.78
C SER E 225 21.24 -8.20 -46.17
N GLU E 226 20.07 -8.58 -46.69
CA GLU E 226 19.59 -7.98 -47.94
C GLU E 226 19.43 -6.47 -47.77
N LEU E 227 18.78 -6.05 -46.69
CA LEU E 227 18.60 -4.62 -46.43
C LEU E 227 19.94 -3.93 -46.22
N LEU E 228 20.90 -4.62 -45.59
CA LEU E 228 22.20 -4.01 -45.37
C LEU E 228 22.96 -3.81 -46.69
N SER E 229 22.91 -4.79 -47.59
CA SER E 229 23.49 -4.61 -48.92
C SER E 229 22.81 -3.45 -49.64
N LEU E 230 21.48 -3.41 -49.60
CA LEU E 230 20.74 -2.31 -50.18
C LEU E 230 21.27 -0.98 -49.64
N ILE E 231 21.41 -0.87 -48.32
CA ILE E 231 21.82 0.37 -47.68
C ILE E 231 23.22 0.77 -48.12
N ASN E 232 24.12 -0.21 -48.22
CA ASN E 232 25.45 0.07 -48.77
C ASN E 232 25.34 0.69 -50.16
N ASP E 233 24.43 0.18 -50.99
CA ASP E 233 24.38 0.57 -52.40
C ASP E 233 23.54 1.83 -52.67
N MET E 234 22.87 2.40 -51.68
CA MET E 234 22.03 3.57 -51.94
C MET E 234 22.90 4.80 -52.21
N PRO E 235 22.48 5.68 -53.11
CA PRO E 235 23.23 6.93 -53.34
C PRO E 235 23.06 7.90 -52.19
N ILE E 236 23.61 7.57 -51.03
CA ILE E 236 23.44 8.35 -49.82
C ILE E 236 24.81 8.62 -49.21
N THR E 237 24.88 9.71 -48.44
CA THR E 237 26.11 10.04 -47.71
C THR E 237 26.46 8.91 -46.76
N ASN E 238 27.76 8.73 -46.53
CA ASN E 238 28.19 7.68 -45.61
C ASN E 238 27.73 7.95 -44.19
N ASP E 239 27.43 9.21 -43.85
CA ASP E 239 26.70 9.50 -42.63
C ASP E 239 25.40 8.71 -42.58
N GLN E 240 24.59 8.84 -43.63
CA GLN E 240 23.32 8.15 -43.70
C GLN E 240 23.51 6.64 -43.75
N LYS E 241 24.54 6.17 -44.45
CA LYS E 241 24.81 4.74 -44.51
C LYS E 241 25.06 4.18 -43.12
N LYS E 242 25.97 4.82 -42.36
CA LYS E 242 26.23 4.41 -40.99
C LYS E 242 24.96 4.42 -40.16
N LEU E 243 24.21 5.52 -40.21
CA LEU E 243 23.02 5.66 -39.39
C LEU E 243 21.99 4.55 -39.68
N MET E 244 21.68 4.36 -40.97
CA MET E 244 20.69 3.35 -41.34
C MET E 244 21.16 1.95 -40.99
N SER E 245 22.43 1.64 -41.27
CA SER E 245 22.93 0.30 -41.00
C SER E 245 22.95 -0.02 -39.52
N ASN E 246 23.14 0.99 -38.67
CA ASN E 246 23.16 0.76 -37.23
C ASN E 246 21.78 0.82 -36.59
N ASN E 247 20.77 1.32 -37.29
CA ASN E 247 19.42 1.36 -36.72
C ASN E 247 18.43 0.70 -37.66
N VAL E 248 18.78 -0.50 -38.14
CA VAL E 248 17.94 -1.29 -39.03
C VAL E 248 16.54 -1.50 -38.47
N PRO E 249 16.36 -1.80 -37.17
CA PRO E 249 14.98 -1.93 -36.66
C PRO E 249 14.11 -0.71 -36.91
N ILE E 250 14.65 0.49 -36.66
CA ILE E 250 13.89 1.71 -36.91
C ILE E 250 13.58 1.86 -38.40
N VAL E 251 14.56 1.54 -39.25
CA VAL E 251 14.36 1.63 -40.69
C VAL E 251 13.23 0.71 -41.13
N ARG E 252 13.18 -0.50 -40.55
CA ARG E 252 12.04 -1.36 -40.81
C ARG E 252 10.74 -0.72 -40.34
N GLN E 253 10.76 -0.08 -39.17
CA GLN E 253 9.56 0.59 -38.66
C GLN E 253 9.07 1.65 -39.64
N GLN E 254 9.99 2.33 -40.32
CA GLN E 254 9.64 3.48 -41.15
C GLN E 254 9.67 3.18 -42.64
N SER E 255 9.67 1.91 -43.02
CA SER E 255 9.68 1.51 -44.42
C SER E 255 8.36 0.87 -44.81
N TYR E 256 8.14 0.74 -46.12
CA TYR E 256 6.94 0.12 -46.66
C TYR E 256 7.31 -0.95 -47.67
N SER E 257 6.52 -2.02 -47.69
CA SER E 257 6.56 -3.01 -48.75
C SER E 257 5.28 -2.91 -49.55
N ILE E 258 5.41 -2.82 -50.87
CA ILE E 258 4.26 -2.58 -51.74
C ILE E 258 4.21 -3.68 -52.79
N MET E 259 3.13 -4.45 -52.78
CA MET E 259 2.91 -5.48 -53.79
C MET E 259 2.74 -4.86 -55.17
N SER E 260 3.48 -5.37 -56.15
CA SER E 260 3.44 -4.75 -57.48
C SER E 260 2.87 -5.65 -58.57
N ILE E 261 3.50 -6.77 -58.92
CA ILE E 261 3.08 -7.52 -60.09
C ILE E 261 3.45 -8.99 -59.91
N ILE E 262 2.68 -9.87 -60.56
CA ILE E 262 3.10 -11.22 -60.88
C ILE E 262 2.87 -11.41 -62.38
N LYS E 263 3.96 -11.49 -63.15
CA LYS E 263 3.84 -11.75 -64.58
C LYS E 263 5.18 -12.22 -65.11
N GLU E 264 5.13 -12.99 -66.19
CA GLU E 264 6.33 -13.42 -66.92
C GLU E 264 7.30 -14.12 -65.99
N GLU E 265 6.79 -14.99 -65.13
CA GLU E 265 7.58 -15.79 -64.18
C GLU E 265 8.36 -14.91 -63.20
N VAL E 266 7.88 -13.68 -62.96
CA VAL E 266 8.50 -12.78 -62.01
C VAL E 266 7.43 -12.27 -61.05
N LEU E 267 7.72 -12.37 -59.76
CA LEU E 267 6.96 -11.68 -58.72
C LEU E 267 7.79 -10.48 -58.29
N ALA E 268 7.24 -9.28 -58.45
CA ALA E 268 7.96 -8.05 -58.15
C ALA E 268 7.16 -7.23 -57.16
N TYR E 269 7.84 -6.71 -56.13
CA TYR E 269 7.23 -5.79 -55.19
C TYR E 269 8.22 -4.71 -54.81
N VAL E 270 7.68 -3.53 -54.49
CA VAL E 270 8.48 -2.34 -54.22
C VAL E 270 8.65 -2.18 -52.72
N VAL E 271 9.90 -2.13 -52.27
CA VAL E 271 10.24 -1.80 -50.89
C VAL E 271 10.65 -0.34 -50.85
N GLN E 272 10.03 0.43 -49.96
CA GLN E 272 10.20 1.87 -49.89
C GLN E 272 10.82 2.22 -48.54
N LEU E 273 12.12 2.61 -48.56
CA LEU E 273 12.97 2.92 -47.41
C LEU E 273 13.02 4.43 -47.16
N PRO E 274 13.21 4.83 -45.91
CA PRO E 274 13.32 6.26 -45.61
C PRO E 274 14.69 6.81 -45.96
N LEU E 275 14.70 8.09 -46.33
CA LEU E 275 15.92 8.86 -46.54
C LEU E 275 15.92 9.97 -45.52
N TYR E 276 16.88 9.92 -44.59
CA TYR E 276 16.95 10.88 -43.49
C TYR E 276 17.71 12.11 -43.97
N GLY E 277 16.94 13.10 -44.42
CA GLY E 277 17.54 14.34 -44.87
C GLY E 277 18.05 15.21 -43.75
N VAL E 278 17.57 15.01 -42.52
CA VAL E 278 18.05 15.79 -41.38
C VAL E 278 18.72 14.85 -40.40
N ILE E 279 19.97 15.14 -40.04
CA ILE E 279 20.73 14.29 -39.14
C ILE E 279 21.55 15.16 -38.19
N ASP E 280 21.62 14.75 -36.93
CA ASP E 280 22.53 15.30 -35.92
C ASP E 280 22.20 16.74 -35.54
N THR E 281 20.97 17.20 -35.83
CA THR E 281 20.49 18.48 -35.35
C THR E 281 19.85 18.33 -33.98
N PRO E 282 19.82 19.39 -33.17
CA PRO E 282 19.31 19.25 -31.80
C PRO E 282 17.82 18.98 -31.76
N CYS E 283 17.44 18.03 -30.90
CA CYS E 283 16.05 17.75 -30.56
C CYS E 283 15.87 17.89 -29.05
N TRP E 284 14.64 18.17 -28.65
CA TRP E 284 14.26 18.26 -27.26
C TRP E 284 12.79 17.88 -27.11
N LYS E 285 12.46 17.34 -25.95
CA LYS E 285 11.11 16.85 -25.67
C LYS E 285 10.47 17.68 -24.58
N LEU E 286 9.27 18.20 -24.84
CA LEU E 286 8.54 19.03 -23.89
C LEU E 286 7.45 18.22 -23.22
N HIS E 287 7.56 18.05 -21.91
CA HIS E 287 6.54 17.41 -21.07
C HIS E 287 5.76 18.48 -20.33
N THR E 288 4.44 18.35 -20.28
CA THR E 288 3.59 19.32 -19.59
C THR E 288 2.60 18.61 -18.69
N SER E 289 2.23 19.28 -17.59
CA SER E 289 1.32 18.75 -16.58
C SER E 289 0.47 19.89 -16.06
N PRO E 290 -0.76 19.62 -15.60
CA PRO E 290 -1.64 20.72 -15.17
C PRO E 290 -1.08 21.50 -13.99
N LEU E 291 -1.33 22.81 -14.01
CA LEU E 291 -0.93 23.73 -12.94
C LEU E 291 -2.20 24.39 -12.39
N CYS E 292 -2.62 23.97 -11.20
CA CYS E 292 -3.85 24.45 -10.59
C CYS E 292 -3.53 25.14 -9.28
N THR E 293 -4.47 25.96 -8.83
CA THR E 293 -4.35 26.58 -7.52
C THR E 293 -4.85 25.63 -6.45
N THR E 294 -4.35 25.82 -5.23
CA THR E 294 -4.83 25.13 -4.05
C THR E 294 -5.65 26.06 -3.16
N ASN E 295 -5.89 27.29 -3.61
CA ASN E 295 -6.27 28.40 -2.75
C ASN E 295 -7.78 28.56 -2.60
N THR E 296 -8.58 27.71 -3.23
CA THR E 296 -9.99 27.56 -2.93
C THR E 296 -10.25 26.12 -2.49
N LYS E 297 -11.50 25.81 -2.18
CA LYS E 297 -11.89 24.48 -1.77
C LYS E 297 -12.90 23.91 -2.76
N GLU E 298 -13.37 22.69 -2.47
CA GLU E 298 -14.15 21.87 -3.41
C GLU E 298 -13.25 21.61 -4.61
N GLY E 299 -13.60 22.09 -5.80
CA GLY E 299 -12.72 22.06 -6.95
C GLY E 299 -12.81 23.37 -7.69
N SER E 300 -13.27 24.41 -6.99
CA SER E 300 -13.51 25.73 -7.55
C SER E 300 -12.23 26.52 -7.79
N ASN E 301 -11.09 25.83 -7.79
CA ASN E 301 -9.82 26.40 -8.19
C ASN E 301 -9.81 26.66 -9.70
N ILE E 302 -8.72 27.26 -10.18
CA ILE E 302 -8.53 27.51 -11.60
C ILE E 302 -7.31 26.73 -12.06
N CYS E 303 -7.39 26.16 -13.26
CA CYS E 303 -6.37 25.27 -13.79
C CYS E 303 -5.90 25.74 -15.16
N LEU E 304 -4.59 25.64 -15.39
CA LEU E 304 -3.95 26.13 -16.60
C LEU E 304 -2.82 25.17 -16.96
N THR E 305 -2.74 24.76 -18.23
CA THR E 305 -1.81 23.72 -18.65
C THR E 305 -1.22 24.04 -20.02
N ARG E 306 0.10 23.92 -20.14
CA ARG E 306 0.75 24.09 -21.44
C ARG E 306 0.36 22.95 -22.37
N THR E 307 0.06 23.30 -23.62
CA THR E 307 -0.46 22.33 -24.59
C THR E 307 0.53 21.96 -25.69
N ASP E 308 1.71 22.59 -25.74
CA ASP E 308 2.65 22.39 -26.82
C ASP E 308 3.58 21.20 -26.59
N ARG E 309 3.16 20.23 -25.79
CA ARG E 309 4.02 19.12 -25.43
C ARG E 309 4.27 18.20 -26.63
N GLY E 310 5.46 17.61 -26.68
CA GLY E 310 5.80 16.77 -27.80
C GLY E 310 7.27 16.91 -28.15
N TRP E 311 7.63 16.41 -29.33
CA TRP E 311 9.03 16.40 -29.77
C TRP E 311 9.33 17.62 -30.62
N TYR E 312 10.54 18.14 -30.52
CA TYR E 312 10.96 19.32 -31.25
C TYR E 312 12.35 19.09 -31.80
N CYS E 313 12.54 19.33 -33.08
CA CYS E 313 13.86 19.20 -33.68
C CYS E 313 14.15 20.41 -34.56
N ASP E 314 15.43 20.76 -34.65
CA ASP E 314 15.81 21.88 -35.49
C ASP E 314 15.96 21.40 -36.94
N ASN E 315 15.35 22.13 -37.86
CA ASN E 315 15.24 21.66 -39.24
C ASN E 315 15.16 22.86 -40.17
N ALA E 316 16.20 23.07 -40.98
CA ALA E 316 16.21 24.05 -42.06
C ALA E 316 15.89 25.46 -41.55
N GLY E 317 16.56 25.87 -40.48
CA GLY E 317 16.33 27.19 -39.92
C GLY E 317 14.97 27.37 -39.28
N SER E 318 14.22 26.28 -39.08
CA SER E 318 12.91 26.29 -38.46
C SER E 318 12.89 25.20 -37.40
N VAL E 319 11.72 24.99 -36.78
CA VAL E 319 11.55 23.94 -35.79
C VAL E 319 10.47 22.99 -36.28
N SER E 320 10.83 21.72 -36.47
CA SER E 320 9.86 20.69 -36.74
C SER E 320 9.30 20.18 -35.42
N PHE E 321 7.98 20.16 -35.31
CA PHE E 321 7.29 19.85 -34.07
C PHE E 321 6.40 18.63 -34.30
N PHE E 322 6.54 17.64 -33.43
CA PHE E 322 5.83 16.37 -33.56
C PHE E 322 4.88 16.24 -32.38
N PRO E 323 3.56 16.40 -32.62
CA PRO E 323 2.59 16.48 -31.53
C PRO E 323 2.10 15.11 -31.07
N GLN E 324 2.14 14.13 -31.96
CA GLN E 324 1.77 12.77 -31.63
C GLN E 324 2.97 12.08 -30.99
N ALA E 325 2.76 11.48 -29.82
CA ALA E 325 3.86 10.89 -29.06
C ALA E 325 4.54 9.77 -29.84
N GLU E 326 3.77 9.01 -30.61
CA GLU E 326 4.24 7.76 -31.21
C GLU E 326 4.78 7.92 -32.61
N THR E 327 4.79 9.13 -33.17
CA THR E 327 5.38 9.32 -34.50
C THR E 327 6.89 9.40 -34.45
N CYS E 328 7.50 9.48 -33.27
CA CYS E 328 8.94 9.55 -33.12
C CYS E 328 9.44 8.36 -32.33
N LYS E 329 10.40 7.64 -32.88
CA LYS E 329 11.06 6.53 -32.21
C LYS E 329 12.41 7.01 -31.69
N VAL E 330 12.79 6.56 -30.50
CA VAL E 330 14.07 6.94 -29.92
C VAL E 330 14.91 5.69 -29.69
N GLN E 331 16.13 5.70 -30.22
CA GLN E 331 17.11 4.67 -29.93
C GLN E 331 18.38 5.37 -29.48
N SER E 332 18.88 5.00 -28.31
CA SER E 332 19.99 5.70 -27.64
C SER E 332 19.49 7.12 -27.41
N ASN E 333 20.22 8.15 -27.85
CA ASN E 333 19.76 9.53 -27.79
C ASN E 333 19.31 10.04 -29.16
N ARG E 334 18.98 9.14 -30.07
CA ARG E 334 18.64 9.51 -31.44
C ARG E 334 17.14 9.41 -31.65
N VAL E 335 16.57 10.45 -32.26
CA VAL E 335 15.14 10.57 -32.49
C VAL E 335 14.89 10.44 -33.99
N PHE E 336 14.20 9.38 -34.38
CA PHE E 336 13.80 9.15 -35.76
C PHE E 336 12.33 9.53 -35.90
N CYS E 337 12.06 10.53 -36.74
CA CYS E 337 10.70 11.00 -36.96
C CYS E 337 10.45 11.16 -38.44
N ASP E 338 9.17 11.22 -38.81
CA ASP E 338 8.75 11.47 -40.18
C ASP E 338 8.21 12.90 -40.26
N THR E 339 8.80 13.69 -41.16
CA THR E 339 8.44 15.10 -41.27
C THR E 339 7.00 15.30 -41.74
N MET E 340 6.39 14.28 -42.34
CA MET E 340 4.99 14.39 -42.76
C MET E 340 4.06 14.49 -41.55
N ASN E 341 4.49 14.03 -40.38
CA ASN E 341 3.73 14.14 -39.14
C ASN E 341 4.13 15.36 -38.32
N SER E 342 4.67 16.39 -38.95
CA SER E 342 5.25 17.51 -38.24
C SER E 342 4.56 18.82 -38.61
N LEU E 343 4.59 19.76 -37.67
CA LEU E 343 4.27 21.16 -37.90
C LEU E 343 5.58 21.95 -37.94
N THR E 344 5.63 22.98 -38.78
CA THR E 344 6.83 23.80 -38.91
C THR E 344 6.58 25.13 -38.20
N LEU E 345 7.43 25.45 -37.24
CA LEU E 345 7.25 26.57 -36.33
C LEU E 345 8.49 27.44 -36.30
N PRO E 346 8.35 28.71 -35.92
CA PRO E 346 9.52 29.59 -35.77
C PRO E 346 10.36 29.17 -34.58
N PRO E 347 11.66 29.48 -34.58
CA PRO E 347 12.51 29.11 -33.43
C PRO E 347 12.03 29.70 -32.11
N GLU E 348 11.39 30.86 -32.15
CA GLU E 348 10.93 31.54 -30.94
C GLU E 348 9.99 30.69 -30.10
N VAL E 349 9.53 29.54 -30.60
CA VAL E 349 8.71 28.65 -29.78
C VAL E 349 9.48 28.18 -28.55
N ASN E 350 10.81 27.97 -28.69
CA ASN E 350 11.59 27.59 -27.52
C ASN E 350 11.55 28.66 -26.43
N LEU E 351 11.22 29.89 -26.80
CA LEU E 351 11.09 30.97 -25.82
C LEU E 351 10.01 30.69 -24.80
N CYS E 352 9.04 29.83 -25.11
CA CYS E 352 8.03 29.45 -24.12
C CYS E 352 8.67 28.73 -22.94
N ASN E 353 9.79 28.05 -23.16
CA ASN E 353 10.46 27.32 -22.09
C ASN E 353 11.37 28.19 -21.24
N VAL E 354 11.56 29.45 -21.61
CA VAL E 354 12.34 30.40 -20.83
C VAL E 354 11.50 31.55 -20.29
N ASP E 355 10.51 32.01 -21.07
CA ASP E 355 9.59 33.06 -20.63
C ASP E 355 8.25 32.81 -21.32
N ILE E 356 7.30 32.24 -20.58
CA ILE E 356 6.00 31.93 -21.15
C ILE E 356 5.21 33.20 -21.48
N PHE E 357 5.57 34.33 -20.89
CA PHE E 357 4.91 35.61 -21.15
C PHE E 357 5.71 36.48 -22.12
N ASN E 358 6.58 35.88 -22.92
CA ASN E 358 7.36 36.65 -23.89
C ASN E 358 6.44 37.34 -24.89
N PRO E 359 6.92 38.38 -25.55
CA PRO E 359 6.09 39.04 -26.57
C PRO E 359 6.26 38.46 -27.97
N LYS E 360 7.36 37.75 -28.22
CA LYS E 360 7.67 37.32 -29.58
C LYS E 360 6.78 36.17 -30.05
N TYR E 361 6.56 35.17 -29.20
CA TYR E 361 5.72 34.01 -29.53
C TYR E 361 4.53 33.96 -28.60
N ASP E 362 3.37 33.61 -29.13
CA ASP E 362 2.14 33.48 -28.33
C ASP E 362 2.08 32.05 -27.80
N CYS E 363 2.67 31.86 -26.61
CA CYS E 363 2.73 30.53 -26.00
C CYS E 363 1.31 29.99 -25.78
N LYS E 364 1.13 28.71 -26.08
CA LYS E 364 -0.20 28.12 -26.17
C LYS E 364 -0.49 27.33 -24.90
N ILE E 365 -1.61 27.68 -24.26
CA ILE E 365 -2.04 27.07 -23.00
C ILE E 365 -3.52 26.72 -23.11
N MET E 366 -4.00 25.96 -22.12
CA MET E 366 -5.40 25.64 -21.97
C MET E 366 -5.81 25.90 -20.53
N THR E 367 -7.11 26.05 -20.31
CA THR E 367 -7.64 26.32 -18.99
C THR E 367 -8.83 25.40 -18.71
N SER E 368 -9.08 25.18 -17.43
CA SER E 368 -10.19 24.35 -16.99
C SER E 368 -10.35 24.52 -15.48
N LYS E 369 -11.29 23.77 -14.91
CA LYS E 369 -11.45 23.67 -13.46
C LYS E 369 -11.28 22.23 -12.98
N THR E 370 -10.76 21.35 -13.83
CA THR E 370 -10.56 19.96 -13.45
C THR E 370 -9.37 19.87 -12.50
N ASP E 371 -9.65 19.75 -11.20
CA ASP E 371 -8.67 19.80 -10.14
C ASP E 371 -8.24 18.39 -9.72
N VAL E 372 -7.69 17.58 -10.62
CA VAL E 372 -7.46 16.16 -10.35
C VAL E 372 -5.98 15.83 -10.48
N SER E 373 -5.48 14.96 -9.59
CA SER E 373 -4.05 14.68 -9.54
C SER E 373 -3.63 13.74 -10.66
N SER E 374 -2.43 13.95 -11.19
CA SER E 374 -1.87 13.10 -12.23
C SER E 374 -0.36 13.26 -12.22
N SER E 375 0.32 12.43 -13.03
CA SER E 375 1.77 12.51 -13.08
C SER E 375 2.25 12.21 -14.48
N VAL E 376 3.40 12.79 -14.83
CA VAL E 376 4.03 12.63 -16.13
C VAL E 376 5.48 12.19 -15.92
N ILE E 377 5.87 11.11 -16.58
CA ILE E 377 7.22 10.59 -16.45
C ILE E 377 8.07 11.19 -17.57
N THR E 378 9.00 12.07 -17.20
CA THR E 378 9.88 12.70 -18.16
C THR E 378 11.07 11.80 -18.44
N SER E 379 11.98 12.28 -19.31
CA SER E 379 13.14 11.48 -19.69
C SER E 379 14.03 11.17 -18.49
N LEU E 380 14.15 12.12 -17.56
CA LEU E 380 15.07 11.96 -16.44
C LEU E 380 14.40 12.17 -15.09
N GLY E 381 13.07 12.19 -15.03
CA GLY E 381 12.38 12.40 -13.77
C GLY E 381 10.89 12.22 -13.84
N ALA E 382 10.17 12.98 -13.01
CA ALA E 382 8.72 12.82 -12.88
C ALA E 382 8.12 14.12 -12.41
N ILE E 383 7.18 14.66 -13.18
CA ILE E 383 6.33 15.77 -12.74
C ILE E 383 5.11 15.19 -12.06
N VAL E 384 4.77 15.72 -10.90
CA VAL E 384 3.61 15.28 -10.13
C VAL E 384 2.71 16.48 -9.90
N SER E 385 1.48 16.43 -10.40
CA SER E 385 0.45 17.39 -10.07
C SER E 385 -0.46 16.76 -9.02
N CYS E 386 -0.30 17.20 -7.77
CA CYS E 386 -1.02 16.61 -6.64
C CYS E 386 -2.06 17.59 -6.14
N TYR E 387 -3.33 17.23 -6.26
CA TYR E 387 -4.41 18.14 -5.91
C TYR E 387 -5.47 17.40 -5.11
N GLY E 388 -6.22 18.17 -4.32
CA GLY E 388 -7.16 17.55 -3.40
C GLY E 388 -6.42 16.85 -2.27
N LYS E 389 -7.05 15.83 -1.71
CA LYS E 389 -6.39 14.97 -0.73
C LYS E 389 -6.24 13.55 -1.24
N THR E 390 -5.97 13.41 -2.53
CA THR E 390 -5.31 12.22 -3.03
C THR E 390 -3.85 12.26 -2.59
N LYS E 391 -3.30 11.10 -2.26
CA LYS E 391 -1.96 11.03 -1.67
C LYS E 391 -0.94 10.75 -2.76
N CYS E 392 0.06 11.63 -2.88
CA CYS E 392 1.09 11.52 -3.90
C CYS E 392 2.44 11.36 -3.21
N THR E 393 3.05 10.20 -3.38
CA THR E 393 4.35 9.85 -2.79
C THR E 393 5.36 9.58 -3.90
N ALA E 394 6.62 9.47 -3.49
CA ALA E 394 7.70 9.08 -4.38
C ALA E 394 8.66 8.20 -3.58
N SER E 395 9.08 7.08 -4.18
CA SER E 395 9.71 6.02 -3.42
C SER E 395 10.88 5.40 -4.17
N ASN E 396 11.73 4.75 -3.38
CA ASN E 396 12.95 4.08 -3.80
C ASN E 396 12.81 2.59 -3.50
N LYS E 397 13.44 1.75 -4.33
CA LYS E 397 13.21 0.31 -4.23
C LYS E 397 13.66 -0.26 -2.88
N ASN E 398 14.66 0.36 -2.25
CA ASN E 398 15.24 -0.18 -1.02
C ASN E 398 15.01 0.73 0.18
N ARG E 399 14.21 1.77 0.05
CA ARG E 399 13.90 2.64 1.17
C ARG E 399 12.40 2.84 1.42
N GLY E 400 11.53 2.38 0.52
CA GLY E 400 10.14 2.72 0.69
C GLY E 400 9.90 4.17 0.32
N ILE E 401 8.92 4.79 0.98
CA ILE E 401 8.53 6.16 0.66
C ILE E 401 9.62 7.12 1.12
N ILE E 402 10.12 7.93 0.20
CA ILE E 402 11.16 8.90 0.50
C ILE E 402 10.76 10.33 0.13
N LYS E 403 9.54 10.55 -0.34
CA LYS E 403 9.01 11.91 -0.40
C LYS E 403 7.49 11.87 -0.45
N THR E 404 6.86 12.85 0.20
CA THR E 404 5.42 13.11 0.07
C THR E 404 5.24 14.49 -0.54
N PHE E 405 4.39 14.57 -1.57
CA PHE E 405 4.19 15.81 -2.30
C PHE E 405 3.08 16.63 -1.66
N SER E 406 3.29 17.95 -1.61
CA SER E 406 2.22 18.85 -1.22
C SER E 406 1.19 18.94 -2.33
N ASN E 407 0.15 19.74 -2.11
CA ASN E 407 -0.70 20.14 -3.22
C ASN E 407 0.04 21.14 -4.10
N GLY E 408 -0.24 21.10 -5.40
CA GLY E 408 0.46 21.87 -6.38
C GLY E 408 1.22 20.97 -7.35
N CYS E 409 2.05 21.62 -8.18
CA CYS E 409 2.89 20.92 -9.15
C CYS E 409 4.32 20.86 -8.64
N ASP E 410 4.95 19.70 -8.76
CA ASP E 410 6.29 19.49 -8.28
C ASP E 410 7.01 18.53 -9.21
N TYR E 411 8.31 18.37 -9.00
CA TYR E 411 9.12 17.50 -9.85
C TYR E 411 10.18 16.81 -9.02
N VAL E 412 10.55 15.61 -9.45
CA VAL E 412 11.58 14.82 -8.79
C VAL E 412 12.45 14.15 -9.86
N SER E 413 13.76 14.17 -9.66
CA SER E 413 14.65 13.56 -10.62
C SER E 413 14.67 12.04 -10.44
N ASN E 414 15.26 11.35 -11.42
CA ASN E 414 15.35 9.89 -11.38
C ASN E 414 16.52 9.39 -10.56
N LYS E 415 17.25 10.27 -9.88
CA LYS E 415 18.37 9.89 -9.03
C LYS E 415 17.84 9.51 -7.65
N GLY E 416 18.02 8.25 -7.27
CA GLY E 416 17.51 7.78 -6.00
C GLY E 416 16.01 7.66 -5.91
N VAL E 417 15.31 7.75 -7.04
CA VAL E 417 13.87 7.51 -7.11
C VAL E 417 13.61 6.44 -8.15
N ASP E 418 12.93 5.38 -7.75
CA ASP E 418 12.54 4.32 -8.68
C ASP E 418 11.07 4.45 -9.10
N THR E 419 10.19 4.85 -8.20
CA THR E 419 8.78 4.94 -8.53
C THR E 419 8.19 6.23 -7.98
N VAL E 420 7.08 6.64 -8.61
CA VAL E 420 6.27 7.75 -8.14
C VAL E 420 4.82 7.28 -8.10
N SER E 421 4.15 7.49 -6.97
CA SER E 421 2.85 6.89 -6.71
C SER E 421 1.82 7.99 -6.50
N VAL E 422 0.83 8.08 -7.40
CA VAL E 422 -0.19 9.10 -7.34
C VAL E 422 -1.56 8.42 -7.30
N GLY E 423 -2.31 8.66 -6.23
CA GLY E 423 -3.60 8.01 -6.08
C GLY E 423 -3.44 6.51 -6.10
N ASN E 424 -4.24 5.85 -6.94
CA ASN E 424 -4.18 4.40 -7.10
C ASN E 424 -3.18 3.95 -8.14
N THR E 425 -2.34 4.85 -8.64
CA THR E 425 -1.49 4.57 -9.80
C THR E 425 -0.02 4.62 -9.40
N LEU E 426 0.70 3.52 -9.65
CA LEU E 426 2.14 3.48 -9.49
C LEU E 426 2.80 3.64 -10.86
N TYR E 427 3.70 4.62 -10.98
CA TYR E 427 4.52 4.78 -12.18
C TYR E 427 5.96 4.42 -11.84
N TYR E 428 6.58 3.60 -12.68
CA TYR E 428 8.03 3.48 -12.63
C TYR E 428 8.66 4.61 -13.44
N VAL E 429 9.85 5.02 -13.02
CA VAL E 429 10.52 6.17 -13.62
C VAL E 429 11.65 5.66 -14.50
N ASN E 430 11.97 6.41 -15.56
CA ASN E 430 13.05 6.04 -16.46
C ASN E 430 14.38 6.03 -15.74
N LYS E 431 15.24 5.08 -16.11
CA LYS E 431 16.52 4.90 -15.45
C LYS E 431 17.71 5.14 -16.36
N GLN E 432 17.53 5.94 -17.42
CA GLN E 432 18.69 6.53 -18.09
C GLN E 432 19.16 7.72 -17.25
N GLU E 433 20.46 7.79 -17.00
CA GLU E 433 20.97 8.80 -16.10
C GLU E 433 21.42 10.04 -16.84
N GLY E 434 21.20 11.18 -16.21
CA GLY E 434 21.58 12.46 -16.77
C GLY E 434 21.40 13.54 -15.72
N LYS E 435 21.54 14.79 -16.16
CA LYS E 435 21.40 15.92 -15.26
C LYS E 435 19.98 16.44 -15.29
N SER E 436 19.37 16.56 -14.11
CA SER E 436 18.12 17.28 -13.94
C SER E 436 18.40 18.61 -13.24
N LEU E 437 17.57 19.61 -13.54
CA LEU E 437 17.74 20.91 -12.89
C LEU E 437 16.38 21.53 -12.62
N TYR E 438 16.15 21.91 -11.37
CA TYR E 438 14.85 22.36 -10.88
C TYR E 438 14.83 23.89 -10.89
N VAL E 439 14.31 24.46 -11.98
CA VAL E 439 14.22 25.92 -12.13
C VAL E 439 12.99 26.39 -11.36
N LYS E 440 13.21 26.85 -10.13
CA LYS E 440 12.10 27.34 -9.31
C LYS E 440 11.55 28.65 -9.86
N GLY E 441 10.26 28.86 -9.64
CA GLY E 441 9.59 30.07 -10.10
C GLY E 441 8.19 30.13 -9.55
N GLU E 442 7.58 31.30 -9.71
CA GLU E 442 6.23 31.50 -9.20
C GLU E 442 5.23 30.84 -10.13
N PRO E 443 4.40 29.92 -9.65
CA PRO E 443 3.40 29.28 -10.52
C PRO E 443 2.46 30.32 -11.12
N ILE E 444 2.52 30.45 -12.45
CA ILE E 444 1.88 31.56 -13.14
C ILE E 444 0.37 31.56 -12.96
N ILE E 445 -0.22 30.42 -12.59
CA ILE E 445 -1.65 30.38 -12.28
C ILE E 445 -1.98 31.31 -11.12
N ASN E 446 -0.98 31.67 -10.30
CA ASN E 446 -1.20 32.60 -9.20
C ASN E 446 -1.42 34.03 -9.66
N PHE E 447 -1.04 34.35 -10.89
CA PHE E 447 -1.11 35.74 -11.35
C PHE E 447 -2.52 36.15 -11.79
N TYR E 448 -3.44 35.20 -11.89
CA TYR E 448 -4.74 35.43 -12.47
C TYR E 448 -5.79 35.61 -11.39
N ASP E 449 -6.69 36.57 -11.59
CA ASP E 449 -7.80 36.78 -10.67
C ASP E 449 -8.91 35.81 -11.07
N PRO E 450 -9.23 34.84 -10.21
CA PRO E 450 -10.14 33.76 -10.62
C PRO E 450 -11.54 34.23 -10.96
N LEU E 451 -11.93 35.44 -10.57
CA LEU E 451 -13.28 35.92 -10.87
C LEU E 451 -13.47 36.14 -12.38
N VAL E 452 -12.48 36.73 -13.05
CA VAL E 452 -12.57 36.99 -14.48
C VAL E 452 -11.78 35.99 -15.31
N PHE E 453 -11.29 34.92 -14.67
CA PHE E 453 -10.53 33.88 -15.37
C PHE E 453 -11.45 33.08 -16.29
N PRO E 454 -11.16 32.97 -17.59
CA PRO E 454 -12.00 32.16 -18.49
C PRO E 454 -11.59 30.68 -18.48
N SER E 455 -12.06 29.96 -17.46
CA SER E 455 -11.57 28.61 -17.20
C SER E 455 -12.33 27.54 -17.97
N ASP E 456 -12.50 27.72 -19.30
CA ASP E 456 -13.18 26.70 -20.10
C ASP E 456 -12.62 26.61 -21.51
N GLU E 457 -11.33 26.87 -21.71
CA GLU E 457 -10.77 27.03 -23.05
C GLU E 457 -9.90 25.84 -23.41
N PHE E 458 -10.29 25.13 -24.48
CA PHE E 458 -9.54 23.97 -24.94
C PHE E 458 -8.25 24.40 -25.63
N ASP E 459 -8.36 25.22 -26.67
CA ASP E 459 -7.21 25.80 -27.34
C ASP E 459 -7.27 27.31 -27.16
N ALA E 460 -6.34 27.84 -26.38
CA ALA E 460 -6.16 29.27 -26.27
C ALA E 460 -4.67 29.53 -26.13
N SER E 461 -4.33 30.77 -25.77
CA SER E 461 -2.93 31.14 -25.58
C SER E 461 -2.87 32.19 -24.48
N ILE E 462 -1.63 32.55 -24.11
CA ILE E 462 -1.44 33.59 -23.11
C ILE E 462 -2.17 34.86 -23.52
N SER E 463 -2.04 35.23 -24.79
CA SER E 463 -2.64 36.48 -25.25
C SER E 463 -4.14 36.36 -25.49
N GLN E 464 -4.61 35.20 -25.96
CA GLN E 464 -6.05 35.01 -26.09
C GLN E 464 -6.73 35.12 -24.73
N VAL E 465 -6.16 34.49 -23.71
CA VAL E 465 -6.72 34.55 -22.37
C VAL E 465 -6.64 35.98 -21.82
N ASN E 466 -5.56 36.70 -22.15
CA ASN E 466 -5.47 38.09 -21.71
C ASN E 466 -6.56 38.95 -22.36
N GLU E 467 -6.84 38.71 -23.65
CA GLU E 467 -7.92 39.44 -24.31
C GLU E 467 -9.26 39.17 -23.65
N LYS E 468 -9.53 37.89 -23.31
CA LYS E 468 -10.79 37.58 -22.63
C LYS E 468 -10.87 38.27 -21.26
N ILE E 469 -9.76 38.28 -20.52
CA ILE E 469 -9.75 38.92 -19.21
C ILE E 469 -10.00 40.41 -19.33
N ASN E 470 -9.38 41.06 -20.32
CA ASN E 470 -9.63 42.48 -20.53
C ASN E 470 -11.07 42.74 -20.95
N GLN E 471 -11.67 41.86 -21.75
CA GLN E 471 -13.08 42.01 -22.11
C GLN E 471 -13.98 41.98 -20.88
N SER E 472 -13.75 41.00 -20.00
CA SER E 472 -14.57 40.91 -18.79
C SER E 472 -14.37 42.13 -17.90
N LEU E 473 -13.12 42.56 -17.72
CA LEU E 473 -12.85 43.76 -16.92
C LEU E 473 -13.50 44.99 -17.53
N ALA E 474 -13.52 45.06 -18.86
CA ALA E 474 -14.14 46.19 -19.55
C ALA E 474 -15.65 46.21 -19.32
N PHE E 475 -16.30 45.05 -19.34
CA PHE E 475 -17.74 45.05 -19.01
C PHE E 475 -17.97 45.47 -17.56
N ILE E 476 -17.10 45.01 -16.65
CA ILE E 476 -17.18 45.44 -15.25
C ILE E 476 -17.16 46.97 -15.17
N ARG E 477 -16.10 47.56 -15.74
CA ARG E 477 -15.96 49.02 -15.78
C ARG E 477 -17.20 49.67 -16.39
N LYS E 478 -17.67 49.13 -17.52
CA LYS E 478 -18.80 49.64 -18.27
C LYS E 478 -20.07 49.77 -17.44
N SER E 479 -20.61 48.63 -17.00
CA SER E 479 -21.89 48.70 -16.30
C SER E 479 -21.73 49.22 -14.87
N ASP E 480 -20.53 49.13 -14.28
CA ASP E 480 -20.31 49.73 -12.98
C ASP E 480 -20.42 51.25 -13.05
N GLU E 481 -19.71 51.87 -13.99
CA GLU E 481 -19.83 53.32 -14.15
C GLU E 481 -21.25 53.70 -14.56
N LEU E 482 -21.87 52.86 -15.41
CA LEU E 482 -23.24 53.11 -15.85
C LEU E 482 -24.17 53.24 -14.64
N LEU E 483 -24.17 52.24 -13.75
CA LEU E 483 -25.03 52.23 -12.57
C LEU E 483 -24.54 53.13 -11.42
N SER E 484 -23.30 53.59 -11.45
CA SER E 484 -22.80 54.48 -10.40
C SER E 484 -23.17 55.93 -10.67
N ALA E 485 -23.03 56.38 -11.93
CA ALA E 485 -23.32 57.78 -12.22
C ALA E 485 -24.79 58.14 -12.06
N ILE E 486 -25.68 57.15 -11.94
CA ILE E 486 -27.12 57.40 -11.89
C ILE E 486 -27.67 57.45 -10.47
N GLY E 487 -26.90 57.01 -9.47
CA GLY E 487 -27.40 56.99 -8.11
C GLY E 487 -26.32 56.95 -7.05
N GLN F 17 1.76 -5.91 64.17
CA GLN F 17 0.40 -5.42 64.33
C GLN F 17 -0.62 -6.53 64.12
N ASN F 18 -1.77 -6.42 64.80
CA ASN F 18 -2.84 -7.40 64.67
C ASN F 18 -3.55 -7.25 63.34
N ILE F 19 -3.06 -7.93 62.31
CA ILE F 19 -3.81 -8.04 61.07
C ILE F 19 -4.88 -9.10 61.25
N THR F 20 -6.12 -8.75 60.92
CA THR F 20 -7.24 -9.68 61.02
C THR F 20 -7.88 -9.82 59.65
N GLU F 21 -8.64 -10.91 59.48
CA GLU F 21 -9.30 -11.12 58.20
C GLU F 21 -10.64 -11.80 58.45
N GLU F 22 -11.62 -11.43 57.64
CA GLU F 22 -12.95 -12.04 57.69
C GLU F 22 -13.32 -12.52 56.30
N PHE F 23 -13.97 -13.68 56.23
CA PHE F 23 -14.49 -14.19 54.97
C PHE F 23 -16.01 -14.28 55.03
N TYR F 24 -16.67 -13.49 54.19
CA TYR F 24 -18.12 -13.50 54.04
C TYR F 24 -18.46 -14.56 53.00
N GLN F 25 -18.99 -15.69 53.49
CA GLN F 25 -19.49 -16.76 52.65
C GLN F 25 -20.71 -16.32 51.87
N SER F 26 -21.52 -15.43 52.44
CA SER F 26 -22.75 -15.01 51.78
C SER F 26 -22.47 -14.25 50.50
N THR F 27 -21.40 -13.46 50.47
CA THR F 27 -21.06 -12.65 49.30
C THR F 27 -19.72 -13.01 48.68
N CYS F 28 -19.13 -14.14 49.07
CA CYS F 28 -17.88 -14.64 48.48
C CYS F 28 -16.80 -13.57 48.46
N SER F 29 -16.51 -13.03 49.65
CA SER F 29 -15.56 -11.92 49.66
C SER F 29 -14.94 -11.78 51.04
N ALA F 30 -13.70 -11.31 51.07
CA ALA F 30 -12.94 -11.19 52.32
C ALA F 30 -12.50 -9.77 52.56
N VAL F 31 -12.31 -9.44 53.84
CA VAL F 31 -11.83 -8.13 54.27
C VAL F 31 -10.66 -8.31 55.21
N SER F 32 -9.55 -7.65 54.91
CA SER F 32 -8.37 -7.63 55.77
C SER F 32 -8.34 -6.31 56.52
N LYS F 33 -8.39 -6.38 57.85
CA LYS F 33 -8.39 -5.22 58.74
C LYS F 33 -7.10 -5.19 59.55
N GLY F 34 -6.88 -4.05 60.20
CA GLY F 34 -5.74 -3.86 61.08
C GLY F 34 -4.60 -3.08 60.48
N TYR F 35 -4.73 -2.61 59.24
CA TYR F 35 -3.66 -1.83 58.64
C TYR F 35 -3.77 -0.37 59.07
N LEU F 36 -2.68 0.36 58.86
CA LEU F 36 -2.60 1.77 59.22
C LEU F 36 -2.24 2.60 58.01
N SER F 37 -2.88 3.76 57.90
CA SER F 37 -2.79 4.59 56.70
C SER F 37 -1.51 5.41 56.66
N ALA F 38 -1.09 5.70 55.44
CA ALA F 38 -0.14 6.76 55.13
C ALA F 38 -0.54 7.25 53.73
N LEU F 39 -1.39 8.27 53.71
CA LEU F 39 -1.97 8.78 52.47
C LEU F 39 -1.30 10.10 52.13
N ARG F 40 -0.74 10.19 50.94
CA ARG F 40 -0.11 11.42 50.51
C ARG F 40 -1.19 12.46 50.22
N THR F 41 -1.14 13.56 50.97
CA THR F 41 -2.04 14.68 50.72
C THR F 41 -1.33 15.91 50.20
N GLY F 42 -0.01 16.01 50.39
CA GLY F 42 0.72 17.18 49.97
C GLY F 42 2.01 16.82 49.24
N TRP F 43 2.67 17.85 48.72
CA TRP F 43 3.96 17.72 48.08
C TRP F 43 4.94 18.70 48.72
N TYR F 44 6.13 18.22 49.06
CA TYR F 44 7.24 19.08 49.42
C TYR F 44 8.27 19.08 48.31
N THR F 45 8.68 20.26 47.84
CA THR F 45 9.67 20.35 46.79
C THR F 45 10.98 20.90 47.34
N SER F 46 12.09 20.37 46.81
CA SER F 46 13.43 20.81 47.16
C SER F 46 14.23 20.99 45.88
N VAL F 47 15.17 21.94 45.90
CA VAL F 47 15.97 22.25 44.72
C VAL F 47 17.37 21.69 44.93
N ILE F 48 17.68 20.60 44.21
CA ILE F 48 19.01 20.01 44.22
C ILE F 48 19.85 20.69 43.17
N THR F 49 21.11 20.98 43.51
CA THR F 49 22.01 21.71 42.65
C THR F 49 23.36 21.00 42.56
N ILE F 50 23.99 21.13 41.40
CA ILE F 50 25.36 20.72 41.17
C ILE F 50 26.09 21.88 40.52
N GLU F 51 27.17 22.34 41.15
CA GLU F 51 27.94 23.44 40.60
C GLU F 51 28.86 22.92 39.50
N LEU F 52 28.88 23.65 38.38
CA LEU F 52 29.55 23.20 37.17
C LEU F 52 30.61 24.21 36.73
N SER F 53 31.48 23.76 35.84
CA SER F 53 32.54 24.58 35.28
C SER F 53 32.17 25.05 33.88
N ASN F 54 32.28 26.36 33.66
CA ASN F 54 32.22 26.96 32.33
C ASN F 54 33.62 26.81 31.75
N ILE F 55 33.80 25.80 30.89
CA ILE F 55 35.09 25.18 30.67
C ILE F 55 35.56 25.23 29.22
N LYS F 56 34.68 24.90 28.26
CA LYS F 56 35.00 24.79 26.83
C LYS F 56 35.87 23.57 26.51
N GLU F 57 35.90 23.18 25.23
CA GLU F 57 36.78 22.09 24.79
C GLU F 57 38.22 22.58 24.78
N PRO F 58 39.15 21.84 25.39
CA PRO F 58 40.45 22.43 25.76
C PRO F 58 41.48 22.48 24.64
N LYS F 59 42.30 23.52 24.70
CA LYS F 59 43.28 23.82 23.65
C LYS F 59 44.68 23.29 24.01
N CYS F 60 44.75 22.16 24.69
CA CYS F 60 46.03 21.54 25.00
C CYS F 60 46.52 20.65 23.87
N ASN F 61 47.85 20.57 23.73
CA ASN F 61 48.51 19.65 22.79
C ASN F 61 49.08 18.52 23.62
N GLY F 62 48.44 17.36 23.56
CA GLY F 62 48.52 16.32 24.57
C GLY F 62 49.38 15.18 24.07
N THR F 63 48.72 14.08 23.63
CA THR F 63 49.28 12.81 23.13
C THR F 63 49.77 11.86 24.22
N ASP F 64 49.73 12.24 25.49
CA ASP F 64 50.09 11.32 26.55
C ASP F 64 48.87 10.50 26.98
N ALA F 65 49.14 9.34 27.58
CA ALA F 65 48.07 8.42 27.97
C ALA F 65 47.17 9.03 29.03
N LYS F 66 47.75 9.52 30.13
CA LYS F 66 46.96 10.15 31.18
C LYS F 66 46.26 11.40 30.65
N VAL F 67 46.96 12.16 29.80
CA VAL F 67 46.34 13.32 29.17
C VAL F 67 45.14 12.89 28.33
N LYS F 68 45.31 11.84 27.53
CA LYS F 68 44.21 11.35 26.70
C LYS F 68 43.02 10.94 27.57
N LEU F 69 43.28 10.28 28.69
CA LEU F 69 42.20 9.87 29.59
C LEU F 69 41.46 11.08 30.14
N ILE F 70 42.19 12.10 30.58
CA ILE F 70 41.53 13.29 31.12
C ILE F 70 40.72 14.00 30.04
N LYS F 71 41.24 14.04 28.80
CA LYS F 71 40.47 14.64 27.71
C LYS F 71 39.19 13.86 27.45
N GLN F 72 39.27 12.52 27.46
CA GLN F 72 38.07 11.70 27.28
C GLN F 72 37.03 12.00 28.35
N GLU F 73 37.47 12.08 29.61
CA GLU F 73 36.51 12.33 30.69
C GLU F 73 35.91 13.73 30.59
N LEU F 74 36.73 14.73 30.23
CA LEU F 74 36.21 16.07 30.04
C LEU F 74 35.19 16.13 28.92
N ASP F 75 35.41 15.36 27.86
CA ASP F 75 34.42 15.36 26.79
C ASP F 75 33.15 14.61 27.19
N LYS F 76 33.27 13.59 28.04
CA LYS F 76 32.08 13.01 28.65
C LYS F 76 31.28 14.07 29.40
N TYR F 77 31.98 14.87 30.23
CA TYR F 77 31.33 15.92 31.01
C TYR F 77 30.66 16.95 30.10
N LYS F 78 31.35 17.37 29.05
CA LYS F 78 30.83 18.42 28.17
C LYS F 78 29.65 17.90 27.35
N ASN F 79 29.70 16.63 26.91
CA ASN F 79 28.55 16.05 26.25
C ASN F 79 27.36 15.93 27.20
N ALA F 80 27.60 15.59 28.46
CA ALA F 80 26.51 15.54 29.44
C ALA F 80 25.88 16.91 29.62
N VAL F 81 26.72 17.95 29.70
CA VAL F 81 26.19 19.30 29.83
C VAL F 81 25.35 19.67 28.61
N THR F 82 25.83 19.31 27.41
CA THR F 82 25.07 19.60 26.20
C THR F 82 23.74 18.85 26.19
N GLU F 83 23.76 17.58 26.60
CA GLU F 83 22.53 16.79 26.68
C GLU F 83 21.53 17.43 27.64
N LEU F 84 22.01 17.86 28.81
CA LEU F 84 21.12 18.49 29.78
C LEU F 84 20.60 19.83 29.28
N GLN F 85 21.41 20.56 28.51
CA GLN F 85 20.91 21.80 27.91
C GLN F 85 19.81 21.52 26.90
N LEU F 86 19.99 20.47 26.08
CA LEU F 86 18.95 20.12 25.12
C LEU F 86 17.68 19.63 25.82
N LEU F 87 17.82 19.06 27.02
CA LEU F 87 16.65 18.75 27.85
C LEU F 87 15.97 20.01 28.34
N MET F 88 16.73 20.88 29.05
CA MET F 88 16.15 21.87 29.96
C MET F 88 15.06 22.71 29.31
N GLN F 89 15.14 22.91 27.99
CA GLN F 89 14.01 23.42 27.24
C GLN F 89 14.15 22.97 25.80
N SER F 90 13.10 22.37 25.26
CA SER F 90 13.17 21.63 24.02
C SER F 90 12.00 21.93 23.10
N LEU F 112 -12.34 7.23 38.33
CA LEU F 112 -11.24 8.11 38.74
C LEU F 112 -11.20 9.39 37.92
N GLY F 113 -10.30 10.30 38.30
CA GLY F 113 -10.11 11.54 37.60
C GLY F 113 -8.78 11.59 36.86
N VAL F 114 -8.50 12.78 36.32
CA VAL F 114 -7.25 13.03 35.62
C VAL F 114 -6.58 14.25 36.24
N GLY F 115 -5.32 14.10 36.61
CA GLY F 115 -4.52 15.22 37.08
C GLY F 115 -3.11 15.15 36.55
N SER F 116 -2.21 15.95 37.13
CA SER F 116 -0.79 15.85 36.87
C SER F 116 -0.06 15.89 38.20
N ALA F 117 0.76 14.88 38.45
CA ALA F 117 1.37 14.72 39.77
C ALA F 117 2.48 15.72 40.06
N ILE F 118 3.11 16.29 39.02
CA ILE F 118 4.32 17.08 39.22
C ILE F 118 4.04 18.58 39.11
N ALA F 119 2.81 19.01 39.36
CA ALA F 119 2.48 20.42 39.20
C ALA F 119 3.28 21.30 40.16
N SER F 120 3.46 20.86 41.40
CA SER F 120 4.24 21.64 42.37
C SER F 120 5.69 21.80 41.92
N GLY F 121 6.33 20.67 41.59
CA GLY F 121 7.71 20.71 41.15
C GLY F 121 7.87 21.51 39.87
N VAL F 122 6.91 21.40 38.95
CA VAL F 122 6.97 22.18 37.73
C VAL F 122 6.82 23.67 38.03
N ALA F 123 5.98 24.03 39.00
CA ALA F 123 5.88 25.43 39.40
C ALA F 123 7.24 25.96 39.86
N VAL F 124 7.92 25.20 40.72
CA VAL F 124 9.24 25.64 41.19
C VAL F 124 10.23 25.71 40.03
N SER F 125 10.19 24.73 39.13
CA SER F 125 11.09 24.72 37.98
C SER F 125 10.87 25.93 37.09
N LYS F 126 9.62 26.29 36.84
CA LYS F 126 9.34 27.49 36.05
C LYS F 126 9.79 28.75 36.78
N VAL F 127 9.78 28.73 38.11
CA VAL F 127 10.38 29.85 38.84
C VAL F 127 11.87 29.96 38.53
N LEU F 128 12.59 28.82 38.57
CA LEU F 128 14.04 28.86 38.41
C LEU F 128 14.45 29.36 37.03
N HIS F 129 13.61 29.15 36.01
CA HIS F 129 13.94 29.63 34.67
C HIS F 129 13.92 31.15 34.58
N LEU F 130 13.23 31.82 35.50
CA LEU F 130 13.17 33.28 35.50
C LEU F 130 14.48 33.85 35.99
N GLU F 131 15.08 34.74 35.20
CA GLU F 131 16.44 35.20 35.48
C GLU F 131 16.49 35.99 36.80
N GLY F 132 17.58 35.81 37.52
CA GLY F 132 17.77 36.36 38.85
C GLY F 132 17.60 35.34 39.96
N GLU F 133 16.80 34.30 39.73
CA GLU F 133 16.60 33.27 40.75
C GLU F 133 17.82 32.38 40.88
N VAL F 134 18.50 32.10 39.76
CA VAL F 134 19.70 31.28 39.80
C VAL F 134 20.74 31.92 40.69
N ASN F 135 20.92 33.25 40.56
CA ASN F 135 21.84 33.95 41.44
C ASN F 135 21.36 33.92 42.89
N LYS F 136 20.05 33.97 43.10
CA LYS F 136 19.51 33.89 44.47
C LYS F 136 19.95 32.61 45.15
N ILE F 137 19.72 31.46 44.50
CA ILE F 137 20.16 30.20 45.08
C ILE F 137 21.67 30.13 45.16
N LYS F 138 22.36 30.63 44.13
CA LYS F 138 23.81 30.54 44.04
C LYS F 138 24.48 31.26 45.21
N SER F 139 24.04 32.47 45.51
CA SER F 139 24.54 33.19 46.68
C SER F 139 24.07 32.53 47.97
N ALA F 140 22.88 31.95 47.97
CA ALA F 140 22.39 31.26 49.17
C ALA F 140 23.26 30.08 49.55
N LEU F 141 24.02 29.51 48.61
CA LEU F 141 24.85 28.33 48.87
C LEU F 141 26.34 28.60 48.66
N LEU F 142 26.76 29.87 48.65
CA LEU F 142 28.18 30.17 48.46
C LEU F 142 29.02 29.58 49.59
N SER F 143 28.54 29.69 50.82
CA SER F 143 29.28 29.26 52.01
C SER F 143 28.87 27.89 52.52
N THR F 144 27.58 27.57 52.48
CA THR F 144 27.05 26.33 53.03
C THR F 144 26.47 25.46 51.92
N ASN F 145 26.18 24.21 52.27
CA ASN F 145 25.61 23.25 51.33
C ASN F 145 24.13 22.98 51.56
N LYS F 146 23.54 23.48 52.63
CA LYS F 146 22.11 23.38 52.88
C LYS F 146 21.58 24.77 53.17
N ALA F 147 20.52 25.17 52.45
CA ALA F 147 19.98 26.51 52.67
C ALA F 147 18.48 26.49 52.40
N VAL F 148 17.80 27.51 52.93
CA VAL F 148 16.40 27.78 52.60
C VAL F 148 16.37 29.05 51.76
N VAL F 149 15.66 28.99 50.63
CA VAL F 149 15.56 30.12 49.71
C VAL F 149 14.09 30.42 49.48
N SER F 150 13.73 31.69 49.55
CA SER F 150 12.41 32.16 49.14
C SER F 150 12.56 32.75 47.73
N LEU F 151 11.83 32.16 46.78
CA LEU F 151 11.94 32.62 45.41
C LEU F 151 10.91 33.73 45.16
N SER F 152 10.77 34.14 43.89
CA SER F 152 10.05 35.38 43.61
C SER F 152 8.55 35.24 43.82
N ASN F 153 7.96 34.06 43.53
CA ASN F 153 6.54 33.89 43.74
C ASN F 153 6.21 33.33 45.12
N GLY F 154 7.05 33.62 46.11
CA GLY F 154 6.74 33.36 47.51
C GLY F 154 6.66 31.90 47.90
N VAL F 155 7.63 31.10 47.48
CA VAL F 155 7.75 29.72 47.94
C VAL F 155 9.07 29.58 48.69
N SER F 156 9.02 28.87 49.83
CA SER F 156 10.19 28.62 50.65
C SER F 156 10.63 27.18 50.41
N VAL F 157 11.84 27.00 49.89
CA VAL F 157 12.30 25.69 49.46
C VAL F 157 13.69 25.46 50.05
N LEU F 158 13.93 24.26 50.60
CA LEU F 158 15.32 23.88 50.84
C LEU F 158 16.03 23.60 49.53
N THR F 159 17.20 24.22 49.36
CA THR F 159 18.09 23.97 48.25
C THR F 159 19.40 23.42 48.79
N SER F 160 20.03 22.58 47.97
CA SER F 160 21.14 21.76 48.44
C SER F 160 22.15 21.55 47.33
N LYS F 161 23.39 21.96 47.58
CA LYS F 161 24.52 21.66 46.70
C LYS F 161 25.02 20.25 47.00
N VAL F 162 24.92 19.36 46.02
CA VAL F 162 25.29 17.96 46.23
C VAL F 162 26.58 17.57 45.54
N LEU F 163 27.09 18.39 44.63
CA LEU F 163 28.34 18.09 43.94
C LEU F 163 28.90 19.37 43.36
N ASP F 164 30.21 19.58 43.53
CA ASP F 164 30.89 20.78 43.07
C ASP F 164 31.97 20.38 42.08
N LEU F 165 31.57 20.18 40.82
CA LEU F 165 32.55 19.93 39.77
C LEU F 165 33.24 21.21 39.31
N LYS F 166 32.63 22.36 39.55
CA LYS F 166 33.26 23.63 39.20
C LYS F 166 34.64 23.73 39.83
N ASN F 167 34.71 23.53 41.15
CA ASN F 167 35.97 23.74 41.84
C ASN F 167 36.98 22.65 41.55
N TYR F 168 36.54 21.39 41.46
CA TYR F 168 37.48 20.33 41.13
C TYR F 168 38.11 20.56 39.76
N ILE F 169 37.27 20.83 38.76
CA ILE F 169 37.79 21.06 37.41
C ILE F 169 38.69 22.30 37.39
N ASP F 170 38.27 23.37 38.06
CA ASP F 170 39.00 24.64 37.97
C ASP F 170 40.33 24.58 38.72
N LYS F 171 40.41 23.86 39.84
CA LYS F 171 41.60 23.88 40.67
C LYS F 171 42.54 22.71 40.45
N GLN F 172 42.03 21.54 40.10
CA GLN F 172 42.87 20.36 39.92
C GLN F 172 43.11 20.00 38.46
N LEU F 173 42.22 20.43 37.57
CA LEU F 173 42.11 19.85 36.23
C LEU F 173 42.10 20.88 35.12
N LEU F 174 41.76 22.14 35.41
CA LEU F 174 41.94 23.28 34.54
C LEU F 174 43.39 23.73 34.43
N PRO F 175 44.21 23.75 35.52
CA PRO F 175 45.60 24.23 35.37
C PRO F 175 46.42 23.46 34.34
N ILE F 176 46.54 22.14 34.53
CA ILE F 176 47.38 21.31 33.68
C ILE F 176 46.85 21.21 32.26
N VAL F 177 45.62 21.64 32.02
CA VAL F 177 44.97 21.56 30.71
C VAL F 177 44.69 23.00 30.28
N ASN F 178 44.37 23.19 28.99
CA ASN F 178 43.91 24.48 28.49
C ASN F 178 44.97 25.57 28.66
N LYS F 179 46.24 25.16 28.58
CA LYS F 179 47.36 26.06 28.36
C LYS F 179 48.06 25.60 27.08
N GLN F 180 49.25 26.18 26.83
CA GLN F 180 49.97 25.87 25.60
C GLN F 180 50.10 24.36 25.39
N SER F 181 50.79 23.66 26.31
CA SER F 181 50.84 22.20 26.14
C SER F 181 50.76 21.53 27.52
N CYS F 182 49.53 21.27 27.95
CA CYS F 182 49.15 20.01 28.60
C CYS F 182 50.14 19.39 29.59
N SER F 183 50.38 20.00 30.75
CA SER F 183 51.16 19.32 31.78
C SER F 183 50.46 18.04 32.23
N ILE F 184 51.26 17.02 32.55
CA ILE F 184 50.74 15.66 32.78
C ILE F 184 49.92 15.62 34.05
N PRO F 185 48.81 14.87 34.09
CA PRO F 185 48.07 14.68 35.33
C PRO F 185 48.60 13.48 36.10
N PRO F 186 48.34 13.42 37.40
CA PRO F 186 48.56 12.17 38.14
C PRO F 186 47.44 11.18 37.83
N ILE F 187 47.74 9.90 38.08
CA ILE F 187 46.70 8.89 37.91
C ILE F 187 45.62 9.05 38.98
N GLU F 188 46.01 9.55 40.16
CA GLU F 188 45.01 9.83 41.20
C GLU F 188 43.99 10.84 40.70
N THR F 189 44.46 11.86 39.96
CA THR F 189 43.55 12.84 39.39
C THR F 189 42.60 12.18 38.39
N VAL F 190 43.11 11.27 37.56
CA VAL F 190 42.22 10.57 36.63
C VAL F 190 41.14 9.84 37.41
N ILE F 191 41.54 9.04 38.40
CA ILE F 191 40.59 8.24 39.18
C ILE F 191 39.55 9.15 39.82
N GLU F 192 40.01 10.22 40.48
CA GLU F 192 39.12 11.09 41.23
C GLU F 192 38.16 11.83 40.30
N PHE F 193 38.62 12.23 39.12
CA PHE F 193 37.72 12.91 38.19
C PHE F 193 36.66 11.97 37.63
N GLN F 194 37.02 10.72 37.33
CA GLN F 194 35.97 9.77 36.93
C GLN F 194 34.97 9.59 38.07
N GLN F 195 35.46 9.44 39.30
CA GLN F 195 34.58 9.22 40.45
C GLN F 195 33.61 10.39 40.62
N LYS F 196 34.07 11.62 40.39
CA LYS F 196 33.21 12.77 40.59
C LYS F 196 32.27 12.99 39.41
N ASN F 197 32.79 12.89 38.18
CA ASN F 197 31.96 13.07 36.99
C ASN F 197 30.87 12.01 36.89
N ASN F 198 31.03 10.88 37.58
CA ASN F 198 30.09 9.78 37.42
C ASN F 198 28.67 10.15 37.85
N ARG F 199 28.51 10.88 38.95
CA ARG F 199 27.15 11.21 39.39
C ARG F 199 26.45 12.10 38.36
N LEU F 200 27.16 13.09 37.84
CA LEU F 200 26.60 13.92 36.78
C LEU F 200 26.21 13.08 35.57
N LEU F 201 27.07 12.15 35.17
CA LEU F 201 26.77 11.33 33.99
C LEU F 201 25.55 10.45 34.22
N GLU F 202 25.44 9.82 35.39
CA GLU F 202 24.30 8.95 35.65
C GLU F 202 23.00 9.74 35.74
N ILE F 203 23.05 10.92 36.37
CA ILE F 203 21.88 11.80 36.40
C ILE F 203 21.46 12.16 34.97
N THR F 204 22.44 12.52 34.14
CA THR F 204 22.13 12.88 32.76
C THR F 204 21.50 11.72 32.01
N ARG F 205 21.98 10.50 32.23
CA ARG F 205 21.40 9.34 31.56
C ARG F 205 19.95 9.12 31.99
N GLU F 206 19.71 9.14 33.31
CA GLU F 206 18.36 8.93 33.82
C GLU F 206 17.40 9.97 33.26
N PHE F 207 17.83 11.24 33.23
CA PHE F 207 16.97 12.26 32.63
C PHE F 207 16.84 12.07 31.12
N SER F 208 17.87 11.52 30.48
CA SER F 208 17.86 11.36 29.03
C SER F 208 16.80 10.37 28.60
N VAL F 209 16.67 9.24 29.29
CA VAL F 209 15.68 8.25 28.85
C VAL F 209 14.28 8.50 29.41
N ASN F 210 14.14 9.35 30.42
CA ASN F 210 12.84 9.61 31.03
C ASN F 210 12.28 10.98 30.68
N ALA F 211 12.85 11.66 29.69
CA ALA F 211 12.39 12.98 29.24
C ALA F 211 12.36 13.99 30.38
N GLY F 212 13.32 13.89 31.31
CA GLY F 212 13.48 14.88 32.34
C GLY F 212 12.60 14.72 33.57
N VAL F 213 11.81 13.65 33.66
CA VAL F 213 10.98 13.38 34.83
C VAL F 213 11.15 11.91 35.19
N THR F 214 11.72 11.63 36.36
CA THR F 214 12.02 10.27 36.79
C THR F 214 11.26 9.93 38.06
N THR F 215 10.70 8.72 38.10
CA THR F 215 10.12 8.16 39.31
C THR F 215 10.34 6.66 39.21
N PRO F 216 10.79 6.00 40.28
CA PRO F 216 11.17 6.52 41.60
C PRO F 216 12.41 7.43 41.55
N VAL F 217 12.63 8.23 42.59
CA VAL F 217 13.84 9.06 42.65
C VAL F 217 15.02 8.17 43.00
N SER F 218 15.98 8.06 42.07
CA SER F 218 17.08 7.14 42.23
C SER F 218 18.06 7.65 43.29
N THR F 219 19.03 6.79 43.64
CA THR F 219 20.08 7.18 44.57
C THR F 219 21.09 8.11 43.93
N TYR F 220 21.12 8.19 42.60
CA TYR F 220 21.94 9.18 41.92
C TYR F 220 21.32 10.57 41.98
N MET F 221 19.99 10.65 41.94
CA MET F 221 19.34 11.95 42.10
C MET F 221 19.44 12.45 43.53
N LEU F 222 19.34 11.54 44.50
CA LEU F 222 19.32 11.93 45.91
C LEU F 222 19.72 10.70 46.72
N THR F 223 20.90 10.73 47.33
CA THR F 223 21.37 9.57 48.06
C THR F 223 20.56 9.39 49.34
N ASN F 224 20.80 8.26 50.01
CA ASN F 224 20.09 7.96 51.25
C ASN F 224 20.38 8.99 52.32
N SER F 225 21.64 9.37 52.48
CA SER F 225 22.02 10.38 53.46
C SER F 225 21.36 11.72 53.14
N GLU F 226 21.41 12.13 51.86
CA GLU F 226 20.83 13.41 51.47
C GLU F 226 19.33 13.42 51.71
N LEU F 227 18.64 12.33 51.36
CA LEU F 227 17.20 12.26 51.57
C LEU F 227 16.84 12.30 53.04
N LEU F 228 17.60 11.58 53.88
CA LEU F 228 17.31 11.59 55.31
C LEU F 228 17.53 12.99 55.91
N SER F 229 18.61 13.66 55.52
CA SER F 229 18.84 15.03 55.99
C SER F 229 17.72 15.95 55.54
N LEU F 230 17.32 15.83 54.28
CA LEU F 230 16.21 16.65 53.77
C LEU F 230 14.96 16.42 54.60
N ILE F 231 14.64 15.16 54.89
CA ILE F 231 13.46 14.85 55.69
C ILE F 231 13.54 15.51 57.06
N ASN F 232 14.71 15.39 57.71
CA ASN F 232 14.84 15.97 59.04
C ASN F 232 14.77 17.49 59.04
N ASP F 233 15.04 18.13 57.90
CA ASP F 233 14.91 19.58 57.81
C ASP F 233 13.57 20.06 57.28
N MET F 234 12.66 19.15 56.92
CA MET F 234 11.36 19.57 56.40
C MET F 234 10.46 20.10 57.52
N PRO F 235 9.57 21.05 57.20
CA PRO F 235 8.64 21.61 58.21
C PRO F 235 7.44 20.70 58.43
N ILE F 236 7.69 19.54 59.05
CA ILE F 236 6.65 18.53 59.25
C ILE F 236 6.70 18.03 60.68
N THR F 237 5.63 17.33 61.06
CA THR F 237 5.55 16.72 62.38
C THR F 237 6.72 15.75 62.58
N ASN F 238 6.97 15.42 63.86
CA ASN F 238 7.91 14.36 64.15
C ASN F 238 7.34 12.99 63.82
N ASP F 239 6.01 12.85 63.83
CA ASP F 239 5.37 11.63 63.33
C ASP F 239 5.73 11.43 61.86
N GLN F 240 5.59 12.48 61.05
CA GLN F 240 5.91 12.38 59.63
C GLN F 240 7.40 12.15 59.40
N LYS F 241 8.25 12.81 60.19
CA LYS F 241 9.69 12.59 60.07
C LYS F 241 10.04 11.13 60.37
N LYS F 242 9.47 10.58 61.45
CA LYS F 242 9.70 9.17 61.77
C LYS F 242 9.22 8.27 60.63
N LEU F 243 8.00 8.49 60.16
CA LEU F 243 7.43 7.64 59.11
C LEU F 243 8.28 7.68 57.85
N MET F 244 8.60 8.88 57.37
CA MET F 244 9.38 9.00 56.14
C MET F 244 10.78 8.43 56.31
N SER F 245 11.43 8.71 57.44
CA SER F 245 12.79 8.23 57.63
C SER F 245 12.84 6.71 57.70
N ASN F 246 11.84 6.09 58.33
CA ASN F 246 11.83 4.64 58.44
C ASN F 246 11.43 3.95 57.13
N ASN F 247 10.84 4.68 56.19
CA ASN F 247 10.29 4.10 54.97
C ASN F 247 10.86 4.81 53.73
N VAL F 248 12.18 4.97 53.72
CA VAL F 248 12.82 5.66 52.60
C VAL F 248 12.52 5.01 51.25
N PRO F 249 12.59 3.67 51.09
CA PRO F 249 12.30 3.11 49.75
C PRO F 249 10.92 3.45 49.22
N ILE F 250 9.91 3.44 50.09
CA ILE F 250 8.56 3.80 49.65
C ILE F 250 8.48 5.27 49.29
N VAL F 251 9.17 6.13 50.05
CA VAL F 251 9.22 7.55 49.70
C VAL F 251 9.82 7.73 48.31
N ARG F 252 10.89 6.99 48.01
CA ARG F 252 11.44 7.01 46.66
C ARG F 252 10.39 6.58 45.64
N GLN F 253 9.63 5.52 45.95
CA GLN F 253 8.59 5.06 45.04
C GLN F 253 7.63 6.18 44.64
N GLN F 254 7.28 7.05 45.59
CA GLN F 254 6.23 8.04 45.40
C GLN F 254 6.79 9.45 45.25
N SER F 255 8.02 9.59 44.78
CA SER F 255 8.66 10.89 44.60
C SER F 255 8.94 11.13 43.14
N TYR F 256 9.36 12.36 42.83
CA TYR F 256 9.72 12.72 41.47
C TYR F 256 10.99 13.56 41.46
N SER F 257 11.86 13.29 40.51
CA SER F 257 12.98 14.16 40.18
C SER F 257 12.66 14.86 38.87
N ILE F 258 12.61 16.18 38.90
CA ILE F 258 12.17 16.98 37.76
C ILE F 258 13.34 17.84 37.31
N MET F 259 13.84 17.58 36.11
CA MET F 259 14.92 18.36 35.53
C MET F 259 14.47 19.81 35.32
N SER F 260 15.29 20.77 35.77
CA SER F 260 14.89 22.17 35.65
C SER F 260 15.80 22.99 34.74
N ILE F 261 17.07 23.19 35.08
CA ILE F 261 17.87 24.20 34.38
C ILE F 261 19.35 23.86 34.41
N ILE F 262 20.06 24.34 33.39
CA ILE F 262 21.52 24.51 33.41
C ILE F 262 21.79 25.96 33.04
N LYS F 263 22.13 26.79 34.03
CA LYS F 263 22.53 28.17 33.76
C LYS F 263 23.50 28.61 34.85
N GLU F 264 24.30 29.64 34.51
CA GLU F 264 25.21 30.27 35.47
C GLU F 264 26.11 29.25 36.15
N GLU F 265 26.64 28.30 35.37
CA GLU F 265 27.51 27.25 35.89
C GLU F 265 26.84 26.46 37.02
N VAL F 266 25.53 26.29 36.96
CA VAL F 266 24.82 25.47 37.94
C VAL F 266 23.77 24.64 37.21
N LEU F 267 23.66 23.39 37.63
CA LEU F 267 22.64 22.45 37.20
C LEU F 267 21.66 22.28 38.33
N ALA F 268 20.39 22.58 38.09
CA ALA F 268 19.38 22.50 39.13
C ALA F 268 18.24 21.60 38.68
N TYR F 269 17.83 20.69 39.57
CA TYR F 269 16.61 19.92 39.37
C TYR F 269 15.77 19.96 40.64
N VAL F 270 14.47 19.69 40.46
CA VAL F 270 13.52 19.74 41.56
C VAL F 270 13.17 18.32 41.96
N VAL F 271 13.30 18.02 43.25
CA VAL F 271 12.87 16.75 43.82
C VAL F 271 11.58 16.99 44.58
N GLN F 272 10.58 16.13 44.34
CA GLN F 272 9.24 16.33 44.85
C GLN F 272 8.86 15.11 45.68
N LEU F 273 8.66 15.33 47.00
CA LEU F 273 8.47 14.31 48.00
C LEU F 273 7.04 14.32 48.53
N PRO F 274 6.52 13.15 48.90
CA PRO F 274 5.16 13.09 49.46
C PRO F 274 5.09 13.68 50.86
N LEU F 275 3.97 14.34 51.15
CA LEU F 275 3.59 14.75 52.49
C LEU F 275 2.36 13.95 52.88
N TYR F 276 2.54 13.04 53.83
CA TYR F 276 1.50 12.09 54.24
C TYR F 276 0.62 12.77 55.28
N GLY F 277 -0.40 13.50 54.81
CA GLY F 277 -1.28 14.21 55.70
C GLY F 277 -2.28 13.35 56.44
N VAL F 278 -2.39 12.08 56.10
CA VAL F 278 -3.21 11.11 56.81
C VAL F 278 -2.30 9.99 57.28
N ILE F 279 -2.22 9.80 58.59
CA ILE F 279 -1.37 8.77 59.18
C ILE F 279 -2.14 8.02 60.25
N ASP F 280 -2.00 6.70 60.24
CA ASP F 280 -2.50 5.81 61.28
C ASP F 280 -4.02 5.75 61.35
N THR F 281 -4.72 6.11 60.27
CA THR F 281 -6.15 5.84 60.26
C THR F 281 -6.40 4.42 59.77
N PRO F 282 -7.55 3.84 60.12
CA PRO F 282 -7.83 2.44 59.73
C PRO F 282 -7.87 2.27 58.22
N CYS F 283 -7.02 1.37 57.72
CA CYS F 283 -7.11 0.88 56.35
C CYS F 283 -7.56 -0.57 56.36
N TRP F 284 -8.15 -0.99 55.25
CA TRP F 284 -8.62 -2.36 55.11
C TRP F 284 -8.77 -2.68 53.63
N LYS F 285 -8.54 -3.95 53.30
CA LYS F 285 -8.47 -4.40 51.92
C LYS F 285 -9.63 -5.34 51.63
N LEU F 286 -10.35 -5.09 50.53
CA LEU F 286 -11.46 -5.94 50.11
C LEU F 286 -11.03 -6.81 48.94
N HIS F 287 -11.15 -8.13 49.12
CA HIS F 287 -10.94 -9.12 48.07
C HIS F 287 -12.28 -9.72 47.70
N THR F 288 -12.53 -9.89 46.40
CA THR F 288 -13.80 -10.45 45.92
C THR F 288 -13.53 -11.51 44.86
N SER F 289 -14.51 -12.38 44.68
CA SER F 289 -14.42 -13.54 43.79
C SER F 289 -15.82 -13.87 43.32
N PRO F 290 -15.95 -14.53 42.16
CA PRO F 290 -17.29 -14.86 41.64
C PRO F 290 -18.05 -15.82 42.55
N LEU F 291 -19.36 -15.57 42.68
CA LEU F 291 -20.28 -16.45 43.40
C LEU F 291 -21.34 -16.94 42.43
N CYS F 292 -21.39 -18.25 42.22
CA CYS F 292 -22.26 -18.85 41.22
C CYS F 292 -23.08 -19.98 41.82
N THR F 293 -24.22 -20.26 41.18
CA THR F 293 -24.94 -21.49 41.46
C THR F 293 -24.14 -22.67 40.92
N THR F 294 -24.24 -23.79 41.62
CA THR F 294 -23.34 -24.92 41.40
C THR F 294 -23.98 -26.09 40.67
N ASN F 295 -25.29 -26.07 40.45
CA ASN F 295 -26.00 -27.22 39.92
C ASN F 295 -26.86 -26.79 38.74
N THR F 296 -27.01 -27.70 37.78
CA THR F 296 -26.39 -29.02 37.79
C THR F 296 -25.83 -29.38 36.42
N LYS F 297 -26.17 -28.57 35.42
CA LYS F 297 -26.01 -29.01 34.04
C LYS F 297 -25.63 -27.83 33.14
N GLU F 298 -24.50 -27.98 32.45
CA GLU F 298 -24.11 -27.18 31.28
C GLU F 298 -24.02 -25.71 31.66
N GLY F 299 -24.59 -24.79 30.90
CA GLY F 299 -24.49 -23.37 31.17
C GLY F 299 -25.76 -22.80 31.78
N SER F 300 -26.35 -23.55 32.71
CA SER F 300 -27.62 -23.19 33.35
C SER F 300 -27.42 -22.59 34.73
N ASN F 301 -26.35 -21.82 34.92
CA ASN F 301 -26.03 -21.20 36.19
C ASN F 301 -26.01 -19.69 36.04
N ILE F 302 -26.22 -19.00 37.15
CA ILE F 302 -26.11 -17.54 37.21
C ILE F 302 -25.02 -17.19 38.20
N CYS F 303 -24.33 -16.09 37.92
CA CYS F 303 -23.14 -15.69 38.65
C CYS F 303 -23.24 -14.22 39.04
N LEU F 304 -22.53 -13.89 40.13
CA LEU F 304 -22.64 -12.58 40.76
C LEU F 304 -21.34 -12.32 41.52
N THR F 305 -20.81 -11.10 41.40
CA THR F 305 -19.48 -10.79 41.93
C THR F 305 -19.48 -9.37 42.47
N ARG F 306 -19.08 -9.21 43.74
CA ARG F 306 -18.84 -7.88 44.28
C ARG F 306 -17.74 -7.20 43.48
N THR F 307 -17.98 -5.93 43.12
CA THR F 307 -17.06 -5.20 42.25
C THR F 307 -16.20 -4.19 43.00
N ASP F 308 -16.43 -3.98 44.29
CA ASP F 308 -15.82 -2.88 45.04
C ASP F 308 -14.44 -3.24 45.59
N ARG F 309 -13.73 -4.18 44.96
CA ARG F 309 -12.51 -4.70 45.57
C ARG F 309 -11.35 -3.71 45.44
N GLY F 310 -10.51 -3.68 46.47
CA GLY F 310 -9.40 -2.75 46.48
C GLY F 310 -9.15 -2.25 47.88
N TRP F 311 -8.37 -1.18 47.98
CA TRP F 311 -7.99 -0.66 49.30
C TRP F 311 -8.99 0.40 49.75
N TYR F 312 -9.21 0.46 51.06
CA TYR F 312 -10.07 1.46 51.68
C TYR F 312 -9.33 2.02 52.89
N CYS F 313 -9.45 3.33 53.11
CA CYS F 313 -8.84 3.95 54.27
C CYS F 313 -9.72 5.08 54.80
N ASP F 314 -9.82 5.18 56.12
CA ASP F 314 -10.58 6.28 56.71
C ASP F 314 -9.84 7.59 56.49
N ASN F 315 -10.58 8.61 56.03
CA ASN F 315 -9.93 9.85 55.57
C ASN F 315 -10.92 10.99 55.77
N ALA F 316 -10.69 11.78 56.81
CA ALA F 316 -11.44 13.02 57.05
C ALA F 316 -12.95 12.78 57.06
N GLY F 317 -13.37 11.75 57.79
CA GLY F 317 -14.79 11.45 57.90
C GLY F 317 -15.39 10.77 56.69
N SER F 318 -14.58 10.42 55.71
CA SER F 318 -15.03 9.66 54.55
C SER F 318 -14.17 8.40 54.42
N VAL F 319 -14.38 7.66 53.34
CA VAL F 319 -13.57 6.50 53.03
C VAL F 319 -12.91 6.75 51.68
N SER F 320 -11.59 6.80 51.67
CA SER F 320 -10.85 6.84 50.43
C SER F 320 -10.75 5.42 49.87
N PHE F 321 -11.20 5.26 48.64
CA PHE F 321 -11.20 3.99 47.92
C PHE F 321 -10.14 4.03 46.83
N PHE F 322 -9.25 3.05 46.85
CA PHE F 322 -8.21 2.90 45.83
C PHE F 322 -8.53 1.63 45.04
N PRO F 323 -9.13 1.76 43.84
CA PRO F 323 -9.61 0.60 43.09
C PRO F 323 -8.50 -0.08 42.31
N GLN F 324 -7.51 0.72 41.93
CA GLN F 324 -6.28 0.20 41.35
C GLN F 324 -5.32 -0.05 42.49
N ALA F 325 -5.56 -1.15 43.22
CA ALA F 325 -4.77 -1.48 44.41
C ALA F 325 -3.32 -1.75 44.04
N GLU F 326 -2.99 -1.62 42.75
CA GLU F 326 -1.62 -1.47 42.28
C GLU F 326 -0.96 -0.19 42.76
N THR F 327 -1.75 0.83 43.12
CA THR F 327 -1.19 2.13 43.49
C THR F 327 -0.77 2.23 44.94
N CYS F 328 -1.34 1.41 45.81
CA CYS F 328 -0.96 1.38 47.22
C CYS F 328 0.23 0.45 47.42
N LYS F 329 1.13 0.84 48.32
CA LYS F 329 2.35 0.11 48.63
C LYS F 329 2.31 -0.26 50.10
N VAL F 330 2.55 -1.52 50.43
CA VAL F 330 2.38 -2.00 51.79
C VAL F 330 3.73 -2.43 52.36
N GLN F 331 4.07 -1.89 53.53
CA GLN F 331 5.19 -2.36 54.33
C GLN F 331 4.64 -2.73 55.71
N SER F 332 4.73 -4.01 56.06
CA SER F 332 4.18 -4.55 57.32
C SER F 332 2.69 -4.22 57.34
N ASN F 333 2.19 -3.47 58.33
CA ASN F 333 0.78 -3.12 58.41
C ASN F 333 0.50 -1.71 57.89
N ARG F 334 1.44 -1.13 57.15
CA ARG F 334 1.37 0.26 56.75
C ARG F 334 1.09 0.35 55.25
N VAL F 335 -0.01 1.00 54.90
CA VAL F 335 -0.43 1.16 53.51
C VAL F 335 -0.18 2.60 53.08
N PHE F 336 0.74 2.79 52.13
CA PHE F 336 1.04 4.09 51.55
C PHE F 336 0.27 4.23 50.26
N CYS F 337 -0.60 5.23 50.18
CA CYS F 337 -1.36 5.48 48.96
C CYS F 337 -1.28 6.95 48.59
N ASP F 338 -1.60 7.23 47.33
CA ASP F 338 -1.71 8.60 46.84
C ASP F 338 -3.18 8.94 46.69
N THR F 339 -3.62 9.98 47.41
CA THR F 339 -5.03 10.35 47.36
C THR F 339 -5.47 10.78 45.97
N MET F 340 -4.54 11.16 45.10
CA MET F 340 -4.87 11.53 43.73
C MET F 340 -5.34 10.34 42.91
N ASN F 341 -5.12 9.11 43.38
CA ASN F 341 -5.63 7.92 42.74
C ASN F 341 -6.88 7.36 43.42
N SER F 342 -7.54 8.16 44.24
CA SER F 342 -8.61 7.67 45.09
C SER F 342 -9.96 8.23 44.64
N LEU F 343 -11.01 7.50 45.00
CA LEU F 343 -12.38 7.98 45.02
C LEU F 343 -12.78 8.20 46.48
N THR F 344 -13.82 8.99 46.69
CA THR F 344 -14.28 9.31 48.03
C THR F 344 -15.69 8.76 48.22
N LEU F 345 -15.89 8.02 49.31
CA LEU F 345 -17.14 7.33 49.57
C LEU F 345 -17.63 7.65 50.97
N PRO F 346 -18.95 7.57 51.20
CA PRO F 346 -19.47 7.66 52.55
C PRO F 346 -18.99 6.47 53.39
N PRO F 347 -18.95 6.61 54.71
CA PRO F 347 -18.57 5.46 55.55
C PRO F 347 -19.49 4.28 55.36
N GLU F 348 -20.75 4.52 55.00
CA GLU F 348 -21.75 3.47 54.80
C GLU F 348 -21.33 2.44 53.76
N VAL F 349 -20.28 2.70 52.97
CA VAL F 349 -19.78 1.71 52.04
C VAL F 349 -19.38 0.44 52.80
N ASN F 350 -18.85 0.59 54.02
CA ASN F 350 -18.46 -0.57 54.81
C ASN F 350 -19.65 -1.48 55.12
N LEU F 351 -20.87 -0.94 55.12
CA LEU F 351 -22.05 -1.77 55.35
C LEU F 351 -22.12 -2.91 54.35
N CYS F 352 -21.58 -2.71 53.14
CA CYS F 352 -21.59 -3.78 52.13
C CYS F 352 -20.90 -5.04 52.64
N ASN F 353 -19.91 -4.89 53.52
CA ASN F 353 -19.26 -6.06 54.10
C ASN F 353 -20.13 -6.72 55.15
N VAL F 354 -20.85 -5.92 55.94
CA VAL F 354 -21.61 -6.44 57.07
C VAL F 354 -23.00 -6.90 56.65
N ASP F 355 -23.63 -6.19 55.72
CA ASP F 355 -24.96 -6.57 55.23
C ASP F 355 -25.11 -6.00 53.82
N ILE F 356 -24.97 -6.86 52.81
CA ILE F 356 -25.01 -6.40 51.43
C ILE F 356 -26.40 -5.94 51.01
N PHE F 357 -27.43 -6.24 51.79
CA PHE F 357 -28.79 -5.81 51.50
C PHE F 357 -29.23 -4.66 52.42
N ASN F 358 -28.28 -3.92 52.97
CA ASN F 358 -28.60 -2.78 53.82
C ASN F 358 -29.47 -1.77 53.07
N PRO F 359 -30.15 -0.89 53.81
CA PRO F 359 -30.93 0.18 53.14
C PRO F 359 -30.03 1.28 52.62
N LYS F 360 -28.96 1.58 53.34
CA LYS F 360 -28.31 2.89 53.24
C LYS F 360 -27.41 3.02 52.00
N TYR F 361 -26.51 2.07 51.78
CA TYR F 361 -25.59 2.11 50.64
C TYR F 361 -25.96 1.00 49.67
N ASP F 362 -26.03 1.33 48.38
CA ASP F 362 -26.35 0.37 47.33
C ASP F 362 -25.06 -0.30 46.88
N CYS F 363 -24.85 -1.53 47.32
CA CYS F 363 -23.60 -2.23 47.06
C CYS F 363 -23.47 -2.60 45.59
N LYS F 364 -22.30 -2.31 45.02
CA LYS F 364 -22.08 -2.52 43.60
C LYS F 364 -21.69 -3.98 43.34
N ILE F 365 -22.42 -4.63 42.44
CA ILE F 365 -22.10 -5.98 42.00
C ILE F 365 -22.14 -6.02 40.48
N MET F 366 -21.56 -7.07 39.94
CA MET F 366 -21.77 -7.46 38.55
C MET F 366 -22.46 -8.81 38.54
N THR F 367 -23.20 -9.07 37.46
CA THR F 367 -23.78 -10.38 37.22
C THR F 367 -23.26 -10.91 35.89
N SER F 368 -23.31 -12.22 35.73
CA SER F 368 -22.87 -12.86 34.50
C SER F 368 -23.34 -14.31 34.51
N LYS F 369 -22.91 -15.07 33.50
CA LYS F 369 -23.07 -16.51 33.46
C LYS F 369 -21.73 -17.23 33.36
N THR F 370 -20.63 -16.51 33.45
CA THR F 370 -19.30 -17.09 33.21
C THR F 370 -18.92 -17.93 34.42
N ASP F 371 -19.19 -19.26 34.38
CA ASP F 371 -18.99 -20.13 35.55
C ASP F 371 -17.63 -20.82 35.55
N VAL F 372 -16.57 -20.02 35.79
CA VAL F 372 -15.22 -20.54 35.69
C VAL F 372 -14.54 -20.52 37.06
N SER F 373 -13.69 -21.52 37.27
CA SER F 373 -13.01 -21.69 38.54
C SER F 373 -11.85 -20.71 38.62
N SER F 374 -11.70 -20.10 39.79
CA SER F 374 -10.62 -19.15 40.01
C SER F 374 -10.33 -19.10 41.50
N SER F 375 -9.29 -18.35 41.86
CA SER F 375 -8.90 -18.22 43.25
C SER F 375 -8.28 -16.84 43.48
N VAL F 376 -8.53 -16.30 44.66
CA VAL F 376 -7.95 -15.02 45.09
C VAL F 376 -7.11 -15.28 46.34
N ILE F 377 -5.85 -14.86 46.30
CA ILE F 377 -4.97 -14.98 47.45
C ILE F 377 -5.10 -13.71 48.28
N THR F 378 -5.79 -13.82 49.41
CA THR F 378 -6.04 -12.66 50.25
C THR F 378 -4.82 -12.35 51.11
N SER F 379 -4.98 -11.44 52.08
CA SER F 379 -3.84 -11.00 52.88
C SER F 379 -3.26 -12.14 53.70
N LEU F 380 -4.11 -12.93 54.35
CA LEU F 380 -3.65 -14.09 55.10
C LEU F 380 -4.58 -15.29 54.89
N GLY F 381 -4.97 -15.51 53.64
CA GLY F 381 -5.82 -16.63 53.34
C GLY F 381 -5.99 -16.81 51.85
N ALA F 382 -7.05 -17.51 51.47
CA ALA F 382 -7.37 -17.71 50.07
C ALA F 382 -8.85 -18.00 49.88
N ILE F 383 -9.49 -17.24 48.97
CA ILE F 383 -10.82 -17.52 48.47
C ILE F 383 -10.68 -18.43 47.27
N VAL F 384 -11.52 -19.46 47.19
CA VAL F 384 -11.51 -20.37 46.05
C VAL F 384 -12.93 -20.49 45.53
N SER F 385 -13.13 -20.14 44.26
CA SER F 385 -14.40 -20.33 43.58
C SER F 385 -14.23 -21.51 42.63
N CYS F 386 -14.75 -22.67 43.03
CA CYS F 386 -14.56 -23.91 42.30
C CYS F 386 -15.88 -24.29 41.63
N TYR F 387 -15.87 -24.38 40.31
CA TYR F 387 -17.10 -24.64 39.57
C TYR F 387 -16.86 -25.65 38.47
N GLY F 388 -17.84 -26.52 38.26
CA GLY F 388 -17.74 -27.52 37.22
C GLY F 388 -16.81 -28.66 37.59
N LYS F 389 -16.22 -29.28 36.56
CA LYS F 389 -15.34 -30.43 36.74
C LYS F 389 -14.02 -30.10 37.41
N THR F 390 -13.71 -28.82 37.60
CA THR F 390 -12.40 -28.43 38.12
C THR F 390 -12.12 -29.06 39.46
N LYS F 391 -10.88 -29.50 39.66
CA LYS F 391 -10.41 -30.00 40.93
C LYS F 391 -9.71 -28.85 41.66
N CYS F 392 -10.09 -28.62 42.91
CA CYS F 392 -9.58 -27.50 43.69
C CYS F 392 -9.08 -28.00 45.03
N THR F 393 -7.95 -27.47 45.47
CA THR F 393 -7.20 -28.09 46.56
C THR F 393 -6.47 -27.02 47.35
N ALA F 394 -6.28 -27.29 48.63
CA ALA F 394 -5.33 -26.57 49.46
C ALA F 394 -4.40 -27.59 50.11
N SER F 395 -3.09 -27.35 50.01
CA SER F 395 -2.08 -28.29 50.46
C SER F 395 -1.06 -27.62 51.37
N ASN F 396 -0.67 -28.36 52.40
CA ASN F 396 0.47 -28.05 53.24
C ASN F 396 1.72 -28.72 52.67
N LYS F 397 2.88 -28.10 52.89
CA LYS F 397 4.11 -28.63 52.30
C LYS F 397 4.50 -29.99 52.83
N ASN F 398 3.90 -30.44 53.93
CA ASN F 398 4.21 -31.74 54.52
C ASN F 398 3.05 -32.72 54.50
N ARG F 399 1.84 -32.26 54.80
CA ARG F 399 0.68 -33.14 54.90
C ARG F 399 0.04 -33.45 53.54
N GLY F 400 0.59 -32.91 52.46
CA GLY F 400 -0.07 -33.07 51.18
C GLY F 400 -1.33 -32.22 51.14
N ILE F 401 -2.36 -32.73 50.47
CA ILE F 401 -3.63 -32.04 50.43
C ILE F 401 -4.22 -31.98 51.83
N ILE F 402 -4.68 -30.81 52.23
CA ILE F 402 -5.40 -30.65 53.49
C ILE F 402 -6.81 -30.14 53.30
N LYS F 403 -7.18 -29.72 52.10
CA LYS F 403 -8.60 -29.43 51.81
C LYS F 403 -8.88 -29.70 50.35
N THR F 404 -10.03 -30.31 50.09
CA THR F 404 -10.56 -30.46 48.74
C THR F 404 -11.88 -29.70 48.68
N PHE F 405 -11.94 -28.69 47.82
CA PHE F 405 -13.09 -27.80 47.79
C PHE F 405 -14.25 -28.40 47.02
N SER F 406 -15.46 -28.18 47.53
CA SER F 406 -16.67 -28.49 46.78
C SER F 406 -16.93 -27.40 45.75
N ASN F 407 -17.93 -27.65 44.90
CA ASN F 407 -18.35 -26.61 43.96
C ASN F 407 -19.10 -25.52 44.71
N GLY F 408 -18.71 -24.27 44.48
CA GLY F 408 -19.15 -23.11 45.19
C GLY F 408 -17.97 -22.24 45.56
N CYS F 409 -18.22 -21.29 46.47
CA CYS F 409 -17.19 -20.36 46.93
C CYS F 409 -16.82 -20.70 48.37
N ASP F 410 -15.53 -20.86 48.62
CA ASP F 410 -15.04 -21.30 49.92
C ASP F 410 -13.80 -20.50 50.30
N TYR F 411 -13.36 -20.67 51.55
CA TYR F 411 -12.23 -19.93 52.09
C TYR F 411 -11.31 -20.86 52.86
N VAL F 412 -10.04 -20.52 52.90
CA VAL F 412 -9.05 -21.27 53.66
C VAL F 412 -8.06 -20.28 54.27
N SER F 413 -7.65 -20.54 55.51
CA SER F 413 -6.69 -19.68 56.18
C SER F 413 -5.26 -20.07 55.79
N ASN F 414 -4.31 -19.19 56.09
CA ASN F 414 -2.91 -19.47 55.81
C ASN F 414 -2.23 -20.23 56.94
N LYS F 415 -2.99 -20.65 57.95
CA LYS F 415 -2.46 -21.45 59.04
C LYS F 415 -2.37 -22.91 58.59
N GLY F 416 -1.15 -23.39 58.38
CA GLY F 416 -0.98 -24.75 57.90
C GLY F 416 -1.26 -24.95 56.43
N VAL F 417 -1.56 -23.90 55.68
CA VAL F 417 -1.76 -23.98 54.24
C VAL F 417 -0.61 -23.26 53.56
N ASP F 418 0.05 -23.95 52.62
CA ASP F 418 1.14 -23.36 51.86
C ASP F 418 0.76 -23.06 50.42
N THR F 419 0.00 -23.93 49.76
CA THR F 419 -0.41 -23.68 48.38
C THR F 419 -1.90 -23.95 48.20
N VAL F 420 -2.47 -23.23 47.23
CA VAL F 420 -3.84 -23.46 46.77
C VAL F 420 -3.77 -23.76 45.28
N SER F 421 -4.33 -24.90 44.87
CA SER F 421 -4.25 -25.35 43.49
C SER F 421 -5.66 -25.40 42.90
N VAL F 422 -5.90 -24.60 41.87
CA VAL F 422 -7.18 -24.59 41.16
C VAL F 422 -6.88 -24.93 39.70
N GLY F 423 -7.47 -26.02 39.22
CA GLY F 423 -7.18 -26.46 37.86
C GLY F 423 -5.69 -26.73 37.69
N ASN F 424 -5.11 -26.14 36.66
CA ASN F 424 -3.69 -26.26 36.38
C ASN F 424 -2.86 -25.16 37.02
N THR F 425 -3.47 -24.32 37.86
CA THR F 425 -2.80 -23.16 38.43
C THR F 425 -2.48 -23.42 39.89
N LEU F 426 -1.21 -23.31 40.26
CA LEU F 426 -0.78 -23.40 41.65
C LEU F 426 -0.44 -22.00 42.15
N TYR F 427 -1.11 -21.58 43.23
CA TYR F 427 -0.85 -20.33 43.91
C TYR F 427 -0.16 -20.62 45.23
N TYR F 428 0.82 -19.81 45.59
CA TYR F 428 1.30 -19.79 46.96
C TYR F 428 0.50 -18.77 47.75
N VAL F 429 0.18 -19.11 48.99
CA VAL F 429 -0.56 -18.20 49.85
C VAL F 429 0.42 -17.33 50.61
N ASN F 430 -0.02 -16.14 50.99
CA ASN F 430 0.81 -15.26 51.79
C ASN F 430 1.02 -15.86 53.17
N LYS F 431 2.22 -15.67 53.72
CA LYS F 431 2.56 -16.22 55.03
C LYS F 431 2.67 -15.16 56.11
N GLN F 432 2.29 -13.91 55.82
CA GLN F 432 2.11 -12.95 56.90
C GLN F 432 1.06 -13.47 57.87
N GLU F 433 1.31 -13.29 59.16
CA GLU F 433 0.53 -13.97 60.18
C GLU F 433 -0.53 -13.06 60.79
N GLY F 434 -1.66 -13.67 61.11
CA GLY F 434 -2.77 -12.98 61.72
C GLY F 434 -3.90 -13.96 61.96
N LYS F 435 -5.03 -13.45 62.44
CA LYS F 435 -6.19 -14.27 62.74
C LYS F 435 -7.25 -14.09 61.66
N SER F 436 -7.92 -15.20 61.34
CA SER F 436 -8.80 -15.28 60.17
C SER F 436 -10.10 -15.94 60.58
N LEU F 437 -11.21 -15.21 60.42
CA LEU F 437 -12.52 -15.64 60.88
C LEU F 437 -13.45 -15.87 59.70
N TYR F 438 -14.15 -17.01 59.73
CA TYR F 438 -15.07 -17.43 58.69
C TYR F 438 -16.49 -17.07 59.12
N VAL F 439 -17.18 -16.25 58.33
CA VAL F 439 -18.51 -15.75 58.66
C VAL F 439 -19.48 -16.54 57.79
N LYS F 440 -20.02 -17.62 58.36
CA LYS F 440 -20.96 -18.47 57.63
C LYS F 440 -22.18 -17.67 57.21
N GLY F 441 -22.74 -18.03 56.06
CA GLY F 441 -23.90 -17.32 55.57
C GLY F 441 -24.41 -17.94 54.28
N GLU F 442 -25.65 -17.61 53.96
CA GLU F 442 -26.30 -18.11 52.75
C GLU F 442 -25.77 -17.38 51.53
N PRO F 443 -25.23 -18.08 50.52
CA PRO F 443 -24.79 -17.40 49.29
C PRO F 443 -25.96 -16.69 48.63
N ILE F 444 -25.81 -15.36 48.48
CA ILE F 444 -26.93 -14.54 48.04
C ILE F 444 -27.37 -14.87 46.62
N ILE F 445 -26.51 -15.50 45.82
CA ILE F 445 -26.90 -15.93 44.48
C ILE F 445 -28.06 -16.92 44.55
N ASN F 446 -28.25 -17.59 45.68
CA ASN F 446 -29.40 -18.48 45.85
C ASN F 446 -30.69 -17.70 45.96
N PHE F 447 -30.65 -16.50 46.56
CA PHE F 447 -31.87 -15.71 46.74
C PHE F 447 -32.47 -15.25 45.42
N TYR F 448 -31.77 -15.45 44.30
CA TYR F 448 -32.19 -14.92 43.02
C TYR F 448 -32.84 -16.01 42.19
N ASP F 449 -34.07 -15.77 41.77
CA ASP F 449 -34.74 -16.64 40.82
C ASP F 449 -33.99 -16.54 39.50
N PRO F 450 -33.45 -17.65 38.98
CA PRO F 450 -32.64 -17.56 37.76
C PRO F 450 -33.42 -17.21 36.51
N LEU F 451 -34.75 -17.39 36.52
CA LEU F 451 -35.54 -17.14 35.31
C LEU F 451 -35.75 -15.66 35.04
N VAL F 452 -35.54 -14.79 36.03
CA VAL F 452 -35.64 -13.34 35.83
C VAL F 452 -34.35 -12.66 36.30
N PHE F 453 -33.23 -13.37 36.19
CA PHE F 453 -31.95 -12.84 36.68
C PHE F 453 -31.26 -12.05 35.57
N PRO F 454 -30.96 -10.77 35.77
CA PRO F 454 -30.28 -9.98 34.72
C PRO F 454 -28.80 -10.29 34.61
N SER F 455 -28.45 -11.32 33.84
CA SER F 455 -27.10 -11.88 33.81
C SER F 455 -26.19 -11.22 32.78
N ASP F 456 -26.41 -9.95 32.45
CA ASP F 456 -25.51 -9.21 31.57
C ASP F 456 -24.78 -8.08 32.27
N GLU F 457 -25.13 -7.76 33.51
CA GLU F 457 -24.83 -6.48 34.12
C GLU F 457 -23.35 -6.39 34.48
N PHE F 458 -22.57 -5.76 33.60
CA PHE F 458 -21.14 -5.58 33.80
C PHE F 458 -20.83 -4.53 34.87
N ASP F 459 -21.71 -3.53 35.01
CA ASP F 459 -21.66 -2.61 36.14
C ASP F 459 -23.09 -2.44 36.63
N ALA F 460 -23.37 -2.96 37.83
CA ALA F 460 -24.70 -2.87 38.39
C ALA F 460 -24.57 -2.65 39.90
N SER F 461 -25.68 -2.83 40.60
CA SER F 461 -25.72 -2.81 42.05
C SER F 461 -26.90 -3.66 42.48
N ILE F 462 -27.07 -3.80 43.80
CA ILE F 462 -28.16 -4.63 44.31
C ILE F 462 -29.51 -4.09 43.86
N SER F 463 -29.69 -2.77 43.98
CA SER F 463 -30.98 -2.17 43.67
C SER F 463 -31.23 -2.08 42.17
N GLN F 464 -30.20 -1.88 41.36
CA GLN F 464 -30.40 -1.92 39.90
C GLN F 464 -30.88 -3.30 39.46
N VAL F 465 -30.27 -4.35 40.01
CA VAL F 465 -30.71 -5.71 39.71
C VAL F 465 -32.12 -5.95 40.20
N ASN F 466 -32.45 -5.43 41.39
CA ASN F 466 -33.81 -5.57 41.92
C ASN F 466 -34.82 -4.87 41.00
N GLU F 467 -34.49 -3.68 40.52
CA GLU F 467 -35.39 -2.95 39.63
C GLU F 467 -35.61 -3.71 38.33
N LYS F 468 -34.54 -4.26 37.75
CA LYS F 468 -34.71 -5.03 36.52
C LYS F 468 -35.53 -6.30 36.76
N ILE F 469 -35.31 -6.95 37.91
CA ILE F 469 -36.08 -8.15 38.24
C ILE F 469 -37.56 -7.82 38.35
N ASN F 470 -37.87 -6.72 39.07
CA ASN F 470 -39.26 -6.32 39.23
C ASN F 470 -39.89 -5.94 37.90
N GLN F 471 -39.13 -5.28 37.02
CA GLN F 471 -39.68 -4.91 35.71
C GLN F 471 -39.98 -6.13 34.86
N SER F 472 -39.08 -7.13 34.86
CA SER F 472 -39.36 -8.35 34.11
C SER F 472 -40.58 -9.09 34.68
N LEU F 473 -40.69 -9.14 36.01
CA LEU F 473 -41.87 -9.74 36.62
C LEU F 473 -43.14 -8.99 36.24
N ALA F 474 -43.04 -7.67 36.13
CA ALA F 474 -44.20 -6.86 35.74
C ALA F 474 -44.63 -7.14 34.31
N PHE F 475 -43.67 -7.28 33.39
CA PHE F 475 -44.00 -7.65 32.01
C PHE F 475 -44.70 -9.01 31.97
N ILE F 476 -44.13 -9.97 32.72
CA ILE F 476 -44.72 -11.30 32.80
C ILE F 476 -46.16 -11.22 33.28
N ARG F 477 -46.41 -10.40 34.30
CA ARG F 477 -47.74 -10.36 34.91
C ARG F 477 -48.74 -9.59 34.06
N LYS F 478 -48.31 -8.53 33.36
CA LYS F 478 -49.16 -7.90 32.37
C LYS F 478 -49.69 -8.94 31.40
N SER F 479 -48.78 -9.70 30.79
CA SER F 479 -49.20 -10.71 29.82
C SER F 479 -50.09 -11.77 30.47
N ASP F 480 -49.73 -12.20 31.69
CA ASP F 480 -50.46 -13.28 32.33
C ASP F 480 -51.90 -12.90 32.65
N GLU F 481 -52.10 -11.74 33.28
CA GLU F 481 -53.45 -11.34 33.64
C GLU F 481 -54.26 -10.96 32.41
N LEU F 482 -53.62 -10.42 31.37
CA LEU F 482 -54.30 -10.23 30.10
C LEU F 482 -54.87 -11.54 29.57
N LEU F 483 -54.03 -12.58 29.49
CA LEU F 483 -54.51 -13.85 28.93
C LEU F 483 -55.52 -14.53 29.84
N SER F 484 -55.38 -14.38 31.17
CA SER F 484 -56.42 -14.86 32.06
C SER F 484 -57.75 -14.14 31.82
N ALA F 485 -57.68 -12.87 31.41
CA ALA F 485 -58.88 -12.10 31.13
C ALA F 485 -59.52 -12.41 29.79
N ILE F 486 -58.77 -12.97 28.83
CA ILE F 486 -59.37 -13.24 27.50
C ILE F 486 -60.46 -14.30 27.57
N GLY F 487 -60.70 -14.86 28.76
CA GLY F 487 -61.79 -15.79 28.95
C GLY F 487 -63.16 -15.14 29.00
#